data_5DGY
#
_entry.id   5DGY
#
_cell.length_a   107.484
_cell.length_b   107.258
_cell.length_c   460.314
_cell.angle_alpha   90.000
_cell.angle_beta   90.000
_cell.angle_gamma   90.000
#
_symmetry.space_group_name_H-M   'P 21 21 21'
#
_entity_poly.entity_id   1
_entity_poly.type   'polypeptide(L)'
_entity_poly.pdbx_seq_one_letter_code
;NIFEMLRIDEGLRLKIYKDTEGYYTIGIGHLLTKSPSLNAAKSELDKAIGRNTNGVITKDEAEKLFNQDVDAAVRGILRN
AKLKPVYDSLDAVRRAALINMVFQMGETGVAGFTNSLRMLQQKRWDEAAVNLAKSRWYNQTPNRAKRVITTFRTGTWDAY
MCGTEGPNFYVPFSNATGVVRSPFEYPQYYLAEPWQFSMLAAYMFLLIVLGFPINFLTLYVTVQHKKLRTPLNYILLNLA
VADLFMVLGGFTSTLYTSLHGYFVFGPTGCNLQGFFATLGGEIALWSLVVLAIERYVVVCKPMSNFRFGENHAIMGVAFT
WVMALACAAPPLAGWSRYIPEGLQCSCGIDYYTLKPEVNNESFVIYMFVVHFTIPMIIIFFCYGQLVFTVKEAAAQQQES
ATTQKAEKEVTRMVIIYVIAFLICWVPYASVAFYIFTHQGSCFGPIFMTIPAFFAKSAAIYNPVIYIMMNKQFRNCMLTT
ICCGKNPLGDDEASATVSKTETSQVAPAAAAGSAGSAGSAGSASHVIFKKVSRDKSVTIYLGKRDYVDHVSQVEPVDGVV
LVDPELVKGKKVYVTLTCAFRYGQEDIDVMGLTFRRDLYFSRVQVYPPVGAMSVLTQLQESLLKKLGDNTYPFLLTFPDY
LPCSVMLQPAPQDVGKSCGVDFEVKAFASDITDPEEDKIPKKSSVRLLIRKVQHAPPEMGPQPSAEASWQFFMSDKPLNL
SVSLSKEIYFHGEPIPVTVTVTNNTDKVVKKIKVSVEQIANVVLYSSDYYVKPVASEETQEKVQPNSTLTKTLVLVPLLA
NNRERRGIALDGKIKHEDTNLASSTIIKEGIDRTVMGILVSYHIKVKLTVSGFLGELTSSEVATEVPFRLMHPQPEDPAK
ESVQDENAAAEEFARQNLKDTGENTE
;
_entity_poly.pdbx_strand_id   A,B,C,D
#
# COMPACT_ATOMS: atom_id res chain seq x y z
N ASN A 1 -90.43 -15.98 -48.33
CA ASN A 1 -91.73 -16.63 -48.40
C ASN A 1 -91.58 -18.14 -48.61
N ILE A 2 -91.19 -18.54 -49.82
CA ILE A 2 -91.04 -19.97 -50.15
C ILE A 2 -90.03 -20.67 -49.22
N PHE A 3 -88.97 -19.95 -48.88
CA PHE A 3 -87.93 -20.47 -47.97
C PHE A 3 -88.50 -20.68 -46.57
N GLU A 4 -89.38 -19.77 -46.14
CA GLU A 4 -89.99 -19.85 -44.82
C GLU A 4 -91.04 -20.96 -44.79
N MET A 5 -91.71 -21.17 -45.92
CA MET A 5 -92.70 -22.23 -46.07
C MET A 5 -92.07 -23.60 -45.86
N LEU A 6 -91.02 -23.89 -46.64
CA LEU A 6 -90.38 -25.20 -46.57
C LEU A 6 -89.59 -25.41 -45.27
N ARG A 7 -89.07 -24.33 -44.67
CA ARG A 7 -88.38 -24.43 -43.39
C ARG A 7 -89.32 -24.86 -42.26
N ILE A 8 -90.54 -24.34 -42.29
CA ILE A 8 -91.54 -24.75 -41.30
C ILE A 8 -92.04 -26.17 -41.56
N ASP A 9 -92.30 -26.48 -42.84
CA ASP A 9 -92.86 -27.78 -43.21
C ASP A 9 -91.85 -28.92 -43.10
N GLU A 10 -90.83 -28.91 -43.95
CA GLU A 10 -89.82 -29.99 -43.99
C GLU A 10 -88.95 -30.03 -42.73
N GLY A 11 -88.62 -28.86 -42.20
CA GLY A 11 -87.81 -28.70 -41.01
C GLY A 11 -86.34 -28.65 -41.38
N LEU A 12 -85.67 -27.59 -40.91
CA LEU A 12 -84.26 -27.36 -41.19
C LEU A 12 -83.31 -28.09 -40.24
N ARG A 13 -82.75 -29.21 -40.70
CA ARG A 13 -81.75 -29.94 -39.94
C ARG A 13 -80.31 -29.57 -40.36
N LEU A 14 -79.48 -29.11 -39.43
CA LEU A 14 -78.13 -28.61 -39.77
C LEU A 14 -77.16 -29.76 -40.07
N LYS A 15 -77.08 -30.73 -39.16
CA LYS A 15 -76.19 -31.87 -39.31
C LYS A 15 -76.74 -32.91 -40.28
N ILE A 16 -75.87 -33.82 -40.74
CA ILE A 16 -76.30 -34.88 -41.65
C ILE A 16 -77.17 -35.87 -40.89
N TYR A 17 -78.27 -36.29 -41.53
CA TYR A 17 -79.22 -37.22 -40.92
C TYR A 17 -79.79 -38.16 -41.95
N LYS A 18 -80.20 -39.35 -41.50
CA LYS A 18 -80.89 -40.29 -42.38
C LYS A 18 -82.40 -40.06 -42.31
N ASP A 19 -82.99 -39.75 -43.45
CA ASP A 19 -84.43 -39.49 -43.55
C ASP A 19 -85.22 -40.80 -43.42
N THR A 20 -86.54 -40.72 -43.60
CA THR A 20 -87.41 -41.89 -43.50
C THR A 20 -86.99 -43.00 -44.47
N GLU A 21 -86.53 -42.62 -45.65
CA GLU A 21 -86.05 -43.59 -46.64
C GLU A 21 -84.71 -44.23 -46.23
N GLY A 22 -83.92 -43.50 -45.44
CA GLY A 22 -82.63 -44.00 -45.00
C GLY A 22 -81.48 -43.59 -45.90
N TYR A 23 -81.59 -42.39 -46.48
CA TYR A 23 -80.54 -41.83 -47.33
C TYR A 23 -79.91 -40.61 -46.71
N TYR A 24 -78.65 -40.35 -47.06
CA TYR A 24 -77.97 -39.23 -46.42
C TYR A 24 -78.49 -37.92 -47.00
N THR A 25 -79.20 -37.17 -46.15
CA THR A 25 -79.85 -35.94 -46.58
C THR A 25 -79.43 -34.82 -45.66
N ILE A 26 -79.19 -33.63 -46.24
CA ILE A 26 -78.86 -32.51 -45.30
C ILE A 26 -79.81 -31.36 -45.55
N GLY A 27 -79.91 -30.45 -44.56
CA GLY A 27 -80.63 -29.18 -44.64
C GLY A 27 -82.13 -29.36 -44.75
N ILE A 28 -82.78 -28.57 -45.60
CA ILE A 28 -84.22 -28.71 -45.74
C ILE A 28 -84.45 -29.71 -46.89
N GLY A 29 -84.35 -30.99 -46.56
CA GLY A 29 -84.58 -32.02 -47.54
C GLY A 29 -83.56 -32.07 -48.68
N HIS A 30 -82.37 -31.49 -48.48
CA HIS A 30 -81.32 -31.46 -49.51
C HIS A 30 -80.50 -32.71 -49.36
N LEU A 31 -80.70 -33.56 -50.31
CA LEU A 31 -80.04 -34.88 -50.43
C LEU A 31 -78.54 -34.67 -50.60
N LEU A 32 -77.74 -35.70 -50.32
CA LEU A 32 -76.29 -35.66 -50.51
C LEU A 32 -75.83 -36.80 -51.40
N THR A 33 -76.10 -38.03 -50.94
CA THR A 33 -75.68 -39.20 -51.72
C THR A 33 -76.56 -40.43 -51.43
N LYS A 34 -76.60 -41.32 -52.43
CA LYS A 34 -77.33 -42.58 -52.35
C LYS A 34 -76.49 -43.73 -51.78
N SER A 35 -75.16 -43.56 -51.79
CA SER A 35 -74.24 -44.56 -51.30
C SER A 35 -74.32 -44.72 -49.78
N PRO A 36 -74.07 -45.93 -49.26
CA PRO A 36 -74.10 -46.14 -47.80
C PRO A 36 -72.95 -45.44 -47.05
N SER A 37 -71.92 -45.01 -47.76
CA SER A 37 -70.79 -44.31 -47.16
C SER A 37 -71.15 -42.90 -46.69
N LEU A 38 -70.74 -42.55 -45.47
CA LEU A 38 -70.98 -41.21 -44.92
C LEU A 38 -70.01 -40.18 -45.53
N ASN A 39 -68.79 -40.60 -45.79
CA ASN A 39 -67.79 -39.73 -46.41
C ASN A 39 -68.13 -39.36 -47.86
N ALA A 40 -68.94 -40.19 -48.51
CA ALA A 40 -69.46 -39.86 -49.84
C ALA A 40 -70.43 -38.67 -49.77
N ALA A 41 -71.23 -38.65 -48.70
CA ALA A 41 -72.12 -37.53 -48.42
C ALA A 41 -71.33 -36.28 -48.09
N LYS A 42 -70.25 -36.47 -47.32
CA LYS A 42 -69.34 -35.38 -46.99
C LYS A 42 -68.63 -34.84 -48.23
N SER A 43 -68.28 -35.72 -49.16
CA SER A 43 -67.58 -35.33 -50.39
C SER A 43 -68.38 -34.32 -51.20
N GLU A 44 -69.64 -34.67 -51.47
CA GLU A 44 -70.51 -33.74 -52.21
C GLU A 44 -70.90 -32.51 -51.38
N LEU A 45 -70.97 -32.68 -50.06
CA LEU A 45 -71.28 -31.59 -49.16
C LEU A 45 -70.16 -30.56 -49.10
N ASP A 46 -68.93 -31.03 -48.88
CA ASP A 46 -67.75 -30.17 -48.80
C ASP A 46 -67.50 -29.42 -50.10
N LYS A 47 -67.75 -30.08 -51.23
CA LYS A 47 -67.59 -29.44 -52.53
C LYS A 47 -68.69 -28.41 -52.81
N ALA A 48 -69.92 -28.72 -52.41
CA ALA A 48 -71.06 -27.82 -52.60
C ALA A 48 -70.97 -26.59 -51.69
N ILE A 49 -70.66 -26.82 -50.41
CA ILE A 49 -70.54 -25.76 -49.41
C ILE A 49 -69.27 -24.96 -49.64
N GLY A 50 -68.16 -25.67 -49.87
CA GLY A 50 -66.88 -25.04 -50.17
C GLY A 50 -65.88 -24.93 -49.02
N ARG A 51 -66.03 -25.79 -48.02
CA ARG A 51 -65.10 -25.83 -46.88
C ARG A 51 -65.22 -27.15 -46.12
N ASN A 52 -64.38 -27.31 -45.09
CA ASN A 52 -64.44 -28.51 -44.27
C ASN A 52 -65.63 -28.41 -43.31
N THR A 53 -66.76 -28.94 -43.78
CA THR A 53 -68.01 -28.90 -43.01
C THR A 53 -68.04 -29.96 -41.93
N ASN A 54 -67.59 -31.16 -42.28
CA ASN A 54 -67.60 -32.32 -41.39
C ASN A 54 -69.04 -32.70 -40.99
N GLY A 55 -69.97 -32.48 -41.92
CA GLY A 55 -71.38 -32.71 -41.67
C GLY A 55 -72.13 -31.50 -41.14
N VAL A 56 -71.42 -30.61 -40.45
CA VAL A 56 -72.03 -29.43 -39.84
C VAL A 56 -71.94 -28.24 -40.78
N ILE A 57 -73.10 -27.67 -41.10
CA ILE A 57 -73.17 -26.45 -41.90
C ILE A 57 -73.96 -25.37 -41.17
N THR A 58 -73.77 -24.12 -41.57
CA THR A 58 -74.51 -23.00 -40.97
C THR A 58 -75.94 -22.99 -41.49
N LYS A 59 -76.81 -22.24 -40.81
CA LYS A 59 -78.20 -22.11 -41.21
C LYS A 59 -78.32 -21.38 -42.56
N ASP A 60 -77.42 -20.44 -42.78
CA ASP A 60 -77.35 -19.68 -44.04
C ASP A 60 -76.83 -20.54 -45.19
N GLU A 61 -75.93 -21.47 -44.88
CA GLU A 61 -75.44 -22.43 -45.87
C GLU A 61 -76.52 -23.42 -46.27
N ALA A 62 -77.33 -23.84 -45.30
CA ALA A 62 -78.48 -24.71 -45.57
C ALA A 62 -79.52 -23.97 -46.42
N GLU A 63 -79.62 -22.67 -46.21
CA GLU A 63 -80.48 -21.81 -47.03
C GLU A 63 -80.00 -21.77 -48.48
N LYS A 64 -78.68 -21.74 -48.68
CA LYS A 64 -78.10 -21.74 -50.03
C LYS A 64 -78.26 -23.10 -50.72
N LEU A 65 -78.11 -24.19 -49.96
CA LEU A 65 -78.39 -25.54 -50.47
C LEU A 65 -79.85 -25.66 -50.88
N PHE A 66 -80.72 -25.03 -50.10
CA PHE A 66 -82.15 -24.99 -50.41
C PHE A 66 -82.43 -24.18 -51.67
N ASN A 67 -81.78 -23.03 -51.81
CA ASN A 67 -81.93 -22.18 -52.99
C ASN A 67 -81.45 -22.87 -54.27
N GLN A 68 -80.44 -23.75 -54.12
CA GLN A 68 -80.00 -24.57 -55.24
C GLN A 68 -81.07 -25.59 -55.62
N ASP A 69 -81.74 -26.18 -54.62
CA ASP A 69 -82.86 -27.07 -54.88
C ASP A 69 -84.05 -26.33 -55.49
N VAL A 70 -84.28 -25.09 -55.06
CA VAL A 70 -85.33 -24.25 -55.62
C VAL A 70 -85.04 -24.01 -57.10
N ASP A 71 -83.81 -23.63 -57.41
CA ASP A 71 -83.39 -23.40 -58.79
C ASP A 71 -83.47 -24.67 -59.65
N ALA A 72 -82.98 -25.77 -59.10
CA ALA A 72 -82.96 -27.05 -59.82
C ALA A 72 -84.36 -27.62 -60.02
N ALA A 73 -85.21 -27.48 -59.01
CA ALA A 73 -86.59 -27.98 -59.06
C ALA A 73 -87.43 -27.16 -60.04
N VAL A 74 -87.26 -25.84 -60.01
CA VAL A 74 -87.96 -24.96 -60.94
C VAL A 74 -87.58 -25.28 -62.39
N ARG A 75 -86.31 -25.58 -62.63
CA ARG A 75 -85.88 -26.02 -63.95
C ARG A 75 -86.55 -27.34 -64.34
N GLY A 76 -86.66 -28.27 -63.38
CA GLY A 76 -87.35 -29.53 -63.60
C GLY A 76 -88.84 -29.39 -63.88
N ILE A 77 -89.47 -28.40 -63.25
CA ILE A 77 -90.88 -28.08 -63.49
C ILE A 77 -91.08 -27.59 -64.92
N LEU A 78 -90.21 -26.68 -65.36
CA LEU A 78 -90.30 -26.12 -66.71
C LEU A 78 -89.95 -27.13 -67.81
N ARG A 79 -89.16 -28.15 -67.46
CA ARG A 79 -88.84 -29.23 -68.40
C ARG A 79 -90.09 -30.06 -68.68
N ASN A 80 -90.83 -30.41 -67.63
CA ASN A 80 -92.07 -31.18 -67.74
C ASN A 80 -93.22 -30.44 -68.44
N ALA A 81 -93.87 -31.12 -69.38
CA ALA A 81 -94.95 -30.53 -70.18
C ALA A 81 -96.26 -30.31 -69.41
N LYS A 82 -96.48 -31.09 -68.35
CA LYS A 82 -97.69 -30.98 -67.55
C LYS A 82 -97.57 -29.92 -66.45
N LEU A 83 -96.36 -29.76 -65.91
CA LEU A 83 -96.12 -28.85 -64.80
C LEU A 83 -95.82 -27.41 -65.23
N LYS A 84 -95.24 -27.26 -66.42
CA LYS A 84 -94.84 -25.94 -66.93
C LYS A 84 -96.03 -24.98 -67.14
N PRO A 85 -97.11 -25.44 -67.81
CA PRO A 85 -98.24 -24.54 -68.04
C PRO A 85 -98.96 -24.13 -66.74
N VAL A 86 -98.94 -25.03 -65.75
CA VAL A 86 -99.55 -24.77 -64.45
C VAL A 86 -98.70 -23.75 -63.68
N TYR A 87 -97.38 -23.93 -63.75
CA TYR A 87 -96.45 -23.01 -63.09
C TYR A 87 -96.55 -21.60 -63.69
N ASP A 88 -96.68 -21.53 -65.01
CA ASP A 88 -96.81 -20.25 -65.69
C ASP A 88 -98.14 -19.55 -65.40
N SER A 89 -99.19 -20.34 -65.25
CA SER A 89 -100.53 -19.81 -65.01
C SER A 89 -100.70 -19.23 -63.60
N LEU A 90 -100.17 -19.92 -62.61
CA LEU A 90 -100.30 -19.52 -61.20
C LEU A 90 -99.42 -18.33 -60.81
N ASP A 91 -99.80 -17.66 -59.71
CA ASP A 91 -99.03 -16.53 -59.19
C ASP A 91 -97.86 -17.04 -58.32
N ALA A 92 -97.02 -16.10 -57.87
CA ALA A 92 -95.81 -16.44 -57.09
C ALA A 92 -96.06 -17.26 -55.82
N VAL A 93 -97.20 -17.02 -55.17
CA VAL A 93 -97.53 -17.71 -53.92
C VAL A 93 -97.91 -19.17 -54.18
N ARG A 94 -98.81 -19.37 -55.13
CA ARG A 94 -99.27 -20.71 -55.51
C ARG A 94 -98.17 -21.49 -56.24
N ARG A 95 -97.24 -20.78 -56.85
CA ARG A 95 -96.04 -21.40 -57.43
C ARG A 95 -95.18 -22.01 -56.33
N ALA A 96 -95.01 -21.25 -55.23
CA ALA A 96 -94.26 -21.76 -54.08
C ALA A 96 -94.94 -22.97 -53.43
N ALA A 97 -96.27 -22.98 -53.46
CA ALA A 97 -97.03 -24.14 -52.96
C ALA A 97 -96.82 -25.39 -53.83
N LEU A 98 -96.75 -25.18 -55.14
CA LEU A 98 -96.45 -26.26 -56.07
C LEU A 98 -95.04 -26.80 -55.87
N ILE A 99 -94.08 -25.89 -55.66
CA ILE A 99 -92.70 -26.28 -55.42
C ILE A 99 -92.59 -27.13 -54.15
N ASN A 100 -93.39 -26.82 -53.13
CA ASN A 100 -93.44 -27.63 -51.91
C ASN A 100 -93.84 -29.09 -52.21
N MET A 101 -94.84 -29.23 -53.09
CA MET A 101 -95.25 -30.57 -53.52
C MET A 101 -94.16 -31.26 -54.35
N VAL A 102 -93.51 -30.49 -55.23
CA VAL A 102 -92.43 -31.01 -56.07
C VAL A 102 -91.17 -31.35 -55.26
N PHE A 103 -90.97 -30.67 -54.13
CA PHE A 103 -89.82 -30.92 -53.27
C PHE A 103 -89.86 -32.30 -52.61
N GLN A 104 -90.95 -32.58 -51.89
CA GLN A 104 -91.03 -33.83 -51.14
C GLN A 104 -91.26 -35.04 -52.05
N MET A 105 -92.38 -35.02 -52.78
CA MET A 105 -92.79 -36.13 -53.62
C MET A 105 -91.91 -36.24 -54.87
N GLY A 106 -91.29 -35.13 -55.27
CA GLY A 106 -90.50 -35.12 -56.48
C GLY A 106 -91.37 -34.75 -57.67
N GLU A 107 -90.74 -34.66 -58.84
CA GLU A 107 -91.45 -34.43 -60.08
C GLU A 107 -92.40 -35.59 -60.37
N THR A 108 -91.97 -36.80 -60.01
CA THR A 108 -92.75 -38.02 -60.24
C THR A 108 -94.13 -37.99 -59.58
N GLY A 109 -94.13 -37.67 -58.30
CA GLY A 109 -95.34 -37.61 -57.49
C GLY A 109 -96.29 -36.54 -57.99
N VAL A 110 -95.76 -35.35 -58.26
CA VAL A 110 -96.62 -34.24 -58.70
C VAL A 110 -97.14 -34.44 -60.13
N ALA A 111 -96.36 -35.13 -60.96
CA ALA A 111 -96.76 -35.38 -62.35
C ALA A 111 -98.01 -36.24 -62.46
N GLY A 112 -98.25 -37.08 -61.46
CA GLY A 112 -99.44 -37.92 -61.45
C GLY A 112 -100.79 -37.21 -61.24
N PHE A 113 -100.76 -35.98 -60.74
CA PHE A 113 -102.01 -35.28 -60.43
C PHE A 113 -102.58 -34.67 -61.71
N THR A 114 -103.60 -35.33 -62.27
CA THR A 114 -104.21 -34.92 -63.53
C THR A 114 -105.35 -33.93 -63.28
N ASN A 115 -106.34 -34.36 -62.50
CA ASN A 115 -107.54 -33.57 -62.24
C ASN A 115 -107.27 -32.25 -61.52
N SER A 116 -106.40 -32.29 -60.51
CA SER A 116 -106.08 -31.10 -59.72
C SER A 116 -105.36 -30.06 -60.56
N LEU A 117 -104.35 -30.48 -61.32
CA LEU A 117 -103.58 -29.56 -62.17
C LEU A 117 -104.42 -28.96 -63.29
N ARG A 118 -105.44 -29.70 -63.75
CA ARG A 118 -106.37 -29.15 -64.74
C ARG A 118 -107.22 -28.04 -64.11
N MET A 119 -107.78 -28.34 -62.94
CA MET A 119 -108.61 -27.39 -62.21
C MET A 119 -107.83 -26.17 -61.69
N LEU A 120 -106.58 -26.38 -61.31
CA LEU A 120 -105.69 -25.30 -60.89
C LEU A 120 -105.36 -24.38 -62.06
N GLN A 121 -105.16 -24.98 -63.23
CA GLN A 121 -104.92 -24.20 -64.45
C GLN A 121 -106.17 -23.43 -64.89
N GLN A 122 -107.34 -23.99 -64.60
CA GLN A 122 -108.62 -23.38 -64.93
C GLN A 122 -109.17 -22.45 -63.84
N LYS A 123 -108.34 -22.11 -62.87
CA LYS A 123 -108.70 -21.21 -61.77
C LYS A 123 -109.87 -21.74 -60.93
N ARG A 124 -109.89 -23.06 -60.71
CA ARG A 124 -110.87 -23.68 -59.82
C ARG A 124 -110.12 -24.15 -58.57
N TRP A 125 -110.26 -23.40 -57.47
CA TRP A 125 -109.47 -23.64 -56.27
C TRP A 125 -110.04 -24.67 -55.29
N ASP A 126 -111.36 -24.63 -55.08
CA ASP A 126 -112.02 -25.48 -54.08
C ASP A 126 -111.94 -26.97 -54.40
N GLU A 127 -112.40 -27.35 -55.58
CA GLU A 127 -112.41 -28.76 -56.00
C GLU A 127 -111.00 -29.33 -56.18
N ALA A 128 -110.04 -28.46 -56.45
CA ALA A 128 -108.63 -28.86 -56.48
C ALA A 128 -108.19 -29.29 -55.07
N ALA A 129 -108.57 -28.50 -54.07
CA ALA A 129 -108.27 -28.81 -52.68
C ALA A 129 -108.99 -30.07 -52.22
N VAL A 130 -110.21 -30.28 -52.72
CA VAL A 130 -110.96 -31.50 -52.42
C VAL A 130 -110.25 -32.73 -53.00
N ASN A 131 -109.77 -32.59 -54.25
CA ASN A 131 -109.04 -33.67 -54.91
C ASN A 131 -107.66 -33.94 -54.28
N LEU A 132 -106.96 -32.89 -53.88
CA LEU A 132 -105.67 -33.01 -53.22
C LEU A 132 -105.81 -33.61 -51.83
N ALA A 133 -106.90 -33.28 -51.14
CA ALA A 133 -107.17 -33.79 -49.80
C ALA A 133 -107.54 -35.27 -49.83
N LYS A 134 -108.06 -35.72 -50.97
CA LYS A 134 -108.45 -37.13 -51.13
C LYS A 134 -107.33 -38.04 -51.64
N SER A 135 -106.11 -37.50 -51.69
CA SER A 135 -104.95 -38.24 -52.19
C SER A 135 -104.11 -38.93 -51.09
N ARG A 136 -103.09 -39.66 -51.52
CA ARG A 136 -102.11 -40.30 -50.64
C ARG A 136 -101.27 -39.28 -49.90
N TRP A 137 -101.05 -38.12 -50.51
CA TRP A 137 -100.24 -37.05 -49.94
C TRP A 137 -100.82 -36.48 -48.65
N TYR A 138 -102.13 -36.26 -48.63
CA TYR A 138 -102.82 -35.78 -47.42
C TYR A 138 -102.82 -36.85 -46.34
N ASN A 139 -102.95 -38.10 -46.76
CA ASN A 139 -102.85 -39.26 -45.86
C ASN A 139 -101.45 -39.42 -45.28
N GLN A 140 -100.44 -39.19 -46.11
CA GLN A 140 -99.04 -39.30 -45.71
C GLN A 140 -98.68 -38.30 -44.62
N THR A 141 -98.85 -37.02 -44.94
CA THR A 141 -98.48 -35.94 -44.03
C THR A 141 -99.61 -34.91 -43.96
N PRO A 142 -100.66 -35.21 -43.17
CA PRO A 142 -101.78 -34.27 -43.02
C PRO A 142 -101.42 -32.96 -42.34
N ASN A 143 -100.36 -32.94 -41.54
CA ASN A 143 -99.89 -31.69 -40.93
C ASN A 143 -99.38 -30.71 -42.01
N ARG A 144 -98.46 -31.23 -42.83
CA ARG A 144 -97.84 -30.48 -43.91
C ARG A 144 -98.80 -30.20 -45.06
N ALA A 145 -99.55 -31.23 -45.45
CA ALA A 145 -100.47 -31.14 -46.58
C ALA A 145 -101.60 -30.17 -46.32
N LYS A 146 -102.19 -30.23 -45.12
CA LYS A 146 -103.31 -29.34 -44.76
C LYS A 146 -102.92 -27.86 -44.88
N ARG A 147 -101.69 -27.54 -44.50
CA ARG A 147 -101.22 -26.15 -44.64
C ARG A 147 -101.07 -25.73 -46.12
N VAL A 148 -100.55 -26.64 -46.95
CA VAL A 148 -100.36 -26.33 -48.37
C VAL A 148 -101.69 -26.27 -49.15
N ILE A 149 -102.61 -27.18 -48.82
CA ILE A 149 -103.92 -27.23 -49.45
C ILE A 149 -104.71 -25.94 -49.22
N THR A 150 -104.67 -25.45 -47.97
CA THR A 150 -105.33 -24.18 -47.64
C THR A 150 -104.69 -22.99 -48.39
N THR A 151 -103.36 -23.08 -48.59
CA THR A 151 -102.65 -22.04 -49.34
C THR A 151 -103.12 -21.94 -50.80
N PHE A 152 -103.35 -23.10 -51.42
CA PHE A 152 -103.87 -23.12 -52.80
C PHE A 152 -105.26 -22.50 -52.91
N ARG A 153 -106.10 -22.73 -51.90
CA ARG A 153 -107.46 -22.15 -51.91
C ARG A 153 -107.46 -20.64 -51.73
N THR A 154 -106.78 -20.17 -50.68
CA THR A 154 -106.80 -18.76 -50.32
C THR A 154 -105.94 -17.88 -51.24
N GLY A 155 -104.72 -18.34 -51.50
CA GLY A 155 -103.74 -17.56 -52.25
C GLY A 155 -103.01 -16.57 -51.36
N THR A 156 -103.00 -16.85 -50.07
CA THR A 156 -102.32 -15.99 -49.09
C THR A 156 -101.52 -16.92 -48.20
N TRP A 157 -100.66 -16.35 -47.36
CA TRP A 157 -99.81 -17.13 -46.45
C TRP A 157 -100.44 -17.40 -45.07
N ASP A 158 -101.74 -17.21 -44.94
CA ASP A 158 -102.43 -17.29 -43.65
C ASP A 158 -102.20 -18.62 -42.94
N ALA A 159 -102.09 -19.71 -43.71
CA ALA A 159 -101.79 -21.01 -43.12
C ALA A 159 -100.37 -21.01 -42.56
N TYR A 160 -99.45 -20.29 -43.22
CA TYR A 160 -98.05 -20.21 -42.77
C TYR A 160 -97.72 -19.08 -41.79
N MET A 161 -98.70 -18.58 -41.07
CA MET A 161 -98.50 -17.51 -40.09
C MET A 161 -97.94 -18.18 -38.86
N CYS A 162 -96.82 -17.64 -38.36
CA CYS A 162 -96.09 -18.29 -37.28
C CYS A 162 -96.93 -18.44 -36.02
N GLY A 163 -97.27 -17.32 -35.36
CA GLY A 163 -98.02 -17.40 -34.12
C GLY A 163 -99.51 -17.22 -34.32
N THR A 164 -100.24 -16.94 -33.24
CA THR A 164 -101.67 -16.68 -33.30
C THR A 164 -101.95 -15.24 -32.90
N GLU A 165 -102.34 -14.43 -33.88
CA GLU A 165 -102.63 -13.01 -33.66
C GLU A 165 -103.98 -12.82 -32.96
N GLY A 166 -104.17 -11.65 -32.38
CA GLY A 166 -105.39 -11.32 -31.67
C GLY A 166 -105.64 -9.82 -31.61
N PRO A 167 -106.76 -9.42 -30.99
CA PRO A 167 -107.08 -7.98 -30.89
C PRO A 167 -106.14 -7.21 -29.96
N ASN A 168 -105.87 -7.78 -28.78
CA ASN A 168 -105.00 -7.14 -27.78
C ASN A 168 -103.77 -7.96 -27.37
N PHE A 169 -103.42 -8.98 -28.15
CA PHE A 169 -102.31 -9.87 -27.78
C PHE A 169 -101.73 -10.64 -28.96
N TYR A 170 -100.57 -11.26 -28.73
CA TYR A 170 -99.93 -12.12 -29.73
C TYR A 170 -99.27 -13.32 -29.05
N VAL A 171 -99.82 -14.51 -29.30
CA VAL A 171 -99.25 -15.75 -28.77
C VAL A 171 -98.30 -16.36 -29.80
N PRO A 172 -97.04 -16.64 -29.41
CA PRO A 172 -96.11 -17.27 -30.33
C PRO A 172 -96.26 -18.80 -30.36
N PHE A 173 -97.40 -19.26 -30.86
CA PHE A 173 -97.70 -20.69 -30.96
C PHE A 173 -98.80 -20.92 -31.98
N SER A 174 -98.75 -22.06 -32.68
CA SER A 174 -99.69 -22.36 -33.75
C SER A 174 -101.05 -22.80 -33.22
N ASN A 175 -102.11 -22.25 -33.82
CA ASN A 175 -103.49 -22.62 -33.51
C ASN A 175 -104.05 -23.62 -34.52
N ALA A 176 -103.17 -24.28 -35.26
CA ALA A 176 -103.58 -25.28 -36.24
C ALA A 176 -104.13 -26.53 -35.55
N THR A 177 -103.54 -26.89 -34.42
CA THR A 177 -104.02 -28.00 -33.60
C THR A 177 -105.36 -27.67 -32.94
N GLY A 178 -105.56 -26.39 -32.64
CA GLY A 178 -106.76 -25.88 -32.01
C GLY A 178 -106.71 -25.87 -30.50
N VAL A 179 -105.62 -25.34 -29.97
CA VAL A 179 -105.42 -25.24 -28.52
C VAL A 179 -105.27 -23.80 -27.98
N VAL A 180 -105.11 -22.82 -28.86
CA VAL A 180 -104.82 -21.45 -28.44
C VAL A 180 -106.08 -20.74 -27.96
N ARG A 181 -106.00 -20.17 -26.75
CA ARG A 181 -107.06 -19.35 -26.19
C ARG A 181 -106.50 -18.04 -25.67
N SER A 182 -107.38 -17.10 -25.32
CA SER A 182 -106.97 -15.76 -24.90
C SER A 182 -106.12 -15.77 -23.63
N PRO A 183 -104.99 -15.04 -23.62
CA PRO A 183 -104.19 -14.86 -22.40
C PRO A 183 -104.90 -14.09 -21.30
N PHE A 184 -105.92 -13.30 -21.66
CA PHE A 184 -106.70 -12.55 -20.68
C PHE A 184 -107.86 -13.34 -20.10
N GLU A 185 -108.00 -14.60 -20.51
CA GLU A 185 -109.12 -15.44 -20.07
C GLU A 185 -108.66 -16.79 -19.52
N TYR A 186 -108.02 -17.59 -20.37
CA TYR A 186 -107.66 -18.98 -20.05
C TYR A 186 -106.15 -19.14 -19.80
N PRO A 187 -105.76 -20.24 -19.12
CA PRO A 187 -104.33 -20.52 -18.90
C PRO A 187 -103.53 -20.72 -20.19
N GLN A 188 -102.22 -20.54 -20.07
CA GLN A 188 -101.28 -20.63 -21.20
C GLN A 188 -100.28 -21.78 -21.04
N TYR A 189 -100.70 -22.89 -20.46
CA TYR A 189 -99.81 -24.02 -20.21
C TYR A 189 -99.39 -24.79 -21.47
N TYR A 190 -100.05 -24.52 -22.59
CA TYR A 190 -99.66 -25.13 -23.87
C TYR A 190 -98.37 -24.54 -24.45
N LEU A 191 -98.05 -23.31 -24.07
CA LEU A 191 -96.83 -22.64 -24.54
C LEU A 191 -95.57 -23.36 -24.05
N ALA A 192 -95.46 -23.52 -22.74
CA ALA A 192 -94.30 -24.17 -22.12
C ALA A 192 -94.74 -25.05 -20.94
N GLU A 193 -93.79 -25.78 -20.37
CA GLU A 193 -94.07 -26.68 -19.25
C GLU A 193 -94.59 -25.91 -18.04
N PRO A 194 -95.54 -26.51 -17.29
CA PRO A 194 -96.10 -25.86 -16.08
C PRO A 194 -95.05 -25.48 -15.00
N TRP A 195 -93.99 -26.28 -14.90
CA TRP A 195 -92.95 -26.00 -13.92
C TRP A 195 -92.14 -24.73 -14.25
N GLN A 196 -92.11 -24.35 -15.52
CA GLN A 196 -91.45 -23.10 -15.93
C GLN A 196 -92.26 -21.85 -15.53
N PHE A 197 -93.57 -22.03 -15.32
CA PHE A 197 -94.39 -20.97 -14.77
C PHE A 197 -94.11 -20.81 -13.27
N SER A 198 -93.87 -21.95 -12.61
CA SER A 198 -93.43 -21.90 -11.20
C SER A 198 -92.03 -21.29 -11.07
N MET A 199 -91.19 -21.53 -12.06
CA MET A 199 -89.86 -20.91 -12.14
C MET A 199 -89.97 -19.39 -12.26
N LEU A 200 -90.91 -18.94 -13.08
CA LEU A 200 -91.15 -17.50 -13.23
C LEU A 200 -91.67 -16.87 -11.93
N ALA A 201 -92.51 -17.62 -11.22
CA ALA A 201 -93.00 -17.17 -9.92
C ALA A 201 -91.87 -17.08 -8.89
N ALA A 202 -90.99 -18.08 -8.91
CA ALA A 202 -89.83 -18.10 -8.02
C ALA A 202 -88.83 -17.00 -8.38
N TYR A 203 -88.70 -16.71 -9.67
CA TYR A 203 -87.79 -15.68 -10.16
C TYR A 203 -88.28 -14.28 -9.78
N MET A 204 -89.56 -14.03 -9.99
CA MET A 204 -90.15 -12.72 -9.63
C MET A 204 -90.17 -12.51 -8.11
N PHE A 205 -90.30 -13.60 -7.37
CA PHE A 205 -90.18 -13.54 -5.91
C PHE A 205 -88.77 -13.10 -5.50
N LEU A 206 -87.76 -13.66 -6.18
CA LEU A 206 -86.37 -13.30 -5.90
C LEU A 206 -86.08 -11.83 -6.20
N LEU A 207 -86.68 -11.29 -7.27
CA LEU A 207 -86.50 -9.89 -7.63
C LEU A 207 -87.16 -8.94 -6.63
N ILE A 208 -88.28 -9.36 -6.05
CA ILE A 208 -88.96 -8.53 -5.05
C ILE A 208 -88.20 -8.51 -3.72
N VAL A 209 -87.69 -9.68 -3.33
CA VAL A 209 -86.94 -9.82 -2.08
C VAL A 209 -85.60 -9.06 -2.13
N LEU A 210 -84.95 -9.06 -3.28
CA LEU A 210 -83.68 -8.34 -3.44
C LEU A 210 -83.88 -6.88 -3.83
N GLY A 211 -84.84 -6.63 -4.73
CA GLY A 211 -85.05 -5.32 -5.32
C GLY A 211 -85.65 -4.28 -4.40
N PHE A 212 -86.70 -4.64 -3.68
CA PHE A 212 -87.40 -3.65 -2.86
C PHE A 212 -86.56 -3.11 -1.68
N PRO A 213 -85.92 -4.00 -0.89
CA PRO A 213 -85.13 -3.49 0.24
C PRO A 213 -83.95 -2.60 -0.18
N ILE A 214 -83.20 -2.99 -1.19
CA ILE A 214 -82.03 -2.25 -1.64
C ILE A 214 -82.39 -0.81 -2.03
N ASN A 215 -83.41 -0.67 -2.87
CA ASN A 215 -83.82 0.64 -3.39
C ASN A 215 -84.58 1.49 -2.34
N PHE A 216 -85.39 0.83 -1.52
CA PHE A 216 -86.09 1.51 -0.45
C PHE A 216 -85.13 1.98 0.64
N LEU A 217 -84.13 1.16 0.94
CA LEU A 217 -83.09 1.52 1.90
C LEU A 217 -82.28 2.70 1.39
N THR A 218 -81.98 2.72 0.10
CA THR A 218 -81.28 3.85 -0.50
C THR A 218 -81.97 5.18 -0.20
N LEU A 219 -83.29 5.18 -0.39
CA LEU A 219 -84.07 6.39 -0.10
C LEU A 219 -84.23 6.66 1.41
N TYR A 220 -84.48 5.59 2.17
CA TYR A 220 -84.65 5.69 3.62
C TYR A 220 -83.40 6.25 4.31
N VAL A 221 -82.25 5.72 3.93
CA VAL A 221 -80.96 6.16 4.46
C VAL A 221 -80.71 7.62 4.09
N THR A 222 -81.12 8.02 2.88
CA THR A 222 -80.94 9.41 2.44
C THR A 222 -81.80 10.39 3.26
N VAL A 223 -83.01 9.97 3.63
CA VAL A 223 -83.89 10.80 4.46
C VAL A 223 -83.27 11.04 5.84
N GLN A 224 -82.62 10.01 6.37
CA GLN A 224 -81.99 10.12 7.69
C GLN A 224 -80.74 11.01 7.66
N HIS A 225 -79.75 10.60 6.85
CA HIS A 225 -78.47 11.28 6.80
C HIS A 225 -78.50 12.54 5.93
N LYS A 226 -77.98 13.64 6.48
CA LYS A 226 -77.85 14.90 5.76
C LYS A 226 -76.72 14.86 4.72
N LYS A 227 -75.73 14.02 4.98
CA LYS A 227 -74.47 13.98 4.20
C LYS A 227 -74.73 13.64 2.73
N LEU A 228 -75.69 12.73 2.51
CA LEU A 228 -75.96 12.17 1.19
C LEU A 228 -76.70 13.14 0.28
N ARG A 229 -77.57 13.98 0.86
CA ARG A 229 -78.41 14.85 0.05
C ARG A 229 -77.56 15.94 -0.59
N THR A 230 -77.09 15.64 -1.81
CA THR A 230 -76.29 16.55 -2.62
C THR A 230 -76.68 16.35 -4.10
N PRO A 231 -76.65 17.43 -4.90
CA PRO A 231 -77.10 17.41 -6.31
C PRO A 231 -76.67 16.18 -7.18
N LEU A 232 -75.42 15.74 -6.99
CA LEU A 232 -74.89 14.59 -7.74
C LEU A 232 -75.61 13.27 -7.35
N ASN A 233 -75.96 13.18 -6.07
CA ASN A 233 -76.72 12.03 -5.60
C ASN A 233 -78.20 12.09 -6.00
N TYR A 234 -78.68 13.26 -6.40
CA TYR A 234 -80.07 13.42 -6.86
C TYR A 234 -80.37 12.48 -8.03
N ILE A 235 -79.42 12.42 -8.95
CA ILE A 235 -79.64 11.47 -10.09
C ILE A 235 -79.54 10.00 -9.64
N LEU A 236 -78.67 9.75 -8.66
CA LEU A 236 -78.62 8.37 -8.11
C LEU A 236 -79.90 7.98 -7.30
N LEU A 237 -80.52 8.98 -6.70
CA LEU A 237 -81.79 8.81 -6.00
C LEU A 237 -82.93 8.56 -6.99
N ASN A 238 -82.87 9.22 -8.14
CA ASN A 238 -83.83 8.99 -9.21
C ASN A 238 -83.75 7.56 -9.75
N LEU A 239 -82.53 7.01 -9.77
CA LEU A 239 -82.33 5.61 -10.18
C LEU A 239 -83.00 4.65 -9.20
N ALA A 240 -82.93 4.98 -7.91
CA ALA A 240 -83.58 4.17 -6.88
C ALA A 240 -85.12 4.19 -7.02
N VAL A 241 -85.67 5.36 -7.33
CA VAL A 241 -87.11 5.51 -7.53
C VAL A 241 -87.56 4.73 -8.79
N ALA A 242 -86.73 4.76 -9.82
CA ALA A 242 -87.01 4.05 -11.07
C ALA A 242 -87.09 2.53 -10.86
N ASP A 243 -86.14 2.01 -10.09
CA ASP A 243 -86.12 0.57 -9.81
C ASP A 243 -87.28 0.13 -8.91
N LEU A 244 -87.73 1.04 -8.03
CA LEU A 244 -88.89 0.76 -7.19
C LEU A 244 -90.18 0.62 -8.00
N PHE A 245 -90.28 1.41 -9.07
CA PHE A 245 -91.43 1.30 -9.99
C PHE A 245 -91.43 -0.04 -10.74
N MET A 246 -90.23 -0.55 -11.03
CA MET A 246 -90.13 -1.88 -11.66
C MET A 246 -90.56 -3.01 -10.72
N VAL A 247 -90.34 -2.82 -9.41
CA VAL A 247 -90.76 -3.81 -8.42
C VAL A 247 -92.26 -3.77 -8.18
N LEU A 248 -92.77 -2.63 -7.72
CA LEU A 248 -94.18 -2.50 -7.37
C LEU A 248 -95.10 -2.57 -8.60
N GLY A 249 -94.74 -1.85 -9.65
CA GLY A 249 -95.55 -1.85 -10.86
C GLY A 249 -95.38 -3.08 -11.71
N GLY A 250 -94.14 -3.56 -11.84
CA GLY A 250 -93.84 -4.67 -12.73
C GLY A 250 -93.84 -6.07 -12.17
N PHE A 251 -92.92 -6.34 -11.24
CA PHE A 251 -92.64 -7.71 -10.81
C PHE A 251 -93.74 -8.34 -9.94
N THR A 252 -94.36 -7.54 -9.07
CA THR A 252 -95.43 -8.04 -8.21
C THR A 252 -96.66 -8.48 -9.01
N SER A 253 -96.96 -7.73 -10.06
CA SER A 253 -98.06 -8.07 -10.96
C SER A 253 -97.71 -9.30 -11.80
N THR A 254 -96.46 -9.36 -12.26
CA THR A 254 -95.97 -10.51 -13.03
C THR A 254 -95.95 -11.77 -12.17
N LEU A 255 -95.68 -11.60 -10.87
CA LEU A 255 -95.68 -12.71 -9.92
C LEU A 255 -97.09 -13.31 -9.77
N TYR A 256 -98.07 -12.43 -9.60
CA TYR A 256 -99.47 -12.86 -9.44
C TYR A 256 -99.98 -13.63 -10.68
N THR A 257 -99.61 -13.12 -11.85
CA THR A 257 -100.03 -13.74 -13.11
C THR A 257 -99.30 -15.05 -13.39
N SER A 258 -98.01 -15.11 -13.04
CA SER A 258 -97.20 -16.31 -13.25
C SER A 258 -97.68 -17.49 -12.41
N LEU A 259 -98.22 -17.18 -11.22
CA LEU A 259 -98.79 -18.22 -10.37
C LEU A 259 -100.01 -18.86 -11.01
N HIS A 260 -100.90 -18.01 -11.55
CA HIS A 260 -102.09 -18.54 -12.25
C HIS A 260 -101.76 -19.14 -13.62
N GLY A 261 -100.81 -18.55 -14.31
CA GLY A 261 -100.38 -19.02 -15.62
C GLY A 261 -100.92 -18.21 -16.79
N TYR A 262 -101.61 -17.12 -16.48
CA TYR A 262 -102.14 -16.21 -17.50
C TYR A 262 -102.39 -14.83 -16.92
N PHE A 263 -102.50 -13.83 -17.79
CA PHE A 263 -102.72 -12.47 -17.32
C PHE A 263 -104.17 -12.25 -16.91
N VAL A 264 -104.38 -12.13 -15.60
CA VAL A 264 -105.72 -12.04 -15.03
C VAL A 264 -106.33 -10.63 -15.10
N PHE A 265 -105.48 -9.61 -15.15
CA PHE A 265 -105.93 -8.23 -15.00
C PHE A 265 -106.57 -7.64 -16.27
N GLY A 266 -106.40 -8.30 -17.40
CA GLY A 266 -107.00 -7.85 -18.66
C GLY A 266 -106.18 -6.80 -19.39
N PRO A 267 -106.69 -6.32 -20.53
CA PRO A 267 -106.01 -5.29 -21.34
C PRO A 267 -105.65 -4.01 -20.56
N THR A 268 -106.55 -3.58 -19.67
CA THR A 268 -106.32 -2.38 -18.87
C THR A 268 -105.12 -2.54 -17.92
N GLY A 269 -105.07 -3.69 -17.25
CA GLY A 269 -103.97 -4.01 -16.36
C GLY A 269 -102.66 -4.24 -17.08
N CYS A 270 -102.75 -4.74 -18.31
CA CYS A 270 -101.56 -4.98 -19.13
C CYS A 270 -100.92 -3.69 -19.60
N ASN A 271 -101.77 -2.71 -19.92
CA ASN A 271 -101.30 -1.39 -20.31
C ASN A 271 -100.59 -0.68 -19.15
N LEU A 272 -101.19 -0.76 -17.96
CA LEU A 272 -100.62 -0.09 -16.77
C LEU A 272 -99.33 -0.78 -16.26
N GLN A 273 -99.31 -2.11 -16.32
CA GLN A 273 -98.12 -2.86 -15.91
C GLN A 273 -96.96 -2.60 -16.86
N GLY A 274 -97.25 -2.69 -18.16
CA GLY A 274 -96.25 -2.41 -19.19
C GLY A 274 -95.76 -0.98 -19.19
N PHE A 275 -96.65 -0.06 -18.79
CA PHE A 275 -96.29 1.35 -18.68
C PHE A 275 -95.29 1.60 -17.56
N PHE A 276 -95.57 1.06 -16.37
CA PHE A 276 -94.65 1.22 -15.23
C PHE A 276 -93.34 0.46 -15.43
N ALA A 277 -93.42 -0.72 -16.07
CA ALA A 277 -92.23 -1.52 -16.35
C ALA A 277 -91.29 -0.80 -17.31
N THR A 278 -91.88 -0.18 -18.34
CA THR A 278 -91.12 0.61 -19.29
C THR A 278 -90.59 1.89 -18.64
N LEU A 279 -91.46 2.59 -17.91
CA LEU A 279 -91.08 3.83 -17.22
C LEU A 279 -89.94 3.61 -16.23
N GLY A 280 -90.01 2.53 -15.46
CA GLY A 280 -88.97 2.18 -14.51
C GLY A 280 -87.65 1.85 -15.17
N GLY A 281 -87.73 1.13 -16.29
CA GLY A 281 -86.54 0.79 -17.04
C GLY A 281 -85.91 1.97 -17.76
N GLU A 282 -86.75 2.85 -18.31
CA GLU A 282 -86.28 3.99 -19.08
C GLU A 282 -85.74 5.12 -18.20
N ILE A 283 -86.39 5.38 -17.07
CA ILE A 283 -85.87 6.35 -16.11
C ILE A 283 -84.53 5.85 -15.57
N ALA A 284 -84.44 4.54 -15.33
CA ALA A 284 -83.17 3.96 -14.89
C ALA A 284 -82.05 4.13 -15.95
N LEU A 285 -82.42 3.94 -17.21
CA LEU A 285 -81.47 4.08 -18.32
C LEU A 285 -80.94 5.52 -18.44
N TRP A 286 -81.86 6.47 -18.60
CA TRP A 286 -81.48 7.87 -18.77
C TRP A 286 -80.86 8.48 -17.51
N SER A 287 -81.13 7.88 -16.35
CA SER A 287 -80.43 8.27 -15.12
C SER A 287 -78.95 7.97 -15.23
N LEU A 288 -78.62 6.82 -15.81
CA LEU A 288 -77.21 6.46 -16.00
C LEU A 288 -76.53 7.30 -17.08
N VAL A 289 -77.33 7.74 -18.07
CA VAL A 289 -76.81 8.65 -19.08
C VAL A 289 -76.45 10.00 -18.46
N VAL A 290 -77.38 10.55 -17.69
CA VAL A 290 -77.15 11.80 -16.98
C VAL A 290 -76.00 11.68 -15.98
N LEU A 291 -75.93 10.55 -15.29
CA LEU A 291 -74.85 10.28 -14.33
C LEU A 291 -73.48 10.28 -15.03
N ALA A 292 -73.43 9.70 -16.22
CA ALA A 292 -72.19 9.67 -17.00
C ALA A 292 -71.80 11.08 -17.46
N ILE A 293 -72.79 11.85 -17.88
CA ILE A 293 -72.55 13.24 -18.30
C ILE A 293 -72.07 14.11 -17.13
N GLU A 294 -72.77 13.99 -16.00
CA GLU A 294 -72.43 14.70 -14.78
C GLU A 294 -71.01 14.40 -14.34
N ARG A 295 -70.70 13.11 -14.21
CA ARG A 295 -69.38 12.69 -13.74
C ARG A 295 -68.25 13.12 -14.68
N TYR A 296 -68.54 13.22 -15.97
CA TYR A 296 -67.53 13.70 -16.92
C TYR A 296 -67.25 15.19 -16.75
N VAL A 297 -68.32 16.00 -16.76
CA VAL A 297 -68.16 17.47 -16.69
C VAL A 297 -67.68 17.94 -15.31
N VAL A 298 -68.21 17.34 -14.24
CA VAL A 298 -67.86 17.74 -12.88
C VAL A 298 -66.42 17.39 -12.51
N VAL A 299 -65.97 16.18 -12.87
CA VAL A 299 -64.61 15.78 -12.51
C VAL A 299 -63.55 16.48 -13.36
N CYS A 300 -63.69 16.40 -14.70
CA CYS A 300 -62.68 16.96 -15.59
C CYS A 300 -62.52 18.49 -15.47
N LYS A 301 -63.63 19.18 -15.28
CA LYS A 301 -63.64 20.63 -15.06
C LYS A 301 -64.01 20.99 -13.63
N PRO A 302 -63.05 21.52 -12.84
CA PRO A 302 -63.31 21.82 -11.43
C PRO A 302 -64.28 22.99 -11.21
N MET A 303 -64.41 23.89 -12.19
CA MET A 303 -65.35 25.01 -12.08
C MET A 303 -66.82 24.60 -12.02
N SER A 304 -67.14 23.48 -12.68
CA SER A 304 -68.52 23.01 -12.76
C SER A 304 -69.06 22.50 -11.42
N ASN A 305 -68.15 22.23 -10.47
CA ASN A 305 -68.60 21.84 -9.13
C ASN A 305 -69.46 22.92 -8.49
N PHE A 306 -69.07 24.18 -8.68
CA PHE A 306 -69.89 25.29 -8.23
C PHE A 306 -71.23 25.40 -8.95
N ARG A 307 -71.17 25.25 -10.25
CA ARG A 307 -72.32 25.39 -11.14
C ARG A 307 -73.44 24.42 -10.75
N PHE A 308 -73.06 23.18 -10.41
CA PHE A 308 -74.04 22.13 -10.20
C PHE A 308 -74.68 22.24 -8.83
N GLY A 309 -75.74 23.04 -8.78
CA GLY A 309 -76.61 23.19 -7.61
C GLY A 309 -77.78 22.25 -7.72
N GLU A 310 -78.82 22.51 -6.95
CA GLU A 310 -80.02 21.67 -6.97
C GLU A 310 -80.79 21.83 -8.29
N ASN A 311 -80.82 23.05 -8.84
CA ASN A 311 -81.59 23.32 -10.06
C ASN A 311 -81.08 22.57 -11.30
N HIS A 312 -79.76 22.43 -11.43
CA HIS A 312 -79.19 21.66 -12.54
C HIS A 312 -79.42 20.16 -12.38
N ALA A 313 -79.37 19.69 -11.13
CA ALA A 313 -79.65 18.30 -10.82
C ALA A 313 -81.12 17.95 -11.07
N ILE A 314 -82.00 18.89 -10.74
CA ILE A 314 -83.43 18.75 -11.01
C ILE A 314 -83.68 18.69 -12.52
N MET A 315 -82.96 19.50 -13.29
CA MET A 315 -83.07 19.45 -14.76
C MET A 315 -82.63 18.09 -15.31
N GLY A 316 -81.61 17.50 -14.70
CA GLY A 316 -81.16 16.17 -15.08
C GLY A 316 -82.21 15.10 -14.82
N VAL A 317 -82.82 15.17 -13.63
CA VAL A 317 -83.89 14.23 -13.26
C VAL A 317 -85.17 14.49 -14.08
N ALA A 318 -85.42 15.74 -14.40
CA ALA A 318 -86.55 16.13 -15.24
C ALA A 318 -86.39 15.59 -16.65
N PHE A 319 -85.21 15.81 -17.23
CA PHE A 319 -84.88 15.30 -18.55
C PHE A 319 -85.01 13.78 -18.62
N THR A 320 -84.59 13.11 -17.53
CA THR A 320 -84.74 11.67 -17.41
C THR A 320 -86.20 11.24 -17.50
N TRP A 321 -87.06 11.95 -16.75
CA TRP A 321 -88.49 11.64 -16.74
C TRP A 321 -89.17 11.98 -18.06
N VAL A 322 -88.73 13.05 -18.71
CA VAL A 322 -89.28 13.48 -20.00
C VAL A 322 -88.95 12.47 -21.11
N MET A 323 -87.69 12.05 -21.18
CA MET A 323 -87.27 11.05 -22.17
C MET A 323 -87.96 9.69 -21.93
N ALA A 324 -88.16 9.38 -20.66
CA ALA A 324 -88.85 8.15 -20.29
C ALA A 324 -90.32 8.19 -20.72
N LEU A 325 -91.01 9.28 -20.38
CA LEU A 325 -92.41 9.46 -20.77
C LEU A 325 -92.57 9.66 -22.29
N ALA A 326 -91.53 10.17 -22.94
CA ALA A 326 -91.55 10.35 -24.38
C ALA A 326 -91.67 9.02 -25.11
N CYS A 327 -91.06 7.98 -24.55
CA CYS A 327 -91.20 6.64 -25.15
C CYS A 327 -92.19 5.69 -24.45
N ALA A 328 -92.54 6.00 -23.21
CA ALA A 328 -93.47 5.16 -22.43
C ALA A 328 -94.93 5.47 -22.71
N ALA A 329 -95.23 6.75 -22.97
CA ALA A 329 -96.60 7.21 -23.21
C ALA A 329 -97.20 6.80 -24.56
N PRO A 330 -96.43 6.91 -25.68
CA PRO A 330 -97.03 6.60 -26.98
C PRO A 330 -97.67 5.21 -27.13
N PRO A 331 -97.08 4.14 -26.54
CA PRO A 331 -97.77 2.85 -26.58
C PRO A 331 -99.21 2.88 -26.06
N LEU A 332 -99.47 3.71 -25.04
CA LEU A 332 -100.82 3.89 -24.52
C LEU A 332 -101.72 4.63 -25.53
N ALA A 333 -101.15 5.66 -26.15
CA ALA A 333 -101.90 6.57 -27.02
C ALA A 333 -101.70 6.32 -28.52
N GLY A 334 -101.55 5.05 -28.90
CA GLY A 334 -101.57 4.64 -30.29
C GLY A 334 -100.27 4.14 -30.91
N TRP A 335 -99.19 4.91 -30.77
CA TRP A 335 -97.92 4.55 -31.41
C TRP A 335 -97.31 3.38 -30.63
N SER A 336 -97.37 2.20 -31.25
CA SER A 336 -97.09 0.89 -30.66
C SER A 336 -98.15 0.49 -29.63
N ARG A 337 -97.89 -0.60 -28.91
CA ARG A 337 -98.86 -1.12 -27.94
C ARG A 337 -98.20 -1.97 -26.85
N TYR A 338 -98.81 -2.01 -25.68
CA TYR A 338 -98.39 -2.90 -24.61
C TYR A 338 -99.18 -4.21 -24.67
N ILE A 339 -98.47 -5.32 -24.86
CA ILE A 339 -99.11 -6.63 -24.92
C ILE A 339 -98.32 -7.65 -24.10
N PRO A 340 -98.96 -8.78 -23.72
CA PRO A 340 -98.22 -9.83 -23.03
C PRO A 340 -97.11 -10.45 -23.89
N GLU A 341 -95.89 -10.44 -23.38
CA GLU A 341 -94.72 -10.92 -24.11
C GLU A 341 -94.24 -12.25 -23.53
N GLY A 342 -93.66 -13.06 -24.44
CA GLY A 342 -93.10 -14.34 -24.09
C GLY A 342 -94.15 -15.36 -23.75
N LEU A 343 -94.23 -15.67 -22.46
CA LEU A 343 -95.17 -16.64 -21.92
C LEU A 343 -96.55 -16.04 -21.70
N GLN A 344 -96.74 -14.79 -22.14
CA GLN A 344 -98.01 -14.05 -22.00
C GLN A 344 -98.35 -13.82 -20.53
N CYS A 345 -97.31 -13.61 -19.73
CA CYS A 345 -97.44 -13.30 -18.32
C CYS A 345 -96.99 -11.88 -18.10
N SER A 346 -95.73 -11.60 -18.51
CA SER A 346 -95.24 -10.23 -18.37
C SER A 346 -95.68 -9.39 -19.54
N CYS A 347 -96.16 -8.16 -19.27
CA CYS A 347 -96.54 -7.27 -20.36
C CYS A 347 -95.39 -6.32 -20.70
N GLY A 348 -95.17 -6.13 -22.00
CA GLY A 348 -94.10 -5.26 -22.48
C GLY A 348 -94.42 -4.67 -23.85
N ILE A 349 -93.43 -3.97 -24.41
CA ILE A 349 -93.59 -3.32 -25.70
C ILE A 349 -93.61 -4.36 -26.83
N ASP A 350 -94.44 -4.12 -27.84
CA ASP A 350 -94.53 -5.02 -28.99
C ASP A 350 -93.47 -4.64 -30.01
N TYR A 351 -92.38 -5.40 -30.03
CA TYR A 351 -91.28 -5.20 -30.96
C TYR A 351 -91.09 -6.36 -31.96
N TYR A 352 -92.06 -7.27 -32.00
CA TYR A 352 -91.98 -8.47 -32.84
C TYR A 352 -93.09 -8.52 -33.89
N THR A 353 -94.33 -8.33 -33.45
CA THR A 353 -95.46 -8.33 -34.37
C THR A 353 -95.54 -7.00 -35.14
N LEU A 354 -95.47 -7.09 -36.47
CA LEU A 354 -95.58 -5.90 -37.31
C LEU A 354 -97.05 -5.59 -37.55
N LYS A 355 -97.56 -4.63 -36.79
CA LYS A 355 -98.95 -4.18 -36.92
C LYS A 355 -99.01 -2.73 -37.39
N PRO A 356 -99.37 -2.52 -38.68
CA PRO A 356 -99.42 -1.14 -39.22
C PRO A 356 -100.56 -0.28 -38.68
N GLU A 357 -101.49 -0.86 -37.93
CA GLU A 357 -102.52 -0.07 -37.26
C GLU A 357 -101.92 0.80 -36.17
N VAL A 358 -101.00 0.23 -35.39
CA VAL A 358 -100.31 0.96 -34.32
C VAL A 358 -98.89 1.44 -34.69
N ASN A 359 -98.42 1.08 -35.88
CA ASN A 359 -97.12 1.55 -36.40
C ASN A 359 -95.94 1.08 -35.55
N ASN A 360 -95.71 -0.23 -35.55
CA ASN A 360 -94.60 -0.81 -34.80
C ASN A 360 -93.24 -0.65 -35.49
N GLU A 361 -93.25 -0.59 -36.82
CA GLU A 361 -92.02 -0.45 -37.60
C GLU A 361 -91.30 0.84 -37.22
N SER A 362 -92.04 1.95 -37.33
CA SER A 362 -91.48 3.26 -37.02
C SER A 362 -91.13 3.40 -35.54
N PHE A 363 -91.90 2.76 -34.67
CA PHE A 363 -91.66 2.83 -33.23
C PHE A 363 -90.42 2.05 -32.81
N VAL A 364 -90.28 0.82 -33.30
CA VAL A 364 -89.13 -0.01 -32.98
C VAL A 364 -87.86 0.62 -33.51
N ILE A 365 -87.95 1.23 -34.70
CA ILE A 365 -86.81 1.97 -35.23
C ILE A 365 -86.50 3.20 -34.38
N TYR A 366 -87.52 4.02 -34.11
CA TYR A 366 -87.38 5.20 -33.24
C TYR A 366 -86.76 4.86 -31.88
N MET A 367 -87.33 3.87 -31.19
CA MET A 367 -86.82 3.43 -29.90
C MET A 367 -85.42 2.86 -29.97
N PHE A 368 -85.24 1.85 -30.81
CA PHE A 368 -83.96 1.18 -30.93
C PHE A 368 -82.83 2.16 -31.26
N VAL A 369 -83.01 2.93 -32.31
CA VAL A 369 -81.98 3.84 -32.80
C VAL A 369 -81.67 4.90 -31.73
N VAL A 370 -82.71 5.57 -31.22
CA VAL A 370 -82.50 6.65 -30.25
C VAL A 370 -82.03 6.09 -28.89
N HIS A 371 -82.83 5.24 -28.27
CA HIS A 371 -82.58 4.81 -26.89
C HIS A 371 -81.39 3.85 -26.73
N PHE A 372 -80.90 3.28 -27.82
CA PHE A 372 -79.72 2.41 -27.75
C PHE A 372 -78.48 3.21 -28.13
N THR A 373 -78.52 3.84 -29.31
CA THR A 373 -77.34 4.54 -29.80
C THR A 373 -76.95 5.78 -28.98
N ILE A 374 -77.93 6.56 -28.53
CA ILE A 374 -77.63 7.81 -27.82
C ILE A 374 -76.95 7.54 -26.45
N PRO A 375 -77.54 6.67 -25.60
CA PRO A 375 -76.76 6.25 -24.42
C PRO A 375 -75.41 5.62 -24.76
N MET A 376 -75.37 4.71 -25.73
CA MET A 376 -74.10 4.08 -26.11
C MET A 376 -73.04 5.11 -26.48
N ILE A 377 -73.41 6.06 -27.34
CA ILE A 377 -72.47 7.09 -27.74
C ILE A 377 -72.08 8.00 -26.60
N ILE A 378 -73.09 8.51 -25.88
CA ILE A 378 -72.83 9.44 -24.78
C ILE A 378 -72.08 8.80 -23.61
N ILE A 379 -72.53 7.64 -23.14
CA ILE A 379 -71.93 6.98 -21.99
C ILE A 379 -70.50 6.49 -22.28
N PHE A 380 -70.29 5.87 -23.44
CA PHE A 380 -68.94 5.42 -23.82
C PHE A 380 -68.01 6.61 -24.05
N PHE A 381 -68.55 7.70 -24.56
CA PHE A 381 -67.79 8.94 -24.75
C PHE A 381 -67.48 9.58 -23.40
N CYS A 382 -68.46 9.58 -22.50
CA CYS A 382 -68.32 10.18 -21.18
C CYS A 382 -67.26 9.46 -20.35
N TYR A 383 -67.49 8.18 -20.06
CA TYR A 383 -66.54 7.41 -19.26
C TYR A 383 -65.24 7.13 -20.01
N GLY A 384 -65.30 7.12 -21.35
CA GLY A 384 -64.12 6.96 -22.16
C GLY A 384 -63.18 8.15 -22.08
N GLN A 385 -63.74 9.36 -22.22
CA GLN A 385 -62.97 10.59 -22.08
C GLN A 385 -62.56 10.83 -20.63
N LEU A 386 -63.36 10.33 -19.70
CA LEU A 386 -63.05 10.45 -18.28
C LEU A 386 -61.79 9.65 -17.94
N VAL A 387 -61.78 8.38 -18.31
CA VAL A 387 -60.62 7.52 -18.08
C VAL A 387 -59.41 7.99 -18.89
N PHE A 388 -59.68 8.49 -20.10
CA PHE A 388 -58.63 9.07 -20.93
C PHE A 388 -57.95 10.26 -20.22
N THR A 389 -58.77 11.11 -19.62
CA THR A 389 -58.29 12.27 -18.88
C THR A 389 -57.52 11.87 -17.62
N VAL A 390 -58.05 10.90 -16.89
CA VAL A 390 -57.44 10.45 -15.64
C VAL A 390 -56.13 9.68 -15.88
N LYS A 391 -56.09 8.84 -16.91
CA LYS A 391 -54.87 8.10 -17.24
C LYS A 391 -53.74 9.02 -17.69
N GLU A 392 -54.09 10.03 -18.49
CA GLU A 392 -53.11 11.03 -18.92
C GLU A 392 -52.64 11.90 -17.74
N ALA A 393 -53.59 12.21 -16.85
CA ALA A 393 -53.30 12.99 -15.66
C ALA A 393 -52.45 12.20 -14.66
N ALA A 394 -52.72 10.90 -14.53
CA ALA A 394 -51.97 10.02 -13.65
C ALA A 394 -50.54 9.86 -14.14
N ALA A 395 -50.38 9.79 -15.47
CA ALA A 395 -49.06 9.70 -16.08
C ALA A 395 -48.28 11.01 -15.96
N GLN A 396 -49.00 12.13 -15.85
CA GLN A 396 -48.37 13.44 -15.69
C GLN A 396 -47.57 13.55 -14.38
N GLN A 397 -48.15 13.04 -13.29
CA GLN A 397 -47.42 12.97 -12.02
C GLN A 397 -47.52 11.56 -11.43
N GLN A 398 -46.54 10.74 -11.76
CA GLN A 398 -46.47 9.37 -11.26
C GLN A 398 -45.88 9.31 -9.86
N GLU A 399 -45.22 10.39 -9.45
CA GLU A 399 -44.65 10.50 -8.11
C GLU A 399 -45.70 10.33 -7.01
N SER A 400 -46.90 10.87 -7.25
CA SER A 400 -47.99 10.75 -6.29
C SER A 400 -48.63 9.37 -6.39
N ALA A 401 -48.43 8.54 -5.37
CA ALA A 401 -48.96 7.19 -5.33
C ALA A 401 -50.47 7.14 -5.07
N THR A 402 -50.97 8.21 -4.43
CA THR A 402 -52.38 8.31 -4.10
C THR A 402 -53.26 8.40 -5.37
N THR A 403 -52.75 9.13 -6.36
CA THR A 403 -53.43 9.27 -7.64
C THR A 403 -53.45 7.95 -8.42
N GLN A 404 -52.42 7.13 -8.24
CA GLN A 404 -52.32 5.85 -8.93
C GLN A 404 -53.34 4.85 -8.40
N LYS A 405 -53.54 4.86 -7.08
CA LYS A 405 -54.58 4.01 -6.49
C LYS A 405 -55.97 4.44 -6.94
N ALA A 406 -56.17 5.74 -7.04
CA ALA A 406 -57.44 6.27 -7.54
C ALA A 406 -57.67 5.84 -9.00
N GLU A 407 -56.71 6.15 -9.86
CA GLU A 407 -56.77 5.82 -11.29
C GLU A 407 -57.08 4.33 -11.52
N LYS A 408 -56.48 3.47 -10.68
CA LYS A 408 -56.74 2.03 -10.75
C LYS A 408 -58.19 1.71 -10.38
N GLU A 409 -58.65 2.27 -9.26
CA GLU A 409 -60.02 2.04 -8.78
C GLU A 409 -61.05 2.56 -9.75
N VAL A 410 -60.71 3.67 -10.40
CA VAL A 410 -61.57 4.27 -11.40
C VAL A 410 -61.73 3.38 -12.62
N THR A 411 -60.61 3.00 -13.22
CA THR A 411 -60.62 2.16 -14.41
C THR A 411 -61.34 0.82 -14.19
N ARG A 412 -61.19 0.28 -12.98
CA ARG A 412 -61.86 -0.97 -12.62
C ARG A 412 -63.38 -0.81 -12.59
N MET A 413 -63.82 0.32 -12.03
CA MET A 413 -65.25 0.62 -11.97
C MET A 413 -65.85 0.90 -13.36
N VAL A 414 -65.13 1.65 -14.17
CA VAL A 414 -65.60 2.00 -15.52
C VAL A 414 -65.78 0.77 -16.41
N ILE A 415 -64.86 -0.20 -16.29
CA ILE A 415 -65.00 -1.47 -17.00
C ILE A 415 -66.26 -2.20 -16.54
N ILE A 416 -66.52 -2.18 -15.22
CA ILE A 416 -67.73 -2.81 -14.69
C ILE A 416 -69.02 -2.05 -15.09
N TYR A 417 -68.95 -0.72 -15.18
CA TYR A 417 -70.09 0.08 -15.63
C TYR A 417 -70.50 -0.28 -17.06
N VAL A 418 -69.50 -0.48 -17.91
CA VAL A 418 -69.76 -0.87 -19.31
C VAL A 418 -70.34 -2.28 -19.40
N ILE A 419 -69.74 -3.21 -18.66
CA ILE A 419 -70.20 -4.61 -18.65
C ILE A 419 -71.65 -4.72 -18.16
N ALA A 420 -71.98 -3.95 -17.13
CA ALA A 420 -73.34 -3.93 -16.58
C ALA A 420 -74.36 -3.36 -17.57
N PHE A 421 -73.94 -2.31 -18.29
CA PHE A 421 -74.81 -1.67 -19.28
C PHE A 421 -75.10 -2.60 -20.47
N LEU A 422 -74.04 -3.23 -20.97
CA LEU A 422 -74.17 -4.12 -22.12
C LEU A 422 -75.00 -5.36 -21.78
N ILE A 423 -74.65 -6.03 -20.68
CA ILE A 423 -75.39 -7.20 -20.24
C ILE A 423 -76.89 -6.88 -20.07
N CYS A 424 -77.20 -5.66 -19.63
CA CYS A 424 -78.58 -5.26 -19.46
C CYS A 424 -79.35 -5.13 -20.78
N TRP A 425 -78.90 -4.22 -21.64
CA TRP A 425 -79.72 -3.82 -22.80
C TRP A 425 -79.40 -4.49 -24.14
N VAL A 426 -78.22 -5.10 -24.27
CA VAL A 426 -77.85 -5.77 -25.53
C VAL A 426 -78.77 -6.95 -25.88
N PRO A 427 -79.17 -7.78 -24.89
CA PRO A 427 -80.10 -8.88 -25.20
C PRO A 427 -81.41 -8.44 -25.87
N TYR A 428 -82.02 -7.37 -25.36
CA TYR A 428 -83.25 -6.83 -25.93
C TYR A 428 -83.01 -6.27 -27.34
N ALA A 429 -81.94 -5.49 -27.47
CA ALA A 429 -81.63 -4.84 -28.74
C ALA A 429 -81.22 -5.84 -29.84
N SER A 430 -80.44 -6.84 -29.46
CA SER A 430 -79.97 -7.85 -30.40
C SER A 430 -81.11 -8.75 -30.88
N VAL A 431 -81.96 -9.17 -29.96
CA VAL A 431 -83.11 -10.00 -30.31
C VAL A 431 -84.13 -9.21 -31.13
N ALA A 432 -84.41 -7.97 -30.74
CA ALA A 432 -85.32 -7.11 -31.50
C ALA A 432 -84.82 -6.84 -32.91
N PHE A 433 -83.50 -6.66 -33.04
CA PHE A 433 -82.85 -6.46 -34.33
C PHE A 433 -82.93 -7.72 -35.20
N TYR A 434 -82.65 -8.87 -34.59
CA TYR A 434 -82.67 -10.15 -35.28
C TYR A 434 -84.08 -10.53 -35.73
N ILE A 435 -85.08 -10.20 -34.91
CA ILE A 435 -86.48 -10.42 -35.24
C ILE A 435 -86.91 -9.53 -36.41
N PHE A 436 -86.41 -8.30 -36.43
CA PHE A 436 -86.76 -7.36 -37.51
C PHE A 436 -86.15 -7.77 -38.85
N THR A 437 -84.89 -8.21 -38.82
CA THR A 437 -84.21 -8.66 -40.03
C THR A 437 -84.78 -9.98 -40.53
N HIS A 438 -85.01 -10.91 -39.61
CA HIS A 438 -85.64 -12.18 -39.96
C HIS A 438 -87.08 -12.21 -39.42
N GLN A 439 -88.01 -11.68 -40.21
CA GLN A 439 -89.43 -11.59 -39.84
C GLN A 439 -90.18 -12.87 -40.18
N GLY A 440 -89.72 -13.56 -41.23
CA GLY A 440 -90.34 -14.79 -41.70
C GLY A 440 -90.18 -15.95 -40.73
N SER A 441 -89.13 -15.90 -39.91
CA SER A 441 -88.83 -16.94 -38.93
C SER A 441 -89.74 -16.93 -37.72
N CYS A 442 -89.78 -18.07 -37.02
CA CYS A 442 -90.53 -18.20 -35.78
C CYS A 442 -89.65 -18.02 -34.56
N PHE A 443 -90.24 -17.46 -33.49
CA PHE A 443 -89.51 -17.25 -32.25
C PHE A 443 -90.41 -17.74 -31.11
N GLY A 444 -89.87 -18.61 -30.25
CA GLY A 444 -90.62 -19.18 -29.16
C GLY A 444 -90.82 -18.23 -27.99
N PRO A 445 -91.60 -18.65 -26.98
CA PRO A 445 -91.86 -17.82 -25.81
C PRO A 445 -90.63 -17.70 -24.88
N ILE A 446 -89.87 -18.79 -24.79
CA ILE A 446 -88.67 -18.82 -23.95
C ILE A 446 -87.54 -17.97 -24.57
N PHE A 447 -87.56 -17.89 -25.90
CA PHE A 447 -86.60 -17.07 -26.64
C PHE A 447 -86.77 -15.59 -26.30
N MET A 448 -88.02 -15.14 -26.18
CA MET A 448 -88.33 -13.77 -25.80
C MET A 448 -88.09 -13.51 -24.31
N THR A 449 -88.07 -14.58 -23.53
CA THR A 449 -87.82 -14.46 -22.09
C THR A 449 -86.35 -14.18 -21.75
N ILE A 450 -85.43 -14.60 -22.61
CA ILE A 450 -84.00 -14.43 -22.31
C ILE A 450 -83.57 -12.93 -22.15
N PRO A 451 -84.01 -12.05 -23.08
CA PRO A 451 -83.76 -10.61 -22.83
C PRO A 451 -84.45 -10.07 -21.58
N ALA A 452 -85.65 -10.56 -21.30
CA ALA A 452 -86.40 -10.13 -20.11
C ALA A 452 -85.69 -10.52 -18.81
N PHE A 453 -84.97 -11.64 -18.85
CA PHE A 453 -84.18 -12.09 -17.71
C PHE A 453 -83.08 -11.09 -17.38
N PHE A 454 -82.28 -10.76 -18.39
CA PHE A 454 -81.14 -9.84 -18.14
C PHE A 454 -81.55 -8.39 -17.82
N ALA A 455 -82.60 -7.92 -18.47
CA ALA A 455 -83.06 -6.53 -18.26
C ALA A 455 -83.67 -6.33 -16.85
N LYS A 456 -84.48 -7.30 -16.44
CA LYS A 456 -85.09 -7.22 -15.11
C LYS A 456 -84.07 -7.55 -14.00
N SER A 457 -83.04 -8.30 -14.39
CA SER A 457 -81.91 -8.52 -13.48
C SER A 457 -81.15 -7.24 -13.23
N ALA A 458 -81.09 -6.37 -14.24
CA ALA A 458 -80.46 -5.06 -14.10
C ALA A 458 -81.12 -4.21 -13.03
N ALA A 459 -82.42 -4.41 -12.85
CA ALA A 459 -83.12 -3.76 -11.72
C ALA A 459 -82.48 -4.11 -10.38
N ILE A 460 -81.91 -5.31 -10.30
CA ILE A 460 -81.16 -5.68 -9.08
C ILE A 460 -79.68 -5.21 -9.09
N TYR A 461 -78.92 -5.63 -10.10
CA TYR A 461 -77.47 -5.42 -10.07
C TYR A 461 -76.98 -4.00 -10.44
N ASN A 462 -77.87 -3.14 -10.92
CA ASN A 462 -77.48 -1.73 -11.09
C ASN A 462 -77.36 -0.98 -9.75
N PRO A 463 -78.35 -1.13 -8.84
CA PRO A 463 -78.18 -0.64 -7.47
C PRO A 463 -76.91 -1.16 -6.78
N VAL A 464 -76.50 -2.38 -7.10
CA VAL A 464 -75.29 -2.95 -6.52
C VAL A 464 -74.05 -2.17 -6.94
N ILE A 465 -73.93 -1.91 -8.24
CA ILE A 465 -72.74 -1.27 -8.79
C ILE A 465 -72.74 0.26 -8.61
N TYR A 466 -73.89 0.88 -8.81
CA TYR A 466 -73.99 2.34 -8.74
C TYR A 466 -74.26 2.91 -7.34
N ILE A 467 -74.90 2.12 -6.47
CA ILE A 467 -75.23 2.57 -5.12
C ILE A 467 -74.43 1.81 -4.06
N MET A 468 -74.54 0.48 -4.04
CA MET A 468 -73.88 -0.33 -3.01
C MET A 468 -72.35 -0.29 -3.09
N MET A 469 -71.80 -0.32 -4.30
CA MET A 469 -70.35 -0.24 -4.49
C MET A 469 -69.82 1.19 -4.36
N ASN A 470 -70.73 2.16 -4.35
CA ASN A 470 -70.37 3.54 -4.06
C ASN A 470 -69.86 3.70 -2.64
N LYS A 471 -68.72 4.36 -2.48
CA LYS A 471 -68.02 4.40 -1.18
C LYS A 471 -68.78 5.11 -0.05
N GLN A 472 -69.49 6.18 -0.39
CA GLN A 472 -70.24 6.94 0.60
C GLN A 472 -71.47 6.15 1.02
N PHE A 473 -72.29 5.75 0.04
CA PHE A 473 -73.51 4.99 0.29
C PHE A 473 -73.24 3.66 0.99
N ARG A 474 -72.09 3.04 0.72
CA ARG A 474 -71.70 1.81 1.39
C ARG A 474 -71.48 2.05 2.88
N ASN A 475 -70.75 3.13 3.20
CA ASN A 475 -70.49 3.46 4.61
C ASN A 475 -71.73 4.01 5.35
N CYS A 476 -72.60 4.69 4.61
CA CYS A 476 -73.84 5.23 5.17
C CYS A 476 -74.87 4.12 5.46
N MET A 477 -74.99 3.19 4.52
CA MET A 477 -75.87 2.04 4.70
C MET A 477 -75.34 1.12 5.79
N LEU A 478 -74.02 1.06 5.94
CA LEU A 478 -73.40 0.31 7.03
C LEU A 478 -73.89 0.81 8.39
N THR A 479 -74.01 2.14 8.51
CA THR A 479 -74.53 2.74 9.74
C THR A 479 -76.00 2.37 10.00
N THR A 480 -76.80 2.42 8.95
CA THR A 480 -78.24 2.16 9.08
C THR A 480 -78.59 0.66 9.27
N ILE A 481 -77.92 -0.20 8.51
CA ILE A 481 -78.13 -1.65 8.59
C ILE A 481 -77.76 -2.20 9.97
N CYS A 482 -76.72 -1.63 10.57
CA CYS A 482 -76.22 -2.04 11.89
C CYS A 482 -76.81 -1.24 13.05
N CYS A 483 -77.95 -0.59 12.80
CA CYS A 483 -78.71 0.13 13.84
C CYS A 483 -77.95 1.30 14.47
N GLY A 484 -77.46 2.20 13.62
CA GLY A 484 -76.84 3.43 14.08
C GLY A 484 -75.34 3.39 14.28
N LYS A 485 -74.79 2.19 14.47
CA LYS A 485 -73.36 2.05 14.73
C LYS A 485 -72.64 1.50 13.48
N ASN A 486 -71.32 1.51 13.53
CA ASN A 486 -70.46 1.08 12.43
C ASN A 486 -70.70 1.90 11.16
N VAL A 526 -45.45 36.64 16.67
CA VAL A 526 -45.14 35.66 17.70
C VAL A 526 -45.30 34.24 17.16
N ILE A 527 -44.55 33.29 17.73
CA ILE A 527 -44.62 31.89 17.33
C ILE A 527 -45.89 31.25 17.91
N PHE A 528 -46.50 30.35 17.15
CA PHE A 528 -47.73 29.68 17.63
C PHE A 528 -47.72 28.19 17.30
N LYS A 529 -48.68 27.47 17.91
CA LYS A 529 -48.71 26.02 17.83
C LYS A 529 -50.12 25.48 17.64
N LYS A 530 -50.22 24.16 17.47
CA LYS A 530 -51.48 23.45 17.54
C LYS A 530 -51.27 22.06 18.13
N VAL A 531 -52.10 21.71 19.11
CA VAL A 531 -52.02 20.43 19.80
C VAL A 531 -52.96 19.43 19.14
N SER A 532 -52.57 18.16 19.15
CA SER A 532 -53.41 17.10 18.60
C SER A 532 -54.61 16.83 19.49
N ARG A 533 -55.50 15.96 19.04
CA ARG A 533 -56.70 15.62 19.80
C ARG A 533 -56.36 14.73 20.99
N ASP A 534 -55.52 13.72 20.75
CA ASP A 534 -55.02 12.85 21.81
C ASP A 534 -53.99 13.57 22.70
N LYS A 535 -53.43 14.66 22.18
CA LYS A 535 -52.46 15.49 22.90
C LYS A 535 -51.14 14.76 23.13
N SER A 536 -50.68 14.09 22.08
CA SER A 536 -49.39 13.39 22.07
C SER A 536 -48.39 14.20 21.26
N VAL A 537 -48.75 14.47 20.01
CA VAL A 537 -47.94 15.29 19.11
C VAL A 537 -48.45 16.74 19.14
N THR A 538 -47.51 17.69 19.14
CA THR A 538 -47.85 19.10 19.12
C THR A 538 -46.97 19.85 18.13
N ILE A 539 -47.56 20.34 17.04
CA ILE A 539 -46.78 21.03 16.01
C ILE A 539 -46.57 22.51 16.34
N TYR A 540 -45.43 23.04 15.93
CA TYR A 540 -45.09 24.44 16.11
C TYR A 540 -44.65 25.05 14.77
N LEU A 541 -45.10 26.27 14.52
CA LEU A 541 -44.71 27.02 13.33
C LEU A 541 -44.58 28.51 13.63
N GLY A 542 -43.59 29.14 12.99
CA GLY A 542 -43.30 30.54 13.20
C GLY A 542 -44.34 31.48 12.61
N LYS A 543 -44.90 31.09 11.46
CA LYS A 543 -45.90 31.92 10.78
C LYS A 543 -46.76 31.11 9.81
N ARG A 544 -47.95 31.64 9.52
CA ARG A 544 -48.84 31.04 8.53
C ARG A 544 -48.50 31.50 7.12
N ASP A 545 -48.37 32.82 6.96
CA ASP A 545 -48.11 33.40 5.65
C ASP A 545 -46.64 33.23 5.27
N TYR A 546 -46.39 32.28 4.37
CA TYR A 546 -45.05 32.08 3.80
C TYR A 546 -45.09 32.71 2.47
N VAL A 547 -43.99 33.48 2.19
CA VAL A 547 -43.77 34.34 1.02
C VAL A 547 -43.24 33.53 -0.16
N ASP A 548 -43.65 33.94 -1.36
CA ASP A 548 -43.17 33.33 -2.60
C ASP A 548 -42.46 34.37 -3.46
N HIS A 549 -41.12 34.34 -3.44
CA HIS A 549 -40.34 35.14 -4.37
C HIS A 549 -40.23 34.37 -5.69
N VAL A 550 -40.03 35.09 -6.79
CA VAL A 550 -40.08 34.49 -8.12
C VAL A 550 -38.97 33.45 -8.32
N SER A 551 -37.78 33.75 -7.80
CA SER A 551 -36.63 32.86 -7.92
C SER A 551 -36.72 31.69 -6.95
N GLN A 552 -36.79 32.01 -5.66
CA GLN A 552 -36.82 31.00 -4.60
C GLN A 552 -38.00 31.21 -3.66
N VAL A 553 -38.60 30.11 -3.20
CA VAL A 553 -39.74 30.18 -2.29
C VAL A 553 -39.26 30.13 -0.84
N GLU A 554 -39.89 30.90 0.02
CA GLU A 554 -39.54 30.91 1.44
C GLU A 554 -40.05 29.63 2.10
N PRO A 555 -39.14 28.81 2.65
CA PRO A 555 -39.50 27.49 3.15
C PRO A 555 -40.22 27.50 4.49
N VAL A 556 -40.88 26.39 4.80
CA VAL A 556 -41.55 26.20 6.08
C VAL A 556 -40.52 25.80 7.12
N ASP A 557 -40.61 26.41 8.30
CA ASP A 557 -39.66 26.13 9.39
C ASP A 557 -40.41 26.00 10.71
N GLY A 558 -40.02 25.00 11.49
CA GLY A 558 -40.68 24.79 12.77
C GLY A 558 -40.23 23.55 13.50
N VAL A 559 -40.93 23.22 14.59
CA VAL A 559 -40.58 22.04 15.39
C VAL A 559 -41.82 21.26 15.79
N VAL A 560 -41.63 20.04 16.33
CA VAL A 560 -42.73 19.22 16.82
C VAL A 560 -42.38 18.58 18.17
N LEU A 561 -43.20 18.89 19.18
CA LEU A 561 -43.06 18.31 20.51
C LEU A 561 -43.75 16.95 20.56
N VAL A 562 -43.09 15.97 21.19
CA VAL A 562 -43.58 14.60 21.24
C VAL A 562 -43.55 14.05 22.67
N ASP A 563 -44.54 13.24 23.01
CA ASP A 563 -44.59 12.56 24.30
C ASP A 563 -43.92 11.19 24.19
N PRO A 564 -42.86 10.96 24.99
CA PRO A 564 -42.15 9.66 24.93
C PRO A 564 -43.01 8.46 25.32
N GLU A 565 -43.87 8.62 26.32
CA GLU A 565 -44.69 7.53 26.83
C GLU A 565 -45.75 7.09 25.82
N LEU A 566 -46.46 8.05 25.26
CA LEU A 566 -47.50 7.77 24.26
C LEU A 566 -46.88 7.29 22.95
N VAL A 567 -45.90 8.03 22.44
CA VAL A 567 -45.22 7.62 21.22
C VAL A 567 -44.02 6.76 21.60
N LYS A 568 -44.26 5.46 21.69
CA LYS A 568 -43.23 4.49 22.02
C LYS A 568 -43.32 3.32 21.03
N GLY A 569 -42.24 3.10 20.30
CA GLY A 569 -42.23 2.11 19.23
C GLY A 569 -43.07 2.55 18.06
N LYS A 570 -43.08 3.85 17.81
CA LYS A 570 -43.85 4.43 16.71
C LYS A 570 -42.97 5.37 15.91
N LYS A 571 -43.47 5.75 14.73
CA LYS A 571 -42.75 6.64 13.82
C LYS A 571 -43.55 7.93 13.58
N VAL A 572 -43.00 9.05 14.03
CA VAL A 572 -43.62 10.36 13.78
C VAL A 572 -43.12 10.99 12.49
N TYR A 573 -44.06 11.46 11.65
CA TYR A 573 -43.73 12.10 10.39
C TYR A 573 -44.23 13.55 10.35
N VAL A 574 -43.36 14.50 9.96
CA VAL A 574 -43.92 15.84 9.59
C VAL A 574 -44.09 15.88 8.07
N THR A 575 -45.24 16.37 7.58
CA THR A 575 -45.57 16.28 6.15
C THR A 575 -45.94 17.58 5.50
N LEU A 576 -45.25 17.84 4.37
CA LEU A 576 -45.83 19.04 3.64
C LEU A 576 -46.79 18.58 2.55
N THR A 577 -47.94 19.27 2.39
CA THR A 577 -48.95 18.88 1.40
C THR A 577 -49.50 20.05 0.62
N CYS A 578 -49.22 20.02 -0.71
CA CYS A 578 -50.07 21.08 -1.44
C CYS A 578 -51.30 20.47 -2.09
N ALA A 579 -52.53 21.03 -1.83
CA ALA A 579 -53.76 20.41 -2.35
C ALA A 579 -54.73 21.37 -3.08
N PHE A 580 -55.26 20.86 -4.19
CA PHE A 580 -56.37 21.49 -4.90
C PHE A 580 -57.69 20.89 -4.42
N ARG A 581 -58.59 21.72 -3.90
CA ARG A 581 -59.89 21.22 -3.42
C ARG A 581 -61.04 21.66 -4.32
N TYR A 582 -61.94 20.73 -4.65
CA TYR A 582 -63.17 21.07 -5.37
C TYR A 582 -64.35 20.19 -4.94
N GLY A 583 -65.48 20.83 -4.68
CA GLY A 583 -66.70 20.12 -4.28
C GLY A 583 -66.72 19.70 -2.83
N GLN A 584 -67.76 18.95 -2.46
CA GLN A 584 -67.89 18.41 -1.10
C GLN A 584 -66.87 17.29 -0.85
N GLU A 585 -66.45 17.15 0.40
CA GLU A 585 -65.40 16.19 0.76
C GLU A 585 -65.82 14.69 0.71
N ASP A 586 -67.06 14.41 1.12
CA ASP A 586 -67.52 13.02 1.21
C ASP A 586 -68.01 12.48 -0.15
N ILE A 587 -68.66 13.35 -0.91
CA ILE A 587 -69.32 13.02 -2.17
C ILE A 587 -68.30 12.75 -3.28
N ASP A 588 -67.21 13.51 -3.28
CA ASP A 588 -66.21 13.43 -4.34
C ASP A 588 -65.43 12.12 -4.23
N VAL A 589 -65.14 11.67 -3.01
CA VAL A 589 -64.45 10.38 -2.84
C VAL A 589 -65.36 9.23 -3.36
N MET A 590 -66.67 9.42 -3.19
CA MET A 590 -67.60 8.35 -3.51
C MET A 590 -67.86 8.17 -5.00
N GLY A 591 -67.98 9.26 -5.75
CA GLY A 591 -68.33 9.10 -7.15
C GLY A 591 -67.45 8.17 -7.98
N LEU A 592 -66.16 8.50 -8.08
CA LEU A 592 -65.21 7.70 -8.84
C LEU A 592 -63.77 7.84 -8.31
N THR A 593 -63.31 9.09 -8.34
CA THR A 593 -62.01 9.50 -7.80
C THR A 593 -62.12 10.84 -7.09
N PHE A 594 -61.16 11.12 -6.20
CA PHE A 594 -61.22 12.23 -5.26
C PHE A 594 -60.37 13.42 -5.71
N ARG A 595 -60.41 14.50 -4.92
CA ARG A 595 -59.67 15.73 -5.20
C ARG A 595 -58.20 15.49 -5.50
N ARG A 596 -57.65 16.33 -6.37
CA ARG A 596 -56.27 16.20 -6.82
C ARG A 596 -55.33 17.01 -5.94
N ASP A 597 -54.23 16.37 -5.53
CA ASP A 597 -53.17 17.06 -4.81
C ASP A 597 -52.15 17.54 -5.82
N LEU A 598 -51.90 18.85 -5.83
CA LEU A 598 -50.96 19.45 -6.78
C LEU A 598 -49.54 19.01 -6.47
N TYR A 599 -49.19 19.07 -5.19
CA TYR A 599 -47.90 18.60 -4.71
C TYR A 599 -48.02 18.08 -3.30
N PHE A 600 -47.38 16.99 -3.05
CA PHE A 600 -47.23 16.42 -1.71
C PHE A 600 -45.82 16.01 -1.39
N SER A 601 -45.35 16.20 -0.16
CA SER A 601 -44.04 15.75 0.28
C SER A 601 -44.09 15.50 1.80
N ARG A 602 -43.85 14.28 2.24
CA ARG A 602 -43.82 13.83 3.67
C ARG A 602 -42.39 13.83 4.12
N VAL A 603 -42.12 14.07 5.39
CA VAL A 603 -40.78 13.99 5.95
C VAL A 603 -40.88 13.40 7.36
N GLN A 604 -39.90 12.61 7.68
CA GLN A 604 -39.79 11.90 8.98
C GLN A 604 -39.32 12.86 10.05
N VAL A 605 -39.51 12.50 11.31
CA VAL A 605 -39.02 13.31 12.42
C VAL A 605 -38.45 12.50 13.57
N TYR A 606 -39.29 11.65 14.15
CA TYR A 606 -38.85 10.90 15.33
C TYR A 606 -38.90 9.38 15.22
N PRO A 607 -37.71 8.73 15.28
CA PRO A 607 -36.39 9.35 15.28
C PRO A 607 -35.91 9.70 13.84
N PRO A 608 -35.10 10.75 13.65
CA PRO A 608 -34.61 11.25 12.37
C PRO A 608 -33.38 10.50 11.86
N VAL A 609 -33.11 10.57 10.55
CA VAL A 609 -31.84 10.05 10.11
C VAL A 609 -30.70 11.03 10.40
N GLY A 610 -30.14 10.88 11.61
CA GLY A 610 -29.13 11.83 12.05
C GLY A 610 -29.99 12.93 12.59
N ALA A 611 -29.51 14.15 12.32
CA ALA A 611 -30.33 15.31 12.59
C ALA A 611 -30.50 16.24 11.33
N MET A 612 -30.86 17.49 11.61
CA MET A 612 -31.01 18.58 10.65
C MET A 612 -29.58 19.06 10.39
N SER A 613 -29.24 19.58 9.21
CA SER A 613 -27.86 19.97 9.00
C SER A 613 -27.48 21.23 9.80
N VAL A 614 -28.12 22.36 9.52
CA VAL A 614 -27.91 23.60 10.27
C VAL A 614 -29.29 24.19 10.62
N LEU A 615 -29.46 24.71 11.83
CA LEU A 615 -30.74 25.21 12.28
C LEU A 615 -30.91 26.73 12.13
N THR A 616 -32.15 27.17 11.97
CA THR A 616 -32.49 28.59 11.88
C THR A 616 -32.56 29.21 13.29
N GLN A 617 -32.72 30.52 13.36
CA GLN A 617 -32.88 31.21 14.64
C GLN A 617 -34.19 30.81 15.33
N LEU A 618 -35.19 30.45 14.53
CA LEU A 618 -36.48 29.99 15.04
C LEU A 618 -36.37 28.64 15.74
N GLN A 619 -35.70 27.69 15.09
CA GLN A 619 -35.56 26.34 15.63
C GLN A 619 -34.70 26.31 16.89
N GLU A 620 -33.64 27.12 16.91
CA GLU A 620 -32.78 27.24 18.09
C GLU A 620 -33.53 27.85 19.26
N SER A 621 -34.33 28.88 18.97
CA SER A 621 -35.13 29.54 20.01
C SER A 621 -36.17 28.60 20.60
N LEU A 622 -36.84 27.85 19.74
CA LEU A 622 -37.87 26.90 20.17
C LEU A 622 -37.30 25.73 20.96
N LEU A 623 -36.14 25.23 20.54
CA LEU A 623 -35.47 24.15 21.25
C LEU A 623 -35.08 24.55 22.67
N LYS A 624 -34.62 25.80 22.81
CA LYS A 624 -34.23 26.31 24.14
C LYS A 624 -35.45 26.62 25.01
N LYS A 625 -36.51 27.13 24.39
CA LYS A 625 -37.76 27.41 25.11
C LYS A 625 -38.44 26.11 25.57
N LEU A 626 -38.67 25.22 24.61
CA LEU A 626 -39.32 23.94 24.90
C LEU A 626 -38.38 22.97 25.58
N GLY A 627 -38.90 21.80 25.95
CA GLY A 627 -38.14 20.78 26.65
C GLY A 627 -37.22 19.97 25.77
N ASP A 628 -36.93 18.74 26.19
CA ASP A 628 -35.95 17.88 25.53
C ASP A 628 -36.51 17.14 24.30
N ASN A 629 -37.81 16.88 24.30
CA ASN A 629 -38.47 16.06 23.29
C ASN A 629 -38.96 16.86 22.07
N THR A 630 -38.21 17.89 21.70
CA THR A 630 -38.56 18.73 20.57
C THR A 630 -37.65 18.44 19.38
N TYR A 631 -38.25 18.25 18.20
CA TYR A 631 -37.47 17.92 17.01
C TYR A 631 -37.84 18.85 15.85
N PRO A 632 -36.82 19.42 15.17
CA PRO A 632 -37.06 20.39 14.10
C PRO A 632 -37.38 19.78 12.74
N PHE A 633 -37.91 20.60 11.84
CA PHE A 633 -38.13 20.19 10.46
C PHE A 633 -38.07 21.40 9.52
N LEU A 634 -37.65 21.12 8.28
CA LEU A 634 -37.53 22.14 7.25
C LEU A 634 -38.13 21.64 5.94
N LEU A 635 -39.30 22.17 5.60
CA LEU A 635 -40.01 21.73 4.40
C LEU A 635 -39.95 22.82 3.33
N THR A 636 -39.43 22.48 2.16
CA THR A 636 -39.22 23.47 1.10
C THR A 636 -40.25 23.32 -0.03
N PHE A 637 -40.56 24.44 -0.68
CA PHE A 637 -41.44 24.43 -1.86
C PHE A 637 -40.61 24.44 -3.14
N PRO A 638 -41.03 23.67 -4.16
CA PRO A 638 -40.40 23.78 -5.48
C PRO A 638 -40.88 25.00 -6.27
N ASP A 639 -40.32 25.20 -7.46
CA ASP A 639 -40.58 26.40 -8.25
C ASP A 639 -41.79 26.30 -9.19
N TYR A 640 -42.45 25.14 -9.23
CA TYR A 640 -43.55 24.92 -10.17
C TYR A 640 -44.96 24.91 -9.54
N LEU A 641 -45.08 25.40 -8.30
CA LEU A 641 -46.35 25.45 -7.60
C LEU A 641 -47.07 26.79 -7.75
N PRO A 642 -48.41 26.81 -7.61
CA PRO A 642 -49.20 28.04 -7.64
C PRO A 642 -49.27 28.74 -6.28
N CYS A 643 -50.09 29.78 -6.18
CA CYS A 643 -50.29 30.48 -4.92
C CYS A 643 -51.57 30.00 -4.23
N SER A 644 -51.78 30.47 -2.99
CA SER A 644 -52.99 30.13 -2.27
C SER A 644 -54.14 30.99 -2.77
N VAL A 645 -55.04 30.38 -3.53
CA VAL A 645 -56.15 31.07 -4.17
C VAL A 645 -57.46 30.30 -3.98
N MET A 646 -58.52 31.01 -3.58
CA MET A 646 -59.84 30.41 -3.47
C MET A 646 -60.82 31.14 -4.38
N LEU A 647 -61.99 30.55 -4.59
CA LEU A 647 -63.03 31.16 -5.42
C LEU A 647 -64.25 31.52 -4.56
N GLN A 648 -64.82 32.69 -4.80
CA GLN A 648 -65.90 33.24 -4.01
C GLN A 648 -67.21 32.59 -4.38
N PRO A 649 -67.94 32.05 -3.36
CA PRO A 649 -69.29 31.52 -3.50
C PRO A 649 -70.36 32.59 -3.31
N ALA A 650 -71.56 32.31 -3.83
CA ALA A 650 -72.72 33.16 -3.61
C ALA A 650 -73.26 32.97 -2.20
N PRO A 651 -74.09 33.90 -1.71
CA PRO A 651 -74.65 33.72 -0.36
C PRO A 651 -75.60 32.52 -0.27
N GLN A 652 -76.36 32.27 -1.33
CA GLN A 652 -77.26 31.12 -1.38
C GLN A 652 -76.51 29.79 -1.50
N ASP A 653 -75.29 29.82 -2.04
CA ASP A 653 -74.49 28.61 -2.14
C ASP A 653 -73.93 28.28 -0.76
N VAL A 654 -74.68 27.47 -0.02
CA VAL A 654 -74.33 27.12 1.35
C VAL A 654 -73.27 26.01 1.42
N GLY A 655 -73.39 25.03 0.52
CA GLY A 655 -72.57 23.84 0.47
C GLY A 655 -71.73 23.72 -0.78
N LYS A 656 -71.12 24.82 -1.20
CA LYS A 656 -70.27 24.81 -2.39
C LYS A 656 -68.95 25.52 -2.12
N SER A 657 -67.84 24.83 -2.41
CA SER A 657 -66.51 25.38 -2.17
C SER A 657 -65.47 24.81 -3.12
N CYS A 658 -64.62 25.68 -3.65
CA CYS A 658 -63.49 25.27 -4.48
C CYS A 658 -62.33 26.24 -4.32
N GLY A 659 -61.13 25.72 -4.09
CA GLY A 659 -59.97 26.56 -3.89
C GLY A 659 -58.70 25.79 -3.55
N VAL A 660 -57.55 26.40 -3.85
CA VAL A 660 -56.25 25.82 -3.54
C VAL A 660 -55.79 26.25 -2.17
N ASP A 661 -55.14 25.34 -1.43
CA ASP A 661 -54.61 25.68 -0.11
C ASP A 661 -53.47 24.76 0.30
N PHE A 662 -52.55 25.30 1.12
CA PHE A 662 -51.42 24.51 1.58
C PHE A 662 -51.66 24.01 3.00
N GLU A 663 -51.19 22.79 3.29
CA GLU A 663 -51.46 22.19 4.59
C GLU A 663 -50.21 21.48 5.15
N VAL A 664 -49.71 22.00 6.28
CA VAL A 664 -48.64 21.34 7.02
C VAL A 664 -49.26 20.44 8.08
N LYS A 665 -48.94 19.14 8.03
CA LYS A 665 -49.54 18.19 8.97
C LYS A 665 -48.50 17.30 9.63
N ALA A 666 -48.71 16.98 10.91
CA ALA A 666 -47.82 16.09 11.65
C ALA A 666 -48.64 15.00 12.33
N PHE A 667 -48.11 13.77 12.32
CA PHE A 667 -48.83 12.63 12.87
C PHE A 667 -47.90 11.50 13.31
N ALA A 668 -48.44 10.57 14.10
CA ALA A 668 -47.72 9.39 14.56
C ALA A 668 -48.33 8.14 13.93
N SER A 669 -47.51 7.12 13.71
CA SER A 669 -47.99 5.88 13.07
C SER A 669 -47.09 4.69 13.35
N ASP A 670 -47.64 3.48 13.26
CA ASP A 670 -46.85 2.26 13.44
C ASP A 670 -46.14 1.80 12.17
N ILE A 671 -46.67 2.23 11.04
CA ILE A 671 -46.30 1.72 9.72
C ILE A 671 -45.17 2.54 9.08
N THR A 672 -44.42 1.92 8.17
CA THR A 672 -43.31 2.52 7.44
C THR A 672 -43.77 3.69 6.54
N ASP A 673 -42.82 4.26 5.80
CA ASP A 673 -43.02 5.49 5.01
C ASP A 673 -44.23 5.51 4.06
N PRO A 674 -44.46 4.44 3.27
CA PRO A 674 -45.49 4.54 2.24
C PRO A 674 -46.95 4.51 2.75
N GLU A 675 -47.13 4.40 4.06
CA GLU A 675 -48.49 4.32 4.62
C GLU A 675 -49.10 5.71 4.88
N GLU A 676 -48.95 6.62 3.93
CA GLU A 676 -49.36 8.00 4.11
C GLU A 676 -50.82 8.02 3.73
N ASP A 677 -51.17 7.24 2.71
CA ASP A 677 -52.51 7.26 2.13
C ASP A 677 -53.58 7.21 3.24
N LYS A 678 -53.39 6.34 4.24
CA LYS A 678 -54.26 6.35 5.43
C LYS A 678 -53.54 6.86 6.69
N ILE A 679 -54.26 7.58 7.55
CA ILE A 679 -53.72 8.18 8.78
C ILE A 679 -54.73 8.06 9.92
N PRO A 680 -54.27 7.88 11.16
CA PRO A 680 -55.14 7.99 12.35
C PRO A 680 -55.65 9.40 12.62
N LYS A 681 -56.96 9.54 12.81
CA LYS A 681 -57.60 10.85 12.96
C LYS A 681 -57.16 11.47 14.29
N LYS A 682 -57.02 10.64 15.33
CA LYS A 682 -56.76 11.14 16.68
C LYS A 682 -55.34 11.72 16.86
N SER A 683 -54.33 11.04 16.33
CA SER A 683 -52.93 11.43 16.54
C SER A 683 -52.49 12.60 15.66
N SER A 684 -53.13 12.73 14.50
CA SER A 684 -52.75 13.74 13.52
C SER A 684 -53.19 15.14 13.93
N VAL A 685 -52.38 16.12 13.55
CA VAL A 685 -52.69 17.54 13.77
C VAL A 685 -52.25 18.35 12.53
N ARG A 686 -53.15 19.20 12.05
CA ARG A 686 -52.92 19.93 10.80
C ARG A 686 -53.09 21.44 10.98
N LEU A 687 -52.24 22.20 10.29
CA LEU A 687 -52.26 23.64 10.34
C LEU A 687 -51.98 24.22 8.94
N LEU A 688 -52.95 24.93 8.38
CA LEU A 688 -52.83 25.42 7.00
C LEU A 688 -51.94 26.67 6.89
N ILE A 689 -51.35 26.85 5.70
CA ILE A 689 -50.42 27.98 5.42
C ILE A 689 -50.63 28.58 3.99
N ARG A 690 -49.88 29.66 3.60
CA ARG A 690 -50.17 30.25 2.32
C ARG A 690 -48.88 30.46 1.60
N LYS A 691 -48.92 30.31 0.28
CA LYS A 691 -47.78 30.67 -0.53
C LYS A 691 -48.15 31.97 -1.26
N VAL A 692 -47.96 33.08 -0.54
CA VAL A 692 -48.37 34.39 -1.02
C VAL A 692 -47.26 35.07 -1.81
N GLN A 693 -47.64 35.82 -2.83
CA GLN A 693 -46.69 36.56 -3.66
C GLN A 693 -46.83 38.07 -3.44
N HIS A 694 -45.76 38.69 -2.95
CA HIS A 694 -45.70 40.15 -2.85
C HIS A 694 -45.25 40.73 -4.18
N ALA A 695 -45.56 42.01 -4.42
CA ALA A 695 -45.14 42.68 -5.64
C ALA A 695 -43.64 42.90 -5.66
N PRO A 696 -43.02 42.68 -6.82
CA PRO A 696 -41.56 42.83 -6.97
C PRO A 696 -41.12 44.29 -6.86
N PRO A 697 -39.87 44.50 -6.41
CA PRO A 697 -39.39 45.86 -6.16
C PRO A 697 -39.35 46.75 -7.39
N GLU A 698 -38.91 46.23 -8.52
CA GLU A 698 -38.85 46.99 -9.78
C GLU A 698 -40.08 46.81 -10.62
N MET A 699 -40.76 47.90 -10.94
CA MET A 699 -41.96 47.84 -11.76
C MET A 699 -41.63 47.62 -13.23
N GLY A 700 -42.52 46.89 -13.91
CA GLY A 700 -42.37 46.64 -15.34
C GLY A 700 -42.54 47.93 -16.13
N PRO A 701 -42.49 47.83 -17.46
CA PRO A 701 -42.63 49.00 -18.34
C PRO A 701 -44.03 49.57 -18.33
N GLN A 702 -44.10 50.83 -18.54
CA GLN A 702 -45.39 51.49 -18.54
C GLN A 702 -46.28 50.94 -19.66
N PRO A 703 -47.41 50.29 -19.30
CA PRO A 703 -48.26 49.70 -20.33
C PRO A 703 -48.84 50.73 -21.30
N SER A 704 -48.68 50.49 -22.59
CA SER A 704 -49.26 51.37 -23.60
C SER A 704 -49.67 50.57 -24.84
N ALA A 705 -50.91 50.09 -24.84
CA ALA A 705 -51.44 49.33 -25.96
C ALA A 705 -51.93 50.25 -27.06
N GLU A 706 -51.95 49.75 -28.29
CA GLU A 706 -52.42 50.53 -29.43
C GLU A 706 -53.00 49.61 -30.51
N ALA A 707 -54.12 50.02 -31.11
CA ALA A 707 -54.77 49.24 -32.15
C ALA A 707 -55.65 50.11 -33.05
N SER A 708 -55.71 49.76 -34.33
CA SER A 708 -56.53 50.48 -35.30
C SER A 708 -57.62 49.57 -35.83
N TRP A 709 -58.65 50.18 -36.43
CA TRP A 709 -59.77 49.42 -36.97
C TRP A 709 -60.30 49.96 -38.30
N GLN A 710 -60.97 49.08 -39.05
CA GLN A 710 -61.66 49.43 -40.29
C GLN A 710 -63.07 48.86 -40.28
N PHE A 711 -63.87 49.21 -41.29
CA PHE A 711 -65.25 48.75 -41.37
C PHE A 711 -65.61 48.25 -42.78
N PHE A 712 -66.77 47.59 -42.89
CA PHE A 712 -67.16 46.92 -44.13
C PHE A 712 -67.40 47.87 -45.33
N MET A 713 -68.00 49.03 -45.07
CA MET A 713 -68.23 50.03 -46.10
C MET A 713 -67.13 51.08 -46.09
N SER A 714 -67.02 51.81 -44.97
CA SER A 714 -66.01 52.85 -44.83
C SER A 714 -64.62 52.24 -44.58
N ASP A 715 -63.67 52.58 -45.44
CA ASP A 715 -62.31 52.06 -45.36
C ASP A 715 -61.36 52.99 -44.59
N LYS A 716 -61.91 54.03 -43.96
CA LYS A 716 -61.11 54.96 -43.16
C LYS A 716 -60.60 54.29 -41.89
N PRO A 717 -59.42 54.73 -41.39
CA PRO A 717 -58.85 54.16 -40.17
C PRO A 717 -59.41 54.78 -38.89
N LEU A 718 -59.52 53.96 -37.84
CA LEU A 718 -59.91 54.46 -36.52
C LEU A 718 -58.84 54.08 -35.52
N ASN A 719 -57.92 55.02 -35.27
CA ASN A 719 -56.77 54.73 -34.40
C ASN A 719 -57.11 54.92 -32.92
N LEU A 720 -56.86 53.88 -32.14
CA LEU A 720 -57.06 53.94 -30.68
C LEU A 720 -55.75 53.60 -29.97
N SER A 721 -55.44 54.35 -28.92
CA SER A 721 -54.24 54.10 -28.13
C SER A 721 -54.54 54.22 -26.63
N VAL A 722 -54.23 53.16 -25.89
CA VAL A 722 -54.45 53.11 -24.45
C VAL A 722 -53.12 53.27 -23.72
N SER A 723 -53.15 53.82 -22.51
CA SER A 723 -51.95 53.96 -21.70
C SER A 723 -52.28 54.01 -20.20
N LEU A 724 -51.47 53.34 -19.39
CA LEU A 724 -51.67 53.29 -17.94
C LEU A 724 -50.53 54.00 -17.21
N SER A 725 -50.71 54.18 -15.90
CA SER A 725 -49.70 54.83 -15.07
C SER A 725 -48.58 53.86 -14.69
N LYS A 726 -48.97 52.68 -14.22
CA LYS A 726 -48.04 51.67 -13.74
C LYS A 726 -48.27 50.32 -14.41
N GLU A 727 -47.25 49.47 -14.37
CA GLU A 727 -47.38 48.08 -14.79
C GLU A 727 -47.96 47.27 -13.63
N ILE A 728 -47.42 47.53 -12.44
CA ILE A 728 -47.91 46.91 -11.21
C ILE A 728 -48.72 47.90 -10.39
N TYR A 729 -50.03 47.67 -10.32
CA TYR A 729 -50.91 48.38 -9.39
C TYR A 729 -51.02 47.48 -8.21
N PHE A 730 -51.36 48.11 -7.05
CA PHE A 730 -51.56 47.48 -5.73
C PHE A 730 -53.05 47.45 -5.40
N HIS A 731 -53.40 46.73 -4.34
CA HIS A 731 -54.79 46.59 -3.93
C HIS A 731 -55.35 47.86 -3.31
N GLY A 732 -56.49 48.31 -3.80
CA GLY A 732 -57.11 49.54 -3.33
C GLY A 732 -56.51 50.80 -3.91
N GLU A 733 -55.77 50.66 -4.99
CA GLU A 733 -55.12 51.78 -5.68
C GLU A 733 -55.99 52.24 -6.84
N PRO A 734 -56.05 53.55 -7.09
CA PRO A 734 -56.76 54.04 -8.29
C PRO A 734 -56.03 53.66 -9.57
N ILE A 735 -56.80 53.34 -10.62
CA ILE A 735 -56.23 52.93 -11.90
C ILE A 735 -56.66 53.89 -13.00
N PRO A 736 -55.86 54.95 -13.24
CA PRO A 736 -56.20 55.90 -14.30
C PRO A 736 -55.88 55.35 -15.69
N VAL A 737 -56.92 55.13 -16.48
CA VAL A 737 -56.76 54.60 -17.83
C VAL A 737 -56.88 55.76 -18.81
N THR A 738 -55.72 56.25 -19.25
CA THR A 738 -55.69 57.39 -20.14
C THR A 738 -55.92 56.92 -21.56
N VAL A 739 -57.19 56.86 -21.95
CA VAL A 739 -57.58 56.49 -23.31
C VAL A 739 -57.43 57.67 -24.25
N THR A 740 -56.90 57.40 -25.44
CA THR A 740 -56.74 58.42 -26.47
C THR A 740 -57.27 57.89 -27.80
N VAL A 741 -58.35 58.50 -28.28
CA VAL A 741 -59.01 58.04 -29.50
C VAL A 741 -59.01 59.13 -30.56
N THR A 742 -58.38 58.83 -31.70
CA THR A 742 -58.33 59.77 -32.82
C THR A 742 -59.19 59.24 -33.98
N ASN A 743 -60.37 59.87 -34.14
CA ASN A 743 -61.34 59.40 -35.12
C ASN A 743 -61.18 60.07 -36.48
N ASN A 744 -60.89 59.25 -37.49
CA ASN A 744 -60.84 59.68 -38.88
C ASN A 744 -61.92 59.03 -39.76
N THR A 745 -62.86 58.31 -39.14
CA THR A 745 -63.89 57.60 -39.89
C THR A 745 -65.17 58.41 -40.00
N ASP A 746 -66.07 57.94 -40.85
CA ASP A 746 -67.34 58.62 -41.06
C ASP A 746 -68.30 58.37 -39.91
N LYS A 747 -68.20 57.22 -39.26
CA LYS A 747 -69.10 56.83 -38.19
C LYS A 747 -68.90 57.62 -36.90
N VAL A 748 -69.96 57.69 -36.10
CA VAL A 748 -69.92 58.25 -34.77
C VAL A 748 -69.87 57.08 -33.77
N VAL A 749 -69.17 57.31 -32.72
CA VAL A 749 -68.98 56.43 -31.55
C VAL A 749 -70.10 56.73 -30.57
N LYS A 750 -70.74 55.73 -30.00
CA LYS A 750 -71.82 55.97 -29.04
C LYS A 750 -71.29 56.34 -27.67
N LYS A 751 -70.40 55.48 -27.15
CA LYS A 751 -69.82 55.69 -25.82
C LYS A 751 -68.49 54.96 -25.65
N ILE A 752 -67.77 55.32 -24.59
CA ILE A 752 -66.48 54.67 -24.31
C ILE A 752 -66.52 54.02 -22.93
N LYS A 753 -66.43 52.69 -22.90
CA LYS A 753 -66.51 51.94 -21.64
C LYS A 753 -65.18 51.26 -21.32
N VAL A 754 -64.70 51.45 -20.10
CA VAL A 754 -63.50 50.79 -19.61
C VAL A 754 -63.88 49.76 -18.55
N SER A 755 -63.13 48.66 -18.50
CA SER A 755 -63.43 47.59 -17.55
C SER A 755 -62.18 46.88 -17.05
N VAL A 756 -62.07 46.75 -15.73
CA VAL A 756 -61.02 45.97 -15.09
C VAL A 756 -61.50 44.56 -15.01
N GLU A 757 -61.03 43.73 -15.95
CA GLU A 757 -61.47 42.35 -16.05
C GLU A 757 -60.53 41.38 -15.41
N GLN A 758 -61.14 40.50 -14.57
CA GLN A 758 -60.23 39.48 -14.00
C GLN A 758 -60.25 38.18 -14.80
N ILE A 759 -59.11 37.79 -15.39
CA ILE A 759 -59.07 36.52 -16.11
C ILE A 759 -58.78 35.41 -15.15
N ALA A 760 -59.82 34.56 -14.92
CA ALA A 760 -59.44 33.39 -14.04
C ALA A 760 -58.96 32.20 -14.86
N ASN A 761 -57.63 31.95 -14.94
CA ASN A 761 -57.08 30.80 -15.68
C ASN A 761 -57.05 29.59 -14.79
N VAL A 762 -58.12 28.77 -14.94
CA VAL A 762 -58.05 27.57 -14.03
C VAL A 762 -57.46 26.39 -14.80
N VAL A 763 -56.46 25.70 -14.19
CA VAL A 763 -55.81 24.50 -14.76
C VAL A 763 -55.78 23.37 -13.73
N LEU A 764 -56.36 22.23 -14.08
CA LEU A 764 -56.34 21.04 -13.23
C LEU A 764 -56.09 19.80 -14.10
N TYR A 765 -57.02 19.53 -15.00
CA TYR A 765 -56.89 18.45 -15.99
C TYR A 765 -56.52 19.05 -17.34
N SER A 766 -57.24 20.10 -17.73
CA SER A 766 -56.96 20.83 -18.96
C SER A 766 -56.92 22.34 -18.72
N SER A 767 -56.29 23.07 -19.62
CA SER A 767 -56.19 24.52 -19.49
C SER A 767 -57.54 25.16 -19.82
N ASP A 768 -58.16 25.76 -18.81
CA ASP A 768 -59.46 26.39 -18.95
C ASP A 768 -59.38 27.79 -18.35
N TYR A 769 -59.40 28.74 -19.22
CA TYR A 769 -59.41 30.19 -18.89
C TYR A 769 -60.81 30.56 -18.42
N TYR A 770 -60.98 31.54 -17.55
CA TYR A 770 -62.32 32.06 -17.20
C TYR A 770 -62.19 33.55 -16.98
N VAL A 771 -62.69 34.29 -17.92
CA VAL A 771 -62.66 35.80 -17.91
C VAL A 771 -63.82 36.25 -17.08
N LYS A 772 -63.72 37.34 -16.31
CA LYS A 772 -64.83 38.00 -15.60
C LYS A 772 -64.51 39.49 -15.39
N PRO A 773 -65.51 40.37 -15.44
CA PRO A 773 -65.26 41.78 -15.10
C PRO A 773 -65.16 41.98 -13.60
N VAL A 774 -64.43 42.95 -13.09
CA VAL A 774 -64.40 43.26 -11.66
C VAL A 774 -64.99 44.65 -11.45
N ALA A 775 -64.30 45.63 -12.05
CA ALA A 775 -64.75 47.02 -11.98
C ALA A 775 -64.99 47.56 -13.38
N SER A 776 -65.95 48.46 -13.53
CA SER A 776 -66.26 49.01 -14.85
C SER A 776 -66.82 50.42 -14.78
N GLU A 777 -66.27 51.33 -15.58
CA GLU A 777 -66.78 52.70 -15.67
C GLU A 777 -66.86 53.11 -17.13
N GLU A 778 -67.90 53.88 -17.48
CA GLU A 778 -68.12 54.29 -18.87
C GLU A 778 -68.56 55.75 -18.96
N THR A 779 -68.02 56.45 -19.96
CA THR A 779 -68.35 57.85 -20.19
C THR A 779 -69.40 58.00 -21.29
N GLN A 780 -70.21 59.06 -21.17
CA GLN A 780 -71.31 59.34 -22.09
C GLN A 780 -70.89 60.21 -23.27
N GLU A 781 -69.64 60.67 -23.26
CA GLU A 781 -69.11 61.52 -24.32
C GLU A 781 -69.04 60.79 -25.66
N LYS A 782 -69.16 61.54 -26.75
CA LYS A 782 -69.14 60.98 -28.10
C LYS A 782 -68.08 61.64 -28.96
N VAL A 783 -67.36 60.83 -29.73
CA VAL A 783 -66.31 61.31 -30.62
C VAL A 783 -66.86 61.51 -32.02
N GLN A 784 -66.75 62.74 -32.54
CA GLN A 784 -67.27 63.08 -33.86
C GLN A 784 -66.30 62.66 -34.97
N PRO A 785 -66.77 62.64 -36.22
CA PRO A 785 -65.87 62.41 -37.36
C PRO A 785 -64.80 63.48 -37.50
N ASN A 786 -63.57 63.07 -37.83
CA ASN A 786 -62.43 63.97 -37.96
C ASN A 786 -62.16 64.76 -36.68
N SER A 787 -62.38 64.10 -35.54
CA SER A 787 -62.19 64.74 -34.24
C SER A 787 -61.49 63.79 -33.27
N THR A 788 -60.58 64.33 -32.48
CA THR A 788 -59.79 63.55 -31.54
C THR A 788 -60.25 63.81 -30.10
N LEU A 789 -59.99 62.86 -29.22
CA LEU A 789 -60.35 62.99 -27.81
C LEU A 789 -59.32 62.31 -26.90
N THR A 790 -59.02 62.96 -25.79
CA THR A 790 -58.10 62.42 -24.79
C THR A 790 -58.76 62.49 -23.42
N LYS A 791 -59.19 61.33 -22.91
CA LYS A 791 -59.85 61.26 -21.61
C LYS A 791 -59.13 60.25 -20.73
N THR A 792 -59.19 60.44 -19.42
CA THR A 792 -58.60 59.49 -18.48
C THR A 792 -59.59 59.07 -17.40
N LEU A 793 -60.08 57.85 -17.50
CA LEU A 793 -61.06 57.32 -16.54
C LEU A 793 -60.39 56.52 -15.45
N VAL A 794 -60.77 56.78 -14.19
CA VAL A 794 -60.20 56.05 -13.07
C VAL A 794 -61.12 54.91 -12.67
N LEU A 795 -60.52 53.77 -12.34
CA LEU A 795 -61.29 52.60 -11.88
C LEU A 795 -60.72 52.06 -10.58
N VAL A 796 -61.62 51.65 -9.68
CA VAL A 796 -61.25 51.18 -8.35
C VAL A 796 -61.75 49.77 -8.10
N PRO A 797 -60.95 48.74 -8.44
CA PRO A 797 -61.38 47.36 -8.20
C PRO A 797 -61.33 46.99 -6.71
N LEU A 798 -62.49 46.65 -6.16
CA LEU A 798 -62.60 46.30 -4.74
C LEU A 798 -63.45 45.06 -4.55
N LEU A 799 -63.24 44.37 -3.43
CA LEU A 799 -63.98 43.16 -3.11
C LEU A 799 -65.40 43.49 -2.65
N ALA A 800 -65.53 44.57 -1.88
CA ALA A 800 -66.82 44.98 -1.30
C ALA A 800 -67.89 45.20 -2.37
N ASN A 801 -67.52 45.85 -3.46
CA ASN A 801 -68.45 46.09 -4.56
C ASN A 801 -68.75 44.83 -5.36
N ASN A 802 -67.81 43.89 -5.36
CA ASN A 802 -67.95 42.62 -6.08
C ASN A 802 -68.45 41.46 -5.22
N ARG A 803 -69.05 41.76 -4.08
CA ARG A 803 -69.62 40.71 -3.22
C ARG A 803 -70.88 40.10 -3.84
N GLU A 804 -71.24 38.91 -3.35
CA GLU A 804 -72.42 38.18 -3.81
C GLU A 804 -72.34 37.81 -5.30
N ARG A 805 -71.19 37.30 -5.71
CA ARG A 805 -70.95 36.89 -7.10
C ARG A 805 -70.20 35.56 -7.17
N ARG A 806 -70.63 34.68 -8.07
CA ARG A 806 -70.02 33.37 -8.26
C ARG A 806 -68.83 33.46 -9.20
N GLY A 807 -67.73 32.77 -8.86
CA GLY A 807 -66.60 32.65 -9.74
C GLY A 807 -65.50 33.66 -9.52
N ILE A 808 -65.71 34.55 -8.55
CA ILE A 808 -64.67 35.58 -8.31
C ILE A 808 -63.49 35.02 -7.52
N ALA A 809 -62.29 35.06 -8.08
CA ALA A 809 -61.11 34.53 -7.40
C ALA A 809 -60.61 35.48 -6.31
N LEU A 810 -60.35 34.94 -5.13
CA LEU A 810 -59.86 35.70 -3.98
C LEU A 810 -58.56 35.11 -3.47
N ASP A 811 -57.82 35.89 -2.70
CA ASP A 811 -56.65 35.38 -1.98
C ASP A 811 -57.11 34.42 -0.88
N GLY A 812 -56.35 33.35 -0.67
CA GLY A 812 -56.74 32.30 0.26
C GLY A 812 -56.99 32.73 1.69
N LYS A 813 -58.19 32.47 2.19
CA LYS A 813 -58.55 32.78 3.57
C LYS A 813 -57.93 31.78 4.55
N ILE A 814 -57.61 32.25 5.76
CA ILE A 814 -57.05 31.40 6.81
C ILE A 814 -58.17 30.64 7.53
N LYS A 815 -59.09 31.38 8.15
CA LYS A 815 -60.22 30.78 8.82
C LYS A 815 -61.45 31.67 8.73
N HIS A 816 -62.13 31.60 7.59
CA HIS A 816 -63.37 32.31 7.33
C HIS A 816 -63.28 33.83 7.55
N GLU A 817 -62.08 34.39 7.51
CA GLU A 817 -61.92 35.82 7.75
C GLU A 817 -62.02 36.63 6.47
N ASP A 818 -62.06 37.95 6.60
CA ASP A 818 -62.16 38.84 5.44
C ASP A 818 -60.84 38.90 4.70
N THR A 819 -60.92 38.88 3.38
CA THR A 819 -59.74 38.90 2.51
C THR A 819 -59.91 39.95 1.42
N ASN A 820 -59.08 39.87 0.38
CA ASN A 820 -59.14 40.80 -0.74
C ASN A 820 -59.15 40.04 -2.07
N LEU A 821 -59.25 40.77 -3.17
CA LEU A 821 -59.26 40.17 -4.51
C LEU A 821 -57.96 39.41 -4.78
N ALA A 822 -58.05 38.34 -5.57
CA ALA A 822 -56.90 37.47 -5.82
C ALA A 822 -55.73 38.23 -6.42
N SER A 823 -54.52 37.87 -5.98
CA SER A 823 -53.30 38.49 -6.47
C SER A 823 -52.92 37.94 -7.84
N SER A 824 -52.23 38.77 -8.63
CA SER A 824 -51.78 38.35 -9.95
C SER A 824 -50.65 37.33 -9.83
N THR A 825 -50.88 36.13 -10.35
CA THR A 825 -49.91 35.04 -10.22
C THR A 825 -48.72 35.25 -11.15
N ILE A 826 -47.52 34.95 -10.64
CA ILE A 826 -46.29 35.06 -11.41
C ILE A 826 -45.67 33.68 -11.58
N ILE A 827 -45.20 33.39 -12.78
CA ILE A 827 -44.56 32.11 -13.09
C ILE A 827 -43.09 32.33 -13.43
N LYS A 828 -42.23 31.41 -12.97
CA LYS A 828 -40.79 31.50 -13.20
C LYS A 828 -40.45 31.22 -14.67
N GLU A 829 -39.41 31.89 -15.18
CA GLU A 829 -39.08 31.86 -16.60
C GLU A 829 -38.45 30.54 -17.04
N GLY A 830 -39.03 29.94 -18.08
CA GLY A 830 -38.46 28.77 -18.72
C GLY A 830 -38.35 27.53 -17.85
N ILE A 831 -39.37 27.27 -17.04
CA ILE A 831 -39.39 26.09 -16.18
C ILE A 831 -39.74 24.82 -16.96
N ASP A 832 -39.42 23.68 -16.37
CA ASP A 832 -39.62 22.38 -17.01
C ASP A 832 -41.09 21.95 -16.96
N ARG A 833 -41.60 21.79 -15.74
CA ARG A 833 -42.95 21.27 -15.53
C ARG A 833 -44.03 22.32 -15.70
N THR A 834 -45.23 21.89 -16.08
CA THR A 834 -46.38 22.78 -16.22
C THR A 834 -46.93 23.17 -14.85
N VAL A 835 -47.45 24.40 -14.74
CA VAL A 835 -47.97 24.89 -13.48
C VAL A 835 -49.47 24.62 -13.38
N MET A 836 -49.82 23.65 -12.55
CA MET A 836 -51.22 23.33 -12.25
C MET A 836 -51.75 24.24 -11.15
N GLY A 837 -53.07 24.34 -11.06
CA GLY A 837 -53.72 25.18 -10.06
C GLY A 837 -54.43 26.38 -10.64
N ILE A 838 -54.95 27.24 -9.76
CA ILE A 838 -55.68 28.43 -10.18
C ILE A 838 -54.72 29.59 -10.39
N LEU A 839 -54.50 29.93 -11.66
CA LEU A 839 -53.66 31.07 -12.02
C LEU A 839 -54.55 32.27 -12.29
N VAL A 840 -54.10 33.45 -11.85
CA VAL A 840 -54.90 34.67 -11.95
C VAL A 840 -54.12 35.78 -12.65
N SER A 841 -54.82 36.61 -13.42
CA SER A 841 -54.22 37.77 -14.08
C SER A 841 -55.21 38.88 -14.40
N TYR A 842 -54.80 40.15 -14.30
CA TYR A 842 -55.75 41.22 -14.58
C TYR A 842 -55.44 41.97 -15.89
N HIS A 843 -56.46 42.55 -16.52
CA HIS A 843 -56.23 43.37 -17.71
C HIS A 843 -57.31 44.45 -17.86
N ILE A 844 -56.89 45.63 -18.29
CA ILE A 844 -57.79 46.74 -18.57
C ILE A 844 -58.32 46.59 -19.99
N LYS A 845 -59.63 46.37 -20.10
CA LYS A 845 -60.27 46.19 -21.40
C LYS A 845 -61.17 47.37 -21.72
N VAL A 846 -60.70 48.23 -22.61
CA VAL A 846 -61.52 49.32 -23.12
C VAL A 846 -62.33 48.84 -24.33
N LYS A 847 -63.60 49.22 -24.38
CA LYS A 847 -64.48 48.89 -25.50
C LYS A 847 -65.23 50.13 -25.97
N LEU A 848 -65.23 50.32 -27.28
CA LEU A 848 -65.90 51.45 -27.90
C LEU A 848 -67.22 50.99 -28.52
N THR A 849 -68.32 51.46 -27.94
CA THR A 849 -69.62 51.26 -28.56
C THR A 849 -69.71 52.30 -29.66
N VAL A 850 -69.64 51.84 -30.91
CA VAL A 850 -69.60 52.74 -32.05
C VAL A 850 -70.97 52.81 -32.69
N SER A 851 -71.54 54.04 -32.76
CA SER A 851 -72.84 54.06 -33.45
C SER A 851 -72.57 54.03 -34.95
N GLY A 852 -72.78 52.84 -35.57
CA GLY A 852 -72.59 52.54 -36.98
C GLY A 852 -73.82 52.76 -37.83
N PHE A 853 -73.96 52.05 -38.97
CA PHE A 853 -75.11 52.25 -39.86
C PHE A 853 -76.39 51.65 -39.31
N LEU A 857 -79.42 52.18 -36.22
CA LEU A 857 -79.93 51.27 -35.21
C LEU A 857 -78.90 50.26 -34.73
N THR A 858 -78.23 49.59 -35.67
CA THR A 858 -77.18 48.66 -35.29
C THR A 858 -75.93 49.33 -34.75
N SER A 859 -75.33 48.72 -33.73
CA SER A 859 -74.14 49.25 -33.08
C SER A 859 -72.94 48.28 -33.11
N SER A 860 -71.80 48.72 -33.63
CA SER A 860 -70.59 47.87 -33.65
C SER A 860 -69.75 48.07 -32.38
N GLU A 861 -69.39 46.99 -31.69
CA GLU A 861 -68.60 47.13 -30.46
C GLU A 861 -67.17 46.63 -30.62
N VAL A 862 -66.24 47.54 -30.93
CA VAL A 862 -64.82 47.22 -31.00
C VAL A 862 -64.15 47.35 -29.63
N ALA A 863 -63.12 46.55 -29.35
CA ALA A 863 -62.47 46.59 -28.04
C ALA A 863 -61.04 46.06 -28.08
N THR A 864 -60.22 46.55 -27.15
CA THR A 864 -58.83 46.10 -27.01
C THR A 864 -58.46 45.95 -25.53
N GLU A 865 -57.43 45.15 -25.27
CA GLU A 865 -57.01 44.83 -23.91
C GLU A 865 -55.56 45.22 -23.64
N VAL A 866 -55.24 45.47 -22.38
CA VAL A 866 -53.85 45.65 -21.96
C VAL A 866 -53.66 45.04 -20.55
N PRO A 867 -52.62 44.21 -20.37
CA PRO A 867 -52.45 43.53 -19.07
C PRO A 867 -51.82 44.39 -17.97
N PHE A 868 -52.13 44.08 -16.70
CA PHE A 868 -51.49 44.72 -15.53
C PHE A 868 -51.54 43.80 -14.27
N ARG A 869 -50.95 44.25 -13.11
CA ARG A 869 -50.85 43.34 -12.01
C ARG A 869 -51.48 43.97 -10.82
N LEU A 870 -52.14 43.15 -10.02
CA LEU A 870 -52.71 43.58 -8.77
C LEU A 870 -52.14 42.70 -7.65
N MET A 871 -51.28 43.28 -6.82
CA MET A 871 -50.58 42.54 -5.77
C MET A 871 -50.38 43.39 -4.52
N HIS A 872 -50.01 42.74 -3.42
CA HIS A 872 -49.74 43.43 -2.16
C HIS A 872 -48.37 44.09 -2.20
N PRO A 873 -48.18 45.16 -1.40
CA PRO A 873 -46.88 45.84 -1.30
C PRO A 873 -45.91 45.13 -0.37
N GLN A 874 -44.63 45.45 -0.50
CA GLN A 874 -43.59 44.86 0.34
C GLN A 874 -43.60 45.53 1.72
N PRO A 875 -43.85 44.73 2.78
CA PRO A 875 -43.89 45.30 4.14
C PRO A 875 -42.49 45.53 4.71
N MET B 161 -42.62 -69.18 -54.19
CA MET B 161 -42.45 -68.16 -53.17
C MET B 161 -41.89 -68.90 -51.98
N CYS B 162 -40.78 -68.40 -51.44
CA CYS B 162 -40.04 -69.09 -50.40
C CYS B 162 -40.85 -69.30 -49.14
N GLY B 163 -41.18 -68.21 -48.48
CA GLY B 163 -41.90 -68.18 -47.23
C GLY B 163 -43.37 -67.98 -47.51
N THR B 164 -44.09 -67.55 -46.49
CA THR B 164 -45.52 -67.24 -46.62
C THR B 164 -45.76 -65.75 -46.43
N GLU B 165 -46.11 -65.07 -47.52
CA GLU B 165 -46.35 -63.63 -47.49
C GLU B 165 -47.70 -63.33 -46.85
N GLY B 166 -47.87 -62.09 -46.41
CA GLY B 166 -49.11 -61.65 -45.78
C GLY B 166 -49.33 -60.16 -45.89
N PRO B 167 -50.47 -59.68 -45.36
CA PRO B 167 -50.76 -58.24 -45.42
C PRO B 167 -49.86 -57.42 -44.48
N ASN B 168 -49.70 -57.89 -43.25
CA ASN B 168 -48.91 -57.20 -42.22
C ASN B 168 -47.74 -58.02 -41.64
N PHE B 169 -47.37 -59.11 -42.31
CA PHE B 169 -46.33 -60.00 -41.78
C PHE B 169 -45.70 -60.89 -42.85
N TYR B 170 -44.59 -61.53 -42.47
CA TYR B 170 -43.91 -62.51 -43.31
C TYR B 170 -43.36 -63.66 -42.49
N VAL B 171 -43.93 -64.84 -42.67
CA VAL B 171 -43.46 -66.05 -41.99
C VAL B 171 -42.44 -66.76 -42.88
N PRO B 172 -41.24 -67.05 -42.35
CA PRO B 172 -40.24 -67.78 -43.12
C PRO B 172 -40.44 -69.29 -43.04
N PHE B 173 -41.54 -69.77 -43.61
CA PHE B 173 -41.88 -71.18 -43.62
C PHE B 173 -42.89 -71.47 -44.74
N SER B 174 -42.81 -72.66 -45.32
CA SER B 174 -43.66 -73.02 -46.46
C SER B 174 -45.09 -73.36 -46.03
N ASN B 175 -46.06 -72.82 -46.77
CA ASN B 175 -47.49 -73.12 -46.55
C ASN B 175 -48.01 -74.17 -47.54
N ALA B 176 -47.09 -74.92 -48.15
CA ALA B 176 -47.46 -75.99 -49.07
C ALA B 176 -48.16 -77.15 -48.35
N THR B 177 -47.67 -77.45 -47.14
CA THR B 177 -48.28 -78.47 -46.28
C THR B 177 -49.66 -78.03 -45.78
N GLY B 178 -49.82 -76.72 -45.60
CA GLY B 178 -51.06 -76.12 -45.14
C GLY B 178 -51.16 -75.99 -43.63
N VAL B 179 -50.08 -75.47 -43.04
CA VAL B 179 -50.02 -75.26 -41.59
C VAL B 179 -49.87 -73.80 -41.14
N VAL B 180 -49.57 -72.89 -42.08
CA VAL B 180 -49.25 -71.51 -41.73
C VAL B 180 -50.52 -70.71 -41.43
N ARG B 181 -50.53 -70.05 -40.28
CA ARG B 181 -51.62 -69.15 -39.90
C ARG B 181 -51.03 -67.82 -39.42
N SER B 182 -51.89 -66.82 -39.22
CA SER B 182 -51.45 -65.47 -38.86
C SER B 182 -50.73 -65.42 -37.52
N PRO B 183 -49.58 -64.72 -37.46
CA PRO B 183 -48.88 -64.48 -36.20
C PRO B 183 -49.66 -63.58 -35.22
N PHE B 184 -50.61 -62.80 -35.74
CA PHE B 184 -51.44 -61.94 -34.90
C PHE B 184 -52.69 -62.65 -34.37
N GLU B 185 -52.84 -63.93 -34.69
CA GLU B 185 -54.02 -64.70 -34.30
C GLU B 185 -53.66 -66.01 -33.60
N TYR B 186 -52.98 -66.90 -34.31
CA TYR B 186 -52.71 -68.27 -33.84
C TYR B 186 -51.24 -68.46 -33.44
N PRO B 187 -50.96 -69.52 -32.64
CA PRO B 187 -49.57 -69.82 -32.27
C PRO B 187 -48.66 -70.15 -33.45
N GLN B 188 -47.36 -70.01 -33.24
CA GLN B 188 -46.33 -70.22 -34.25
C GLN B 188 -45.38 -71.39 -33.94
N TYR B 189 -45.90 -72.44 -33.31
CA TYR B 189 -45.07 -73.57 -32.91
C TYR B 189 -44.57 -74.44 -34.06
N TYR B 190 -45.12 -74.24 -35.27
CA TYR B 190 -44.65 -74.96 -36.45
C TYR B 190 -43.29 -74.45 -36.96
N LEU B 191 -42.95 -73.20 -36.64
CA LEU B 191 -41.67 -72.62 -37.06
C LEU B 191 -40.48 -73.34 -36.42
N ALA B 192 -40.48 -73.40 -35.10
CA ALA B 192 -39.41 -74.03 -34.35
C ALA B 192 -39.98 -74.79 -33.16
N GLU B 193 -39.12 -75.52 -32.44
CA GLU B 193 -39.54 -76.32 -31.30
C GLU B 193 -40.14 -75.43 -30.20
N PRO B 194 -41.17 -75.92 -29.50
CA PRO B 194 -41.82 -75.16 -28.41
C PRO B 194 -40.87 -74.74 -27.26
N TRP B 195 -39.85 -75.56 -27.00
CA TRP B 195 -38.89 -75.24 -25.94
C TRP B 195 -38.01 -74.03 -26.28
N GLN B 196 -37.85 -73.74 -27.57
CA GLN B 196 -37.10 -72.55 -28.00
C GLN B 196 -37.88 -71.25 -27.76
N PHE B 197 -39.20 -71.35 -27.66
CA PHE B 197 -40.02 -70.21 -27.27
C PHE B 197 -39.87 -69.95 -25.77
N SER B 198 -39.73 -71.04 -25.00
CA SER B 198 -39.42 -70.90 -23.58
C SER B 198 -38.01 -70.33 -23.36
N MET B 199 -37.09 -70.68 -24.25
CA MET B 199 -35.75 -70.11 -24.27
C MET B 199 -35.78 -68.61 -24.50
N LEU B 200 -36.63 -68.18 -25.44
CA LEU B 200 -36.80 -66.76 -25.73
C LEU B 200 -37.40 -66.01 -24.53
N ALA B 201 -38.33 -66.67 -23.84
CA ALA B 201 -38.92 -66.12 -22.62
C ALA B 201 -37.88 -65.99 -21.51
N ALA B 202 -37.02 -67.01 -21.40
CA ALA B 202 -35.94 -67.00 -20.41
C ALA B 202 -34.87 -65.95 -20.76
N TYR B 203 -34.63 -65.76 -22.05
CA TYR B 203 -33.65 -64.79 -22.52
C TYR B 203 -34.11 -63.35 -22.30
N MET B 204 -35.36 -63.07 -22.64
CA MET B 204 -35.93 -61.73 -22.45
C MET B 204 -36.08 -61.41 -20.95
N PHE B 205 -36.31 -62.45 -20.15
CA PHE B 205 -36.33 -62.30 -18.70
C PHE B 205 -34.95 -61.87 -18.19
N LEU B 206 -33.91 -62.50 -18.73
CA LEU B 206 -32.53 -62.17 -18.36
C LEU B 206 -32.16 -60.73 -18.72
N LEU B 207 -32.65 -60.27 -19.87
CA LEU B 207 -32.38 -58.89 -20.32
C LEU B 207 -33.09 -57.85 -19.46
N ILE B 208 -34.27 -58.18 -18.95
CA ILE B 208 -35.00 -57.25 -18.08
C ILE B 208 -34.35 -57.17 -16.69
N VAL B 209 -33.91 -58.32 -16.16
CA VAL B 209 -33.28 -58.38 -14.85
C VAL B 209 -31.92 -57.66 -14.84
N LEU B 210 -31.17 -57.77 -15.93
CA LEU B 210 -29.87 -57.09 -16.03
C LEU B 210 -29.99 -55.65 -16.55
N GLY B 211 -30.86 -55.46 -17.53
CA GLY B 211 -30.96 -54.19 -18.23
C GLY B 211 -31.60 -53.06 -17.46
N PHE B 212 -32.74 -53.34 -16.80
CA PHE B 212 -33.47 -52.27 -16.12
C PHE B 212 -32.70 -51.67 -14.92
N PRO B 213 -32.18 -52.50 -14.01
CA PRO B 213 -31.47 -51.93 -12.85
C PRO B 213 -30.23 -51.12 -13.22
N ILE B 214 -29.40 -51.62 -14.13
CA ILE B 214 -28.17 -50.92 -14.52
C ILE B 214 -28.45 -49.51 -15.05
N ASN B 215 -29.38 -49.42 -15.99
CA ASN B 215 -29.71 -48.14 -16.62
C ASN B 215 -30.52 -47.20 -15.71
N PHE B 216 -31.43 -47.78 -14.93
CA PHE B 216 -32.21 -47.00 -13.97
C PHE B 216 -31.33 -46.46 -12.85
N LEU B 217 -30.39 -47.29 -12.38
CA LEU B 217 -29.43 -46.89 -11.36
C LEU B 217 -28.53 -45.77 -11.88
N THR B 218 -28.14 -45.86 -13.14
CA THR B 218 -27.33 -44.79 -13.76
C THR B 218 -28.02 -43.43 -13.62
N LEU B 219 -29.31 -43.41 -13.92
CA LEU B 219 -30.07 -42.15 -13.78
C LEU B 219 -30.36 -41.78 -12.32
N TYR B 220 -30.71 -42.78 -11.51
CA TYR B 220 -31.01 -42.58 -10.09
C TYR B 220 -29.80 -42.00 -9.33
N VAL B 221 -28.64 -42.58 -9.57
CA VAL B 221 -27.39 -42.12 -8.98
C VAL B 221 -27.06 -40.70 -9.43
N THR B 222 -27.35 -40.39 -10.69
CA THR B 222 -27.10 -39.05 -11.21
C THR B 222 -27.99 -37.98 -10.55
N VAL B 223 -29.23 -38.34 -10.24
CA VAL B 223 -30.15 -37.42 -9.55
C VAL B 223 -29.64 -37.08 -8.15
N GLN B 224 -29.07 -38.08 -7.48
CA GLN B 224 -28.56 -37.86 -6.11
C GLN B 224 -27.28 -37.01 -6.10
N HIS B 225 -26.24 -37.50 -6.76
CA HIS B 225 -24.93 -36.84 -6.74
C HIS B 225 -24.84 -35.66 -7.70
N LYS B 226 -24.33 -34.55 -7.18
CA LYS B 226 -24.08 -33.34 -7.97
C LYS B 226 -22.86 -33.53 -8.89
N LYS B 227 -21.94 -34.39 -8.48
CA LYS B 227 -20.65 -34.55 -9.15
C LYS B 227 -20.81 -34.96 -10.62
N LEU B 228 -21.77 -35.83 -10.86
CA LEU B 228 -21.96 -36.45 -12.17
C LEU B 228 -22.58 -35.54 -13.24
N ARG B 229 -23.50 -34.66 -12.82
CA ARG B 229 -24.23 -33.86 -13.80
C ARG B 229 -23.33 -32.81 -14.45
N THR B 230 -22.73 -33.18 -15.56
CA THR B 230 -21.86 -32.33 -16.38
C THR B 230 -22.08 -32.65 -17.86
N PRO B 231 -21.94 -31.65 -18.75
CA PRO B 231 -22.24 -31.78 -20.18
C PRO B 231 -21.74 -33.08 -20.90
N LEU B 232 -20.54 -33.53 -20.54
CA LEU B 232 -19.99 -34.74 -21.14
C LEU B 232 -20.79 -36.00 -20.73
N ASN B 233 -21.27 -35.98 -19.49
CA ASN B 233 -22.10 -37.06 -19.02
C ASN B 233 -23.54 -37.00 -19.55
N TYR B 234 -23.95 -35.85 -20.09
CA TYR B 234 -25.29 -35.71 -20.68
C TYR B 234 -25.50 -36.73 -21.78
N ILE B 235 -24.47 -36.89 -22.62
CA ILE B 235 -24.61 -37.91 -23.69
C ILE B 235 -24.60 -39.34 -23.12
N LEU B 236 -23.81 -39.53 -22.05
CA LEU B 236 -23.85 -40.86 -21.39
C LEU B 236 -25.20 -41.17 -20.68
N LEU B 237 -25.85 -40.11 -20.21
CA LEU B 237 -27.19 -40.21 -19.62
C LEU B 237 -28.25 -40.52 -20.68
N ASN B 238 -28.06 -39.94 -21.87
CA ASN B 238 -28.93 -40.24 -23.01
C ASN B 238 -28.84 -41.70 -23.42
N LEU B 239 -27.64 -42.27 -23.29
CA LEU B 239 -27.45 -43.69 -23.56
C LEU B 239 -28.23 -44.57 -22.58
N ALA B 240 -28.27 -44.13 -21.32
CA ALA B 240 -29.05 -44.86 -20.30
C ALA B 240 -30.56 -44.82 -20.58
N VAL B 241 -31.04 -43.66 -21.02
CA VAL B 241 -32.46 -43.50 -21.37
C VAL B 241 -32.83 -44.36 -22.60
N ALA B 242 -31.91 -44.43 -23.55
CA ALA B 242 -32.10 -45.23 -24.77
C ALA B 242 -32.25 -46.72 -24.46
N ASP B 243 -31.39 -47.21 -23.57
CA ASP B 243 -31.43 -48.62 -23.19
C ASP B 243 -32.68 -48.96 -22.36
N LEU B 244 -33.17 -47.98 -21.59
CA LEU B 244 -34.41 -48.17 -20.84
C LEU B 244 -35.62 -48.34 -21.76
N PHE B 245 -35.61 -47.63 -22.89
CA PHE B 245 -36.65 -47.78 -23.91
C PHE B 245 -36.61 -49.17 -24.56
N MET B 246 -35.41 -49.73 -24.68
CA MET B 246 -35.27 -51.11 -25.20
C MET B 246 -35.84 -52.14 -24.23
N VAL B 247 -35.74 -51.86 -22.93
CA VAL B 247 -36.29 -52.77 -21.92
C VAL B 247 -37.81 -52.68 -21.83
N LEU B 248 -38.31 -51.48 -21.50
CA LEU B 248 -39.73 -51.27 -21.29
C LEU B 248 -40.55 -51.39 -22.58
N GLY B 249 -40.05 -50.77 -23.65
CA GLY B 249 -40.75 -50.82 -24.93
C GLY B 249 -40.54 -52.14 -25.67
N GLY B 250 -39.31 -52.66 -25.62
CA GLY B 250 -38.97 -53.84 -26.40
C GLY B 250 -39.08 -55.20 -25.74
N PHE B 251 -38.29 -55.43 -24.69
CA PHE B 251 -38.09 -56.77 -24.14
C PHE B 251 -39.29 -57.28 -23.35
N THR B 252 -39.95 -56.42 -22.60
CA THR B 252 -41.12 -56.80 -21.80
C THR B 252 -42.29 -57.27 -22.68
N SER B 253 -42.46 -56.58 -23.82
CA SER B 253 -43.49 -56.97 -24.79
C SER B 253 -43.12 -58.27 -25.50
N THR B 254 -41.83 -58.41 -25.84
CA THR B 254 -41.33 -59.63 -26.46
C THR B 254 -41.43 -60.82 -25.51
N LEU B 255 -41.28 -60.56 -24.21
CA LEU B 255 -41.41 -61.59 -23.19
C LEU B 255 -42.85 -62.13 -23.12
N TYR B 256 -43.80 -61.19 -23.11
CA TYR B 256 -45.22 -61.56 -23.04
C TYR B 256 -45.67 -62.41 -24.25
N THR B 257 -45.17 -62.01 -25.43
CA THR B 257 -45.52 -62.71 -26.66
C THR B 257 -44.82 -64.07 -26.78
N SER B 258 -43.57 -64.14 -26.32
CA SER B 258 -42.80 -65.38 -26.35
C SER B 258 -43.40 -66.46 -25.45
N LEU B 259 -44.02 -66.04 -24.35
CA LEU B 259 -44.71 -66.98 -23.47
C LEU B 259 -45.90 -67.62 -24.16
N HIS B 260 -46.70 -66.81 -24.85
CA HIS B 260 -47.84 -67.35 -25.60
C HIS B 260 -47.43 -68.09 -26.89
N GLY B 261 -46.38 -67.60 -27.54
CA GLY B 261 -45.86 -68.19 -28.77
C GLY B 261 -46.26 -67.46 -30.04
N TYR B 262 -46.93 -66.32 -29.88
CA TYR B 262 -47.32 -65.49 -31.02
C TYR B 262 -47.57 -64.06 -30.58
N PHE B 263 -47.56 -63.12 -31.52
CA PHE B 263 -47.75 -61.72 -31.19
C PHE B 263 -49.23 -61.44 -30.93
N VAL B 264 -49.57 -61.20 -29.67
CA VAL B 264 -50.95 -61.03 -29.25
C VAL B 264 -51.51 -59.63 -29.50
N PHE B 265 -50.63 -58.63 -29.54
CA PHE B 265 -51.05 -57.23 -29.55
C PHE B 265 -51.55 -56.73 -30.91
N GLY B 266 -51.29 -57.49 -31.97
CA GLY B 266 -51.75 -57.12 -33.30
C GLY B 266 -50.82 -56.16 -34.03
N PRO B 267 -51.21 -55.75 -35.26
CA PRO B 267 -50.42 -54.82 -36.07
C PRO B 267 -50.08 -53.49 -35.36
N THR B 268 -51.03 -52.96 -34.60
CA THR B 268 -50.82 -51.70 -33.88
C THR B 268 -49.73 -51.84 -32.81
N GLY B 269 -49.79 -52.93 -32.05
CA GLY B 269 -48.80 -53.22 -31.04
C GLY B 269 -47.43 -53.54 -31.62
N CYS B 270 -47.43 -54.14 -32.80
CA CYS B 270 -46.18 -54.48 -33.49
C CYS B 270 -45.48 -53.23 -34.00
N ASN B 271 -46.28 -52.26 -34.44
CA ASN B 271 -45.75 -50.97 -34.85
C ASN B 271 -45.12 -50.20 -33.69
N LEU B 272 -45.81 -50.18 -32.55
CA LEU B 272 -45.30 -49.43 -31.39
C LEU B 272 -44.08 -50.10 -30.73
N GLN B 273 -44.10 -51.43 -30.68
CA GLN B 273 -42.96 -52.18 -30.12
C GLN B 273 -41.73 -52.04 -31.01
N GLY B 274 -41.93 -52.23 -32.32
CA GLY B 274 -40.84 -52.07 -33.27
C GLY B 274 -40.30 -50.66 -33.35
N PHE B 275 -41.17 -49.68 -33.11
CA PHE B 275 -40.78 -48.28 -33.09
C PHE B 275 -39.87 -47.99 -31.90
N PHE B 276 -40.27 -48.42 -30.71
CA PHE B 276 -39.45 -48.20 -29.51
C PHE B 276 -38.16 -49.01 -29.52
N ALA B 277 -38.22 -50.23 -30.05
CA ALA B 277 -37.03 -51.08 -30.15
C ALA B 277 -35.97 -50.47 -31.08
N THR B 278 -36.43 -49.93 -32.19
CA THR B 278 -35.55 -49.24 -33.14
C THR B 278 -35.04 -47.93 -32.54
N LEU B 279 -35.94 -47.15 -31.96
CA LEU B 279 -35.60 -45.87 -31.34
C LEU B 279 -34.56 -46.04 -30.24
N GLY B 280 -34.74 -47.06 -29.40
CA GLY B 280 -33.81 -47.35 -28.32
C GLY B 280 -32.43 -47.76 -28.82
N GLY B 281 -32.41 -48.56 -29.90
CA GLY B 281 -31.16 -48.97 -30.49
C GLY B 281 -30.43 -47.86 -31.23
N GLU B 282 -31.19 -47.01 -31.92
CA GLU B 282 -30.62 -45.92 -32.71
C GLU B 282 -30.14 -44.74 -31.87
N ILE B 283 -30.89 -44.40 -30.83
CA ILE B 283 -30.44 -43.37 -29.89
C ILE B 283 -29.17 -43.85 -29.18
N ALA B 284 -29.14 -45.14 -28.83
CA ALA B 284 -27.93 -45.71 -28.23
C ALA B 284 -26.72 -45.66 -29.18
N LEU B 285 -26.99 -45.94 -30.45
CA LEU B 285 -25.95 -45.91 -31.48
C LEU B 285 -25.36 -44.50 -31.66
N TRP B 286 -26.24 -43.55 -31.96
CA TRP B 286 -25.80 -42.18 -32.21
C TRP B 286 -25.28 -41.47 -30.95
N SER B 287 -25.67 -41.97 -29.78
CA SER B 287 -25.08 -41.50 -28.52
C SER B 287 -23.60 -41.82 -28.46
N LEU B 288 -23.26 -43.03 -28.92
CA LEU B 288 -21.84 -43.44 -28.95
C LEU B 288 -21.04 -42.71 -30.03
N VAL B 289 -21.72 -42.33 -31.11
CA VAL B 289 -21.08 -41.51 -32.15
C VAL B 289 -20.74 -40.12 -31.60
N VAL B 290 -21.73 -39.49 -30.97
CA VAL B 290 -21.54 -38.19 -30.33
C VAL B 290 -20.49 -38.26 -29.22
N LEU B 291 -20.51 -39.33 -28.45
CA LEU B 291 -19.52 -39.55 -27.38
C LEU B 291 -18.10 -39.62 -27.93
N ALA B 292 -17.94 -40.28 -29.07
CA ALA B 292 -16.63 -40.38 -29.73
C ALA B 292 -16.17 -39.02 -30.24
N ILE B 293 -17.09 -38.26 -30.82
CA ILE B 293 -16.80 -36.93 -31.32
C ILE B 293 -16.41 -36.00 -30.17
N GLU B 294 -17.21 -36.02 -29.11
CA GLU B 294 -16.95 -35.22 -27.92
C GLU B 294 -15.57 -35.52 -27.34
N ARG B 295 -15.30 -36.79 -27.07
CA ARG B 295 -14.03 -37.19 -26.45
C ARG B 295 -12.81 -36.86 -27.31
N TYR B 296 -12.97 -36.88 -28.63
CA TYR B 296 -11.87 -36.50 -29.52
C TYR B 296 -11.61 -35.00 -29.46
N VAL B 297 -12.67 -34.21 -29.63
CA VAL B 297 -12.55 -32.76 -29.68
C VAL B 297 -12.18 -32.15 -28.32
N VAL B 298 -12.79 -32.63 -27.24
CA VAL B 298 -12.57 -32.09 -25.90
C VAL B 298 -11.16 -32.41 -25.38
N VAL B 299 -10.69 -33.64 -25.61
CA VAL B 299 -9.36 -34.00 -25.10
C VAL B 299 -8.22 -33.37 -25.92
N CYS B 300 -8.25 -33.59 -27.23
CA CYS B 300 -7.16 -33.10 -28.11
C CYS B 300 -7.06 -31.58 -28.10
N LYS B 301 -8.22 -30.92 -28.08
CA LYS B 301 -8.29 -29.46 -28.00
C LYS B 301 -8.74 -29.05 -26.60
N PRO B 302 -7.83 -28.49 -25.80
CA PRO B 302 -8.16 -28.14 -24.40
C PRO B 302 -9.11 -26.94 -24.28
N MET B 303 -9.12 -26.08 -25.29
CA MET B 303 -10.01 -24.92 -25.29
C MET B 303 -11.48 -25.35 -25.37
N SER B 304 -11.72 -26.48 -26.01
CA SER B 304 -13.09 -26.93 -26.19
C SER B 304 -13.77 -27.41 -24.91
N ASN B 305 -12.99 -27.69 -23.86
CA ASN B 305 -13.60 -28.02 -22.56
C ASN B 305 -14.45 -26.87 -22.03
N PHE B 306 -13.95 -25.64 -22.18
CA PHE B 306 -14.75 -24.47 -21.83
C PHE B 306 -15.96 -24.36 -22.74
N ARG B 307 -15.72 -24.58 -24.03
CA ARG B 307 -16.78 -24.47 -25.04
C ARG B 307 -17.96 -25.39 -24.73
N PHE B 308 -17.66 -26.61 -24.29
CA PHE B 308 -18.73 -27.59 -24.16
C PHE B 308 -19.48 -27.39 -22.84
N GLY B 309 -20.48 -26.51 -22.90
CA GLY B 309 -21.41 -26.28 -21.82
C GLY B 309 -22.63 -27.16 -21.97
N GLU B 310 -23.72 -26.80 -21.29
CA GLU B 310 -24.94 -27.59 -21.37
C GLU B 310 -25.63 -27.47 -22.74
N ASN B 311 -25.58 -26.30 -23.35
CA ASN B 311 -26.26 -26.08 -24.64
C ASN B 311 -25.68 -26.92 -25.79
N HIS B 312 -24.37 -27.09 -25.80
CA HIS B 312 -23.72 -27.94 -26.80
C HIS B 312 -24.02 -29.42 -26.55
N ALA B 313 -24.08 -29.80 -25.28
CA ALA B 313 -24.44 -31.16 -24.89
C ALA B 313 -25.89 -31.48 -25.25
N ILE B 314 -26.76 -30.49 -25.08
CA ILE B 314 -28.16 -30.61 -25.47
C ILE B 314 -28.28 -30.78 -26.98
N MET B 315 -27.46 -30.06 -27.74
CA MET B 315 -27.44 -30.22 -29.20
C MET B 315 -26.98 -31.62 -29.62
N GLY B 316 -26.03 -32.18 -28.87
CA GLY B 316 -25.58 -33.54 -29.12
C GLY B 316 -26.68 -34.58 -28.88
N VAL B 317 -27.38 -34.43 -27.76
CA VAL B 317 -28.51 -35.31 -27.43
C VAL B 317 -29.70 -35.10 -28.38
N ALA B 318 -29.88 -33.85 -28.81
CA ALA B 318 -30.92 -33.51 -29.77
C ALA B 318 -30.64 -34.16 -31.11
N PHE B 319 -29.41 -33.99 -31.60
CA PHE B 319 -28.97 -34.62 -32.84
C PHE B 319 -29.15 -36.14 -32.80
N THR B 320 -28.86 -36.73 -31.63
CA THR B 320 -29.05 -38.16 -31.43
C THR B 320 -30.51 -38.58 -31.64
N TRP B 321 -31.42 -37.81 -31.03
CA TRP B 321 -32.85 -38.09 -31.15
C TRP B 321 -33.40 -37.84 -32.56
N VAL B 322 -32.85 -36.83 -33.24
CA VAL B 322 -33.27 -36.50 -34.60
C VAL B 322 -32.85 -37.59 -35.58
N MET B 323 -31.60 -38.05 -35.50
CA MET B 323 -31.12 -39.13 -36.37
C MET B 323 -31.85 -40.46 -36.09
N ALA B 324 -32.20 -40.66 -34.82
CA ALA B 324 -32.94 -41.85 -34.44
C ALA B 324 -34.35 -41.82 -35.02
N LEU B 325 -35.05 -40.71 -34.84
CA LEU B 325 -36.38 -40.54 -35.39
C LEU B 325 -36.39 -40.47 -36.92
N ALA B 326 -35.28 -40.02 -37.49
CA ALA B 326 -35.15 -39.96 -38.95
C ALA B 326 -35.22 -41.34 -39.58
N CYS B 327 -34.70 -42.35 -38.88
CA CYS B 327 -34.79 -43.72 -39.38
C CYS B 327 -35.87 -44.60 -38.70
N ALA B 328 -36.34 -44.18 -37.53
CA ALA B 328 -37.35 -44.93 -36.78
C ALA B 328 -38.80 -44.63 -37.22
N ALA B 329 -39.05 -43.38 -37.59
CA ALA B 329 -40.38 -42.92 -37.97
C ALA B 329 -40.88 -43.42 -39.35
N PRO B 330 -40.02 -43.38 -40.40
CA PRO B 330 -40.51 -43.76 -41.74
C PRO B 330 -41.16 -45.14 -41.87
N PRO B 331 -40.66 -46.19 -41.18
CA PRO B 331 -41.35 -47.48 -41.22
C PRO B 331 -42.84 -47.42 -40.87
N LEU B 332 -43.22 -46.55 -39.94
CA LEU B 332 -44.62 -46.35 -39.58
C LEU B 332 -45.41 -45.67 -40.70
N ALA B 333 -44.82 -44.65 -41.30
CA ALA B 333 -45.48 -43.79 -42.27
C ALA B 333 -45.12 -44.09 -43.74
N GLY B 334 -44.91 -45.36 -44.06
CA GLY B 334 -44.76 -45.86 -45.43
C GLY B 334 -43.39 -46.38 -45.85
N TRP B 335 -42.31 -45.65 -45.63
CA TRP B 335 -40.99 -46.11 -46.09
C TRP B 335 -40.52 -47.24 -45.18
N SER B 336 -40.57 -48.46 -45.73
CA SER B 336 -40.39 -49.73 -45.02
C SER B 336 -41.57 -50.00 -44.05
N ARG B 337 -41.42 -51.05 -43.23
CA ARG B 337 -42.49 -51.44 -42.32
C ARG B 337 -41.98 -52.22 -41.11
N TYR B 338 -42.71 -52.13 -40.00
CA TYR B 338 -42.42 -52.95 -38.83
C TYR B 338 -43.26 -54.22 -38.87
N ILE B 339 -42.59 -55.37 -38.90
CA ILE B 339 -43.28 -56.66 -38.91
C ILE B 339 -42.62 -57.63 -37.93
N PRO B 340 -43.35 -58.71 -37.54
CA PRO B 340 -42.72 -59.72 -36.69
C PRO B 340 -41.56 -60.43 -37.39
N GLU B 341 -40.40 -60.41 -36.75
CA GLU B 341 -39.17 -60.98 -37.31
C GLU B 341 -38.80 -62.27 -36.56
N GLY B 342 -38.15 -63.16 -37.33
CA GLY B 342 -37.66 -64.43 -36.82
C GLY B 342 -38.78 -65.40 -36.51
N LEU B 343 -39.01 -65.62 -35.23
CA LEU B 343 -40.04 -66.51 -34.73
C LEU B 343 -41.42 -65.86 -34.71
N GLN B 344 -41.51 -64.65 -35.25
CA GLN B 344 -42.76 -63.87 -35.30
C GLN B 344 -43.22 -63.50 -33.89
N CYS B 345 -42.25 -63.26 -33.03
CA CYS B 345 -42.47 -62.82 -31.66
C CYS B 345 -41.96 -61.40 -31.53
N SER B 346 -40.68 -61.21 -31.86
CA SER B 346 -40.12 -59.86 -31.79
C SER B 346 -40.45 -59.09 -33.05
N CYS B 347 -40.89 -57.85 -32.92
CA CYS B 347 -41.16 -57.01 -34.08
C CYS B 347 -39.94 -56.13 -34.39
N GLY B 348 -39.60 -56.05 -35.67
CA GLY B 348 -38.47 -55.26 -36.12
C GLY B 348 -38.62 -54.77 -37.54
N ILE B 349 -37.57 -54.15 -38.06
CA ILE B 349 -37.58 -53.60 -39.41
C ILE B 349 -37.54 -54.71 -40.45
N ASP B 350 -38.27 -54.53 -41.55
CA ASP B 350 -38.29 -55.51 -42.62
C ASP B 350 -37.12 -55.24 -43.57
N TYR B 351 -36.07 -56.04 -43.42
CA TYR B 351 -34.88 -55.94 -44.26
C TYR B 351 -34.64 -57.19 -45.13
N TYR B 352 -35.63 -58.07 -45.18
CA TYR B 352 -35.51 -59.35 -45.88
C TYR B 352 -36.53 -59.47 -47.02
N THR B 353 -37.80 -59.22 -46.72
CA THR B 353 -38.86 -59.27 -47.73
C THR B 353 -38.81 -58.04 -48.61
N LEU B 354 -38.62 -58.24 -49.92
CA LEU B 354 -38.62 -57.11 -50.84
C LEU B 354 -40.05 -56.77 -51.24
N LYS B 355 -40.60 -55.75 -50.57
CA LYS B 355 -41.94 -55.27 -50.87
C LYS B 355 -41.83 -53.84 -51.38
N PRO B 356 -41.98 -53.64 -52.69
CA PRO B 356 -41.87 -52.32 -53.33
C PRO B 356 -43.06 -51.40 -53.06
N GLU B 357 -44.10 -51.91 -52.41
CA GLU B 357 -45.20 -51.06 -51.98
C GLU B 357 -44.73 -50.13 -50.86
N VAL B 358 -43.95 -50.68 -49.94
CA VAL B 358 -43.39 -49.91 -48.81
C VAL B 358 -41.94 -49.49 -49.03
N ASN B 359 -41.35 -49.95 -50.13
CA ASN B 359 -40.01 -49.57 -50.57
C ASN B 359 -38.88 -49.99 -49.62
N ASN B 360 -38.68 -51.29 -49.49
CA ASN B 360 -37.64 -51.84 -48.62
C ASN B 360 -36.21 -51.76 -49.17
N GLU B 361 -36.06 -51.77 -50.49
CA GLU B 361 -34.74 -51.73 -51.12
C GLU B 361 -33.97 -50.47 -50.73
N SER B 362 -34.57 -49.31 -50.98
CA SER B 362 -33.95 -48.03 -50.68
C SER B 362 -33.73 -47.82 -49.18
N PHE B 363 -34.63 -48.36 -48.36
CA PHE B 363 -34.54 -48.20 -46.90
C PHE B 363 -33.36 -49.00 -46.34
N VAL B 364 -33.21 -50.26 -46.78
CA VAL B 364 -32.11 -51.11 -46.33
C VAL B 364 -30.77 -50.51 -46.79
N ILE B 365 -30.78 -49.91 -47.98
CA ILE B 365 -29.59 -49.19 -48.47
C ILE B 365 -29.33 -47.97 -47.60
N TYR B 366 -30.35 -47.15 -47.39
CA TYR B 366 -30.27 -45.98 -46.53
C TYR B 366 -29.73 -46.35 -45.14
N MET B 367 -30.30 -47.39 -44.56
CA MET B 367 -29.87 -47.86 -43.25
C MET B 367 -28.41 -48.34 -43.29
N PHE B 368 -28.12 -49.30 -44.17
CA PHE B 368 -26.78 -49.86 -44.28
C PHE B 368 -25.71 -48.80 -44.63
N VAL B 369 -25.93 -48.07 -45.72
CA VAL B 369 -24.95 -47.10 -46.19
C VAL B 369 -24.73 -45.94 -45.22
N VAL B 370 -25.81 -45.24 -44.85
CA VAL B 370 -25.69 -44.08 -43.97
C VAL B 370 -25.38 -44.49 -42.51
N HIS B 371 -26.30 -45.22 -41.90
CA HIS B 371 -26.23 -45.54 -40.48
C HIS B 371 -25.18 -46.54 -40.07
N PHE B 372 -24.60 -47.26 -41.03
CA PHE B 372 -23.56 -48.20 -40.67
C PHE B 372 -22.20 -47.52 -40.97
N THR B 373 -22.02 -47.03 -42.21
CA THR B 373 -20.72 -46.49 -42.64
C THR B 373 -20.33 -45.21 -41.90
N ILE B 374 -21.30 -44.32 -41.65
CA ILE B 374 -20.97 -43.03 -41.04
C ILE B 374 -20.47 -43.19 -39.59
N PRO B 375 -21.20 -43.93 -38.72
CA PRO B 375 -20.61 -44.27 -37.42
C PRO B 375 -19.28 -45.02 -37.53
N MET B 376 -19.18 -46.01 -38.41
CA MET B 376 -17.93 -46.75 -38.57
C MET B 376 -16.77 -45.79 -38.90
N ILE B 377 -16.97 -44.92 -39.87
CA ILE B 377 -15.94 -43.95 -40.25
C ILE B 377 -15.66 -42.94 -39.13
N ILE B 378 -16.72 -42.36 -38.57
CA ILE B 378 -16.56 -41.36 -37.52
C ILE B 378 -15.95 -41.91 -36.23
N ILE B 379 -16.48 -43.02 -35.74
CA ILE B 379 -16.00 -43.60 -34.49
C ILE B 379 -14.57 -44.12 -34.59
N PHE B 380 -14.26 -44.81 -35.69
CA PHE B 380 -12.88 -45.29 -35.90
C PHE B 380 -11.91 -44.12 -36.12
N PHE B 381 -12.39 -43.05 -36.76
CA PHE B 381 -11.59 -41.84 -36.93
C PHE B 381 -11.40 -41.09 -35.62
N CYS B 382 -12.47 -41.00 -34.84
CA CYS B 382 -12.44 -40.29 -33.56
C CYS B 382 -11.50 -40.95 -32.57
N TYR B 383 -11.79 -42.20 -32.20
CA TYR B 383 -10.95 -42.93 -31.25
C TYR B 383 -9.59 -43.29 -31.85
N GLY B 384 -9.52 -43.40 -33.16
CA GLY B 384 -8.26 -43.64 -33.84
C GLY B 384 -7.31 -42.46 -33.74
N GLN B 385 -7.82 -41.27 -34.02
CA GLN B 385 -7.05 -40.03 -33.87
C GLN B 385 -6.80 -39.72 -32.40
N LEU B 386 -7.70 -40.16 -31.52
CA LEU B 386 -7.53 -39.98 -30.08
C LEU B 386 -6.31 -40.75 -29.58
N VAL B 387 -6.28 -42.04 -29.89
CA VAL B 387 -5.14 -42.88 -29.51
C VAL B 387 -3.87 -42.44 -30.23
N PHE B 388 -4.00 -42.03 -31.49
CA PHE B 388 -2.87 -41.50 -32.25
C PHE B 388 -2.22 -40.29 -31.58
N THR B 389 -3.07 -39.38 -31.12
CA THR B 389 -2.62 -38.16 -30.43
C THR B 389 -1.99 -38.48 -29.09
N VAL B 390 -2.61 -39.38 -28.33
CA VAL B 390 -2.13 -39.74 -27.00
C VAL B 390 -0.83 -40.54 -27.04
N LYS B 391 -0.71 -41.46 -28.00
CA LYS B 391 0.52 -42.25 -28.16
C LYS B 391 1.70 -41.37 -28.56
N GLU B 392 1.45 -40.42 -29.47
CA GLU B 392 2.49 -39.47 -29.86
C GLU B 392 2.85 -38.52 -28.72
N ALA B 393 1.83 -38.12 -27.96
CA ALA B 393 2.02 -37.25 -26.80
C ALA B 393 2.75 -37.94 -25.65
N ALA B 394 2.43 -39.21 -25.44
CA ALA B 394 3.07 -40.02 -24.41
C ALA B 394 4.54 -40.26 -24.72
N ALA B 395 4.83 -40.45 -26.01
CA ALA B 395 6.21 -40.64 -26.46
C ALA B 395 7.01 -39.33 -26.38
N GLN B 396 6.31 -38.19 -26.47
CA GLN B 396 6.94 -36.88 -26.37
C GLN B 396 7.56 -36.64 -24.99
N GLN B 397 6.86 -37.05 -23.94
CA GLN B 397 7.41 -37.00 -22.58
C GLN B 397 7.24 -38.35 -21.89
N GLN B 398 8.25 -39.20 -22.03
CA GLN B 398 8.25 -40.53 -21.42
C GLN B 398 8.69 -40.48 -19.96
N GLU B 399 9.30 -39.38 -19.56
CA GLU B 399 9.72 -39.18 -18.17
C GLU B 399 8.54 -39.25 -17.19
N SER B 400 7.39 -38.74 -17.60
CA SER B 400 6.20 -38.79 -16.76
C SER B 400 5.56 -40.17 -16.84
N ALA B 401 5.65 -40.92 -15.74
CA ALA B 401 5.11 -42.28 -15.69
C ALA B 401 3.58 -42.32 -15.58
N THR B 402 3.00 -41.24 -15.07
CA THR B 402 1.56 -41.13 -14.89
C THR B 402 0.85 -41.13 -16.26
N THR B 403 1.46 -40.45 -17.23
CA THR B 403 0.94 -40.38 -18.59
C THR B 403 1.00 -41.74 -19.29
N GLN B 404 2.00 -42.55 -18.94
CA GLN B 404 2.17 -43.87 -19.53
C GLN B 404 1.07 -44.82 -19.06
N LYS B 405 0.72 -44.71 -17.79
CA LYS B 405 -0.40 -45.49 -17.24
C LYS B 405 -1.73 -45.07 -17.89
N ALA B 406 -1.88 -43.77 -18.10
CA ALA B 406 -3.06 -43.24 -18.78
C ALA B 406 -3.15 -43.77 -20.22
N GLU B 407 -2.09 -43.57 -20.99
CA GLU B 407 -2.01 -44.01 -22.38
C GLU B 407 -2.34 -45.51 -22.51
N LYS B 408 -1.86 -46.30 -21.56
CA LYS B 408 -2.17 -47.74 -21.54
C LYS B 408 -3.65 -48.02 -21.30
N GLU B 409 -4.21 -47.39 -20.27
CA GLU B 409 -5.61 -47.60 -19.91
C GLU B 409 -6.59 -47.14 -21.01
N VAL B 410 -6.21 -46.06 -21.69
CA VAL B 410 -7.01 -45.54 -22.81
C VAL B 410 -7.01 -46.53 -23.97
N THR B 411 -5.82 -46.92 -24.41
CA THR B 411 -5.69 -47.86 -25.54
C THR B 411 -6.42 -49.19 -25.30
N ARG B 412 -6.41 -49.64 -24.04
CA ARG B 412 -7.13 -50.85 -23.66
C ARG B 412 -8.65 -50.67 -23.80
N MET B 413 -9.12 -49.49 -23.38
CA MET B 413 -10.54 -49.18 -23.49
C MET B 413 -10.99 -48.99 -24.93
N VAL B 414 -10.18 -48.32 -25.74
CA VAL B 414 -10.50 -48.07 -27.15
C VAL B 414 -10.61 -49.37 -27.95
N ILE B 415 -9.74 -50.34 -27.66
CA ILE B 415 -9.84 -51.66 -28.29
C ILE B 415 -11.16 -52.33 -27.89
N ILE B 416 -11.53 -52.21 -26.62
CA ILE B 416 -12.79 -52.77 -26.14
C ILE B 416 -14.02 -52.03 -26.71
N TYR B 417 -13.92 -50.71 -26.89
CA TYR B 417 -14.99 -49.93 -27.50
C TYR B 417 -15.28 -50.39 -28.92
N VAL B 418 -14.22 -50.67 -29.67
CA VAL B 418 -14.36 -51.16 -31.04
C VAL B 418 -14.97 -52.57 -31.09
N ILE B 419 -14.46 -53.46 -30.24
CA ILE B 419 -14.96 -54.83 -30.18
C ILE B 419 -16.45 -54.87 -29.80
N ALA B 420 -16.84 -54.03 -28.86
CA ALA B 420 -18.24 -53.95 -28.43
C ALA B 420 -19.15 -53.43 -29.54
N PHE B 421 -18.64 -52.45 -30.29
CA PHE B 421 -19.40 -51.87 -31.41
C PHE B 421 -19.62 -52.88 -32.55
N LEU B 422 -18.55 -53.58 -32.91
CA LEU B 422 -18.60 -54.55 -34.00
C LEU B 422 -19.49 -55.74 -33.64
N ILE B 423 -19.24 -56.34 -32.47
CA ILE B 423 -20.05 -57.47 -32.01
C ILE B 423 -21.54 -57.11 -31.99
N CYS B 424 -21.85 -55.86 -31.65
CA CYS B 424 -23.25 -55.42 -31.64
C CYS B 424 -23.89 -55.37 -33.01
N TRP B 425 -23.34 -54.53 -33.89
CA TRP B 425 -24.04 -54.20 -35.14
C TRP B 425 -23.63 -54.96 -36.41
N VAL B 426 -22.46 -55.60 -36.41
CA VAL B 426 -22.01 -56.35 -37.58
C VAL B 426 -22.93 -57.54 -37.94
N PRO B 427 -23.45 -58.28 -36.92
CA PRO B 427 -24.38 -59.37 -37.23
C PRO B 427 -25.60 -58.95 -38.06
N TYR B 428 -26.22 -57.82 -37.69
CA TYR B 428 -27.37 -57.32 -38.44
C TYR B 428 -27.03 -56.91 -39.87
N ALA B 429 -25.94 -56.15 -40.03
CA ALA B 429 -25.53 -55.65 -41.33
C ALA B 429 -25.05 -56.77 -42.26
N SER B 430 -24.31 -57.73 -41.71
CA SER B 430 -23.78 -58.84 -42.48
C SER B 430 -24.90 -59.75 -42.97
N VAL B 431 -25.84 -60.07 -42.09
CA VAL B 431 -26.99 -60.89 -42.46
C VAL B 431 -27.90 -60.17 -43.46
N ALA B 432 -28.17 -58.89 -43.20
CA ALA B 432 -28.98 -58.07 -44.11
C ALA B 432 -28.35 -57.95 -45.50
N PHE B 433 -27.02 -57.82 -45.52
CA PHE B 433 -26.27 -57.76 -46.77
C PHE B 433 -26.31 -59.10 -47.51
N TYR B 434 -26.13 -60.19 -46.77
CA TYR B 434 -26.14 -61.53 -47.35
C TYR B 434 -27.52 -61.90 -47.89
N ILE B 435 -28.56 -61.46 -47.19
CA ILE B 435 -29.95 -61.67 -47.62
C ILE B 435 -30.23 -60.88 -48.89
N PHE B 436 -29.69 -59.66 -48.98
CA PHE B 436 -29.90 -58.82 -50.15
C PHE B 436 -29.19 -59.35 -51.39
N THR B 437 -27.96 -59.83 -51.22
CA THR B 437 -27.20 -60.40 -52.33
C THR B 437 -27.76 -61.75 -52.77
N HIS B 438 -28.10 -62.60 -51.80
CA HIS B 438 -28.74 -63.88 -52.11
C HIS B 438 -30.22 -63.82 -51.71
N GLN B 439 -31.04 -63.30 -52.62
CA GLN B 439 -32.46 -63.16 -52.36
C GLN B 439 -33.27 -64.42 -52.68
N GLY B 440 -32.81 -65.17 -53.67
CA GLY B 440 -33.50 -66.37 -54.10
C GLY B 440 -33.45 -67.51 -53.10
N SER B 441 -32.41 -67.53 -52.27
CA SER B 441 -32.27 -68.58 -51.27
C SER B 441 -33.26 -68.35 -50.12
N CYS B 442 -33.55 -69.41 -49.38
CA CYS B 442 -34.45 -69.33 -48.22
C CYS B 442 -33.68 -69.21 -46.92
N PHE B 443 -34.29 -68.52 -45.97
CA PHE B 443 -33.67 -68.29 -44.66
C PHE B 443 -34.66 -68.60 -43.54
N GLY B 444 -34.23 -69.42 -42.58
CA GLY B 444 -35.08 -69.84 -41.48
C GLY B 444 -35.28 -68.77 -40.42
N PRO B 445 -36.14 -69.04 -39.43
CA PRO B 445 -36.44 -68.10 -38.34
C PRO B 445 -35.30 -67.93 -37.32
N ILE B 446 -34.59 -69.02 -37.05
CA ILE B 446 -33.49 -69.01 -36.09
C ILE B 446 -32.27 -68.25 -36.64
N PHE B 447 -32.15 -68.27 -37.97
CA PHE B 447 -31.09 -67.53 -38.65
C PHE B 447 -31.22 -66.02 -38.44
N MET B 448 -32.45 -65.53 -38.48
CA MET B 448 -32.74 -64.11 -38.24
C MET B 448 -32.63 -63.75 -36.76
N THR B 449 -32.71 -64.75 -35.90
CA THR B 449 -32.59 -64.52 -34.45
C THR B 449 -31.15 -64.25 -33.99
N ILE B 450 -30.17 -64.77 -34.74
CA ILE B 450 -28.75 -64.61 -34.32
C ILE B 450 -28.27 -63.12 -34.23
N PRO B 451 -28.59 -62.29 -35.24
CA PRO B 451 -28.31 -60.86 -35.08
C PRO B 451 -29.07 -60.18 -33.94
N ALA B 452 -30.32 -60.62 -33.73
CA ALA B 452 -31.15 -60.07 -32.66
C ALA B 452 -30.57 -60.38 -31.27
N PHE B 453 -29.90 -61.51 -31.15
CA PHE B 453 -29.24 -61.89 -29.91
C PHE B 453 -28.13 -60.89 -29.56
N PHE B 454 -27.24 -60.65 -30.52
CA PHE B 454 -26.10 -59.76 -30.24
C PHE B 454 -26.48 -58.27 -30.08
N ALA B 455 -27.47 -57.82 -30.85
CA ALA B 455 -27.90 -56.42 -30.80
C ALA B 455 -28.62 -56.10 -29.47
N LYS B 456 -29.50 -57.01 -29.06
CA LYS B 456 -30.23 -56.81 -27.80
C LYS B 456 -29.31 -57.08 -26.57
N SER B 457 -28.28 -57.89 -26.80
CA SER B 457 -27.25 -58.06 -25.78
C SER B 457 -26.46 -56.78 -25.56
N ALA B 458 -26.27 -56.01 -26.63
CA ALA B 458 -25.60 -54.71 -26.52
C ALA B 458 -26.33 -53.76 -25.60
N ALA B 459 -27.66 -53.91 -25.53
CA ALA B 459 -28.43 -53.15 -24.53
C ALA B 459 -27.92 -53.40 -23.11
N ILE B 460 -27.42 -54.62 -22.89
CA ILE B 460 -26.78 -54.91 -21.57
C ILE B 460 -25.31 -54.48 -21.49
N TYR B 461 -24.46 -54.99 -22.39
CA TYR B 461 -23.01 -54.82 -22.24
C TYR B 461 -22.45 -53.45 -22.67
N ASN B 462 -23.26 -52.59 -23.30
CA ASN B 462 -22.81 -51.22 -23.55
C ASN B 462 -22.79 -50.39 -22.25
N PRO B 463 -23.87 -50.44 -21.43
CA PRO B 463 -23.79 -49.84 -20.09
C PRO B 463 -22.62 -50.35 -19.24
N VAL B 464 -22.21 -51.60 -19.43
CA VAL B 464 -21.08 -52.15 -18.70
C VAL B 464 -19.77 -51.43 -19.07
N ILE B 465 -19.54 -51.28 -20.36
CA ILE B 465 -18.28 -50.72 -20.85
C ILE B 465 -18.25 -49.19 -20.77
N TYR B 466 -19.35 -48.54 -21.14
CA TYR B 466 -19.42 -47.08 -21.17
C TYR B 466 -19.77 -46.41 -19.84
N ILE B 467 -20.52 -47.12 -18.99
CA ILE B 467 -20.95 -46.55 -17.70
C ILE B 467 -20.26 -47.25 -16.51
N MET B 468 -20.42 -48.56 -16.41
CA MET B 468 -19.89 -49.31 -15.27
C MET B 468 -18.36 -49.33 -15.21
N MET B 469 -17.72 -49.45 -16.37
CA MET B 469 -16.25 -49.42 -16.45
C MET B 469 -15.67 -48.01 -16.35
N ASN B 470 -16.53 -46.99 -16.48
CA ASN B 470 -16.12 -45.60 -16.25
C ASN B 470 -15.73 -45.40 -14.80
N LYS B 471 -14.58 -44.78 -14.59
CA LYS B 471 -13.96 -44.70 -13.27
C LYS B 471 -14.84 -43.87 -12.30
N GLN B 472 -15.49 -42.83 -12.83
CA GLN B 472 -16.35 -41.96 -12.00
C GLN B 472 -17.63 -42.67 -11.61
N PHE B 473 -18.36 -43.15 -12.61
CA PHE B 473 -19.63 -43.85 -12.40
C PHE B 473 -19.46 -45.12 -11.55
N ARG B 474 -18.31 -45.78 -11.66
CA ARG B 474 -18.02 -46.95 -10.84
C ARG B 474 -17.91 -46.59 -9.36
N ASN B 475 -17.21 -45.49 -9.08
CA ASN B 475 -17.06 -45.05 -7.68
C ASN B 475 -18.34 -44.42 -7.11
N CYS B 476 -19.13 -43.79 -7.97
CA CYS B 476 -20.39 -43.17 -7.57
C CYS B 476 -21.47 -44.23 -7.29
N MET B 477 -21.55 -45.23 -8.17
CA MET B 477 -22.47 -46.35 -7.98
C MET B 477 -22.06 -47.20 -6.79
N LEU B 478 -20.76 -47.29 -6.52
CA LEU B 478 -20.26 -47.97 -5.32
C LEU B 478 -20.83 -47.37 -4.06
N THR B 479 -20.92 -46.03 -4.04
CA THR B 479 -21.51 -45.34 -2.90
C THR B 479 -23.01 -45.64 -2.75
N THR B 480 -23.73 -45.64 -3.87
CA THR B 480 -25.19 -45.85 -3.84
C THR B 480 -25.61 -47.31 -3.59
N ILE B 481 -24.89 -48.25 -4.22
CA ILE B 481 -25.18 -49.68 -4.06
C ILE B 481 -24.96 -50.15 -2.62
N CYS B 482 -23.96 -49.56 -1.96
CA CYS B 482 -23.61 -49.91 -0.58
C CYS B 482 -24.29 -49.01 0.47
N CYS B 483 -25.37 -48.33 0.06
CA CYS B 483 -26.21 -47.53 0.96
C CYS B 483 -25.46 -46.34 1.60
N GLY B 484 -24.85 -45.53 0.76
CA GLY B 484 -24.21 -44.29 1.17
C GLY B 484 -22.74 -44.36 1.55
N LYS B 485 -22.26 -45.56 1.88
CA LYS B 485 -20.89 -45.75 2.30
C LYS B 485 -20.08 -46.42 1.19
N ASN B 486 -18.75 -46.49 1.36
CA ASN B 486 -17.84 -47.05 0.37
C ASN B 486 -17.90 -46.33 -0.97
N VAL B 526 7.12 -11.57 4.43
CA VAL B 526 7.31 -12.47 5.57
C VAL B 526 7.18 -13.94 5.11
N ILE B 527 7.85 -14.84 5.82
CA ILE B 527 7.79 -16.26 5.52
C ILE B 527 6.47 -16.84 6.02
N PHE B 528 5.91 -17.80 5.26
CA PHE B 528 4.64 -18.42 5.66
C PHE B 528 4.64 -19.93 5.43
N LYS B 529 3.61 -20.59 5.98
CA LYS B 529 3.55 -22.04 5.99
C LYS B 529 2.16 -22.58 5.70
N LYS B 530 2.05 -23.90 5.60
CA LYS B 530 0.77 -24.59 5.58
C LYS B 530 0.90 -25.95 6.28
N VAL B 531 -0.02 -26.22 7.20
CA VAL B 531 -0.03 -27.47 7.96
C VAL B 531 -0.91 -28.50 7.26
N SER B 532 -0.55 -29.77 7.37
CA SER B 532 -1.35 -30.86 6.81
C SER B 532 -2.63 -31.07 7.60
N ARG B 533 -3.48 -31.95 7.11
CA ARG B 533 -4.76 -32.23 7.79
C ARG B 533 -4.54 -33.06 9.05
N ASP B 534 -3.70 -34.09 8.94
CA ASP B 534 -3.32 -34.91 10.09
C ASP B 534 -2.37 -34.17 11.04
N LYS B 535 -1.75 -33.10 10.54
CA LYS B 535 -0.83 -32.25 11.31
C LYS B 535 0.44 -32.99 11.70
N SER B 536 0.99 -33.73 10.74
CA SER B 536 2.24 -34.45 10.89
C SER B 536 3.33 -33.69 10.13
N VAL B 537 3.10 -33.49 8.84
CA VAL B 537 4.00 -32.73 7.99
C VAL B 537 3.54 -31.28 7.88
N THR B 538 4.47 -30.34 7.91
CA THR B 538 4.16 -28.92 7.77
C THR B 538 5.16 -28.25 6.82
N ILE B 539 4.68 -27.82 5.66
CA ILE B 539 5.55 -27.20 4.66
C ILE B 539 5.74 -25.70 4.93
N TYR B 540 6.93 -25.20 4.60
CA TYR B 540 7.28 -23.79 4.72
C TYR B 540 7.86 -23.27 3.41
N LEU B 541 7.47 -22.05 3.03
CA LEU B 541 8.00 -21.39 1.85
C LEU B 541 8.14 -19.88 2.07
N GLY B 542 9.20 -19.32 1.50
CA GLY B 542 9.51 -17.91 1.65
C GLY B 542 8.57 -16.99 0.89
N LYS B 543 8.11 -17.44 -0.27
CA LYS B 543 7.21 -16.64 -1.10
C LYS B 543 6.43 -17.50 -2.09
N ARG B 544 5.28 -16.98 -2.54
CA ARG B 544 4.47 -17.63 -3.56
C ARG B 544 4.94 -17.27 -4.97
N ASP B 545 5.10 -15.97 -5.20
CA ASP B 545 5.47 -15.49 -6.53
C ASP B 545 6.95 -15.70 -6.77
N TYR B 546 7.28 -16.70 -7.57
CA TYR B 546 8.64 -16.95 -8.00
C TYR B 546 8.75 -16.41 -9.39
N VAL B 547 9.87 -15.66 -9.61
CA VAL B 547 10.21 -14.87 -10.81
C VAL B 547 10.85 -15.76 -11.88
N ASP B 548 10.55 -15.44 -13.14
CA ASP B 548 11.13 -16.11 -14.28
C ASP B 548 11.93 -15.14 -15.15
N HIS B 549 13.25 -15.18 -15.02
CA HIS B 549 14.12 -14.44 -15.93
C HIS B 549 14.33 -15.30 -17.18
N VAL B 550 14.62 -14.66 -18.30
CA VAL B 550 14.68 -15.35 -19.59
C VAL B 550 15.80 -16.40 -19.60
N SER B 551 16.94 -16.07 -19.01
CA SER B 551 18.09 -16.97 -18.98
C SER B 551 17.91 -18.07 -17.94
N GLN B 552 17.74 -17.67 -16.69
CA GLN B 552 17.62 -18.61 -15.58
C GLN B 552 16.37 -18.33 -14.73
N VAL B 553 15.71 -19.39 -14.27
CA VAL B 553 14.50 -19.26 -13.46
C VAL B 553 14.86 -19.24 -11.97
N GLU B 554 14.16 -18.40 -11.20
CA GLU B 554 14.38 -18.32 -9.76
C GLU B 554 13.78 -19.54 -9.07
N PRO B 555 14.62 -20.32 -8.37
CA PRO B 555 14.19 -21.61 -7.81
C PRO B 555 13.34 -21.50 -6.55
N VAL B 556 12.64 -22.57 -6.23
CA VAL B 556 11.84 -22.67 -5.01
C VAL B 556 12.75 -23.03 -3.84
N ASP B 557 12.55 -22.35 -2.72
CA ASP B 557 13.35 -22.57 -1.53
C ASP B 557 12.49 -22.61 -0.28
N GLY B 558 12.77 -23.56 0.60
CA GLY B 558 11.99 -23.69 1.82
C GLY B 558 12.35 -24.90 2.67
N VAL B 559 11.54 -25.15 3.70
CA VAL B 559 11.79 -26.28 4.60
C VAL B 559 10.51 -27.04 4.93
N VAL B 560 10.64 -28.20 5.56
CA VAL B 560 9.49 -29.00 5.98
C VAL B 560 9.69 -29.55 7.40
N LEU B 561 8.78 -29.18 8.30
CA LEU B 561 8.77 -29.67 9.66
C LEU B 561 8.06 -31.01 9.74
N VAL B 562 8.63 -31.95 10.48
CA VAL B 562 8.11 -33.32 10.56
C VAL B 562 7.98 -33.79 12.02
N ASP B 563 6.94 -34.57 12.30
CA ASP B 563 6.74 -35.17 13.61
C ASP B 563 7.40 -36.56 13.65
N PRO B 564 8.37 -36.76 14.57
CA PRO B 564 9.07 -38.06 14.67
C PRO B 564 8.16 -39.23 15.05
N GLU B 565 7.20 -38.99 15.94
CA GLU B 565 6.32 -40.06 16.43
C GLU B 565 5.35 -40.54 15.35
N LEU B 566 4.71 -39.60 14.66
CA LEU B 566 3.79 -39.93 13.57
C LEU B 566 4.53 -40.50 12.37
N VAL B 567 5.57 -39.79 11.94
CA VAL B 567 6.37 -40.28 10.81
C VAL B 567 7.51 -41.14 11.35
N LYS B 568 7.24 -42.43 11.45
CA LYS B 568 8.24 -43.40 11.89
C LYS B 568 8.25 -44.60 10.96
N GLY B 569 9.39 -44.88 10.34
CA GLY B 569 9.48 -45.92 9.33
C GLY B 569 8.74 -45.51 8.06
N LYS B 570 8.80 -44.22 7.75
CA LYS B 570 8.13 -43.65 6.59
C LYS B 570 9.06 -42.77 5.77
N LYS B 571 8.63 -42.40 4.56
CA LYS B 571 9.43 -41.57 3.69
C LYS B 571 8.71 -40.27 3.39
N VAL B 572 9.27 -39.16 3.87
CA VAL B 572 8.71 -37.85 3.54
C VAL B 572 9.40 -37.36 2.28
N TYR B 573 8.58 -36.95 1.32
CA TYR B 573 9.07 -36.45 0.04
C TYR B 573 8.64 -35.03 -0.21
N VAL B 574 9.61 -34.18 -0.62
CA VAL B 574 9.07 -32.92 -1.17
C VAL B 574 9.00 -33.12 -2.68
N THR B 575 7.84 -32.76 -3.26
CA THR B 575 7.58 -33.06 -4.66
C THR B 575 7.16 -31.82 -5.35
N LEU B 576 7.93 -31.57 -6.43
CA LEU B 576 7.38 -30.41 -7.24
C LEU B 576 6.54 -30.91 -8.37
N THR B 577 5.40 -30.23 -8.66
CA THR B 577 4.49 -30.66 -9.72
C THR B 577 4.08 -29.49 -10.56
N CYS B 578 4.54 -29.55 -11.84
CA CYS B 578 3.83 -28.49 -12.71
C CYS B 578 2.70 -29.09 -13.51
N ALA B 579 1.48 -28.47 -13.45
CA ALA B 579 0.30 -29.05 -14.12
C ALA B 579 -0.51 -28.10 -15.00
N PHE B 580 -0.94 -28.62 -16.15
CA PHE B 580 -1.92 -27.97 -17.01
C PHE B 580 -3.29 -28.52 -16.61
N ARG B 581 -4.19 -27.64 -16.20
CA ARG B 581 -5.52 -28.08 -15.79
C ARG B 581 -6.55 -27.64 -16.80
N TYR B 582 -7.44 -28.55 -17.19
CA TYR B 582 -8.58 -28.21 -18.05
C TYR B 582 -9.80 -29.04 -17.65
N GLY B 583 -10.94 -28.36 -17.49
CA GLY B 583 -12.18 -29.01 -17.13
C GLY B 583 -12.28 -29.32 -15.65
N GLN B 584 -13.35 -30.02 -15.26
CA GLN B 584 -13.54 -30.43 -13.87
C GLN B 584 -12.53 -31.52 -13.52
N GLU B 585 -12.13 -31.58 -12.25
CA GLU B 585 -11.06 -32.49 -11.86
C GLU B 585 -11.50 -33.96 -11.90
N ASP B 586 -12.74 -34.22 -11.51
CA ASP B 586 -13.28 -35.58 -11.45
C ASP B 586 -13.86 -36.13 -12.78
N ILE B 587 -14.51 -35.29 -13.58
CA ILE B 587 -15.23 -35.84 -14.73
C ILE B 587 -14.36 -36.34 -15.89
N ASP B 588 -13.35 -35.59 -16.27
CA ASP B 588 -12.47 -35.98 -17.36
C ASP B 588 -11.43 -37.02 -16.94
N VAL B 589 -10.92 -36.87 -15.71
CA VAL B 589 -9.91 -37.79 -15.20
C VAL B 589 -10.44 -39.20 -15.06
N MET B 590 -11.70 -39.31 -14.66
CA MET B 590 -12.36 -40.58 -14.43
C MET B 590 -12.84 -41.14 -15.78
N GLY B 591 -13.32 -40.23 -16.63
CA GLY B 591 -13.94 -40.61 -17.89
C GLY B 591 -13.10 -41.52 -18.76
N LEU B 592 -11.90 -41.07 -19.14
CA LEU B 592 -11.00 -41.86 -19.98
C LEU B 592 -9.54 -41.53 -19.68
N THR B 593 -9.17 -40.26 -19.84
CA THR B 593 -7.82 -39.82 -19.47
C THR B 593 -7.88 -38.45 -18.79
N PHE B 594 -6.85 -38.16 -17.98
CA PHE B 594 -6.90 -36.98 -17.10
C PHE B 594 -6.05 -35.81 -17.60
N ARG B 595 -6.11 -34.72 -16.84
CA ARG B 595 -5.34 -33.51 -17.15
C ARG B 595 -3.86 -33.81 -17.35
N ARG B 596 -3.21 -33.06 -18.23
CA ARG B 596 -1.81 -33.30 -18.55
C ARG B 596 -0.86 -32.49 -17.66
N ASP B 597 0.15 -33.16 -17.14
CA ASP B 597 1.21 -32.49 -16.38
C ASP B 597 2.36 -32.12 -17.31
N LEU B 598 2.68 -30.83 -17.37
CA LEU B 598 3.75 -30.32 -18.24
C LEU B 598 5.12 -30.75 -17.74
N TYR B 599 5.33 -30.59 -16.44
CA TYR B 599 6.55 -31.01 -15.79
C TYR B 599 6.25 -31.41 -14.36
N PHE B 600 6.85 -32.48 -13.95
CA PHE B 600 6.83 -32.95 -12.56
C PHE B 600 8.19 -33.30 -12.06
N SER B 601 8.56 -33.05 -10.81
CA SER B 601 9.83 -33.47 -10.23
C SER B 601 9.63 -33.70 -8.73
N ARG B 602 9.83 -34.92 -8.30
CA ARG B 602 9.75 -35.31 -6.87
C ARG B 602 11.12 -35.39 -6.24
N VAL B 603 11.35 -35.08 -4.97
CA VAL B 603 12.66 -35.22 -4.28
C VAL B 603 12.39 -35.64 -2.83
N GLN B 604 13.28 -36.42 -2.29
CA GLN B 604 13.23 -36.96 -0.91
C GLN B 604 13.60 -35.88 0.08
N VAL B 605 13.27 -36.07 1.35
CA VAL B 605 13.66 -35.15 2.41
C VAL B 605 14.05 -35.86 3.72
N TYR B 606 13.09 -36.61 4.28
CA TYR B 606 13.25 -37.27 5.60
C TYR B 606 13.10 -38.77 5.42
N PRO B 607 14.16 -39.53 5.74
CA PRO B 607 15.53 -39.21 6.17
C PRO B 607 16.40 -38.70 5.06
N PRO B 608 17.47 -37.98 5.40
CA PRO B 608 18.21 -37.39 4.28
C PRO B 608 19.14 -38.28 3.48
N VAL B 609 19.29 -37.85 2.23
CA VAL B 609 20.28 -38.34 1.28
C VAL B 609 21.64 -37.67 1.49
N GLY B 610 21.57 -36.56 2.23
CA GLY B 610 22.62 -35.56 2.36
C GLY B 610 22.28 -34.45 1.38
N ALA B 611 21.36 -33.59 1.86
CA ALA B 611 20.86 -32.48 1.05
C ALA B 611 21.95 -31.49 0.65
N MET B 612 21.57 -30.48 -0.13
CA MET B 612 22.56 -29.60 -0.78
C MET B 612 23.39 -28.80 0.21
N SER B 613 24.64 -28.60 -0.19
CA SER B 613 25.75 -28.12 0.64
C SER B 613 25.55 -26.71 1.18
N VAL B 614 25.01 -25.82 0.35
CA VAL B 614 24.81 -24.44 0.77
C VAL B 614 23.33 -24.06 0.85
N LEU B 615 22.99 -23.41 1.98
CA LEU B 615 21.60 -23.03 2.27
C LEU B 615 21.34 -21.54 2.17
N THR B 616 20.16 -21.18 1.67
CA THR B 616 19.80 -19.79 1.51
C THR B 616 19.53 -19.22 2.88
N GLN B 617 19.51 -17.89 2.98
CA GLN B 617 19.33 -17.23 4.26
C GLN B 617 17.97 -17.64 4.79
N LEU B 618 17.05 -17.87 3.88
CA LEU B 618 15.72 -18.34 4.25
C LEU B 618 15.83 -19.72 4.92
N GLN B 619 16.66 -20.60 4.38
CA GLN B 619 16.80 -21.92 5.00
C GLN B 619 17.56 -21.92 6.33
N GLU B 620 18.61 -21.12 6.41
CA GLU B 620 19.38 -20.97 7.64
C GLU B 620 18.54 -20.33 8.73
N SER B 621 17.79 -19.29 8.36
CA SER B 621 16.93 -18.59 9.30
C SER B 621 15.80 -19.49 9.83
N LEU B 622 15.20 -20.28 8.95
CA LEU B 622 14.12 -21.17 9.33
C LEU B 622 14.60 -22.31 10.23
N LEU B 623 15.78 -22.84 9.95
CA LEU B 623 16.36 -23.90 10.79
C LEU B 623 16.61 -23.41 12.21
N LYS B 624 17.08 -22.16 12.32
CA LYS B 624 17.35 -21.55 13.64
C LYS B 624 16.07 -21.18 14.38
N LYS B 625 15.07 -20.70 13.65
CA LYS B 625 13.78 -20.35 14.23
C LYS B 625 13.03 -21.61 14.70
N LEU B 626 12.86 -22.56 13.79
CA LEU B 626 12.16 -23.79 14.09
C LEU B 626 13.00 -24.77 14.91
N GLY B 627 12.40 -25.88 15.30
CA GLY B 627 13.04 -26.88 16.13
C GLY B 627 14.02 -27.78 15.40
N ASP B 628 14.23 -28.99 15.94
CA ASP B 628 15.24 -29.91 15.43
C ASP B 628 14.82 -30.71 14.20
N ASN B 629 13.52 -30.96 14.06
CA ASN B 629 12.97 -31.81 13.01
C ASN B 629 12.64 -31.08 11.71
N THR B 630 13.43 -30.08 11.37
CA THR B 630 13.22 -29.29 10.16
C THR B 630 14.25 -29.65 9.10
N TYR B 631 13.78 -29.90 7.88
CA TYR B 631 14.68 -30.29 6.79
C TYR B 631 14.45 -29.44 5.54
N PRO B 632 15.53 -28.93 4.92
CA PRO B 632 15.43 -28.03 3.76
C PRO B 632 15.22 -28.72 2.43
N PHE B 633 14.81 -27.95 1.42
CA PHE B 633 14.71 -28.43 0.05
C PHE B 633 14.89 -27.28 -0.95
N LEU B 634 15.42 -27.65 -2.12
CA LEU B 634 15.66 -26.70 -3.20
C LEU B 634 15.18 -27.29 -4.53
N LEU B 635 14.06 -26.77 -5.01
CA LEU B 635 13.45 -27.27 -6.25
C LEU B 635 13.61 -26.25 -7.38
N THR B 636 14.23 -26.68 -8.48
CA THR B 636 14.53 -25.79 -9.60
C THR B 636 13.62 -25.98 -10.80
N PHE B 637 13.39 -24.91 -11.55
CA PHE B 637 12.64 -24.97 -12.80
C PHE B 637 13.58 -25.05 -14.01
N PRO B 638 13.24 -25.87 -15.01
CA PRO B 638 14.01 -25.85 -16.26
C PRO B 638 13.62 -24.68 -17.16
N ASP B 639 14.29 -24.54 -18.31
CA ASP B 639 14.12 -23.38 -19.17
C ASP B 639 13.00 -23.52 -20.23
N TYR B 640 12.34 -24.67 -20.26
CA TYR B 640 11.32 -24.94 -21.30
C TYR B 640 9.86 -24.90 -20.78
N LEU B 641 9.64 -24.34 -19.61
CA LEU B 641 8.30 -24.25 -19.02
C LEU B 641 7.62 -22.91 -19.33
N PRO B 642 6.27 -22.88 -19.31
CA PRO B 642 5.51 -21.65 -19.50
C PRO B 642 5.32 -20.87 -18.20
N CYS B 643 4.52 -19.81 -18.24
CA CYS B 643 4.21 -19.03 -17.04
C CYS B 643 2.88 -19.46 -16.43
N SER B 644 2.56 -18.92 -15.25
CA SER B 644 1.28 -19.20 -14.62
C SER B 644 0.19 -18.36 -15.29
N VAL B 645 -0.64 -19.02 -16.08
CA VAL B 645 -1.67 -18.36 -16.87
C VAL B 645 -2.99 -19.11 -16.75
N MET B 646 -4.07 -18.38 -16.49
CA MET B 646 -5.41 -18.96 -16.48
C MET B 646 -6.29 -18.28 -17.51
N LEU B 647 -7.45 -18.88 -17.78
CA LEU B 647 -8.40 -18.30 -18.73
C LEU B 647 -9.68 -17.89 -18.01
N GLN B 648 -10.21 -16.71 -18.35
CA GLN B 648 -11.35 -16.13 -17.67
C GLN B 648 -12.63 -16.78 -18.14
N PRO B 649 -13.44 -17.28 -17.17
CA PRO B 649 -14.79 -17.80 -17.40
C PRO B 649 -15.85 -16.70 -17.33
N ALA B 650 -17.01 -16.98 -17.93
CA ALA B 650 -18.16 -16.09 -17.85
C ALA B 650 -18.80 -16.21 -16.47
N PRO B 651 -19.64 -15.23 -16.07
CA PRO B 651 -20.31 -15.34 -14.76
C PRO B 651 -21.29 -16.51 -14.69
N GLN B 652 -21.98 -16.80 -15.78
CA GLN B 652 -22.91 -17.93 -15.85
C GLN B 652 -22.18 -19.29 -15.86
N ASP B 653 -20.93 -19.31 -16.31
CA ASP B 653 -20.16 -20.55 -16.28
C ASP B 653 -19.74 -20.85 -14.85
N VAL B 654 -20.57 -21.61 -14.15
CA VAL B 654 -20.35 -21.92 -12.74
C VAL B 654 -19.33 -23.04 -12.53
N GLY B 655 -19.39 -24.05 -13.38
CA GLY B 655 -18.59 -25.27 -13.29
C GLY B 655 -17.62 -25.47 -14.43
N LYS B 656 -16.93 -24.40 -14.83
CA LYS B 656 -15.97 -24.46 -15.92
C LYS B 656 -14.66 -23.75 -15.56
N SER B 657 -13.54 -24.45 -15.71
CA SER B 657 -12.23 -23.88 -15.38
C SER B 657 -11.10 -24.50 -16.22
N CYS B 658 -10.21 -23.64 -16.70
CA CYS B 658 -9.02 -24.09 -17.43
C CYS B 658 -7.87 -23.10 -17.21
N GLY B 659 -6.70 -23.62 -16.86
CA GLY B 659 -5.54 -22.78 -16.62
C GLY B 659 -4.32 -23.55 -16.15
N VAL B 660 -3.14 -22.96 -16.38
CA VAL B 660 -1.88 -23.55 -15.95
C VAL B 660 -1.53 -23.04 -14.56
N ASP B 661 -0.97 -23.92 -13.73
CA ASP B 661 -0.56 -23.51 -12.38
C ASP B 661 0.54 -24.41 -11.81
N PHE B 662 1.39 -23.81 -10.95
CA PHE B 662 2.46 -24.60 -10.34
C PHE B 662 2.09 -24.98 -8.91
N GLU B 663 2.49 -26.18 -8.49
CA GLU B 663 2.10 -26.69 -7.19
C GLU B 663 3.26 -27.37 -6.45
N VAL B 664 3.63 -26.79 -5.31
CA VAL B 664 4.61 -27.42 -4.43
C VAL B 664 3.86 -28.26 -3.40
N LYS B 665 4.16 -29.55 -3.36
CA LYS B 665 3.46 -30.45 -2.46
C LYS B 665 4.42 -31.32 -1.66
N ALA B 666 4.09 -31.57 -0.39
CA ALA B 666 4.90 -32.43 0.46
C ALA B 666 4.03 -33.47 1.14
N PHE B 667 4.53 -34.70 1.24
CA PHE B 667 3.73 -35.78 1.83
C PHE B 667 4.59 -36.89 2.41
N ALA B 668 3.98 -37.71 3.26
CA ALA B 668 4.63 -38.88 3.84
C ALA B 668 3.97 -40.18 3.37
N SER B 669 4.77 -41.25 3.27
CA SER B 669 4.23 -42.54 2.84
C SER B 669 5.12 -43.75 3.17
N ASP B 670 4.49 -44.92 3.28
CA ASP B 670 5.15 -46.23 3.44
C ASP B 670 5.56 -46.77 2.09
N ILE B 671 4.91 -46.28 1.04
CA ILE B 671 5.04 -46.90 -0.27
C ILE B 671 6.23 -46.30 -0.98
N THR B 672 6.83 -47.07 -1.88
CA THR B 672 8.00 -46.61 -2.61
C THR B 672 7.81 -45.43 -3.57
N ASP B 673 8.94 -45.00 -4.14
CA ASP B 673 8.98 -43.81 -4.97
C ASP B 673 8.06 -43.76 -6.22
N PRO B 674 8.09 -44.82 -7.07
CA PRO B 674 7.37 -44.77 -8.36
C PRO B 674 5.86 -44.98 -8.32
N GLU B 675 5.32 -45.27 -7.14
CA GLU B 675 3.90 -45.54 -6.90
C GLU B 675 3.21 -44.23 -6.65
N GLU B 676 3.33 -43.37 -7.66
CA GLU B 676 2.91 -41.98 -7.63
C GLU B 676 1.45 -41.64 -7.98
N ASP B 677 0.85 -42.33 -8.96
CA ASP B 677 -0.48 -41.96 -9.49
C ASP B 677 -1.54 -41.65 -8.40
N LYS B 678 -1.57 -42.45 -7.34
CA LYS B 678 -2.43 -42.23 -6.18
C LYS B 678 -1.68 -41.74 -4.93
N ILE B 679 -2.33 -40.93 -4.07
CA ILE B 679 -1.68 -40.30 -2.92
C ILE B 679 -2.55 -40.39 -1.65
N PRO B 680 -1.91 -40.52 -0.47
CA PRO B 680 -2.69 -40.38 0.76
C PRO B 680 -3.18 -38.95 1.00
N LYS B 681 -4.49 -38.80 1.22
CA LYS B 681 -5.10 -37.49 1.34
C LYS B 681 -4.74 -36.78 2.64
N LYS B 682 -4.67 -37.54 3.72
CA LYS B 682 -4.49 -36.96 5.06
C LYS B 682 -3.09 -36.36 5.29
N SER B 683 -2.05 -37.08 4.89
CA SER B 683 -0.66 -36.67 5.16
C SER B 683 -0.15 -35.58 4.25
N SER B 684 -0.70 -35.52 3.03
CA SER B 684 -0.23 -34.57 2.03
C SER B 684 -0.67 -33.14 2.32
N VAL B 685 0.18 -32.18 1.96
CA VAL B 685 -0.12 -30.77 2.07
C VAL B 685 0.45 -30.02 0.85
N ARG B 686 -0.39 -29.18 0.24
CA ARG B 686 -0.02 -28.52 -1.01
C ARG B 686 -0.18 -27.00 -0.94
N LEU B 687 0.76 -26.29 -1.58
CA LEU B 687 0.74 -24.83 -1.62
C LEU B 687 1.18 -24.37 -3.01
N LEU B 688 0.29 -23.69 -3.72
CA LEU B 688 0.56 -23.31 -5.11
C LEU B 688 1.46 -22.08 -5.23
N ILE B 689 2.18 -21.98 -6.36
CA ILE B 689 3.13 -20.89 -6.64
C ILE B 689 3.05 -20.38 -8.12
N ARG B 690 3.85 -19.33 -8.50
CA ARG B 690 3.68 -18.83 -9.83
C ARG B 690 5.04 -18.67 -10.45
N LYS B 691 5.11 -18.89 -11.75
CA LYS B 691 6.32 -18.59 -12.49
C LYS B 691 6.05 -17.35 -13.32
N VAL B 692 6.19 -16.19 -12.67
CA VAL B 692 5.84 -14.91 -13.27
C VAL B 692 7.03 -14.30 -14.00
N GLN B 693 6.76 -13.62 -15.11
CA GLN B 693 7.78 -12.93 -15.89
C GLN B 693 7.65 -11.42 -15.80
N HIS B 694 8.67 -10.76 -15.28
CA HIS B 694 8.75 -9.30 -15.29
C HIS B 694 9.31 -8.82 -16.61
N ALA B 695 9.04 -7.55 -16.95
CA ALA B 695 9.56 -6.96 -18.18
C ALA B 695 11.06 -6.76 -18.06
N PRO B 696 11.82 -7.09 -19.11
CA PRO B 696 13.28 -6.96 -19.09
C PRO B 696 13.76 -5.51 -19.09
N PRO B 697 15.00 -5.26 -18.65
CA PRO B 697 15.55 -3.90 -18.60
C PRO B 697 15.67 -3.32 -20.01
N GLU B 698 16.04 -4.16 -20.98
CA GLU B 698 16.07 -3.70 -22.38
C GLU B 698 14.74 -3.68 -23.06
N MET B 699 14.37 -2.49 -23.51
CA MET B 699 13.21 -2.35 -24.37
C MET B 699 13.63 -2.66 -25.82
N GLY B 700 12.77 -3.34 -26.57
CA GLY B 700 13.03 -3.67 -27.96
C GLY B 700 12.99 -2.46 -28.87
N PRO B 701 13.18 -2.67 -30.18
CA PRO B 701 13.14 -1.54 -31.12
C PRO B 701 11.73 -0.98 -31.25
N GLN B 702 11.63 0.34 -31.47
CA GLN B 702 10.34 1.02 -31.60
C GLN B 702 9.55 0.43 -32.75
N PRO B 703 8.41 -0.21 -32.46
CA PRO B 703 7.62 -0.84 -33.54
C PRO B 703 7.15 0.15 -34.59
N SER B 704 7.40 -0.15 -35.86
CA SER B 704 6.92 0.69 -36.95
C SER B 704 6.60 -0.18 -38.17
N ALA B 705 5.35 -0.64 -38.24
CA ALA B 705 4.89 -1.46 -39.35
C ALA B 705 4.50 -0.59 -40.54
N GLU B 706 4.55 -1.16 -41.73
CA GLU B 706 4.17 -0.44 -42.95
C GLU B 706 3.67 -1.41 -44.02
N ALA B 707 2.60 -1.03 -44.71
CA ALA B 707 2.02 -1.86 -45.75
C ALA B 707 1.20 -1.04 -46.75
N SER B 708 1.24 -1.46 -48.02
CA SER B 708 0.49 -0.80 -49.08
C SER B 708 -0.58 -1.72 -49.65
N TRP B 709 -1.55 -1.14 -50.35
CA TRP B 709 -2.64 -1.93 -50.92
C TRP B 709 -3.08 -1.46 -52.32
N GLN B 710 -3.71 -2.38 -53.05
CA GLN B 710 -4.30 -2.09 -54.35
C GLN B 710 -5.72 -2.64 -54.41
N PHE B 711 -6.44 -2.36 -55.49
CA PHE B 711 -7.83 -2.80 -55.64
C PHE B 711 -8.11 -3.38 -57.02
N PHE B 712 -9.26 -4.04 -57.18
CA PHE B 712 -9.58 -4.79 -58.39
C PHE B 712 -9.72 -3.91 -59.65
N MET B 713 -10.31 -2.73 -59.51
CA MET B 713 -10.44 -1.79 -60.63
C MET B 713 -9.33 -0.75 -60.61
N SER B 714 -9.27 0.03 -59.54
CA SER B 714 -8.26 1.06 -59.39
C SER B 714 -6.91 0.47 -59.00
N ASP B 715 -5.90 0.75 -59.81
CA ASP B 715 -4.55 0.22 -59.59
C ASP B 715 -3.64 1.19 -58.81
N LYS B 716 -4.22 2.27 -58.30
CA LYS B 716 -3.47 3.25 -57.50
C LYS B 716 -3.05 2.66 -56.15
N PRO B 717 -1.92 3.12 -55.61
CA PRO B 717 -1.44 2.62 -54.31
C PRO B 717 -2.07 3.31 -53.11
N LEU B 718 -2.26 2.57 -52.02
CA LEU B 718 -2.74 3.15 -50.77
C LEU B 718 -1.75 2.82 -49.66
N ASN B 719 -0.83 3.77 -49.41
CA ASN B 719 0.24 3.52 -48.44
C ASN B 719 -0.19 3.78 -47.00
N LEU B 720 -0.01 2.79 -46.14
CA LEU B 720 -0.30 2.94 -44.71
C LEU B 720 0.94 2.62 -43.89
N SER B 721 1.19 3.43 -42.85
CA SER B 721 2.33 3.21 -41.96
C SER B 721 1.93 3.43 -40.51
N VAL B 722 2.17 2.41 -39.69
CA VAL B 722 1.85 2.45 -38.26
C VAL B 722 3.13 2.63 -37.45
N SER B 723 3.02 3.26 -36.28
CA SER B 723 4.16 3.43 -35.39
C SER B 723 3.72 3.58 -33.92
N LEU B 724 4.46 2.96 -33.01
CA LEU B 724 4.16 3.02 -31.58
C LEU B 724 5.25 3.76 -30.82
N SER B 725 4.98 4.02 -29.54
CA SER B 725 5.94 4.70 -28.67
C SER B 725 7.00 3.74 -28.15
N LYS B 726 6.55 2.59 -27.66
CA LYS B 726 7.42 1.59 -27.06
C LYS B 726 7.25 0.21 -27.68
N GLU B 727 8.26 -0.63 -27.52
CA GLU B 727 8.14 -2.04 -27.89
C GLU B 727 7.47 -2.80 -26.75
N ILE B 728 7.89 -2.50 -25.52
CA ILE B 728 7.28 -3.07 -24.32
C ILE B 728 6.42 -2.02 -23.62
N TYR B 729 5.12 -2.24 -23.66
CA TYR B 729 4.18 -1.48 -22.84
C TYR B 729 3.97 -2.31 -21.63
N PHE B 730 3.56 -1.62 -20.53
CA PHE B 730 3.25 -2.16 -19.20
C PHE B 730 1.73 -2.14 -18.91
N HIS B 731 1.34 -2.81 -17.83
CA HIS B 731 -0.07 -2.90 -17.47
C HIS B 731 -0.61 -1.57 -16.92
N GLY B 732 -1.73 -1.13 -17.48
CA GLY B 732 -2.34 0.14 -17.09
C GLY B 732 -1.68 1.35 -17.72
N GLU B 733 -0.89 1.12 -18.77
CA GLU B 733 -0.21 2.20 -19.51
C GLU B 733 -0.99 2.57 -20.77
N PRO B 734 -1.03 3.87 -21.12
CA PRO B 734 -1.64 4.26 -22.40
C PRO B 734 -0.82 3.80 -23.61
N ILE B 735 -1.50 3.42 -24.69
CA ILE B 735 -0.82 2.94 -25.90
C ILE B 735 -1.17 3.85 -27.09
N PRO B 736 -0.34 4.89 -27.31
CA PRO B 736 -0.60 5.79 -28.45
C PRO B 736 -0.17 5.18 -29.78
N VAL B 737 -1.15 4.91 -30.63
CA VAL B 737 -0.93 4.31 -31.94
C VAL B 737 -0.95 5.42 -32.98
N THR B 738 0.24 5.88 -33.38
CA THR B 738 0.34 6.97 -34.34
C THR B 738 0.19 6.40 -35.74
N VAL B 739 -1.05 6.35 -36.20
CA VAL B 739 -1.35 5.90 -37.56
C VAL B 739 -1.12 7.02 -38.56
N THR B 740 -0.50 6.68 -39.69
CA THR B 740 -0.26 7.63 -40.76
C THR B 740 -0.70 7.04 -42.09
N VAL B 741 -1.73 7.62 -42.68
CA VAL B 741 -2.30 7.09 -43.91
C VAL B 741 -2.22 8.13 -45.04
N THR B 742 -1.53 7.77 -46.12
CA THR B 742 -1.39 8.64 -47.27
C THR B 742 -2.17 8.06 -48.46
N ASN B 743 -3.32 8.68 -48.74
CA ASN B 743 -4.24 8.17 -49.77
C ASN B 743 -3.97 8.75 -51.15
N ASN B 744 -3.63 7.88 -52.08
CA ASN B 744 -3.47 8.22 -53.50
C ASN B 744 -4.49 7.53 -54.41
N THR B 745 -5.48 6.86 -53.81
CA THR B 745 -6.47 6.12 -54.59
C THR B 745 -7.74 6.93 -54.83
N ASP B 746 -8.59 6.42 -55.72
CA ASP B 746 -9.86 7.07 -56.06
C ASP B 746 -10.92 6.86 -54.98
N LYS B 747 -10.83 5.73 -54.28
CA LYS B 747 -11.83 5.38 -53.27
C LYS B 747 -11.75 6.25 -52.02
N VAL B 748 -12.87 6.35 -51.32
CA VAL B 748 -12.93 7.04 -50.05
C VAL B 748 -12.88 5.98 -48.95
N VAL B 749 -12.25 6.32 -47.87
CA VAL B 749 -12.13 5.51 -46.64
C VAL B 749 -13.29 5.83 -45.74
N LYS B 750 -13.96 4.85 -45.15
CA LYS B 750 -15.09 5.14 -44.27
C LYS B 750 -14.65 5.57 -42.87
N LYS B 751 -13.81 4.73 -42.27
CA LYS B 751 -13.33 5.00 -40.91
C LYS B 751 -12.02 4.28 -40.60
N ILE B 752 -11.38 4.68 -39.50
CA ILE B 752 -10.13 4.04 -39.09
C ILE B 752 -10.28 3.48 -37.68
N LYS B 753 -10.22 2.14 -37.57
CA LYS B 753 -10.39 1.47 -36.28
C LYS B 753 -9.10 0.80 -35.82
N VAL B 754 -8.71 1.07 -34.59
CA VAL B 754 -7.53 0.43 -33.98
C VAL B 754 -8.02 -0.54 -32.90
N SER B 755 -7.29 -1.65 -32.74
CA SER B 755 -7.67 -2.66 -31.76
C SER B 755 -6.48 -3.38 -31.13
N VAL B 756 -6.47 -3.44 -29.80
CA VAL B 756 -5.49 -4.21 -29.05
C VAL B 756 -6.01 -5.62 -28.93
N GLU B 757 -5.51 -6.51 -29.79
CA GLU B 757 -6.00 -7.89 -29.82
C GLU B 757 -5.11 -8.83 -29.06
N GLN B 758 -5.74 -9.61 -28.15
CA GLN B 758 -4.84 -10.55 -27.46
C GLN B 758 -4.88 -11.94 -28.11
N ILE B 759 -3.74 -12.39 -28.66
CA ILE B 759 -3.71 -13.71 -29.27
C ILE B 759 -3.51 -14.75 -28.23
N ALA B 760 -4.59 -15.55 -28.03
CA ALA B 760 -4.32 -16.66 -27.06
C ALA B 760 -3.81 -17.90 -27.80
N ASN B 761 -2.48 -18.15 -27.76
CA ASN B 761 -1.86 -19.31 -28.41
C ASN B 761 -1.89 -20.49 -27.47
N VAL B 762 -2.90 -21.37 -27.68
CA VAL B 762 -2.89 -22.52 -26.70
C VAL B 762 -2.15 -23.71 -27.28
N VAL B 763 -1.23 -24.31 -26.47
CA VAL B 763 -0.46 -25.51 -26.84
C VAL B 763 -0.55 -26.61 -25.76
N LEU B 764 -1.04 -27.78 -26.14
CA LEU B 764 -1.09 -28.94 -25.26
C LEU B 764 -0.76 -30.23 -26.03
N TYR B 765 -1.61 -30.54 -26.99
CA TYR B 765 -1.40 -31.66 -27.91
C TYR B 765 -0.93 -31.13 -29.26
N SER B 766 -1.61 -30.10 -29.76
CA SER B 766 -1.22 -29.45 -31.01
C SER B 766 -1.18 -27.93 -30.85
N SER B 767 -0.46 -27.26 -31.74
CA SER B 767 -0.35 -25.80 -31.69
C SER B 767 -1.65 -25.18 -32.20
N ASP B 768 -2.35 -24.51 -31.30
CA ASP B 768 -3.61 -23.88 -31.61
C ASP B 768 -3.65 -22.44 -31.11
N TYR B 769 -3.61 -21.53 -32.04
CA TYR B 769 -3.75 -20.06 -31.83
C TYR B 769 -5.19 -19.74 -31.55
N TYR B 770 -5.50 -18.74 -30.73
CA TYR B 770 -6.88 -18.26 -30.55
C TYR B 770 -6.79 -16.76 -30.31
N VAL B 771 -7.17 -16.00 -31.29
CA VAL B 771 -7.16 -14.51 -31.28
C VAL B 771 -8.39 -13.98 -30.58
N LYS B 772 -8.34 -12.87 -29.86
CA LYS B 772 -9.52 -12.17 -29.30
C LYS B 772 -9.16 -10.69 -29.14
N PRO B 773 -10.12 -9.77 -29.35
CA PRO B 773 -9.85 -8.35 -29.11
C PRO B 773 -9.86 -8.03 -27.61
N VAL B 774 -9.13 -7.04 -27.13
CA VAL B 774 -9.21 -6.62 -25.74
C VAL B 774 -9.76 -5.21 -25.66
N ALA B 775 -9.02 -4.27 -26.27
CA ALA B 775 -9.43 -2.88 -26.31
C ALA B 775 -9.57 -2.41 -27.74
N SER B 776 -10.50 -1.51 -28.01
CA SER B 776 -10.72 -1.02 -29.36
C SER B 776 -11.27 0.41 -29.39
N GLU B 777 -10.64 1.25 -30.22
CA GLU B 777 -11.11 2.61 -30.43
C GLU B 777 -11.09 2.93 -31.92
N GLU B 778 -12.08 3.68 -32.38
CA GLU B 778 -12.21 4.00 -33.80
C GLU B 778 -12.60 5.45 -34.01
N THR B 779 -11.99 6.09 -35.00
CA THR B 779 -12.28 7.49 -35.33
C THR B 779 -13.25 7.59 -36.50
N GLN B 780 -14.04 8.66 -36.49
CA GLN B 780 -15.08 8.91 -37.49
C GLN B 780 -14.55 9.71 -38.68
N GLU B 781 -13.31 10.17 -38.61
CA GLU B 781 -12.70 10.96 -39.67
C GLU B 781 -12.54 10.14 -40.96
N LYS B 782 -12.56 10.84 -42.10
CA LYS B 782 -12.46 10.20 -43.40
C LYS B 782 -11.33 10.80 -44.23
N VAL B 783 -10.57 9.93 -44.90
CA VAL B 783 -9.45 10.35 -45.73
C VAL B 783 -9.91 10.47 -47.19
N GLN B 784 -9.75 11.66 -47.75
CA GLN B 784 -10.19 11.93 -49.13
C GLN B 784 -9.16 11.43 -50.14
N PRO B 785 -9.55 11.34 -51.43
CA PRO B 785 -8.60 11.03 -52.49
C PRO B 785 -7.50 12.09 -52.63
N ASN B 786 -6.27 11.65 -52.86
CA ASN B 786 -5.11 12.55 -52.97
C ASN B 786 -4.91 13.40 -51.72
N SER B 787 -5.21 12.81 -50.57
CA SER B 787 -5.10 13.52 -49.29
C SER B 787 -4.47 12.62 -48.22
N THR B 788 -3.62 13.23 -47.39
CA THR B 788 -2.91 12.49 -46.34
C THR B 788 -3.47 12.84 -44.96
N LEU B 789 -3.26 11.94 -44.00
CA LEU B 789 -3.72 12.15 -42.63
C LEU B 789 -2.77 11.52 -41.61
N THR B 790 -2.54 12.23 -40.52
CA THR B 790 -1.71 11.75 -39.42
C THR B 790 -2.46 11.89 -38.10
N LYS B 791 -2.92 10.76 -37.56
CA LYS B 791 -3.66 10.76 -36.30
C LYS B 791 -3.00 9.82 -35.29
N THR B 792 -3.18 10.09 -34.00
CA THR B 792 -2.65 9.20 -32.97
C THR B 792 -3.73 8.85 -31.95
N LEU B 793 -4.21 7.61 -32.06
CA LEU B 793 -5.28 7.11 -31.18
C LEU B 793 -4.71 6.31 -30.01
N VAL B 794 -5.20 6.60 -28.81
CA VAL B 794 -4.76 5.88 -27.61
C VAL B 794 -5.72 4.76 -27.22
N LEU B 795 -5.14 3.63 -26.78
CA LEU B 795 -5.96 2.51 -26.31
C LEU B 795 -5.47 2.07 -24.93
N VAL B 796 -6.41 1.75 -24.04
CA VAL B 796 -6.10 1.40 -22.66
C VAL B 796 -6.66 0.00 -22.36
N PRO B 797 -5.86 -1.04 -22.60
CA PRO B 797 -6.32 -2.40 -22.31
C PRO B 797 -6.39 -2.68 -20.82
N LEU B 798 -7.59 -2.97 -20.33
CA LEU B 798 -7.83 -3.23 -18.92
C LEU B 798 -8.72 -4.45 -18.71
N LEU B 799 -8.60 -5.05 -17.53
CA LEU B 799 -9.40 -6.23 -17.19
C LEU B 799 -10.85 -5.86 -16.86
N ALA B 800 -11.04 -4.74 -16.17
CA ALA B 800 -12.36 -4.28 -15.74
C ALA B 800 -13.34 -4.12 -16.90
N ASN B 801 -12.88 -3.53 -18.00
CA ASN B 801 -13.71 -3.35 -19.19
C ASN B 801 -13.96 -4.65 -19.94
N ASN B 802 -13.04 -5.59 -19.81
CA ASN B 802 -13.14 -6.90 -20.47
C ASN B 802 -13.72 -8.01 -19.58
N ARG B 803 -14.40 -7.63 -18.50
CA ARG B 803 -15.03 -8.62 -17.63
C ARG B 803 -16.25 -9.26 -18.31
N GLU B 804 -16.66 -10.41 -17.77
CA GLU B 804 -17.81 -11.18 -18.27
C GLU B 804 -17.60 -11.62 -19.72
N ARG B 805 -16.43 -12.17 -20.01
CA ARG B 805 -16.09 -12.64 -21.35
C ARG B 805 -15.35 -13.98 -21.28
N ARG B 806 -15.73 -14.90 -22.17
CA ARG B 806 -15.11 -16.22 -22.24
C ARG B 806 -13.85 -16.19 -23.09
N GLY B 807 -12.80 -16.86 -22.63
CA GLY B 807 -11.59 -17.03 -23.41
C GLY B 807 -10.50 -16.01 -23.17
N ILE B 808 -10.76 -15.07 -22.27
CA ILE B 808 -9.74 -14.02 -22.02
C ILE B 808 -8.64 -14.55 -21.11
N ALA B 809 -7.39 -14.56 -21.59
CA ALA B 809 -6.29 -15.07 -20.78
C ALA B 809 -5.85 -14.06 -19.72
N LEU B 810 -5.71 -14.53 -18.49
CA LEU B 810 -5.30 -13.72 -17.35
C LEU B 810 -4.04 -14.28 -16.69
N ASP B 811 -3.36 -13.45 -15.92
CA ASP B 811 -2.27 -13.92 -15.06
C ASP B 811 -2.84 -14.81 -13.96
N GLY B 812 -2.11 -15.87 -13.62
CA GLY B 812 -2.59 -16.87 -12.68
C GLY B 812 -2.94 -16.31 -11.31
N LYS B 813 -4.19 -16.53 -10.89
CA LYS B 813 -4.65 -16.08 -9.57
C LYS B 813 -4.10 -16.97 -8.48
N ILE B 814 -3.88 -16.40 -7.29
CA ILE B 814 -3.38 -17.17 -6.17
C ILE B 814 -4.53 -17.95 -5.54
N LYS B 815 -5.53 -17.24 -5.02
CA LYS B 815 -6.70 -17.91 -4.45
C LYS B 815 -7.94 -17.03 -4.62
N HIS B 816 -8.56 -17.08 -5.79
CA HIS B 816 -9.79 -16.36 -6.13
C HIS B 816 -9.71 -14.84 -5.96
N GLU B 817 -8.50 -14.28 -5.94
CA GLU B 817 -8.34 -12.84 -5.76
C GLU B 817 -8.33 -12.12 -7.11
N ASP B 818 -8.36 -10.79 -7.08
CA ASP B 818 -8.36 -9.99 -8.30
C ASP B 818 -6.97 -9.99 -8.93
N THR B 819 -6.94 -10.09 -10.26
CA THR B 819 -5.70 -10.14 -11.02
C THR B 819 -5.75 -9.15 -12.19
N ASN B 820 -4.82 -9.30 -13.14
CA ASN B 820 -4.78 -8.44 -14.32
C ASN B 820 -4.68 -9.27 -15.59
N LEU B 821 -4.67 -8.60 -16.74
CA LEU B 821 -4.57 -9.29 -18.03
C LEU B 821 -3.26 -10.05 -18.15
N ALA B 822 -3.28 -11.17 -18.86
CA ALA B 822 -2.13 -12.06 -18.96
C ALA B 822 -0.89 -11.36 -19.51
N SER B 823 0.26 -11.71 -18.95
CA SER B 823 1.52 -11.13 -19.37
C SER B 823 2.00 -11.77 -20.68
N SER B 824 2.75 -11.01 -21.47
CA SER B 824 3.29 -11.51 -22.73
C SER B 824 4.39 -12.53 -22.44
N THR B 825 4.18 -13.76 -22.90
CA THR B 825 5.11 -14.85 -22.61
C THR B 825 6.39 -14.71 -23.43
N ILE B 826 7.52 -14.99 -22.79
CA ILE B 826 8.83 -14.93 -23.44
C ILE B 826 9.44 -16.33 -23.47
N ILE B 827 10.01 -16.70 -24.60
CA ILE B 827 10.65 -18.00 -24.77
C ILE B 827 12.15 -17.81 -24.98
N LYS B 828 12.95 -18.70 -24.39
CA LYS B 828 14.40 -18.63 -24.50
C LYS B 828 14.86 -19.00 -25.91
N GLU B 829 15.93 -18.35 -26.36
CA GLU B 829 16.39 -18.48 -27.75
C GLU B 829 17.05 -19.83 -28.04
N GLY B 830 16.57 -20.50 -29.08
CA GLY B 830 17.18 -21.71 -29.59
C GLY B 830 17.22 -22.88 -28.64
N ILE B 831 16.12 -23.09 -27.91
CA ILE B 831 16.03 -24.23 -26.98
C ILE B 831 15.72 -25.54 -27.71
N ASP B 832 15.97 -26.65 -27.03
CA ASP B 832 15.82 -27.97 -27.60
C ASP B 832 14.35 -28.39 -27.65
N ARG B 833 13.72 -28.46 -26.48
CA ARG B 833 12.36 -28.95 -26.36
C ARG B 833 11.32 -27.90 -26.69
N THR B 834 10.15 -28.35 -27.16
CA THR B 834 9.03 -27.45 -27.46
C THR B 834 8.37 -26.96 -26.19
N VAL B 835 7.86 -25.73 -26.22
CA VAL B 835 7.22 -25.14 -25.05
C VAL B 835 5.72 -25.40 -25.06
N MET B 836 5.27 -26.30 -24.20
CA MET B 836 3.86 -26.59 -24.00
C MET B 836 3.25 -25.60 -23.01
N GLY B 837 1.92 -25.47 -23.05
CA GLY B 837 1.20 -24.56 -22.17
C GLY B 837 0.54 -23.40 -22.89
N ILE B 838 -0.04 -22.49 -22.11
CA ILE B 838 -0.74 -21.33 -22.66
C ILE B 838 0.23 -20.18 -22.89
N LEU B 839 0.55 -19.93 -24.16
CA LEU B 839 1.41 -18.83 -24.56
C LEU B 839 0.57 -17.63 -24.97
N VAL B 840 1.04 -16.44 -24.64
CA VAL B 840 0.28 -15.21 -24.88
C VAL B 840 1.11 -14.21 -25.67
N SER B 841 0.44 -13.45 -26.56
CA SER B 841 1.13 -12.38 -27.27
C SER B 841 0.16 -11.28 -27.69
N TYR B 842 0.58 -10.00 -27.58
CA TYR B 842 -0.34 -8.92 -27.91
C TYR B 842 0.07 -8.24 -29.20
N HIS B 843 -0.91 -7.65 -29.89
CA HIS B 843 -0.56 -6.89 -31.10
C HIS B 843 -1.60 -5.80 -31.40
N ILE B 844 -1.12 -4.64 -31.86
CA ILE B 844 -1.99 -3.55 -32.28
C ILE B 844 -2.43 -3.79 -33.72
N LYS B 845 -3.72 -3.99 -33.92
CA LYS B 845 -4.27 -4.24 -35.25
C LYS B 845 -5.13 -3.08 -35.72
N VAL B 846 -4.59 -2.28 -36.64
CA VAL B 846 -5.36 -1.21 -37.27
C VAL B 846 -6.08 -1.74 -38.50
N LYS B 847 -7.33 -1.36 -38.66
CA LYS B 847 -8.14 -1.75 -39.80
C LYS B 847 -8.84 -0.53 -40.41
N LEU B 848 -8.75 -0.41 -41.73
CA LEU B 848 -9.37 0.67 -42.47
C LEU B 848 -10.63 0.19 -43.16
N THR B 849 -11.78 0.68 -42.71
CA THR B 849 -13.03 0.45 -43.42
C THR B 849 -13.04 1.40 -44.60
N VAL B 850 -12.88 0.85 -45.81
CA VAL B 850 -12.77 1.69 -47.00
C VAL B 850 -14.08 1.73 -47.75
N SER B 851 -14.66 2.96 -47.85
CA SER B 851 -15.89 3.03 -48.65
C SER B 851 -15.61 3.09 -50.14
N GLY B 852 -15.78 1.96 -50.87
CA GLY B 852 -15.55 1.87 -52.31
C GLY B 852 -16.78 2.15 -53.16
N PHE B 853 -16.82 1.59 -54.37
CA PHE B 853 -17.94 1.80 -55.30
C PHE B 853 -19.17 0.98 -54.90
N LEU B 857 -20.97 -1.35 -53.99
CA LEU B 857 -21.61 -0.97 -52.73
C LEU B 857 -20.89 -1.60 -51.52
N THR B 858 -20.46 -2.85 -51.65
CA THR B 858 -19.74 -3.53 -50.57
C THR B 858 -18.42 -2.80 -50.30
N SER B 859 -18.03 -2.81 -49.03
CA SER B 859 -16.89 -2.06 -48.51
C SER B 859 -15.80 -3.00 -48.06
N SER B 860 -14.61 -2.70 -48.55
CA SER B 860 -13.42 -3.52 -48.25
C SER B 860 -12.72 -3.08 -46.97
N GLU B 861 -12.47 -4.04 -46.11
CA GLU B 861 -11.82 -3.76 -44.83
C GLU B 861 -10.40 -4.29 -44.85
N VAL B 862 -9.46 -3.41 -45.19
CA VAL B 862 -8.04 -3.74 -45.18
C VAL B 862 -7.48 -3.52 -43.77
N ALA B 863 -6.48 -4.31 -43.39
CA ALA B 863 -5.92 -4.21 -42.04
C ALA B 863 -4.50 -4.75 -41.95
N THR B 864 -3.74 -4.22 -41.00
CA THR B 864 -2.38 -4.67 -40.74
C THR B 864 -2.11 -4.74 -39.23
N GLU B 865 -1.12 -5.53 -38.85
CA GLU B 865 -0.80 -5.78 -37.45
C GLU B 865 0.64 -5.39 -37.09
N VAL B 866 0.86 -5.07 -35.82
CA VAL B 866 2.21 -4.87 -35.30
C VAL B 866 2.27 -5.41 -33.86
N PRO B 867 3.29 -6.25 -33.54
CA PRO B 867 3.34 -6.84 -32.20
C PRO B 867 3.90 -5.92 -31.11
N PHE B 868 3.48 -6.16 -29.86
CA PHE B 868 4.03 -5.47 -28.67
C PHE B 868 3.86 -6.32 -27.38
N ARG B 869 4.37 -5.81 -26.20
CA ARG B 869 4.38 -6.64 -25.03
C ARG B 869 3.68 -5.92 -23.94
N LEU B 870 2.95 -6.69 -23.14
CA LEU B 870 2.31 -6.15 -21.95
C LEU B 870 2.78 -6.96 -20.75
N MET B 871 3.59 -6.35 -19.89
CA MET B 871 4.18 -7.06 -18.75
C MET B 871 4.32 -6.15 -17.52
N HIS B 872 4.57 -6.78 -16.36
CA HIS B 872 4.76 -6.05 -15.12
C HIS B 872 6.15 -5.41 -15.04
N PRO B 873 6.27 -4.32 -14.26
CA PRO B 873 7.56 -3.65 -14.06
C PRO B 873 8.45 -4.32 -13.03
N GLN B 874 9.74 -4.02 -13.08
CA GLN B 874 10.72 -4.55 -12.14
C GLN B 874 10.63 -3.79 -10.82
N PRO B 875 10.31 -4.50 -9.71
CA PRO B 875 10.21 -3.84 -8.41
C PRO B 875 11.57 -3.60 -7.77
N ASN C 1 46.30 47.92 51.89
CA ASN C 1 47.02 47.36 53.04
C ASN C 1 48.53 47.29 52.83
N ILE C 2 49.24 46.57 53.71
CA ILE C 2 50.71 46.48 53.64
C ILE C 2 51.25 45.88 52.33
N PHE C 3 50.56 44.86 51.81
CA PHE C 3 50.96 44.24 50.55
C PHE C 3 50.81 45.19 49.37
N GLU C 4 49.75 45.99 49.40
CA GLU C 4 49.47 46.94 48.33
C GLU C 4 50.42 48.13 48.41
N MET C 5 50.80 48.47 49.64
CA MET C 5 51.74 49.55 49.90
C MET C 5 53.09 49.29 49.24
N LEU C 6 53.68 48.15 49.59
CA LEU C 6 55.00 47.82 49.06
C LEU C 6 54.98 47.46 47.57
N ARG C 7 53.85 46.94 47.09
CA ARG C 7 53.74 46.61 45.67
C ARG C 7 53.80 47.88 44.82
N ILE C 8 53.16 48.95 45.30
CA ILE C 8 53.22 50.24 44.61
C ILE C 8 54.58 50.92 44.75
N ASP C 9 55.15 50.85 45.96
CA ASP C 9 56.42 51.53 46.25
C ASP C 9 57.62 50.80 45.61
N GLU C 10 57.92 49.61 46.09
CA GLU C 10 59.08 48.84 45.61
C GLU C 10 58.93 48.38 44.16
N GLY C 11 57.71 48.00 43.78
CA GLY C 11 57.44 47.55 42.43
C GLY C 11 57.67 46.06 42.25
N VAL C 56 61.04 32.50 36.52
CA VAL C 56 59.70 33.06 36.36
C VAL C 56 58.74 32.53 37.42
N ILE C 57 58.14 33.45 38.18
CA ILE C 57 57.11 33.09 39.15
C ILE C 57 55.82 33.88 38.92
N THR C 58 54.71 33.37 39.44
CA THR C 58 53.41 34.04 39.33
C THR C 58 53.32 35.22 40.30
N LYS C 59 52.33 36.08 40.08
CA LYS C 59 52.12 37.23 40.97
C LYS C 59 51.70 36.78 42.37
N ASP C 60 50.95 35.68 42.44
CA ASP C 60 50.53 35.15 43.73
C ASP C 60 51.71 34.50 44.48
N GLU C 61 52.64 33.90 43.74
CA GLU C 61 53.85 33.35 44.33
C GLU C 61 54.76 34.46 44.86
N ALA C 62 54.84 35.55 44.11
CA ALA C 62 55.60 36.73 44.53
C ALA C 62 54.99 37.37 45.78
N GLU C 63 53.65 37.31 45.88
CA GLU C 63 52.95 37.77 47.07
C GLU C 63 53.32 36.93 48.28
N LYS C 64 53.50 35.62 48.07
CA LYS C 64 53.92 34.73 49.14
C LYS C 64 55.38 34.94 49.55
N LEU C 65 56.25 35.20 48.56
CA LEU C 65 57.64 35.57 48.84
C LEU C 65 57.71 36.88 49.64
N PHE C 66 56.81 37.79 49.30
CA PHE C 66 56.70 39.06 50.02
C PHE C 66 56.20 38.84 51.45
N ASN C 67 55.19 37.99 51.60
CA ASN C 67 54.65 37.68 52.93
C ASN C 67 55.67 37.00 53.83
N GLN C 68 56.59 36.24 53.23
CA GLN C 68 57.71 35.67 53.98
C GLN C 68 58.67 36.76 54.45
N ASP C 69 58.90 37.74 53.58
CA ASP C 69 59.72 38.89 53.96
C ASP C 69 59.03 39.74 55.05
N VAL C 70 57.72 39.87 54.97
CA VAL C 70 56.92 40.58 55.98
C VAL C 70 57.06 39.87 57.33
N ASP C 71 56.88 38.55 57.32
CA ASP C 71 57.01 37.75 58.53
C ASP C 71 58.44 37.83 59.12
N ALA C 72 59.43 37.73 58.24
CA ALA C 72 60.84 37.77 58.64
C ALA C 72 61.27 39.15 59.16
N ALA C 73 60.77 40.19 58.50
CA ALA C 73 61.09 41.57 58.87
C ALA C 73 60.45 41.95 60.20
N VAL C 74 59.20 41.55 60.41
CA VAL C 74 58.50 41.80 61.67
C VAL C 74 59.20 41.11 62.84
N ARG C 75 59.71 39.90 62.61
CA ARG C 75 60.52 39.23 63.62
C ARG C 75 61.81 40.00 63.92
N GLY C 76 62.44 40.50 62.86
CA GLY C 76 63.64 41.32 63.01
C GLY C 76 63.41 42.63 63.76
N ILE C 77 62.24 43.22 63.54
CA ILE C 77 61.83 44.42 64.25
C ILE C 77 61.66 44.14 65.73
N LEU C 78 60.97 43.04 66.06
CA LEU C 78 60.75 42.67 67.46
C LEU C 78 62.02 42.20 68.17
N ARG C 79 62.98 41.68 67.42
CA ARG C 79 64.27 41.29 67.99
C ARG C 79 65.12 42.47 68.43
N ASN C 80 65.22 43.47 67.56
CA ASN C 80 66.01 44.65 67.87
C ASN C 80 65.35 45.40 69.02
N ALA C 81 66.16 45.76 70.00
CA ALA C 81 65.65 46.38 71.23
C ALA C 81 65.16 47.81 70.99
N LYS C 82 65.67 48.43 69.94
CA LYS C 82 65.32 49.79 69.57
C LYS C 82 64.04 49.85 68.72
N LEU C 83 63.83 48.82 67.90
CA LEU C 83 62.69 48.78 66.98
C LEU C 83 61.39 48.24 67.59
N LYS C 84 61.50 47.35 68.57
CA LYS C 84 60.34 46.72 69.20
C LYS C 84 59.39 47.72 69.90
N PRO C 85 59.94 48.63 70.75
CA PRO C 85 59.07 49.58 71.45
C PRO C 85 58.37 50.56 70.50
N VAL C 86 59.03 50.88 69.40
CA VAL C 86 58.46 51.79 68.39
C VAL C 86 57.34 51.09 67.64
N TYR C 87 57.57 49.82 67.28
CA TYR C 87 56.56 49.02 66.59
C TYR C 87 55.31 48.83 67.44
N ASP C 88 55.51 48.58 68.74
CA ASP C 88 54.39 48.40 69.67
C ASP C 88 53.60 49.69 69.89
N SER C 89 54.32 50.82 69.91
CA SER C 89 53.68 52.12 70.16
C SER C 89 52.84 52.61 68.97
N LEU C 90 53.37 52.44 67.77
CA LEU C 90 52.71 52.93 66.56
C LEU C 90 51.52 52.08 66.15
N ASP C 91 50.61 52.67 65.38
CA ASP C 91 49.43 51.95 64.88
C ASP C 91 49.76 51.13 63.63
N ALA C 92 48.78 50.36 63.17
CA ALA C 92 48.94 49.45 62.04
C ALA C 92 49.47 50.14 60.76
N VAL C 93 49.05 51.38 60.57
CA VAL C 93 49.43 52.13 59.37
C VAL C 93 50.91 52.52 59.41
N ARG C 94 51.31 53.13 60.53
CA ARG C 94 52.70 53.54 60.73
C ARG C 94 53.64 52.35 60.94
N ARG C 95 53.08 51.23 61.40
CA ARG C 95 53.84 49.97 61.50
C ARG C 95 54.23 49.49 60.11
N ALA C 96 53.27 49.56 59.17
CA ALA C 96 53.55 49.19 57.79
C ALA C 96 54.58 50.12 57.15
N ALA C 97 54.55 51.39 57.53
CA ALA C 97 55.53 52.36 57.06
C ALA C 97 56.95 52.04 57.58
N LEU C 98 57.02 51.61 58.84
CA LEU C 98 58.29 51.18 59.43
C LEU C 98 58.82 49.92 58.72
N ILE C 99 57.92 49.00 58.42
CA ILE C 99 58.27 47.77 57.70
C ILE C 99 58.83 48.09 56.32
N ASN C 100 58.29 49.11 55.66
CA ASN C 100 58.81 49.55 54.37
C ASN C 100 60.28 49.96 54.45
N MET C 101 60.61 50.69 55.51
CA MET C 101 62.00 51.07 55.76
C MET C 101 62.88 49.86 56.08
N VAL C 102 62.35 48.94 56.87
CA VAL C 102 63.06 47.71 57.25
C VAL C 102 63.25 46.76 56.06
N PHE C 103 62.34 46.81 55.09
CA PHE C 103 62.42 45.97 53.90
C PHE C 103 63.61 46.31 53.03
N GLN C 104 63.70 47.57 52.62
CA GLN C 104 64.76 47.97 51.68
C GLN C 104 66.13 48.06 52.36
N MET C 105 66.23 48.92 53.35
CA MET C 105 67.50 49.18 54.04
C MET C 105 67.93 48.05 54.96
N GLY C 106 66.97 47.24 55.41
CA GLY C 106 67.25 46.17 56.34
C GLY C 106 67.15 46.62 57.79
N GLU C 107 67.34 45.68 58.71
CA GLU C 107 67.37 45.98 60.13
C GLU C 107 68.55 46.89 60.48
N THR C 108 69.66 46.68 59.78
CA THR C 108 70.87 47.47 60.00
C THR C 108 70.64 48.96 59.76
N GLY C 109 70.05 49.28 58.61
CA GLY C 109 69.77 50.65 58.21
C GLY C 109 68.78 51.36 59.13
N VAL C 110 67.68 50.68 59.46
CA VAL C 110 66.66 51.30 60.30
C VAL C 110 67.10 51.46 61.76
N ALA C 111 67.96 50.54 62.22
CA ALA C 111 68.48 50.59 63.59
C ALA C 111 69.32 51.83 63.89
N GLY C 112 69.95 52.40 62.86
CA GLY C 112 70.76 53.59 63.01
C GLY C 112 70.02 54.87 63.33
N PHE C 113 68.70 54.88 63.08
CA PHE C 113 67.91 56.09 63.29
C PHE C 113 67.57 56.24 64.77
N THR C 114 68.29 57.12 65.46
CA THR C 114 68.11 57.32 66.89
C THR C 114 67.04 58.38 67.20
N ASN C 115 67.25 59.59 66.67
CA ASN C 115 66.38 60.74 66.95
C ASN C 115 64.95 60.55 66.43
N SER C 116 64.81 60.00 65.22
CA SER C 116 63.50 59.79 64.61
C SER C 116 62.68 58.76 65.37
N LEU C 117 63.28 57.63 65.70
CA LEU C 117 62.58 56.58 66.45
C LEU C 117 62.19 57.04 67.85
N ARG C 118 62.98 57.96 68.41
CA ARG C 118 62.65 58.59 69.70
C ARG C 118 61.42 59.48 69.54
N MET C 119 61.46 60.35 68.54
CA MET C 119 60.36 61.28 68.27
C MET C 119 59.08 60.57 67.82
N LEU C 120 59.22 59.48 67.09
CA LEU C 120 58.10 58.66 66.66
C LEU C 120 57.46 57.96 67.85
N GLN C 121 58.28 57.50 68.79
CA GLN C 121 57.79 56.89 70.02
C GLN C 121 57.10 57.91 70.94
N GLN C 122 57.56 59.15 70.88
CA GLN C 122 57.01 60.25 71.69
C GLN C 122 55.86 61.01 71.02
N LYS C 123 55.32 60.45 69.93
CA LYS C 123 54.20 61.04 69.20
C LYS C 123 54.55 62.42 68.64
N ARG C 124 55.80 62.57 68.17
CA ARG C 124 56.20 63.79 67.48
C ARG C 124 56.42 63.46 65.99
N TRP C 125 55.45 63.84 65.16
CA TRP C 125 55.43 63.43 63.76
C TRP C 125 56.20 64.34 62.81
N ASP C 126 56.06 65.64 63.02
CA ASP C 126 56.61 66.64 62.10
C ASP C 126 58.13 66.63 62.07
N GLU C 127 58.76 66.80 63.23
CA GLU C 127 60.21 66.85 63.32
C GLU C 127 60.88 65.52 62.94
N ALA C 128 60.15 64.42 63.13
CA ALA C 128 60.61 63.13 62.65
C ALA C 128 60.66 63.12 61.12
N ALA C 129 59.60 63.64 60.52
CA ALA C 129 59.51 63.77 59.07
C ALA C 129 60.52 64.75 58.48
N VAL C 130 60.78 65.84 59.20
CA VAL C 130 61.79 66.84 58.81
C VAL C 130 63.18 66.22 58.81
N ASN C 131 63.48 65.42 59.84
CA ASN C 131 64.75 64.74 59.94
C ASN C 131 64.88 63.70 58.82
N LEU C 132 63.78 63.02 58.52
CA LEU C 132 63.74 62.03 57.44
C LEU C 132 63.82 62.64 56.04
N ALA C 133 63.24 63.82 55.86
CA ALA C 133 63.25 64.50 54.57
C ALA C 133 64.63 65.08 54.22
N LYS C 134 65.41 65.38 55.25
CA LYS C 134 66.74 65.94 55.06
C LYS C 134 67.83 64.85 54.98
N SER C 135 67.41 63.59 54.93
CA SER C 135 68.35 62.47 54.89
C SER C 135 68.67 61.99 53.48
N ARG C 136 69.58 61.03 53.38
CA ARG C 136 69.93 60.39 52.11
C ARG C 136 68.78 59.59 51.51
N TRP C 137 67.91 59.07 52.36
CA TRP C 137 66.76 58.25 51.93
C TRP C 137 65.77 59.03 51.06
N TYR C 138 65.47 60.27 51.45
CA TYR C 138 64.60 61.15 50.66
C TYR C 138 65.27 61.54 49.35
N ASN C 139 66.57 61.73 49.42
CA ASN C 139 67.39 62.03 48.26
C ASN C 139 67.47 60.86 47.26
N GLN C 140 67.59 59.66 47.80
CA GLN C 140 67.66 58.42 47.02
C GLN C 140 66.39 58.19 46.21
N THR C 141 65.25 58.14 46.91
CA THR C 141 63.95 57.87 46.30
C THR C 141 62.90 58.85 46.82
N PRO C 142 62.88 60.08 46.28
CA PRO C 142 61.90 61.09 46.70
C PRO C 142 60.45 60.73 46.37
N ASN C 143 60.23 59.90 45.35
CA ASN C 143 58.90 59.41 45.03
C ASN C 143 58.33 58.51 46.16
N ARG C 144 59.13 57.52 46.51
CA ARG C 144 58.79 56.55 47.53
C ARG C 144 58.80 57.17 48.93
N ALA C 145 59.85 57.94 49.21
CA ALA C 145 60.04 58.54 50.53
C ALA C 145 58.96 59.57 50.85
N LYS C 146 58.62 60.43 49.89
CA LYS C 146 57.60 61.46 50.12
C LYS C 146 56.26 60.86 50.54
N ARG C 147 55.91 59.72 49.94
CA ARG C 147 54.67 59.03 50.35
C ARG C 147 54.73 58.47 51.79
N VAL C 148 55.88 57.89 52.14
CA VAL C 148 56.05 57.31 53.48
C VAL C 148 56.18 58.40 54.57
N ILE C 149 56.88 59.49 54.24
CA ILE C 149 57.08 60.62 55.14
C ILE C 149 55.73 61.27 55.51
N THR C 150 54.87 61.44 54.50
CA THR C 150 53.54 61.99 54.74
C THR C 150 52.69 61.07 55.61
N THR C 151 52.88 59.76 55.45
CA THR C 151 52.16 58.80 56.28
C THR C 151 52.50 58.92 57.77
N PHE C 152 53.78 59.13 58.06
CA PHE C 152 54.22 59.30 59.45
C PHE C 152 53.59 60.55 60.07
N ARG C 153 53.45 61.61 59.26
CA ARG C 153 52.83 62.84 59.78
C ARG C 153 51.31 62.69 60.02
N THR C 154 50.58 62.23 59.01
CA THR C 154 49.12 62.14 59.08
C THR C 154 48.61 60.99 59.95
N GLY C 155 49.16 59.79 59.75
CA GLY C 155 48.68 58.59 60.41
C GLY C 155 47.47 57.98 59.75
N THR C 156 47.29 58.31 58.46
CA THR C 156 46.14 57.83 57.68
C THR C 156 46.59 57.38 56.29
N TRP C 157 45.74 56.64 55.58
CA TRP C 157 46.14 56.08 54.30
C TRP C 157 45.96 57.09 53.16
N ASP C 158 45.90 58.37 53.52
CA ASP C 158 45.63 59.44 52.56
C ASP C 158 46.69 59.58 51.49
N ALA C 159 47.93 59.39 51.88
CA ALA C 159 49.05 59.45 50.97
C ALA C 159 48.98 58.35 49.93
N TYR C 160 48.44 57.19 50.32
CA TYR C 160 48.56 56.04 49.44
C TYR C 160 47.54 56.14 48.32
N MET C 161 47.86 57.02 47.36
CA MET C 161 47.00 57.18 46.20
C MET C 161 47.52 56.45 44.96
N CYS C 162 46.69 55.62 44.34
CA CYS C 162 47.10 54.85 43.17
C CYS C 162 47.31 55.85 42.02
N GLY C 163 46.14 56.37 41.63
CA GLY C 163 45.87 57.33 40.57
C GLY C 163 45.71 58.72 41.14
N THR C 164 45.10 59.60 40.34
CA THR C 164 44.78 60.95 40.80
C THR C 164 43.25 61.13 40.82
N GLU C 165 42.65 61.17 42.02
CA GLU C 165 41.21 61.33 42.19
C GLU C 165 40.79 62.78 41.96
N GLY C 166 39.49 63.00 41.73
CA GLY C 166 38.95 64.32 41.50
C GLY C 166 37.48 64.44 41.85
N PRO C 167 36.91 65.65 41.68
CA PRO C 167 35.49 65.83 42.01
C PRO C 167 34.52 65.12 41.05
N ASN C 168 34.77 65.24 39.75
CA ASN C 168 33.93 64.65 38.72
C ASN C 168 34.62 63.66 37.79
N PHE C 169 35.82 63.20 38.17
CA PHE C 169 36.61 62.33 37.31
C PHE C 169 37.67 61.52 38.08
N TYR C 170 38.25 60.55 37.39
CA TYR C 170 39.34 59.75 37.94
C TYR C 170 40.35 59.43 36.84
N VAL C 171 41.54 59.99 36.94
CA VAL C 171 42.62 59.72 36.00
C VAL C 171 43.47 58.57 36.52
N PRO C 172 43.67 57.52 35.70
CA PRO C 172 44.53 56.41 36.12
C PRO C 172 46.00 56.70 35.84
N PHE C 173 46.55 57.68 36.54
CA PHE C 173 47.94 58.07 36.38
C PHE C 173 48.40 58.87 37.61
N SER C 174 49.67 58.71 37.98
CA SER C 174 50.22 59.35 39.18
C SER C 174 50.49 60.85 38.97
N ASN C 175 50.09 61.65 39.96
CA ASN C 175 50.36 63.09 39.97
C ASN C 175 51.57 63.44 40.84
N ALA C 176 52.40 62.44 41.13
CA ALA C 176 53.61 62.66 41.92
C ALA C 176 54.63 63.50 41.16
N THR C 177 54.72 63.27 39.84
CA THR C 177 55.58 64.06 38.97
C THR C 177 55.07 65.49 38.81
N GLY C 178 53.74 65.64 38.89
CA GLY C 178 53.07 66.93 38.77
C GLY C 178 52.67 67.29 37.36
N VAL C 179 52.04 66.33 36.69
CA VAL C 179 51.57 66.51 35.32
C VAL C 179 50.04 66.39 35.11
N VAL C 180 49.32 65.90 36.12
CA VAL C 180 47.90 65.61 35.96
C VAL C 180 47.06 66.89 36.04
N ARG C 181 46.21 67.09 35.03
CA ARG C 181 45.25 68.19 35.00
C ARG C 181 43.86 67.66 34.66
N SER C 182 42.85 68.52 34.80
CA SER C 182 41.46 68.12 34.61
C SER C 182 41.18 67.67 33.17
N PRO C 183 40.48 66.52 33.02
CA PRO C 183 40.03 66.08 31.69
C PRO C 183 38.98 67.00 31.06
N PHE C 184 38.30 67.79 31.87
CA PHE C 184 37.31 68.74 31.36
C PHE C 184 37.90 70.10 30.98
N GLU C 185 39.22 70.23 31.12
CA GLU C 185 39.91 71.50 30.84
C GLU C 185 41.08 71.33 29.86
N TYR C 186 42.08 70.56 30.28
CA TYR C 186 43.34 70.42 29.54
C TYR C 186 43.46 69.07 28.83
N PRO C 187 44.37 68.98 27.83
CA PRO C 187 44.61 67.70 27.14
C PRO C 187 45.15 66.61 28.06
N GLN C 188 44.98 65.36 27.63
CA GLN C 188 45.37 64.16 28.38
C GLN C 188 46.48 63.35 27.69
N TYR C 189 47.40 64.02 27.02
CA TYR C 189 48.46 63.34 26.27
C TYR C 189 49.51 62.67 27.14
N TYR C 190 49.53 62.95 28.44
CA TYR C 190 50.43 62.29 29.37
C TYR C 190 50.03 60.84 29.68
N LEU C 191 48.75 60.52 29.50
CA LEU C 191 48.24 59.16 29.75
C LEU C 191 48.85 58.16 28.77
N ALA C 192 48.67 58.43 27.47
CA ALA C 192 49.18 57.56 26.43
C ALA C 192 49.71 58.38 25.26
N GLU C 193 50.32 57.71 24.28
CA GLU C 193 50.90 58.38 23.12
C GLU C 193 49.84 59.13 22.31
N PRO C 194 50.20 60.29 21.73
CA PRO C 194 49.26 61.09 20.93
C PRO C 194 48.64 60.35 19.72
N TRP C 195 49.40 59.42 19.15
CA TRP C 195 48.90 58.66 18.00
C TRP C 195 47.76 57.70 18.37
N GLN C 196 47.71 57.28 19.64
CA GLN C 196 46.61 56.43 20.10
C GLN C 196 45.29 57.21 20.24
N PHE C 197 45.38 58.52 20.39
CA PHE C 197 44.20 59.37 20.35
C PHE C 197 43.68 59.50 18.91
N SER C 198 44.62 59.55 17.97
CA SER C 198 44.26 59.51 16.55
C SER C 198 43.67 58.14 16.15
N MET C 199 44.16 57.08 16.79
CA MET C 199 43.61 55.74 16.62
C MET C 199 42.17 55.68 17.11
N LEU C 200 41.89 56.30 18.25
CA LEU C 200 40.54 56.36 18.79
C LEU C 200 39.61 57.16 17.87
N ALA C 201 40.13 58.23 17.27
CA ALA C 201 39.38 59.02 16.30
C ALA C 201 39.08 58.21 15.04
N ALA C 202 40.07 57.44 14.58
CA ALA C 202 39.91 56.57 13.42
C ALA C 202 38.94 55.42 13.70
N TYR C 203 38.98 54.92 14.93
CA TYR C 203 38.11 53.82 15.36
C TYR C 203 36.65 54.26 15.46
N MET C 204 36.42 55.41 16.10
CA MET C 204 35.08 55.95 16.24
C MET C 204 34.49 56.38 14.88
N PHE C 205 35.38 56.82 13.98
CA PHE C 205 34.98 57.11 12.61
C PHE C 205 34.49 55.85 11.90
N LEU C 206 35.20 54.74 12.12
CA LEU C 206 34.82 53.45 11.54
C LEU C 206 33.45 52.96 12.05
N LEU C 207 33.20 53.20 13.34
CA LEU C 207 31.93 52.79 13.95
C LEU C 207 30.75 53.62 13.43
N ILE C 208 30.98 54.89 13.13
CA ILE C 208 29.91 55.74 12.58
C ILE C 208 29.58 55.37 11.14
N VAL C 209 30.63 55.10 10.35
CA VAL C 209 30.45 54.75 8.94
C VAL C 209 29.77 53.38 8.77
N LEU C 210 30.07 52.44 9.66
CA LEU C 210 29.44 51.12 9.61
C LEU C 210 28.10 51.08 10.37
N GLY C 211 28.06 51.72 11.53
CA GLY C 211 26.93 51.64 12.43
C GLY C 211 25.69 52.38 12.00
N PHE C 212 25.86 53.62 11.55
CA PHE C 212 24.69 54.44 11.22
C PHE C 212 23.88 53.91 10.02
N PRO C 213 24.55 53.60 8.89
CA PRO C 213 23.78 53.12 7.73
C PRO C 213 23.04 51.81 7.98
N ILE C 214 23.70 50.83 8.62
CA ILE C 214 23.09 49.53 8.86
C ILE C 214 21.79 49.65 9.67
N ASN C 215 21.85 50.37 10.78
CA ASN C 215 20.70 50.52 11.66
C ASN C 215 19.62 51.46 11.11
N PHE C 216 20.05 52.51 10.43
CA PHE C 216 19.11 53.45 9.80
C PHE C 216 18.40 52.79 8.62
N LEU C 217 19.13 51.99 7.86
CA LEU C 217 18.57 51.24 6.74
C LEU C 217 17.55 50.21 7.24
N THR C 218 17.87 49.56 8.36
CA THR C 218 16.94 48.60 8.97
C THR C 218 15.56 49.24 9.20
N LEU C 219 15.58 50.44 9.78
CA LEU C 219 14.32 51.16 10.02
C LEU C 219 13.68 51.72 8.72
N TYR C 220 14.53 52.26 7.84
CA TYR C 220 14.07 52.82 6.57
C TYR C 220 13.37 51.77 5.68
N VAL C 221 14.00 50.61 5.59
CA VAL C 221 13.46 49.48 4.83
C VAL C 221 12.15 49.01 5.44
N THR C 222 12.06 49.03 6.77
CA THR C 222 10.82 48.62 7.45
C THR C 222 9.64 49.57 7.16
N VAL C 223 9.92 50.86 7.07
CA VAL C 223 8.88 51.86 6.75
C VAL C 223 8.32 51.63 5.34
N GLN C 224 9.18 51.24 4.41
CA GLN C 224 8.73 51.02 3.04
C GLN C 224 7.90 49.73 2.89
N HIS C 225 8.50 48.60 3.23
CA HIS C 225 7.87 47.29 3.04
C HIS C 225 6.88 46.94 4.16
N LYS C 226 5.70 46.48 3.76
CA LYS C 226 4.68 46.01 4.71
C LYS C 226 5.05 44.65 5.30
N LYS C 227 5.83 43.87 4.55
CA LYS C 227 6.11 42.48 4.90
C LYS C 227 6.79 42.37 6.27
N LEU C 228 7.67 43.32 6.55
CA LEU C 228 8.51 43.28 7.76
C LEU C 228 7.78 43.64 9.05
N ARG C 229 6.82 44.56 8.98
CA ARG C 229 6.19 45.04 10.21
C ARG C 229 5.30 43.97 10.82
N THR C 230 5.89 43.19 11.73
CA THR C 230 5.20 42.14 12.47
C THR C 230 5.75 42.10 13.91
N PRO C 231 4.89 41.78 14.89
CA PRO C 231 5.23 41.80 16.33
C PRO C 231 6.63 41.22 16.72
N LEU C 232 7.01 40.12 16.07
CA LEU C 232 8.32 39.50 16.35
C LEU C 232 9.49 40.41 15.90
N ASN C 233 9.26 41.11 14.80
CA ASN C 233 10.26 42.05 14.32
C ASN C 233 10.29 43.34 15.11
N TYR C 234 9.25 43.61 15.91
CA TYR C 234 9.20 44.80 16.76
C TYR C 234 10.38 44.84 17.71
N ILE C 235 10.69 43.67 18.29
CA ILE C 235 11.88 43.66 19.18
C ILE C 235 13.20 43.81 18.39
N LEU C 236 13.22 43.26 17.17
CA LEU C 236 14.42 43.49 16.32
C LEU C 236 14.58 44.97 15.87
N LEU C 237 13.44 45.65 15.71
CA LEU C 237 13.43 47.08 15.39
C LEU C 237 13.91 47.92 16.58
N ASN C 238 13.54 47.48 17.78
CA ASN C 238 14.02 48.13 19.00
C ASN C 238 15.54 48.02 19.14
N LEU C 239 16.10 46.90 18.68
CA LEU C 239 17.54 46.71 18.67
C LEU C 239 18.24 47.72 17.74
N ALA C 240 17.60 47.98 16.60
CA ALA C 240 18.12 48.98 15.66
C ALA C 240 18.12 50.39 16.24
N VAL C 241 17.04 50.73 16.97
CA VAL C 241 16.94 52.03 17.62
C VAL C 241 17.99 52.19 18.74
N ALA C 242 18.24 51.09 19.46
CA ALA C 242 19.22 51.07 20.54
C ALA C 242 20.65 51.35 20.01
N ASP C 243 20.98 50.72 18.89
CA ASP C 243 22.30 50.90 18.29
C ASP C 243 22.47 52.31 17.70
N LEU C 244 21.37 52.89 17.25
CA LEU C 244 21.41 54.28 16.75
C LEU C 244 21.73 55.28 17.86
N PHE C 245 21.24 55.00 19.07
CA PHE C 245 21.57 55.83 20.24
C PHE C 245 23.05 55.74 20.60
N MET C 246 23.64 54.56 20.39
CA MET C 246 25.09 54.41 20.62
C MET C 246 25.93 55.19 19.61
N VAL C 247 25.43 55.31 18.38
CA VAL C 247 26.13 56.08 17.35
C VAL C 247 26.01 57.59 17.58
N LEU C 248 24.78 58.09 17.56
CA LEU C 248 24.53 59.52 17.67
C LEU C 248 24.88 60.07 19.06
N GLY C 249 24.46 59.38 20.10
CA GLY C 249 24.73 59.80 21.46
C GLY C 249 26.16 59.52 21.92
N GLY C 250 26.67 58.34 21.56
CA GLY C 250 27.97 57.89 22.05
C GLY C 250 29.19 58.18 21.20
N PHE C 251 29.24 57.59 20.00
CA PHE C 251 30.47 57.55 19.21
C PHE C 251 30.84 58.90 18.59
N THR C 252 29.85 59.66 18.14
CA THR C 252 30.09 60.97 17.53
C THR C 252 30.68 61.97 18.54
N SER C 253 30.20 61.89 19.77
CA SER C 253 30.74 62.72 20.85
C SER C 253 32.15 62.27 21.25
N THR C 254 32.35 60.95 21.30
CA THR C 254 33.66 60.38 21.59
C THR C 254 34.68 60.71 20.49
N LEU C 255 34.20 60.81 19.26
CA LEU C 255 35.04 61.17 18.11
C LEU C 255 35.54 62.61 18.24
N TYR C 256 34.62 63.51 18.58
CA TYR C 256 34.96 64.93 18.73
C TYR C 256 35.99 65.17 19.85
N THR C 257 35.81 64.43 20.94
CA THR C 257 36.72 64.56 22.09
C THR C 257 38.08 63.89 21.83
N SER C 258 38.08 62.78 21.12
CA SER C 258 39.31 62.06 20.80
C SER C 258 40.21 62.87 19.88
N LEU C 259 39.60 63.69 19.01
CA LEU C 259 40.37 64.57 18.14
C LEU C 259 41.12 65.62 18.96
N HIS C 260 40.42 66.23 19.92
CA HIS C 260 41.08 67.22 20.79
C HIS C 260 42.02 66.59 21.82
N GLY C 261 41.65 65.41 22.32
CA GLY C 261 42.45 64.69 23.30
C GLY C 261 41.95 64.80 24.73
N TYR C 262 40.78 65.43 24.90
CA TYR C 262 40.16 65.58 26.21
C TYR C 262 38.66 65.85 26.07
N PHE C 263 37.91 65.63 27.15
CA PHE C 263 36.47 65.82 27.09
C PHE C 263 36.13 67.32 27.18
N VAL C 264 35.69 67.88 26.06
CA VAL C 264 35.44 69.31 25.95
C VAL C 264 34.09 69.75 26.52
N PHE C 265 33.11 68.84 26.56
CA PHE C 265 31.74 69.20 26.88
C PHE C 265 31.47 69.42 28.38
N GLY C 266 32.40 68.99 29.23
CA GLY C 266 32.26 69.17 30.67
C GLY C 266 31.45 68.07 31.34
N PRO C 267 31.26 68.19 32.67
CA PRO C 267 30.48 67.22 33.46
C PRO C 267 29.05 66.98 32.94
N THR C 268 28.39 68.04 32.48
CA THR C 268 27.03 67.92 31.95
C THR C 268 26.99 67.06 30.68
N GLY C 269 27.92 67.32 29.78
CA GLY C 269 28.04 66.55 28.55
C GLY C 269 28.46 65.12 28.79
N CYS C 270 29.26 64.90 29.84
CA CYS C 270 29.73 63.57 30.19
C CYS C 270 28.59 62.71 30.75
N ASN C 271 27.71 63.35 31.52
CA ASN C 271 26.52 62.68 32.04
C ASN C 271 25.57 62.26 30.92
N LEU C 272 25.35 63.17 29.97
CA LEU C 272 24.42 62.89 28.86
C LEU C 272 24.98 61.86 27.86
N GLN C 273 26.28 61.94 27.58
CA GLN C 273 26.93 60.97 26.69
C GLN C 273 26.94 59.58 27.32
N GLY C 274 27.34 59.51 28.58
CA GLY C 274 27.35 58.26 29.32
C GLY C 274 25.97 57.66 29.51
N PHE C 275 24.97 58.53 29.60
CA PHE C 275 23.58 58.09 29.73
C PHE C 275 23.09 57.42 28.46
N PHE C 276 23.31 58.06 27.31
CA PHE C 276 22.90 57.48 26.02
C PHE C 276 23.72 56.25 25.65
N ALA C 277 25.00 56.25 25.99
CA ALA C 277 25.87 55.10 25.73
C ALA C 277 25.43 53.87 26.51
N THR C 278 25.07 54.08 27.77
CA THR C 278 24.56 53.01 28.62
C THR C 278 23.17 52.57 28.15
N LEU C 279 22.30 53.54 27.90
CA LEU C 279 20.94 53.27 27.44
C LEU C 279 20.93 52.47 26.14
N GLY C 280 21.79 52.86 25.20
CA GLY C 280 21.91 52.17 23.93
C GLY C 280 22.41 50.74 24.07
N GLY C 281 23.38 50.56 24.97
CA GLY C 281 23.91 49.22 25.23
C GLY C 281 22.94 48.31 25.98
N GLU C 282 22.21 48.88 26.93
CA GLU C 282 21.29 48.12 27.78
C GLU C 282 20.00 47.76 27.06
N ILE C 283 19.47 48.69 26.27
CA ILE C 283 18.30 48.39 25.44
C ILE C 283 18.68 47.31 24.42
N ALA C 284 19.89 47.41 23.86
CA ALA C 284 20.37 46.38 22.94
C ALA C 284 20.49 44.99 23.62
N LEU C 285 20.98 45.01 24.86
CA LEU C 285 21.12 43.78 25.64
C LEU C 285 19.77 43.11 25.92
N TRP C 286 18.87 43.86 26.55
CA TRP C 286 17.56 43.33 26.91
C TRP C 286 16.67 43.03 25.70
N SER C 287 16.97 43.66 24.57
CA SER C 287 16.31 43.32 23.32
C SER C 287 16.64 41.91 22.91
N LEU C 288 17.91 41.52 23.08
CA LEU C 288 18.32 40.14 22.76
C LEU C 288 17.77 39.11 23.76
N VAL C 289 17.57 39.55 25.01
CA VAL C 289 16.94 38.70 26.01
C VAL C 289 15.49 38.40 25.64
N VAL C 290 14.75 39.47 25.33
CA VAL C 290 13.36 39.35 24.90
C VAL C 290 13.24 38.54 23.61
N LEU C 291 14.17 38.76 22.68
CA LEU C 291 14.19 38.01 21.42
C LEU C 291 14.38 36.51 21.65
N ALA C 292 15.24 36.16 22.60
CA ALA C 292 15.46 34.76 22.95
C ALA C 292 14.21 34.13 23.59
N ILE C 293 13.56 34.89 24.47
CA ILE C 293 12.32 34.43 25.12
C ILE C 293 11.21 34.24 24.08
N GLU C 294 11.04 35.23 23.22
CA GLU C 294 10.05 35.17 22.15
C GLU C 294 10.27 33.96 21.27
N ARG C 295 11.49 33.80 20.75
CA ARG C 295 11.79 32.70 19.83
C ARG C 295 11.62 31.32 20.46
N TYR C 296 11.85 31.22 21.77
CA TYR C 296 11.62 29.96 22.46
C TYR C 296 10.13 29.63 22.59
N VAL C 297 9.37 30.60 23.10
CA VAL C 297 7.95 30.40 23.36
C VAL C 297 7.13 30.29 22.07
N VAL C 298 7.43 31.15 21.10
CA VAL C 298 6.69 31.19 19.84
C VAL C 298 6.92 29.94 18.98
N VAL C 299 8.18 29.49 18.90
CA VAL C 299 8.49 28.32 18.07
C VAL C 299 8.03 27.01 18.71
N CYS C 300 8.44 26.77 19.95
CA CYS C 300 8.13 25.51 20.64
C CYS C 300 6.63 25.29 20.86
N LYS C 301 5.91 26.36 21.18
CA LYS C 301 4.46 26.31 21.37
C LYS C 301 3.72 27.00 20.22
N PRO C 302 3.01 26.22 19.37
CA PRO C 302 2.34 26.83 18.20
C PRO C 302 1.13 27.72 18.55
N MET C 303 0.50 27.47 19.70
CA MET C 303 -0.65 28.28 20.13
C MET C 303 -0.26 29.73 20.44
N SER C 304 0.97 29.92 20.90
CA SER C 304 1.46 31.24 21.28
C SER C 304 1.65 32.16 20.09
N ASN C 305 1.68 31.60 18.87
CA ASN C 305 1.77 32.45 17.69
C ASN C 305 0.58 33.41 17.59
N PHE C 306 -0.61 32.89 17.88
CA PHE C 306 -1.81 33.74 17.94
C PHE C 306 -1.71 34.74 19.07
N ARG C 307 -1.27 34.25 20.22
CA ARG C 307 -1.18 35.06 21.42
C ARG C 307 -0.30 36.29 21.26
N PHE C 308 0.82 36.13 20.58
CA PHE C 308 1.81 37.19 20.53
C PHE C 308 1.31 38.19 19.46
N GLY C 309 0.48 39.14 19.84
CA GLY C 309 0.05 40.22 18.96
C GLY C 309 0.96 41.42 19.12
N GLU C 310 0.49 42.59 18.67
CA GLU C 310 1.28 43.81 18.78
C GLU C 310 1.44 44.28 20.24
N ASN C 311 0.38 44.10 21.04
CA ASN C 311 0.39 44.54 22.44
C ASN C 311 1.43 43.80 23.29
N HIS C 312 1.62 42.51 23.01
CA HIS C 312 2.65 41.72 23.69
C HIS C 312 4.05 42.13 23.25
N ALA C 313 4.19 42.46 21.97
CA ALA C 313 5.46 42.96 21.44
C ALA C 313 5.83 44.32 22.03
N ILE C 314 4.82 45.16 22.21
CA ILE C 314 4.99 46.46 22.86
C ILE C 314 5.43 46.28 24.30
N MET C 315 4.85 45.29 25.00
CA MET C 315 5.27 44.99 26.37
C MET C 315 6.73 44.51 26.44
N GLY C 316 7.15 43.76 25.43
CA GLY C 316 8.54 43.33 25.35
C GLY C 316 9.51 44.49 25.15
N VAL C 317 9.16 45.40 24.24
CA VAL C 317 9.96 46.60 23.99
C VAL C 317 9.91 47.57 25.18
N ALA C 318 8.76 47.61 25.85
CA ALA C 318 8.58 48.44 27.05
C ALA C 318 9.47 47.93 28.18
N PHE C 319 9.40 46.63 28.44
CA PHE C 319 10.25 45.99 29.45
C PHE C 319 11.72 46.23 29.18
N THR C 320 12.10 46.19 27.90
CA THR C 320 13.47 46.47 27.49
C THR C 320 13.88 47.90 27.90
N TRP C 321 13.01 48.85 27.63
CA TRP C 321 13.27 50.26 27.96
C TRP C 321 13.26 50.51 29.48
N VAL C 322 12.40 49.79 30.20
CA VAL C 322 12.30 49.93 31.64
C VAL C 322 13.55 49.40 32.34
N MET C 323 14.01 48.21 31.95
CA MET C 323 15.23 47.63 32.52
C MET C 323 16.47 48.48 32.19
N ALA C 324 16.46 49.05 31.00
CA ALA C 324 17.55 49.93 30.57
C ALA C 324 17.60 51.19 31.41
N LEU C 325 16.45 51.85 31.55
CA LEU C 325 16.35 53.06 32.37
C LEU C 325 16.54 52.77 33.85
N ALA C 326 16.22 51.55 34.28
CA ALA C 326 16.39 51.14 35.66
C ALA C 326 17.86 51.16 36.08
N CYS C 327 18.74 50.82 35.14
CA CYS C 327 20.18 50.88 35.43
C CYS C 327 20.93 52.11 34.85
N ALA C 328 20.33 52.76 33.86
CA ALA C 328 20.94 53.92 33.22
C ALA C 328 20.69 55.23 33.96
N ALA C 329 19.51 55.36 34.56
CA ALA C 329 19.12 56.59 35.26
C ALA C 329 19.82 56.84 36.60
N PRO C 330 19.96 55.80 37.46
CA PRO C 330 20.55 56.03 38.79
C PRO C 330 21.96 56.67 38.80
N PRO C 331 22.86 56.32 37.85
CA PRO C 331 24.15 57.02 37.77
C PRO C 331 24.04 58.54 37.70
N LEU C 332 23.00 59.06 37.04
CA LEU C 332 22.77 60.50 36.99
C LEU C 332 22.36 61.06 38.36
N ALA C 333 21.47 60.35 39.03
CA ALA C 333 20.81 60.77 40.27
C ALA C 333 21.35 60.15 41.57
N GLY C 334 22.65 59.96 41.64
CA GLY C 334 23.35 59.59 42.86
C GLY C 334 23.93 58.19 42.93
N TRP C 335 23.14 57.16 42.64
CA TRP C 335 23.64 55.80 42.75
C TRP C 335 24.59 55.54 41.58
N SER C 336 25.88 55.51 41.89
CA SER C 336 27.01 55.52 40.95
C SER C 336 27.13 56.86 40.20
N ARG C 337 28.01 56.91 39.21
CA ARG C 337 28.26 58.15 38.48
C ARG C 337 28.81 57.90 37.09
N TYR C 338 28.54 58.83 36.16
CA TYR C 338 29.15 58.80 34.83
C TYR C 338 30.41 59.65 34.83
N ILE C 339 31.55 59.04 34.54
CA ILE C 339 32.83 59.76 34.48
C ILE C 339 33.63 59.33 33.24
N PRO C 340 34.61 60.15 32.84
CA PRO C 340 35.48 59.74 31.72
C PRO C 340 36.31 58.50 32.07
N GLU C 341 36.20 57.46 31.23
CA GLU C 341 36.88 56.19 31.47
C GLU C 341 38.02 56.01 30.49
N GLY C 342 39.05 55.27 30.98
CA GLY C 342 40.21 54.94 30.18
C GLY C 342 41.09 56.15 29.92
N LEU C 343 41.05 56.60 28.67
CA LEU C 343 41.83 57.73 28.20
C LEU C 343 41.16 59.08 28.54
N GLN C 344 40.06 59.02 29.29
CA GLN C 344 39.30 60.21 29.69
C GLN C 344 38.69 60.94 28.49
N CYS C 345 38.31 60.16 27.49
CA CYS C 345 37.65 60.66 26.30
C CYS C 345 36.22 60.14 26.29
N SER C 346 36.08 58.80 26.36
CA SER C 346 34.74 58.25 26.40
C SER C 346 34.21 58.25 27.80
N CYS C 347 32.96 58.66 28.00
CA CYS C 347 32.35 58.64 29.33
C CYS C 347 31.55 57.36 29.54
N GLY C 348 31.69 56.76 30.72
CA GLY C 348 30.99 55.54 31.06
C GLY C 348 30.75 55.39 32.55
N ILE C 349 30.24 54.23 32.95
CA ILE C 349 29.92 53.96 34.34
C ILE C 349 31.20 53.75 35.15
N ASP C 350 31.22 54.25 36.39
CA ASP C 350 32.36 54.10 37.26
C ASP C 350 32.28 52.76 37.99
N TYR C 351 33.05 51.79 37.51
CA TYR C 351 33.10 50.45 38.11
C TYR C 351 34.48 50.11 38.70
N TYR C 352 35.35 51.11 38.80
CA TYR C 352 36.72 50.89 39.27
C TYR C 352 37.03 51.67 40.55
N THR C 353 36.73 52.97 40.55
CA THR C 353 36.95 53.81 41.73
C THR C 353 35.88 53.55 42.78
N LEU C 354 36.30 53.12 43.97
CA LEU C 354 35.35 52.88 45.03
C LEU C 354 35.07 54.19 45.76
N LYS C 355 33.96 54.81 45.40
CA LYS C 355 33.51 56.05 46.02
C LYS C 355 32.20 55.81 46.75
N PRO C 356 32.23 55.70 48.08
CA PRO C 356 31.02 55.44 48.88
C PRO C 356 30.07 56.64 48.96
N GLU C 357 30.49 57.81 48.45
CA GLU C 357 29.58 58.94 48.35
C GLU C 357 28.49 58.65 47.33
N VAL C 358 28.88 58.06 46.20
CA VAL C 358 27.93 57.69 45.14
C VAL C 358 27.55 56.20 45.17
N ASN C 359 28.18 55.44 46.06
CA ASN C 359 27.85 54.02 46.29
C ASN C 359 28.09 53.11 45.07
N ASN C 360 29.36 52.95 44.70
CA ASN C 360 29.74 52.11 43.56
C ASN C 360 29.75 50.60 43.84
N GLU C 361 30.00 50.21 45.09
CA GLU C 361 30.06 48.80 45.45
C GLU C 361 28.74 48.08 45.17
N SER C 362 27.66 48.60 45.73
CA SER C 362 26.33 48.02 45.55
C SER C 362 25.86 48.10 44.10
N PHE C 363 26.26 49.16 43.39
CA PHE C 363 25.86 49.34 41.99
C PHE C 363 26.53 48.31 41.09
N VAL C 364 27.84 48.14 41.25
CA VAL C 364 28.59 47.17 40.46
C VAL C 364 28.10 45.74 40.74
N ILE C 365 27.74 45.45 41.99
CA ILE C 365 27.16 44.15 42.33
C ILE C 365 25.78 43.98 41.68
N TYR C 366 24.91 44.97 41.86
CA TYR C 366 23.59 45.00 41.24
C TYR C 366 23.69 44.79 39.73
N MET C 367 24.58 45.55 39.11
CA MET C 367 24.84 45.49 37.66
C MET C 367 25.34 44.11 37.26
N PHE C 368 26.43 43.67 37.89
CA PHE C 368 27.05 42.38 37.59
C PHE C 368 26.07 41.22 37.74
N VAL C 369 25.45 41.11 38.91
CA VAL C 369 24.57 39.99 39.20
C VAL C 369 23.36 39.97 38.29
N VAL C 370 22.62 41.09 38.25
CA VAL C 370 21.42 41.14 37.44
C VAL C 370 21.71 41.22 35.95
N HIS C 371 22.38 42.29 35.54
CA HIS C 371 22.52 42.61 34.12
C HIS C 371 23.50 41.70 33.34
N PHE C 372 24.36 40.98 34.05
CA PHE C 372 25.24 39.98 33.41
C PHE C 372 24.79 38.54 33.55
N THR C 373 24.61 38.11 34.79
CA THR C 373 24.29 36.72 35.03
C THR C 373 22.90 36.30 34.57
N ILE C 374 21.91 37.16 34.81
CA ILE C 374 20.51 36.82 34.53
C ILE C 374 20.20 36.71 33.02
N PRO C 375 20.61 37.72 32.21
CA PRO C 375 20.51 37.55 30.76
C PRO C 375 21.24 36.31 30.26
N MET C 376 22.45 36.06 30.73
CA MET C 376 23.20 34.87 30.35
C MET C 376 22.42 33.58 30.62
N ILE C 377 21.86 33.47 31.83
CA ILE C 377 21.09 32.30 32.25
C ILE C 377 19.82 32.18 31.39
N ILE C 378 19.10 33.28 31.21
CA ILE C 378 17.86 33.29 30.44
C ILE C 378 18.12 32.95 28.96
N ILE C 379 19.11 33.59 28.34
CA ILE C 379 19.42 33.40 26.92
C ILE C 379 19.95 31.99 26.66
N PHE C 380 20.84 31.49 27.51
CA PHE C 380 21.35 30.13 27.37
C PHE C 380 20.25 29.09 27.60
N PHE C 381 19.32 29.39 28.50
CA PHE C 381 18.17 28.53 28.71
C PHE C 381 17.21 28.56 27.53
N CYS C 382 16.97 29.75 26.99
CA CYS C 382 16.06 29.93 25.86
C CYS C 382 16.54 29.21 24.61
N TYR C 383 17.71 29.61 24.09
CA TYR C 383 18.26 28.99 22.88
C TYR C 383 18.73 27.55 23.13
N GLY C 384 19.06 27.23 24.38
CA GLY C 384 19.44 25.88 24.74
C GLY C 384 18.26 24.92 24.65
N GLN C 385 17.13 25.33 25.21
CA GLN C 385 15.89 24.55 25.12
C GLN C 385 15.33 24.56 23.69
N LEU C 386 15.61 25.64 22.95
CA LEU C 386 15.17 25.75 21.55
C LEU C 386 15.85 24.69 20.69
N VAL C 387 17.18 24.64 20.75
CA VAL C 387 17.95 23.65 20.01
C VAL C 387 17.64 22.23 20.52
N PHE C 388 17.45 22.09 21.84
CA PHE C 388 17.06 20.81 22.43
C PHE C 388 15.75 20.27 21.84
N THR C 389 14.77 21.16 21.71
CA THR C 389 13.46 20.80 21.15
C THR C 389 13.57 20.46 19.66
N VAL C 390 14.33 21.26 18.92
CA VAL C 390 14.48 21.05 17.48
C VAL C 390 15.29 19.80 17.14
N LYS C 391 16.36 19.53 17.89
CA LYS C 391 17.17 18.34 17.68
C LYS C 391 16.39 17.06 17.98
N GLU C 392 15.60 17.09 19.05
CA GLU C 392 14.74 15.95 19.39
C GLU C 392 13.61 15.77 18.36
N ALA C 393 13.07 16.89 17.89
CA ALA C 393 12.03 16.87 16.87
C ALA C 393 12.55 16.41 15.50
N ALA C 394 13.76 16.83 15.16
CA ALA C 394 14.40 16.43 13.92
C ALA C 394 14.74 14.94 13.92
N ALA C 395 15.16 14.44 15.07
CA ALA C 395 15.46 13.01 15.22
C ALA C 395 14.19 12.15 15.20
N GLN C 396 13.07 12.75 15.61
CA GLN C 396 11.77 12.06 15.60
C GLN C 396 11.33 11.69 14.18
N GLN C 397 11.55 12.61 13.22
CA GLN C 397 11.29 12.29 11.82
C GLN C 397 12.51 12.67 10.96
N GLN C 398 13.40 11.69 10.78
CA GLN C 398 14.60 11.87 9.98
C GLN C 398 14.33 11.70 8.48
N GLU C 399 13.18 11.10 8.16
CA GLU C 399 12.76 10.92 6.77
C GLU C 399 12.65 12.26 6.03
N SER C 400 12.19 13.28 6.73
CA SER C 400 12.07 14.61 6.14
C SER C 400 13.44 15.29 6.13
N ALA C 401 13.99 15.47 4.93
CA ALA C 401 15.31 16.09 4.77
C ALA C 401 15.28 17.60 4.99
N THR C 402 14.11 18.19 4.78
CA THR C 402 13.91 19.63 4.94
C THR C 402 14.11 20.08 6.39
N THR C 403 13.64 19.26 7.32
CA THR C 403 13.80 19.53 8.75
C THR C 403 15.27 19.45 9.18
N GLN C 404 16.03 18.59 8.53
CA GLN C 404 17.45 18.42 8.83
C GLN C 404 18.26 19.65 8.41
N LYS C 405 17.91 20.20 7.26
CA LYS C 405 18.54 21.43 6.78
C LYS C 405 18.21 22.62 7.70
N ALA C 406 16.97 22.65 8.17
CA ALA C 406 16.55 23.67 9.13
C ALA C 406 17.31 23.55 10.46
N GLU C 407 17.26 22.36 11.05
CA GLU C 407 17.92 22.06 12.32
C GLU C 407 19.41 22.41 12.29
N LYS C 408 20.04 22.14 11.16
CA LYS C 408 21.44 22.49 10.98
C LYS C 408 21.67 24.00 10.96
N GLU C 409 20.87 24.71 10.16
CA GLU C 409 21.02 26.16 10.04
C GLU C 409 20.74 26.88 11.38
N VAL C 410 19.78 26.35 12.16
CA VAL C 410 19.43 26.91 13.46
C VAL C 410 20.59 26.73 14.45
N THR C 411 21.08 25.49 14.58
CA THR C 411 22.17 25.18 15.51
C THR C 411 23.43 26.00 15.20
N ARG C 412 23.68 26.25 13.91
CA ARG C 412 24.81 27.08 13.48
C ARG C 412 24.64 28.53 13.95
N MET C 413 23.41 29.03 13.82
CA MET C 413 23.11 30.39 14.27
C MET C 413 23.16 30.54 15.80
N VAL C 414 22.64 29.55 16.51
CA VAL C 414 22.61 29.58 17.99
C VAL C 414 24.03 29.58 18.57
N ILE C 415 24.93 28.82 17.95
CA ILE C 415 26.34 28.85 18.38
C ILE C 415 26.94 30.25 18.15
N ILE C 416 26.59 30.86 17.01
CA ILE C 416 27.06 32.22 16.72
C ILE C 416 26.41 33.28 17.64
N TYR C 417 25.14 33.09 17.99
CA TYR C 417 24.45 33.98 18.93
C TYR C 417 25.15 34.01 20.28
N VAL C 418 25.56 32.82 20.75
CA VAL C 418 26.27 32.71 22.03
C VAL C 418 27.66 33.36 21.97
N ILE C 419 28.40 33.06 20.90
CA ILE C 419 29.74 33.63 20.71
C ILE C 419 29.70 35.16 20.65
N ALA C 420 28.70 35.70 19.95
CA ALA C 420 28.54 37.16 19.84
C ALA C 420 28.20 37.80 21.19
N PHE C 421 27.37 37.12 21.98
CA PHE C 421 26.99 37.61 23.30
C PHE C 421 28.16 37.64 24.27
N LEU C 422 28.93 36.55 24.29
CA LEU C 422 30.06 36.43 25.19
C LEU C 422 31.17 37.42 24.83
N ILE C 423 31.56 37.46 23.56
CA ILE C 423 32.58 38.39 23.08
C ILE C 423 32.21 39.84 23.44
N CYS C 424 30.92 40.14 23.39
CA CYS C 424 30.47 41.50 23.73
C CYS C 424 30.66 41.86 25.21
N TRP C 425 29.99 41.12 26.10
CA TRP C 425 29.87 41.55 27.49
C TRP C 425 30.85 40.92 28.50
N VAL C 426 31.49 39.81 28.14
CA VAL C 426 32.45 39.16 29.04
C VAL C 426 33.67 40.04 29.37
N PRO C 427 34.23 40.77 28.38
CA PRO C 427 35.36 41.66 28.67
C PRO C 427 35.07 42.69 29.78
N TYR C 428 33.90 43.32 29.74
CA TYR C 428 33.52 44.29 30.76
C TYR C 428 33.34 43.64 32.13
N ALA C 429 32.64 42.51 32.16
CA ALA C 429 32.34 41.81 33.42
C ALA C 429 33.61 41.22 34.05
N SER C 430 34.47 40.66 33.22
CA SER C 430 35.71 40.04 33.68
C SER C 430 36.69 41.08 34.24
N VAL C 431 36.84 42.18 33.52
CA VAL C 431 37.72 43.26 33.98
C VAL C 431 37.17 43.93 35.24
N ALA C 432 35.87 44.21 35.26
CA ALA C 432 35.21 44.79 36.44
C ALA C 432 35.33 43.89 37.67
N PHE C 433 35.21 42.57 37.44
CA PHE C 433 35.37 41.59 38.51
C PHE C 433 36.81 41.53 39.01
N TYR C 434 37.76 41.55 38.09
CA TYR C 434 39.18 41.50 38.43
C TYR C 434 39.64 42.77 39.17
N ILE C 435 39.08 43.91 38.77
CA ILE C 435 39.35 45.18 39.44
C ILE C 435 38.79 45.18 40.86
N PHE C 436 37.61 44.59 41.02
CA PHE C 436 36.96 44.53 42.34
C PHE C 436 37.71 43.61 43.31
N THR C 437 38.16 42.47 42.82
CA THR C 437 38.91 41.52 43.64
C THR C 437 40.31 42.05 43.96
N HIS C 438 40.98 42.61 42.95
CA HIS C 438 42.27 43.23 43.18
C HIS C 438 42.13 44.75 43.09
N GLN C 439 41.76 45.36 44.22
CA GLN C 439 41.57 46.80 44.30
C GLN C 439 42.84 47.56 44.59
N GLY C 440 43.75 46.92 45.34
CA GLY C 440 44.99 47.55 45.69
C GLY C 440 45.96 47.78 44.55
N SER C 441 45.86 46.94 43.51
CA SER C 441 46.74 47.08 42.37
C SER C 441 46.28 48.26 41.52
N CYS C 442 47.19 48.79 40.71
CA CYS C 442 46.91 49.91 39.81
C CYS C 442 46.62 49.40 38.39
N PHE C 443 45.77 50.13 37.67
CA PHE C 443 45.36 49.77 36.32
C PHE C 443 45.46 50.94 35.36
N GLY C 444 46.11 50.72 34.21
CA GLY C 444 46.32 51.77 33.24
C GLY C 444 45.09 52.10 32.41
N PRO C 445 45.18 53.14 31.56
CA PRO C 445 44.05 53.58 30.72
C PRO C 445 43.72 52.65 29.53
N ILE C 446 44.74 52.05 28.94
CA ILE C 446 44.56 51.16 27.79
C ILE C 446 43.91 49.83 28.21
N PHE C 447 44.15 49.45 29.46
CA PHE C 447 43.56 48.25 30.03
C PHE C 447 42.03 48.37 30.11
N MET C 448 41.55 49.56 30.46
CA MET C 448 40.12 49.83 30.51
C MET C 448 39.51 49.99 29.12
N THR C 449 40.35 50.29 28.13
CA THR C 449 39.89 50.43 26.74
C THR C 449 39.54 49.10 26.07
N ILE C 450 40.17 48.01 26.51
CA ILE C 450 39.94 46.71 25.84
C ILE C 450 38.46 46.21 25.89
N PRO C 451 37.81 46.29 27.08
CA PRO C 451 36.37 45.99 27.10
C PRO C 451 35.53 46.95 26.26
N ALA C 452 35.92 48.23 26.23
CA ALA C 452 35.20 49.23 25.45
C ALA C 452 35.28 48.96 23.95
N PHE C 453 36.39 48.35 23.51
CA PHE C 453 36.55 47.96 22.11
C PHE C 453 35.51 46.91 21.73
N PHE C 454 35.45 45.84 22.51
CA PHE C 454 34.52 44.73 22.17
C PHE C 454 33.03 45.09 22.33
N ALA C 455 32.72 45.88 23.35
CA ALA C 455 31.32 46.26 23.62
C ALA C 455 30.77 47.22 22.53
N LYS C 456 31.59 48.20 22.16
CA LYS C 456 31.17 49.15 21.12
C LYS C 456 31.23 48.49 19.71
N SER C 457 32.07 47.47 19.59
CA SER C 457 32.08 46.67 18.37
C SER C 457 30.77 45.89 18.21
N ALA C 458 30.19 45.48 19.34
CA ALA C 458 28.90 44.79 19.33
C ALA C 458 27.80 45.66 18.73
N ALA C 459 27.94 46.98 18.90
CA ALA C 459 27.01 47.90 18.20
C ALA C 459 27.03 47.68 16.68
N ILE C 460 28.19 47.28 16.18
CA ILE C 460 28.28 46.92 14.73
C ILE C 460 27.84 45.46 14.43
N TYR C 461 28.50 44.49 15.05
CA TYR C 461 28.31 43.08 14.65
C TYR C 461 27.03 42.40 15.18
N ASN C 462 26.29 43.05 16.09
CA ASN C 462 24.97 42.52 16.45
C ASN C 462 23.94 42.72 15.33
N PRO C 463 23.87 43.93 14.74
CA PRO C 463 23.06 44.09 13.52
C PRO C 463 23.42 43.12 12.39
N VAL C 464 24.69 42.73 12.30
CA VAL C 464 25.12 41.78 11.27
C VAL C 464 24.48 40.41 11.49
N ILE C 465 24.54 39.90 12.71
CA ILE C 465 24.07 38.56 13.02
C ILE C 465 22.54 38.50 13.18
N TYR C 466 21.97 39.49 13.86
CA TYR C 466 20.53 39.49 14.15
C TYR C 466 19.65 40.10 13.05
N ILE C 467 20.21 41.02 12.27
CA ILE C 467 19.45 41.68 11.20
C ILE C 467 19.93 41.28 9.80
N MET C 468 21.21 41.51 9.51
CA MET C 468 21.75 41.25 8.17
C MET C 468 21.75 39.76 7.81
N MET C 469 22.08 38.90 8.77
CA MET C 469 22.06 37.45 8.53
C MET C 469 20.66 36.87 8.58
N ASN C 470 19.70 37.65 9.10
CA ASN C 470 18.30 37.26 9.09
C ASN C 470 17.82 37.21 7.63
N LYS C 471 17.16 36.12 7.24
CA LYS C 471 16.87 35.84 5.83
C LYS C 471 15.93 36.85 5.15
N GLN C 472 14.94 37.33 5.90
CA GLN C 472 13.96 38.28 5.37
C GLN C 472 14.60 39.62 5.18
N PHE C 473 15.20 40.15 6.24
CA PHE C 473 15.86 41.44 6.20
C PHE C 473 16.98 41.47 5.15
N ARG C 474 17.62 40.33 4.94
CA ARG C 474 18.66 40.22 3.90
C ARG C 474 18.04 40.40 2.51
N ASN C 475 16.91 39.73 2.27
CA ASN C 475 16.22 39.84 0.98
C ASN C 475 15.49 41.18 0.77
N CYS C 476 15.01 41.75 1.88
CA CYS C 476 14.33 43.04 1.85
C CYS C 476 15.32 44.19 1.61
N MET C 477 16.45 44.14 2.30
CA MET C 477 17.51 45.12 2.11
C MET C 477 18.12 44.98 0.73
N LEU C 478 18.16 43.76 0.21
CA LEU C 478 18.62 43.52 -1.16
C LEU C 478 17.79 44.31 -2.17
N THR C 479 16.48 44.35 -1.93
CA THR C 479 15.58 45.13 -2.79
C THR C 479 15.84 46.64 -2.68
N THR C 480 16.04 47.12 -1.45
CA THR C 480 16.23 48.55 -1.21
C THR C 480 17.61 49.09 -1.62
N ILE C 481 18.65 48.32 -1.33
CA ILE C 481 20.02 48.68 -1.66
C ILE C 481 20.22 48.79 -3.18
N CYS C 482 19.54 47.93 -3.92
CA CYS C 482 19.64 47.88 -5.38
C CYS C 482 18.55 48.71 -6.09
N CYS C 483 17.95 49.64 -5.36
CA CYS C 483 16.98 50.60 -5.91
C CYS C 483 15.71 49.94 -6.46
N GLY C 484 15.07 49.13 -5.61
CA GLY C 484 13.78 48.54 -5.93
C GLY C 484 13.80 47.18 -6.60
N LYS C 485 14.92 46.84 -7.24
CA LYS C 485 15.04 45.57 -7.95
C LYS C 485 15.91 44.58 -7.17
N ASN C 486 15.94 43.32 -7.63
CA ASN C 486 16.68 42.26 -6.97
C ASN C 486 16.22 42.02 -5.54
N VAL C 526 -18.90 17.14 -9.81
CA VAL C 526 -18.20 17.21 -11.10
C VAL C 526 -16.69 17.31 -10.89
N ILE C 527 -15.93 16.82 -11.87
CA ILE C 527 -14.46 16.88 -11.81
C ILE C 527 -13.98 18.28 -12.13
N PHE C 528 -12.92 18.72 -11.46
CA PHE C 528 -12.39 20.07 -11.70
C PHE C 528 -10.86 20.09 -11.74
N LYS C 529 -10.31 21.21 -12.19
CA LYS C 529 -8.88 21.34 -12.45
C LYS C 529 -8.30 22.67 -11.98
N LYS C 530 -6.99 22.80 -12.10
CA LYS C 530 -6.32 24.08 -11.95
C LYS C 530 -5.11 24.15 -12.89
N VAL C 531 -5.02 25.25 -13.64
CA VAL C 531 -3.93 25.45 -14.58
C VAL C 531 -2.80 26.23 -13.92
N SER C 532 -1.56 25.95 -14.34
CA SER C 532 -0.40 26.67 -13.82
C SER C 532 -0.35 28.09 -14.37
N ARG C 533 0.60 28.88 -13.89
CA ARG C 533 0.74 30.27 -14.34
C ARG C 533 1.31 30.33 -15.75
N ASP C 534 2.34 29.54 -16.00
CA ASP C 534 2.94 29.42 -17.33
C ASP C 534 2.03 28.64 -18.30
N LYS C 535 1.08 27.88 -17.74
CA LYS C 535 0.11 27.10 -18.50
C LYS C 535 0.78 25.95 -19.27
N SER C 536 1.68 25.27 -18.59
CA SER C 536 2.37 24.10 -19.10
C SER C 536 1.79 22.85 -18.46
N VAL C 537 1.84 22.82 -17.13
CA VAL C 537 1.26 21.75 -16.35
C VAL C 537 -0.15 22.12 -15.89
N THR C 538 -1.06 21.15 -15.94
CA THR C 538 -2.44 21.38 -15.49
C THR C 538 -2.92 20.18 -14.66
N ILE C 539 -3.13 20.41 -13.37
CA ILE C 539 -3.55 19.33 -12.48
C ILE C 539 -5.06 19.12 -12.50
N TYR C 540 -5.48 17.87 -12.32
CA TYR C 540 -6.89 17.51 -12.27
C TYR C 540 -7.17 16.66 -11.03
N LEU C 541 -8.31 16.93 -10.38
CA LEU C 541 -8.74 16.15 -9.22
C LEU C 541 -10.27 16.01 -9.20
N GLY C 542 -10.71 14.83 -8.75
CA GLY C 542 -12.12 14.51 -8.70
C GLY C 542 -12.89 15.26 -7.63
N LYS C 543 -12.24 15.50 -6.49
CA LYS C 543 -12.88 16.20 -5.37
C LYS C 543 -11.86 16.80 -4.41
N ARG C 544 -12.30 17.81 -3.66
CA ARG C 544 -11.47 18.43 -2.63
C ARG C 544 -11.59 17.67 -1.31
N ASP C 545 -12.83 17.40 -0.90
CA ASP C 545 -13.07 16.73 0.37
C ASP C 545 -12.81 15.24 0.25
N TYR C 546 -11.68 14.81 0.79
CA TYR C 546 -11.34 13.39 0.89
C TYR C 546 -11.63 12.99 2.28
N VAL C 547 -12.30 11.81 2.39
CA VAL C 547 -12.86 11.20 3.62
C VAL C 547 -11.80 10.40 4.37
N ASP C 548 -11.90 10.42 5.69
CA ASP C 548 -11.03 9.65 6.56
C ASP C 548 -11.85 8.66 7.37
N HIS C 549 -11.84 7.40 6.96
CA HIS C 549 -12.41 6.33 7.77
C HIS C 549 -11.35 5.92 8.79
N VAL C 550 -11.78 5.39 9.92
CA VAL C 550 -10.87 5.11 11.03
C VAL C 550 -9.81 4.07 10.65
N SER C 551 -10.22 3.04 9.92
CA SER C 551 -9.33 1.96 9.50
C SER C 551 -8.42 2.40 8.35
N GLN C 552 -9.04 2.80 7.24
CA GLN C 552 -8.31 3.17 6.04
C GLN C 552 -8.75 4.55 5.53
N VAL C 553 -7.80 5.33 5.04
CA VAL C 553 -8.08 6.68 4.54
C VAL C 553 -8.36 6.63 3.04
N GLU C 554 -9.33 7.42 2.60
CA GLU C 554 -9.66 7.49 1.17
C GLU C 554 -8.58 8.25 0.41
N PRO C 555 -7.92 7.58 -0.55
CA PRO C 555 -6.75 8.16 -1.22
C PRO C 555 -7.09 9.23 -2.24
N VAL C 556 -6.08 10.04 -2.59
CA VAL C 556 -6.21 11.06 -3.62
C VAL C 556 -6.06 10.41 -4.99
N ASP C 557 -6.94 10.82 -5.91
CA ASP C 557 -6.94 10.27 -7.26
C ASP C 557 -7.13 11.38 -8.30
N GLY C 558 -6.34 11.29 -9.39
CA GLY C 558 -6.45 12.32 -10.42
C GLY C 558 -5.44 12.18 -11.53
N VAL C 559 -5.38 13.18 -12.41
CA VAL C 559 -4.43 13.15 -13.53
C VAL C 559 -3.75 14.50 -13.73
N VAL C 560 -2.73 14.52 -14.58
CA VAL C 560 -2.03 15.76 -14.90
C VAL C 560 -1.76 15.88 -16.40
N LEU C 561 -2.29 16.94 -17.00
CA LEU C 561 -2.08 17.25 -18.41
C LEU C 561 -0.76 18.03 -18.56
N VAL C 562 0.02 17.66 -19.57
CA VAL C 562 1.35 18.24 -19.77
C VAL C 562 1.54 18.66 -21.23
N ASP C 563 2.25 19.78 -21.44
CA ASP C 563 2.60 20.25 -22.78
C ASP C 563 3.95 19.67 -23.19
N PRO C 564 3.99 18.90 -24.31
CA PRO C 564 5.25 18.30 -24.76
C PRO C 564 6.33 19.30 -25.15
N GLU C 565 5.94 20.41 -25.78
CA GLU C 565 6.90 21.40 -26.27
C GLU C 565 7.58 22.16 -25.12
N LEU C 566 6.77 22.61 -24.17
CA LEU C 566 7.29 23.32 -22.99
C LEU C 566 8.06 22.38 -22.07
N VAL C 567 7.45 21.25 -21.72
CA VAL C 567 8.12 20.27 -20.89
C VAL C 567 8.86 19.29 -21.79
N LYS C 568 10.12 19.62 -22.08
CA LYS C 568 10.98 18.79 -22.90
C LYS C 568 12.34 18.65 -22.22
N GLY C 569 12.73 17.42 -21.91
CA GLY C 569 13.94 17.17 -21.14
C GLY C 569 13.79 17.61 -19.69
N LYS C 570 12.57 17.43 -19.17
CA LYS C 570 12.23 17.81 -17.80
C LYS C 570 11.51 16.69 -17.05
N LYS C 571 11.38 16.85 -15.75
CA LYS C 571 10.72 15.88 -14.88
C LYS C 571 9.50 16.50 -14.21
N VAL C 572 8.32 15.99 -14.57
CA VAL C 572 7.11 16.45 -13.89
C VAL C 572 6.87 15.53 -12.70
N TYR C 573 6.61 16.14 -11.54
CA TYR C 573 6.33 15.40 -10.29
C TYR C 573 4.95 15.73 -9.77
N VAL C 574 4.14 14.69 -9.45
CA VAL C 574 2.95 14.98 -8.64
C VAL C 574 3.26 14.70 -7.17
N THR C 575 2.88 15.65 -6.29
CA THR C 575 3.23 15.65 -4.87
C THR C 575 2.09 15.79 -3.92
N LEU C 576 2.08 14.84 -2.95
CA LEU C 576 1.05 15.16 -1.88
C LEU C 576 1.74 15.85 -0.71
N THR C 577 1.09 16.88 -0.09
CA THR C 577 1.68 17.63 1.01
C THR C 577 0.73 17.83 2.16
N CYS C 578 1.12 17.20 3.31
CA CYS C 578 0.31 17.67 4.52
C CYS C 578 1.10 18.68 5.32
N ALA C 579 0.53 19.86 5.67
CA ALA C 579 1.32 20.89 6.37
C ALA C 579 0.65 21.49 7.62
N PHE C 580 1.45 21.66 8.67
CA PHE C 580 1.03 22.44 9.83
C PHE C 580 1.51 23.87 9.62
N ARG C 581 0.58 24.83 9.60
CA ARG C 581 0.97 26.23 9.41
C ARG C 581 0.75 27.04 10.68
N TYR C 582 1.75 27.86 11.06
CA TYR C 582 1.60 28.80 12.16
C TYR C 582 2.34 30.10 11.86
N GLY C 583 1.67 31.22 12.07
CA GLY C 583 2.24 32.53 11.85
C GLY C 583 2.30 32.94 10.40
N GLN C 584 2.91 34.11 10.15
CA GLN C 584 3.12 34.61 8.79
C GLN C 584 4.17 33.80 8.04
N GLU C 585 4.03 33.72 6.72
CA GLU C 585 4.91 32.88 5.90
C GLU C 585 6.33 33.45 5.78
N ASP C 586 6.42 34.78 5.68
CA ASP C 586 7.71 35.43 5.46
C ASP C 586 8.44 35.61 6.79
N ILE C 587 7.69 35.87 7.85
CA ILE C 587 8.34 36.19 9.12
C ILE C 587 8.98 34.99 9.80
N ASP C 588 8.27 33.86 9.81
CA ASP C 588 8.76 32.67 10.48
C ASP C 588 9.83 31.93 9.68
N VAL C 589 9.65 31.87 8.36
CA VAL C 589 10.64 31.17 7.54
C VAL C 589 12.01 31.83 7.58
N MET C 590 11.99 33.16 7.63
CA MET C 590 13.24 33.90 7.56
C MET C 590 14.03 34.00 8.86
N GLY C 591 13.32 34.17 9.98
CA GLY C 591 13.98 34.42 11.25
C GLY C 591 15.04 33.42 11.68
N LEU C 592 14.65 32.15 11.79
CA LEU C 592 15.56 31.08 12.21
C LEU C 592 15.15 29.74 11.59
N THR C 593 13.93 29.30 11.88
CA THR C 593 13.38 28.10 11.27
C THR C 593 11.89 28.26 10.94
N PHE C 594 11.41 27.49 9.99
CA PHE C 594 10.07 27.65 9.40
C PHE C 594 9.05 26.64 9.91
N ARG C 595 7.81 26.80 9.43
CA ARG C 595 6.69 25.93 9.78
C ARG C 595 7.01 24.44 9.57
N ARG C 596 6.43 23.61 10.42
CA ARG C 596 6.68 22.16 10.37
C ARG C 596 5.68 21.46 9.46
N ASP C 597 6.17 20.59 8.59
CA ASP C 597 5.32 19.74 7.76
C ASP C 597 5.11 18.39 8.44
N LEU C 598 3.86 18.03 8.68
CA LEU C 598 3.54 16.77 9.37
C LEU C 598 3.86 15.55 8.52
N TYR C 599 3.43 15.61 7.26
CA TYR C 599 3.71 14.58 6.29
C TYR C 599 3.77 15.28 4.93
N PHE C 600 4.74 14.92 4.15
CA PHE C 600 4.99 15.35 2.76
C PHE C 600 5.21 14.11 1.99
N SER C 601 4.82 14.03 0.72
CA SER C 601 5.01 12.89 -0.18
C SER C 601 5.20 13.31 -1.61
N ARG C 602 6.31 12.93 -2.15
CA ARG C 602 6.64 13.12 -3.59
C ARG C 602 6.36 11.90 -4.41
N VAL C 603 5.92 12.07 -5.66
CA VAL C 603 5.73 11.00 -6.64
C VAL C 603 6.01 11.54 -8.04
N GLN C 604 6.55 10.70 -8.87
CA GLN C 604 6.89 10.97 -10.29
C GLN C 604 5.63 10.87 -11.12
N VAL C 605 5.62 11.41 -12.32
CA VAL C 605 4.48 11.23 -13.22
C VAL C 605 4.99 11.07 -14.67
N TYR C 606 5.69 12.10 -15.15
CA TYR C 606 6.15 12.09 -16.53
C TYR C 606 7.67 12.23 -16.72
N PRO C 607 8.36 11.18 -17.25
CA PRO C 607 7.83 9.84 -17.53
C PRO C 607 7.82 8.93 -16.29
N PRO C 608 6.88 7.97 -16.20
CA PRO C 608 6.80 7.08 -15.03
C PRO C 608 7.74 5.86 -15.15
N VAL C 609 8.16 5.29 -14.02
CA VAL C 609 8.83 3.99 -14.00
C VAL C 609 7.74 2.90 -14.10
N GLY C 610 6.53 3.32 -13.75
CA GLY C 610 5.31 2.56 -13.55
C GLY C 610 5.22 2.20 -12.07
N ALA C 611 4.14 2.70 -11.52
CA ALA C 611 3.79 2.55 -10.14
C ALA C 611 2.55 1.76 -9.80
N MET C 612 1.44 2.24 -10.32
CA MET C 612 0.16 1.63 -10.01
C MET C 612 -0.14 0.28 -10.67
N SER C 613 -0.86 -0.55 -9.93
CA SER C 613 -1.20 -1.87 -10.43
C SER C 613 -2.31 -1.77 -11.49
N VAL C 614 -3.44 -1.25 -11.04
CA VAL C 614 -4.67 -1.00 -11.81
C VAL C 614 -5.24 0.42 -11.59
N LEU C 615 -5.80 1.06 -12.60
CA LEU C 615 -6.31 2.44 -12.52
C LEU C 615 -7.79 2.49 -12.11
N THR C 616 -8.18 3.61 -11.50
CA THR C 616 -9.57 3.83 -11.09
C THR C 616 -10.50 4.29 -12.24
N GLN C 617 -11.80 4.35 -11.95
CA GLN C 617 -12.79 4.84 -12.92
C GLN C 617 -12.66 6.32 -13.28
N LEU C 618 -12.16 7.09 -12.32
CA LEU C 618 -11.91 8.51 -12.52
C LEU C 618 -10.81 8.75 -13.53
N GLN C 619 -9.72 8.00 -13.37
CA GLN C 619 -8.56 8.12 -14.23
C GLN C 619 -8.87 7.66 -15.66
N GLU C 620 -9.67 6.60 -15.78
CA GLU C 620 -10.10 6.10 -17.09
C GLU C 620 -10.97 7.12 -17.83
N SER C 621 -11.90 7.73 -17.09
CA SER C 621 -12.80 8.72 -17.65
C SER C 621 -12.04 9.97 -18.11
N LEU C 622 -11.09 10.41 -17.29
CA LEU C 622 -10.29 11.59 -17.61
C LEU C 622 -9.35 11.36 -18.78
N LEU C 623 -8.76 10.17 -18.86
CA LEU C 623 -7.89 9.82 -19.98
C LEU C 623 -8.64 9.81 -21.31
N LYS C 624 -9.88 9.31 -21.29
CA LYS C 624 -10.70 9.28 -22.51
C LYS C 624 -11.22 10.66 -22.89
N LYS C 625 -11.57 11.47 -21.89
CA LYS C 625 -12.03 12.84 -22.12
C LYS C 625 -10.90 13.73 -22.64
N LEU C 626 -9.80 13.77 -21.90
CA LEU C 626 -8.65 14.59 -22.26
C LEU C 626 -7.84 13.99 -23.40
N GLY C 627 -6.82 14.72 -23.84
CA GLY C 627 -5.99 14.29 -24.96
C GLY C 627 -4.98 13.21 -24.61
N ASP C 628 -3.89 13.15 -25.39
CA ASP C 628 -2.90 12.08 -25.26
C ASP C 628 -1.87 12.29 -24.14
N ASN C 629 -1.60 13.54 -23.80
CA ASN C 629 -0.55 13.92 -22.86
C ASN C 629 -1.02 13.97 -21.39
N THR C 630 -1.94 13.08 -21.06
CA THR C 630 -2.49 13.01 -19.70
C THR C 630 -1.92 11.80 -18.95
N TYR C 631 -1.46 12.03 -17.72
CA TYR C 631 -0.85 10.97 -16.92
C TYR C 631 -1.45 10.91 -15.52
N PRO C 632 -1.83 9.70 -15.05
CA PRO C 632 -2.49 9.55 -13.75
C PRO C 632 -1.57 9.53 -12.55
N PHE C 633 -2.14 9.73 -11.36
CA PHE C 633 -1.41 9.59 -10.11
C PHE C 633 -2.36 9.17 -8.98
N LEU C 634 -1.80 8.45 -8.01
CA LEU C 634 -2.56 7.99 -6.84
C LEU C 634 -1.74 8.20 -5.56
N LEU C 635 -2.17 9.18 -4.76
CA LEU C 635 -1.46 9.52 -3.52
C LEU C 635 -2.25 9.09 -2.28
N THR C 636 -1.64 8.28 -1.43
CA THR C 636 -2.33 7.70 -0.28
C THR C 636 -1.92 8.38 1.04
N PHE C 637 -2.85 8.40 1.99
CA PHE C 637 -2.58 8.89 3.33
C PHE C 637 -2.25 7.74 4.26
N PRO C 638 -1.26 7.90 5.15
CA PRO C 638 -1.03 6.90 6.19
C PRO C 638 -2.03 7.02 7.35
N ASP C 639 -1.93 6.13 8.33
CA ASP C 639 -2.92 6.06 9.41
C ASP C 639 -2.63 6.94 10.63
N TYR C 640 -1.49 7.64 10.62
CA TYR C 640 -1.06 8.44 11.78
C TYR C 640 -1.20 9.97 11.60
N LEU C 641 -1.96 10.40 10.59
CA LEU C 641 -2.17 11.83 10.34
C LEU C 641 -3.44 12.35 10.99
N PRO C 642 -3.49 13.68 11.26
CA PRO C 642 -4.69 14.32 11.81
C PRO C 642 -5.68 14.74 10.72
N CYS C 643 -6.72 15.46 11.10
CA CYS C 643 -7.70 15.98 10.15
C CYS C 643 -7.41 17.42 9.77
N SER C 644 -8.15 17.94 8.79
CA SER C 644 -8.00 19.34 8.39
C SER C 644 -8.71 20.23 9.40
N VAL C 645 -7.91 20.92 10.23
CA VAL C 645 -8.43 21.75 11.30
C VAL C 645 -7.72 23.10 11.31
N MET C 646 -8.49 24.18 11.42
CA MET C 646 -7.92 25.52 11.58
C MET C 646 -8.41 26.12 12.89
N LEU C 647 -7.80 27.23 13.29
CA LEU C 647 -8.19 27.94 14.51
C LEU C 647 -8.73 29.33 14.17
N GLN C 648 -9.81 29.73 14.84
CA GLN C 648 -10.50 30.98 14.53
C GLN C 648 -9.76 32.20 15.07
N PRO C 649 -9.47 33.18 14.20
CA PRO C 649 -8.91 34.46 14.63
C PRO C 649 -9.97 35.48 15.02
N ALA C 650 -9.58 36.49 15.80
CA ALA C 650 -10.47 37.60 16.12
C ALA C 650 -10.60 38.52 14.91
N PRO C 651 -11.64 39.38 14.88
CA PRO C 651 -11.77 40.30 13.74
C PRO C 651 -10.66 41.33 13.66
N GLN C 652 -10.17 41.81 14.81
CA GLN C 652 -9.07 42.76 14.87
C GLN C 652 -7.74 42.10 14.49
N ASP C 653 -7.63 40.79 14.68
CA ASP C 653 -6.41 40.09 14.29
C ASP C 653 -6.39 39.94 12.77
N VAL C 654 -5.78 40.93 12.12
CA VAL C 654 -5.75 40.99 10.66
C VAL C 654 -4.69 40.06 10.06
N GLY C 655 -3.53 39.98 10.69
CA GLY C 655 -2.38 39.24 10.21
C GLY C 655 -1.96 38.08 11.08
N LYS C 656 -2.93 37.30 11.57
CA LYS C 656 -2.62 36.14 12.40
C LYS C 656 -3.42 34.94 11.93
N SER C 657 -2.73 33.84 11.67
CA SER C 657 -3.36 32.62 11.17
C SER C 657 -2.57 31.38 11.59
N CYS C 658 -3.28 30.36 12.04
CA CYS C 658 -2.68 29.07 12.37
C CYS C 658 -3.68 27.94 12.13
N GLY C 659 -3.24 26.89 11.43
CA GLY C 659 -4.11 25.78 11.13
C GLY C 659 -3.45 24.72 10.25
N VAL C 660 -3.97 23.50 10.35
CA VAL C 660 -3.47 22.38 9.56
C VAL C 660 -4.26 22.31 8.25
N ASP C 661 -3.57 21.98 7.16
CA ASP C 661 -4.23 21.83 5.86
C ASP C 661 -3.45 20.93 4.92
N PHE C 662 -4.17 20.24 4.02
CA PHE C 662 -3.52 19.35 3.07
C PHE C 662 -3.44 20.03 1.70
N GLU C 663 -2.35 19.77 0.98
CA GLU C 663 -2.07 20.44 -0.29
C GLU C 663 -1.54 19.47 -1.34
N VAL C 664 -2.29 19.31 -2.43
CA VAL C 664 -1.81 18.54 -3.58
C VAL C 664 -1.17 19.51 -4.56
N LYS C 665 0.10 19.28 -4.89
CA LYS C 665 0.84 20.19 -5.76
C LYS C 665 1.56 19.42 -6.86
N ALA C 666 1.59 20.00 -8.06
CA ALA C 666 2.30 19.40 -9.19
C ALA C 666 3.21 20.44 -9.85
N PHE C 667 4.41 20.01 -10.25
CA PHE C 667 5.37 20.95 -10.83
C PHE C 667 6.37 20.25 -11.77
N ALA C 668 7.03 21.05 -12.60
CA ALA C 668 8.06 20.54 -13.51
C ALA C 668 9.42 21.07 -13.08
N SER C 669 10.46 20.27 -13.34
CA SER C 669 11.82 20.65 -12.95
C SER C 669 12.90 19.88 -13.70
N ASP C 670 14.10 20.46 -13.78
CA ASP C 670 15.24 19.81 -14.39
C ASP C 670 15.96 18.89 -13.40
N ILE C 671 15.75 19.17 -12.12
CA ILE C 671 16.54 18.58 -11.05
C ILE C 671 15.96 17.26 -10.52
N THR C 672 16.81 16.43 -9.93
CA THR C 672 16.45 15.14 -9.35
C THR C 672 15.48 15.27 -8.17
N ASP C 673 15.12 14.13 -7.58
CA ASP C 673 14.09 14.04 -6.55
C ASP C 673 14.22 14.99 -5.33
N PRO C 674 15.41 15.13 -4.73
CA PRO C 674 15.53 15.85 -3.47
C PRO C 674 15.43 17.40 -3.55
N GLU C 675 15.25 17.96 -4.74
CA GLU C 675 15.19 19.42 -4.89
C GLU C 675 13.78 20.04 -4.70
N GLU C 676 13.04 19.59 -3.67
CA GLU C 676 11.65 20.07 -3.57
C GLU C 676 11.38 21.37 -2.77
N ASP C 677 12.03 21.52 -1.62
CA ASP C 677 11.79 22.62 -0.67
C ASP C 677 11.79 24.00 -1.32
N LYS C 678 12.75 24.18 -2.23
CA LYS C 678 12.84 25.43 -2.96
C LYS C 678 12.22 25.10 -4.27
N ILE C 679 11.52 26.10 -4.82
CA ILE C 679 10.76 25.82 -6.01
C ILE C 679 10.81 26.85 -7.11
N PRO C 680 10.82 26.36 -8.37
CA PRO C 680 10.58 27.31 -9.45
C PRO C 680 9.09 27.65 -9.35
N LYS C 681 8.75 28.91 -9.23
CA LYS C 681 7.38 29.33 -8.98
C LYS C 681 6.38 29.17 -10.12
N LYS C 682 6.87 29.45 -11.32
CA LYS C 682 6.02 29.55 -12.50
C LYS C 682 5.39 28.23 -12.92
N SER C 683 6.16 27.15 -12.90
CA SER C 683 5.70 25.86 -13.40
C SER C 683 4.77 25.15 -12.41
N SER C 684 4.92 25.44 -11.12
CA SER C 684 4.15 24.77 -10.09
C SER C 684 2.69 25.22 -10.02
N VAL C 685 1.80 24.29 -9.67
CA VAL C 685 0.39 24.57 -9.47
C VAL C 685 -0.12 23.75 -8.27
N ARG C 686 -0.84 24.41 -7.36
CA ARG C 686 -1.25 23.79 -6.11
C ARG C 686 -2.75 23.90 -5.87
N LEU C 687 -3.33 22.84 -5.32
CA LEU C 687 -4.75 22.76 -5.02
C LEU C 687 -4.97 22.03 -3.69
N LEU C 688 -5.53 22.73 -2.71
CA LEU C 688 -5.67 22.19 -1.36
C LEU C 688 -6.85 21.21 -1.22
N ILE C 689 -6.74 20.29 -0.25
CA ILE C 689 -7.76 19.25 0.01
C ILE C 689 -7.99 19.01 1.53
N ARG C 690 -8.95 18.10 1.93
CA ARG C 690 -9.20 17.97 3.35
C ARG C 690 -9.23 16.52 3.69
N LYS C 691 -8.78 16.19 4.89
CA LYS C 691 -8.93 14.84 5.39
C LYS C 691 -10.00 14.89 6.47
N VAL C 692 -11.26 14.84 6.03
CA VAL C 692 -12.42 15.01 6.89
C VAL C 692 -12.88 13.68 7.46
N GLN C 693 -13.36 13.69 8.70
CA GLN C 693 -13.89 12.50 9.36
C GLN C 693 -15.40 12.60 9.56
N HIS C 694 -16.15 11.68 8.93
CA HIS C 694 -17.57 11.54 9.17
C HIS C 694 -17.82 10.68 10.41
N ALA C 695 -19.00 10.81 11.00
CA ALA C 695 -19.36 10.02 12.16
C ALA C 695 -19.58 8.56 11.77
N PRO C 696 -19.06 7.63 12.58
CA PRO C 696 -19.18 6.20 12.26
C PRO C 696 -20.60 5.66 12.43
N PRO C 697 -20.92 4.53 11.77
CA PRO C 697 -22.27 3.92 11.87
C PRO C 697 -22.56 3.42 13.28
N GLU C 698 -21.55 2.86 13.95
CA GLU C 698 -21.76 2.44 15.34
C GLU C 698 -21.64 3.62 16.28
N MET C 699 -22.73 3.90 16.97
CA MET C 699 -22.75 4.87 18.04
C MET C 699 -22.21 4.23 19.31
N GLY C 700 -21.44 4.98 20.08
CA GLY C 700 -20.89 4.47 21.33
C GLY C 700 -21.93 4.27 22.42
N PRO C 701 -21.48 3.84 23.61
CA PRO C 701 -22.42 3.63 24.72
C PRO C 701 -22.99 4.95 25.23
N GLN C 702 -24.24 4.92 25.69
CA GLN C 702 -24.91 6.11 26.20
C GLN C 702 -24.12 6.69 27.38
N PRO C 703 -23.58 7.90 27.21
CA PRO C 703 -22.76 8.47 28.30
C PRO C 703 -23.53 8.68 29.59
N SER C 704 -23.00 8.17 30.70
CA SER C 704 -23.60 8.37 32.00
C SER C 704 -22.53 8.47 33.09
N ALA C 705 -22.06 9.68 33.34
CA ALA C 705 -21.06 9.93 34.37
C ALA C 705 -21.71 10.00 35.75
N GLU C 706 -20.92 9.71 36.78
CA GLU C 706 -21.41 9.79 38.16
C GLU C 706 -20.27 10.08 39.12
N ALA C 707 -20.52 10.95 40.09
CA ALA C 707 -19.50 11.34 41.07
C ALA C 707 -20.14 11.86 42.36
N SER C 708 -19.51 11.57 43.49
CA SER C 708 -19.98 12.04 44.79
C SER C 708 -18.97 13.01 45.41
N TRP C 709 -19.41 13.78 46.39
CA TRP C 709 -18.52 14.74 47.05
C TRP C 709 -18.74 14.84 48.55
N GLN C 710 -17.71 15.32 49.25
CA GLN C 710 -17.76 15.60 50.69
C GLN C 710 -17.19 16.99 50.94
N PHE C 711 -17.27 17.46 52.18
CA PHE C 711 -16.79 18.79 52.54
C PHE C 711 -15.96 18.77 53.83
N PHE C 712 -15.27 19.89 54.10
CA PHE C 712 -14.32 19.97 55.21
C PHE C 712 -14.96 19.82 56.59
N MET C 713 -16.15 20.41 56.79
CA MET C 713 -16.85 20.27 58.06
C MET C 713 -17.90 19.16 57.99
N SER C 714 -18.87 19.31 57.09
CA SER C 714 -19.93 18.33 56.91
C SER C 714 -19.41 17.11 56.15
N ASP C 715 -19.55 15.93 56.76
CA ASP C 715 -19.07 14.69 56.15
C ASP C 715 -20.18 13.94 55.38
N LYS C 716 -21.32 14.58 55.19
CA LYS C 716 -22.43 13.99 54.43
C LYS C 716 -22.10 13.89 52.95
N PRO C 717 -22.66 12.88 52.27
CA PRO C 717 -22.40 12.70 50.83
C PRO C 717 -23.30 13.56 49.93
N LEU C 718 -22.76 14.01 48.81
CA LEU C 718 -23.54 14.73 47.81
C LEU C 718 -23.42 14.00 46.47
N ASN C 719 -24.40 13.13 46.19
CA ASN C 719 -24.32 12.29 44.99
C ASN C 719 -24.85 13.01 43.75
N LEU C 720 -24.03 13.05 42.70
CA LEU C 720 -24.42 13.64 41.42
C LEU C 720 -24.26 12.62 40.30
N SER C 721 -25.24 12.58 39.40
CA SER C 721 -25.18 11.66 38.26
C SER C 721 -25.65 12.37 36.99
N VAL C 722 -24.79 12.36 35.97
CA VAL C 722 -25.09 12.99 34.68
C VAL C 722 -25.40 11.91 33.65
N SER C 723 -26.23 12.24 32.66
CA SER C 723 -26.55 11.32 31.58
C SER C 723 -26.95 12.05 30.30
N LEU C 724 -26.49 11.54 29.15
CA LEU C 724 -26.79 12.15 27.86
C LEU C 724 -27.65 11.22 27.00
N SER C 725 -28.13 11.75 25.88
CA SER C 725 -28.96 10.97 24.96
C SER C 725 -28.11 10.07 24.06
N LYS C 726 -27.06 10.65 23.49
CA LYS C 726 -26.19 9.96 22.54
C LYS C 726 -24.73 10.09 22.94
N GLU C 727 -23.91 9.17 22.43
CA GLU C 727 -22.45 9.27 22.56
C GLU C 727 -21.93 10.20 21.47
N ILE C 728 -22.45 10.01 20.26
CA ILE C 728 -22.11 10.86 19.12
C ILE C 728 -23.27 11.81 18.83
N TYR C 729 -23.06 13.09 19.10
CA TYR C 729 -23.96 14.14 18.65
C TYR C 729 -23.37 14.64 17.39
N PHE C 730 -24.26 15.24 16.54
CA PHE C 730 -23.98 15.85 15.24
C PHE C 730 -24.07 17.38 15.32
N HIS C 731 -23.62 18.05 14.27
CA HIS C 731 -23.59 19.51 14.21
C HIS C 731 -24.99 20.10 14.06
N GLY C 732 -25.32 21.07 14.91
CA GLY C 732 -26.63 21.69 14.91
C GLY C 732 -27.71 20.87 15.60
N GLU C 733 -27.28 19.89 16.39
CA GLU C 733 -28.19 19.02 17.13
C GLU C 733 -28.36 19.50 18.57
N PRO C 734 -29.58 19.38 19.13
CA PRO C 734 -29.76 19.71 20.55
C PRO C 734 -29.06 18.68 21.45
N ILE C 735 -28.50 19.14 22.56
CA ILE C 735 -27.79 18.26 23.48
C ILE C 735 -28.46 18.29 24.86
N PRO C 736 -29.43 17.39 25.08
CA PRO C 736 -30.10 17.35 26.38
C PRO C 736 -29.25 16.70 27.47
N VAL C 737 -28.86 17.48 28.46
CA VAL C 737 -28.04 16.99 29.56
C VAL C 737 -28.95 16.75 30.76
N THR C 738 -29.33 15.48 30.95
CA THR C 738 -30.24 15.14 32.03
C THR C 738 -29.45 14.99 33.31
N VAL C 739 -29.29 16.11 34.03
CA VAL C 739 -28.60 16.11 35.31
C VAL C 739 -29.54 15.62 36.41
N THR C 740 -29.00 14.79 37.29
CA THR C 740 -29.75 14.29 38.44
C THR C 740 -28.93 14.44 39.71
N VAL C 741 -29.39 15.31 40.60
CA VAL C 741 -28.65 15.62 41.82
C VAL C 741 -29.46 15.27 43.07
N THR C 742 -28.91 14.38 43.89
CA THR C 742 -29.56 13.97 45.13
C THR C 742 -28.78 14.50 46.34
N ASN C 743 -29.33 15.55 46.97
CA ASN C 743 -28.64 16.23 48.06
C ASN C 743 -28.98 15.66 49.44
N ASN C 744 -27.96 15.15 50.11
CA ASN C 744 -28.04 14.69 51.50
C ASN C 744 -27.19 15.50 52.46
N THR C 745 -26.63 16.62 51.99
CA THR C 745 -25.74 17.43 52.82
C THR C 745 -26.48 18.60 53.48
N ASP C 746 -25.80 19.24 54.43
CA ASP C 746 -26.36 20.38 55.15
C ASP C 746 -26.36 21.66 54.32
N LYS C 747 -25.39 21.77 53.42
CA LYS C 747 -25.23 22.97 52.60
C LYS C 747 -26.31 23.14 51.55
N VAL C 748 -26.52 24.38 51.14
CA VAL C 748 -27.42 24.69 50.04
C VAL C 748 -26.56 24.95 48.80
N VAL C 749 -27.08 24.56 47.68
CA VAL C 749 -26.53 24.74 46.34
C VAL C 749 -27.00 26.07 45.79
N LYS C 750 -26.15 26.88 45.21
CA LYS C 750 -26.60 28.16 44.65
C LYS C 750 -27.30 28.01 43.31
N LYS C 751 -26.60 27.36 42.38
CA LYS C 751 -27.12 27.16 41.02
C LYS C 751 -26.46 25.99 40.31
N ILE C 752 -27.07 25.58 39.19
CA ILE C 752 -26.53 24.46 38.41
C ILE C 752 -26.22 24.93 36.99
N LYS C 753 -24.93 24.94 36.64
CA LYS C 753 -24.50 25.42 35.33
C LYS C 753 -23.91 24.29 34.48
N VAL C 754 -24.40 24.17 33.25
CA VAL C 754 -23.87 23.20 32.29
C VAL C 754 -23.10 23.95 31.20
N SER C 755 -22.04 23.32 30.70
CA SER C 755 -21.22 23.95 29.67
C SER C 755 -20.63 22.94 28.69
N VAL C 756 -20.80 23.19 27.39
CA VAL C 756 -20.16 22.37 26.37
C VAL C 756 -18.79 22.96 26.13
N GLU C 757 -17.79 22.35 26.79
CA GLU C 757 -16.44 22.85 26.71
C GLU C 757 -15.67 22.02 25.72
N GLN C 758 -15.01 22.71 24.78
CA GLN C 758 -14.20 21.86 23.82
C GLN C 758 -12.70 21.75 24.16
N ILE C 759 -12.15 20.55 24.35
CA ILE C 759 -10.71 20.50 24.64
C ILE C 759 -9.93 20.64 23.39
N ALA C 760 -9.26 21.84 23.33
CA ALA C 760 -8.38 21.92 22.12
C ALA C 760 -7.01 21.39 22.52
N ASN C 761 -6.70 20.12 22.13
CA ASN C 761 -5.41 19.49 22.42
C ASN C 761 -4.42 19.82 21.33
N VAL C 762 -3.57 20.82 21.60
CA VAL C 762 -2.63 21.10 20.45
C VAL C 762 -1.33 20.34 20.63
N VAL C 763 -0.90 19.64 19.55
CA VAL C 763 0.37 18.89 19.49
C VAL C 763 1.24 19.23 18.26
N LEU C 764 2.47 19.66 18.51
CA LEU C 764 3.44 19.93 17.44
C LEU C 764 4.83 19.46 17.89
N TYR C 765 5.34 20.12 18.93
CA TYR C 765 6.59 19.75 19.58
C TYR C 765 6.34 19.02 20.90
N SER C 766 5.45 19.59 21.72
CA SER C 766 5.07 18.96 22.97
C SER C 766 3.56 18.92 23.11
N SER C 767 3.06 18.01 23.95
CA SER C 767 1.63 17.87 24.17
C SER C 767 1.10 19.00 25.04
N ASP C 768 0.26 19.83 24.44
CA ASP C 768 -0.32 20.96 25.12
C ASP C 768 -1.82 20.98 24.90
N TYR C 769 -2.53 20.67 25.94
CA TYR C 769 -4.02 20.71 26.03
C TYR C 769 -4.43 22.16 26.13
N TYR C 770 -5.57 22.53 25.58
CA TYR C 770 -6.20 23.85 25.75
C TYR C 770 -7.69 23.72 25.76
N VAL C 771 -8.25 23.90 26.91
CA VAL C 771 -9.73 23.83 27.18
C VAL C 771 -10.34 25.18 26.87
N LYS C 772 -11.57 25.30 26.36
CA LYS C 772 -12.33 26.56 26.22
C LYS C 772 -13.82 26.20 26.24
N PRO C 773 -14.68 27.07 26.81
CA PRO C 773 -16.12 26.81 26.74
C PRO C 773 -16.67 27.11 25.36
N VAL C 774 -17.73 26.46 24.90
CA VAL C 774 -18.35 26.83 23.62
C VAL C 774 -19.77 27.33 23.87
N ALA C 775 -20.59 26.43 24.41
CA ALA C 775 -21.97 26.79 24.73
C ALA C 775 -22.21 26.58 26.22
N SER C 776 -23.06 27.40 26.82
CA SER C 776 -23.30 27.30 28.26
C SER C 776 -24.69 27.76 28.66
N GLU C 777 -25.37 26.95 29.47
CA GLU C 777 -26.67 27.31 30.02
C GLU C 777 -26.71 26.97 31.49
N GLU C 778 -27.36 27.81 32.30
CA GLU C 778 -27.42 27.62 33.74
C GLU C 778 -28.81 27.91 34.28
N THR C 779 -29.26 27.07 35.22
CA THR C 779 -30.58 27.23 35.84
C THR C 779 -30.45 27.92 37.20
N GLN C 780 -31.51 28.66 37.54
CA GLN C 780 -31.57 29.44 38.77
C GLN C 780 -32.14 28.64 39.95
N GLU C 781 -32.59 27.43 39.68
CA GLU C 781 -33.17 26.57 40.72
C GLU C 781 -32.14 26.17 41.77
N LYS C 782 -32.61 25.93 42.99
CA LYS C 782 -31.74 25.57 44.10
C LYS C 782 -32.18 24.27 44.77
N VAL C 783 -31.21 23.42 45.08
CA VAL C 783 -31.48 22.14 45.72
C VAL C 783 -31.33 22.26 47.24
N GLN C 784 -32.41 21.95 47.96
CA GLN C 784 -32.43 22.05 49.42
C GLN C 784 -31.76 20.84 50.07
N PRO C 785 -31.46 20.95 51.38
CA PRO C 785 -30.96 19.79 52.13
C PRO C 785 -31.99 18.66 52.20
N ASN C 786 -31.52 17.41 52.08
CA ASN C 786 -32.37 16.23 52.07
C ASN C 786 -33.44 16.29 50.99
N SER C 787 -33.07 16.86 49.84
CA SER C 787 -34.00 17.02 48.72
C SER C 787 -33.30 16.68 47.40
N THR C 788 -34.04 16.00 46.52
CA THR C 788 -33.52 15.56 45.24
C THR C 788 -34.10 16.39 44.10
N LEU C 789 -33.39 16.43 42.97
CA LEU C 789 -33.85 17.15 41.80
C LEU C 789 -33.42 16.46 40.50
N THR C 790 -34.33 16.45 39.53
CA THR C 790 -34.05 15.87 38.21
C THR C 790 -34.43 16.88 37.13
N LYS C 791 -33.42 17.49 36.52
CA LYS C 791 -33.64 18.49 35.48
C LYS C 791 -32.87 18.10 34.22
N THR C 792 -33.36 18.50 33.05
CA THR C 792 -32.65 18.22 31.80
C THR C 792 -32.50 19.51 30.98
N LEU C 793 -31.28 20.03 30.95
CA LEU C 793 -31.00 21.28 30.23
C LEU C 793 -30.47 20.99 28.83
N VAL C 794 -31.02 21.69 27.84
CA VAL C 794 -30.59 21.52 26.45
C VAL C 794 -29.56 22.59 26.09
N LEU C 795 -28.52 22.18 25.35
CA LEU C 795 -27.50 23.12 24.88
C LEU C 795 -27.28 22.96 23.37
N VAL C 796 -27.09 24.10 22.70
CA VAL C 796 -26.95 24.13 21.25
C VAL C 796 -25.64 24.80 20.85
N PRO C 797 -24.55 24.00 20.73
CA PRO C 797 -23.26 24.58 20.32
C PRO C 797 -23.24 24.97 18.85
N LEU C 798 -23.04 26.25 18.58
CA LEU C 798 -23.03 26.78 17.21
C LEU C 798 -21.86 27.72 16.99
N LEU C 799 -21.46 27.88 15.73
CA LEU C 799 -20.36 28.76 15.37
C LEU C 799 -20.79 30.23 15.42
N ALA C 800 -22.02 30.50 14.98
CA ALA C 800 -22.55 31.86 14.91
C ALA C 800 -22.51 32.58 16.25
N ASN C 801 -22.89 31.87 17.32
CA ASN C 801 -22.87 32.45 18.67
C ASN C 801 -21.45 32.61 19.22
N ASN C 802 -20.54 31.77 18.74
CA ASN C 802 -19.14 31.79 19.17
C ASN C 802 -18.20 32.58 18.24
N ARG C 803 -18.78 33.44 17.40
CA ARG C 803 -17.97 34.29 16.52
C ARG C 803 -17.22 35.36 17.31
N GLU C 804 -16.18 35.92 16.68
CA GLU C 804 -15.35 36.97 17.27
C GLU C 804 -14.67 36.48 18.55
N ARG C 805 -14.09 35.28 18.49
CA ARG C 805 -13.40 34.69 19.64
C ARG C 805 -12.08 34.03 19.21
N ARG C 806 -11.05 34.24 20.02
CA ARG C 806 -9.72 33.69 19.75
C ARG C 806 -9.59 32.26 20.31
N GLY C 807 -9.00 31.38 19.51
CA GLY C 807 -8.67 30.04 19.97
C GLY C 807 -9.68 28.95 19.69
N ILE C 808 -10.80 29.32 19.07
CA ILE C 808 -11.85 28.35 18.76
C ILE C 808 -11.47 27.54 17.52
N ALA C 809 -11.36 26.23 17.68
CA ALA C 809 -10.98 25.35 16.59
C ALA C 809 -12.16 25.11 15.65
N LEU C 810 -11.92 25.25 14.35
CA LEU C 810 -12.93 25.06 13.32
C LEU C 810 -12.47 23.99 12.32
N ASP C 811 -13.42 23.44 11.58
CA ASP C 811 -13.09 22.57 10.46
C ASP C 811 -12.42 23.38 9.36
N GLY C 812 -11.43 22.79 8.70
CA GLY C 812 -10.61 23.49 7.72
C GLY C 812 -11.41 24.08 6.57
N LYS C 813 -11.29 25.39 6.38
CA LYS C 813 -11.97 26.07 5.29
C LYS C 813 -11.29 25.79 3.95
N ILE C 814 -12.07 25.79 2.88
CA ILE C 814 -11.51 25.55 1.56
C ILE C 814 -10.87 26.83 1.04
N LYS C 815 -11.68 27.87 0.87
CA LYS C 815 -11.14 29.16 0.44
C LYS C 815 -11.98 30.32 1.00
N HIS C 816 -11.71 30.69 2.24
CA HIS C 816 -12.36 31.81 2.94
C HIS C 816 -13.90 31.71 3.02
N GLU C 817 -14.44 30.50 2.87
CA GLU C 817 -15.90 30.32 2.92
C GLU C 817 -16.35 30.02 4.34
N ASP C 818 -17.66 30.01 4.55
CA ASP C 818 -18.23 29.74 5.87
C ASP C 818 -18.11 28.25 6.22
N THR C 819 -17.77 27.97 7.46
CA THR C 819 -17.58 26.59 7.93
C THR C 819 -18.34 26.37 9.25
N ASN C 820 -18.01 25.29 9.94
CA ASN C 820 -18.63 24.97 11.22
C ASN C 820 -17.57 24.64 12.27
N LEU C 821 -18.00 24.39 13.51
CA LEU C 821 -17.10 24.05 14.60
C LEU C 821 -16.32 22.78 14.30
N ALA C 822 -15.09 22.70 14.82
CA ALA C 822 -14.19 21.59 14.52
C ALA C 822 -14.80 20.24 14.92
N SER C 823 -14.56 19.23 14.08
CA SER C 823 -15.06 17.89 14.33
C SER C 823 -14.21 17.17 15.37
N SER C 824 -14.82 16.25 16.11
CA SER C 824 -14.10 15.48 17.11
C SER C 824 -13.16 14.50 16.43
N THR C 825 -11.87 14.64 16.71
CA THR C 825 -10.85 13.82 16.06
C THR C 825 -10.85 12.39 16.60
N ILE C 826 -10.69 11.43 15.69
CA ILE C 826 -10.63 10.02 16.04
C ILE C 826 -9.25 9.47 15.68
N ILE C 827 -8.67 8.68 16.60
CA ILE C 827 -7.36 8.08 16.39
C ILE C 827 -7.49 6.56 16.31
N LYS C 828 -6.72 5.93 15.41
CA LYS C 828 -6.76 4.49 15.23
C LYS C 828 -6.15 3.77 16.43
N GLU C 829 -6.68 2.60 16.77
CA GLU C 829 -6.31 1.88 17.98
C GLU C 829 -4.93 1.23 17.90
N GLY C 830 -4.09 1.52 18.91
CA GLY C 830 -2.80 0.87 19.06
C GLY C 830 -1.81 1.08 17.94
N ILE C 831 -1.73 2.31 17.42
CA ILE C 831 -0.79 2.64 16.37
C ILE C 831 0.63 2.84 16.91
N ASP C 832 1.61 2.78 16.02
CA ASP C 832 3.01 2.88 16.39
C ASP C 832 3.42 4.31 16.69
N ARG C 833 3.30 5.18 15.68
CA ARG C 833 3.77 6.56 15.77
C ARG C 833 2.77 7.48 16.49
N THR C 834 3.30 8.53 17.10
CA THR C 834 2.46 9.53 17.77
C THR C 834 1.76 10.43 16.74
N VAL C 835 0.55 10.87 17.08
CA VAL C 835 -0.25 11.70 16.19
C VAL C 835 -0.01 13.18 16.45
N MET C 836 0.73 13.82 15.55
CA MET C 836 0.97 15.25 15.60
C MET C 836 -0.19 16.01 14.96
N GLY C 837 -0.29 17.30 15.27
CA GLY C 837 -1.34 18.14 14.74
C GLY C 837 -2.35 18.61 15.78
N ILE C 838 -3.39 19.29 15.31
CA ILE C 838 -4.42 19.82 16.20
C ILE C 838 -5.50 18.78 16.42
N LEU C 839 -5.52 18.20 17.61
CA LEU C 839 -6.53 17.21 18.00
C LEU C 839 -7.65 17.87 18.79
N VAL C 840 -8.89 17.43 18.56
CA VAL C 840 -10.05 18.03 19.18
C VAL C 840 -10.91 16.98 19.89
N SER C 841 -11.50 17.35 21.02
CA SER C 841 -12.45 16.46 21.69
C SER C 841 -13.42 17.28 22.54
N TYR C 842 -14.71 16.92 22.55
CA TYR C 842 -15.68 17.72 23.28
C TYR C 842 -16.14 17.01 24.53
N HIS C 843 -16.58 17.78 25.53
CA HIS C 843 -17.14 17.19 26.73
C HIS C 843 -18.14 18.12 27.42
N ILE C 844 -19.20 17.52 27.96
CA ILE C 844 -20.20 18.25 28.73
C ILE C 844 -19.72 18.36 30.17
N LYS C 845 -19.48 19.59 30.61
CA LYS C 845 -19.00 19.84 31.96
C LYS C 845 -20.06 20.54 32.79
N VAL C 846 -20.69 19.78 33.68
CA VAL C 846 -21.64 20.37 34.63
C VAL C 846 -20.88 20.82 35.88
N LYS C 847 -21.23 22.01 36.37
CA LYS C 847 -20.65 22.56 37.59
C LYS C 847 -21.74 23.07 38.52
N LEU C 848 -21.63 22.70 39.80
CA LEU C 848 -22.56 23.11 40.83
C LEU C 848 -21.95 24.21 41.68
N THR C 849 -22.52 25.41 41.59
CA THR C 849 -22.16 26.48 42.50
C THR C 849 -22.88 26.19 43.80
N VAL C 850 -22.12 25.79 44.82
CA VAL C 850 -22.72 25.39 46.09
C VAL C 850 -22.61 26.51 47.10
N SER C 851 -23.78 27.00 47.58
CA SER C 851 -23.66 28.03 48.63
C SER C 851 -23.37 27.40 49.99
N GLY C 852 -22.09 27.50 50.42
CA GLY C 852 -21.50 26.99 51.66
C GLY C 852 -21.54 27.97 52.83
N PHE C 853 -20.57 27.84 53.73
CA PHE C 853 -20.50 28.70 54.93
C PHE C 853 -20.03 30.09 54.55
N LEU C 857 -18.91 33.22 52.68
CA LEU C 857 -18.30 34.15 51.75
C LEU C 857 -17.66 33.40 50.60
N THR C 858 -16.89 32.37 50.92
CA THR C 858 -16.29 31.49 49.92
C THR C 858 -17.35 30.61 49.25
N SER C 859 -17.21 30.34 47.96
CA SER C 859 -18.22 29.55 47.25
C SER C 859 -17.54 28.27 46.74
N SER C 860 -18.10 27.10 47.10
CA SER C 860 -17.44 25.89 46.62
C SER C 860 -18.03 25.51 45.27
N GLU C 861 -17.18 25.36 44.26
CA GLU C 861 -17.65 25.01 42.92
C GLU C 861 -17.22 23.59 42.59
N VAL C 862 -18.11 22.62 42.84
CA VAL C 862 -17.81 21.25 42.45
C VAL C 862 -18.25 21.04 41.01
N ALA C 863 -17.56 20.18 40.27
CA ALA C 863 -17.88 19.95 38.87
C ALA C 863 -17.38 18.61 38.37
N THR C 864 -18.06 18.06 37.37
CA THR C 864 -17.66 16.80 36.74
C THR C 864 -17.85 16.89 35.21
N GLU C 865 -17.12 16.04 34.50
CA GLU C 865 -17.13 16.06 33.03
C GLU C 865 -17.58 14.73 32.45
N VAL C 866 -18.13 14.77 31.24
CA VAL C 866 -18.41 13.54 30.49
C VAL C 866 -18.14 13.82 29.01
N PRO C 867 -17.37 12.93 28.34
CA PRO C 867 -17.01 13.19 26.93
C PRO C 867 -18.12 12.85 25.92
N PHE C 868 -18.10 13.53 24.77
CA PHE C 868 -18.99 13.23 23.64
C PHE C 868 -18.39 13.69 22.28
N ARG C 869 -19.09 13.43 21.12
CA ARG C 869 -18.47 13.70 19.87
C ARG C 869 -19.36 14.60 19.08
N LEU C 870 -18.76 15.52 18.35
CA LEU C 870 -19.49 16.38 17.45
C LEU C 870 -18.91 16.20 16.05
N MET C 871 -19.67 15.55 15.17
CA MET C 871 -19.20 15.24 13.82
C MET C 871 -20.32 15.33 12.79
N HIS C 872 -19.94 15.33 11.51
CA HIS C 872 -20.91 15.37 10.42
C HIS C 872 -21.56 14.02 10.17
N PRO C 873 -22.79 14.01 9.62
CA PRO C 873 -23.49 12.77 9.28
C PRO C 873 -23.00 12.18 7.96
N GLN C 874 -23.27 10.88 7.76
CA GLN C 874 -22.90 10.20 6.53
C GLN C 874 -23.87 10.56 5.40
N PRO C 875 -23.36 11.17 4.32
CA PRO C 875 -24.23 11.56 3.21
C PRO C 875 -24.58 10.38 2.31
N ASN D 1 97.38 0.13 42.83
CA ASN D 1 98.02 -0.45 44.00
C ASN D 1 99.52 -0.68 43.79
N ILE D 2 100.17 -1.31 44.77
CA ILE D 2 101.64 -1.52 44.71
C ILE D 2 102.11 -2.33 43.49
N PHE D 3 101.34 -3.34 43.09
CA PHE D 3 101.70 -4.15 41.92
C PHE D 3 101.63 -3.33 40.63
N GLU D 4 100.64 -2.45 40.54
CA GLU D 4 100.47 -1.60 39.37
C GLU D 4 101.51 -0.48 39.34
N MET D 5 101.90 -0.02 40.53
CA MET D 5 102.93 1.02 40.65
C MET D 5 104.27 0.55 40.06
N LEU D 6 104.77 -0.57 40.58
CA LEU D 6 106.08 -1.08 40.15
C LEU D 6 106.06 -1.66 38.72
N ARG D 7 104.91 -2.16 38.28
CA ARG D 7 104.77 -2.64 36.91
C ARG D 7 104.92 -1.53 35.88
N ILE D 8 104.39 -0.35 36.22
CA ILE D 8 104.53 0.81 35.33
C ILE D 8 105.98 1.35 35.34
N ASP D 9 106.59 1.43 36.53
CA ASP D 9 107.95 2.00 36.65
C ASP D 9 109.04 1.08 36.13
N GLU D 10 109.25 -0.04 36.79
CA GLU D 10 110.32 -0.97 36.45
C GLU D 10 110.05 -1.62 35.08
N GLY D 11 108.78 -1.87 34.82
CA GLY D 11 108.32 -2.46 33.58
C GLY D 11 108.35 -3.96 33.71
N LEU D 12 107.23 -4.62 33.40
CA LEU D 12 107.22 -6.06 33.54
C LEU D 12 107.85 -6.54 32.26
N ARG D 13 109.15 -6.81 32.36
CA ARG D 13 109.92 -7.32 31.24
C ARG D 13 109.92 -8.81 31.39
N LEU D 14 109.44 -9.48 30.35
CA LEU D 14 109.23 -10.91 30.42
C LEU D 14 110.52 -11.72 30.31
N LYS D 15 111.32 -11.43 29.29
CA LYS D 15 112.58 -12.13 29.07
C LYS D 15 113.70 -11.63 29.99
N ILE D 16 114.75 -12.42 30.10
CA ILE D 16 115.92 -12.07 30.91
C ILE D 16 116.72 -10.94 30.28
N TYR D 17 117.17 -10.00 31.11
CA TYR D 17 117.93 -8.85 30.65
C TYR D 17 119.00 -8.46 31.67
N LYS D 18 120.07 -7.82 31.20
CA LYS D 18 121.10 -7.26 32.06
C LYS D 18 120.77 -5.81 32.39
N ASP D 19 120.64 -5.51 33.69
CA ASP D 19 120.30 -4.16 34.12
C ASP D 19 121.49 -3.20 33.98
N THR D 20 121.33 -1.97 34.45
CA THR D 20 122.38 -0.95 34.37
C THR D 20 123.69 -1.40 35.04
N GLU D 21 123.57 -2.12 36.15
CA GLU D 21 124.72 -2.65 36.87
C GLU D 21 125.43 -3.79 36.11
N GLY D 22 124.67 -4.50 35.29
CA GLY D 22 125.21 -5.61 34.53
C GLY D 22 125.06 -6.97 35.19
N TYR D 23 123.96 -7.13 35.92
CA TYR D 23 123.63 -8.39 36.59
C TYR D 23 122.37 -9.01 35.99
N TYR D 24 122.24 -10.35 36.09
CA TYR D 24 121.09 -11.02 35.49
C TYR D 24 119.82 -10.79 36.30
N THR D 25 118.89 -10.07 35.67
CA THR D 25 117.65 -9.66 36.31
C THR D 25 116.43 -10.02 35.50
N ILE D 26 115.37 -10.48 36.21
CA ILE D 26 114.15 -10.72 35.41
C ILE D 26 112.95 -9.96 36.01
N GLY D 27 111.90 -9.73 35.18
CA GLY D 27 110.62 -9.21 35.62
C GLY D 27 110.63 -7.80 36.15
N ILE D 28 109.87 -7.58 37.22
CA ILE D 28 109.80 -6.28 37.86
C ILE D 28 110.83 -6.21 38.97
N GLY D 29 112.06 -5.90 38.56
CA GLY D 29 113.19 -5.75 39.46
C GLY D 29 113.58 -7.03 40.15
N HIS D 30 113.16 -8.16 39.59
CA HIS D 30 113.47 -9.43 40.22
C HIS D 30 114.80 -9.96 39.67
N LEU D 31 115.79 -9.86 40.51
CA LEU D 31 117.18 -10.30 40.25
C LEU D 31 117.18 -11.80 40.05
N LEU D 32 118.22 -12.35 39.43
CA LEU D 32 118.36 -13.80 39.29
C LEU D 32 119.68 -14.28 39.87
N THR D 33 120.78 -13.77 39.30
CA THR D 33 122.10 -14.16 39.78
C THR D 33 123.18 -13.10 39.50
N LYS D 34 124.22 -13.13 40.33
CA LYS D 34 125.36 -12.25 40.21
C LYS D 34 126.44 -12.81 39.29
N SER D 35 126.38 -14.12 39.05
CA SER D 35 127.37 -14.81 38.21
C SER D 35 127.24 -14.41 36.75
N PRO D 36 128.36 -14.39 36.01
CA PRO D 36 128.30 -14.06 34.57
C PRO D 36 127.62 -15.11 33.70
N SER D 37 127.44 -16.32 34.23
CA SER D 37 126.75 -17.39 33.49
C SER D 37 125.25 -17.12 33.35
N LEU D 38 124.73 -17.30 32.15
CA LEU D 38 123.30 -17.13 31.88
C LEU D 38 122.48 -18.31 32.41
N ASN D 39 123.08 -19.51 32.34
CA ASN D 39 122.42 -20.71 32.85
C ASN D 39 122.26 -20.72 34.37
N ALA D 40 123.10 -19.95 35.06
CA ALA D 40 122.96 -19.76 36.51
C ALA D 40 121.68 -18.96 36.83
N ALA D 41 121.40 -17.98 35.97
CA ALA D 41 120.17 -17.20 36.06
C ALA D 41 118.95 -18.09 35.76
N LYS D 42 119.09 -18.96 34.77
CA LYS D 42 118.06 -19.92 34.44
C LYS D 42 117.81 -20.91 35.59
N SER D 43 118.88 -21.31 36.27
CA SER D 43 118.78 -22.27 37.37
C SER D 43 117.86 -21.77 38.49
N GLU D 44 118.14 -20.55 38.95
CA GLU D 44 117.30 -19.95 39.98
C GLU D 44 115.90 -19.59 39.48
N LEU D 45 115.82 -19.25 38.19
CA LEU D 45 114.53 -18.92 37.57
C LEU D 45 113.61 -20.14 37.44
N ASP D 46 114.15 -21.22 36.89
CA ASP D 46 113.41 -22.47 36.69
C ASP D 46 112.94 -23.05 38.02
N LYS D 47 113.78 -22.95 39.05
CA LYS D 47 113.41 -23.44 40.38
C LYS D 47 112.34 -22.57 41.04
N ALA D 48 112.45 -21.26 40.89
CA ALA D 48 111.49 -20.32 41.47
C ALA D 48 110.12 -20.38 40.77
N ILE D 49 110.14 -20.38 39.44
CA ILE D 49 108.92 -20.44 38.64
C ILE D 49 108.30 -21.84 38.68
N GLY D 50 109.14 -22.86 38.54
CA GLY D 50 108.69 -24.24 38.64
C GLY D 50 108.45 -24.98 37.33
N ARG D 51 109.09 -24.51 36.25
CA ARG D 51 109.00 -25.17 34.96
C ARG D 51 110.13 -24.75 34.03
N ASN D 52 110.19 -25.33 32.83
CA ASN D 52 111.22 -24.96 31.87
C ASN D 52 110.86 -23.64 31.21
N THR D 53 111.35 -22.55 31.81
CA THR D 53 111.06 -21.20 31.35
C THR D 53 111.90 -20.83 30.15
N ASN D 54 113.19 -21.19 30.19
CA ASN D 54 114.15 -20.86 29.14
C ASN D 54 114.32 -19.34 28.99
N GLY D 55 114.20 -18.64 30.11
CA GLY D 55 114.26 -17.18 30.14
C GLY D 55 112.92 -16.50 30.00
N VAL D 56 111.99 -17.15 29.31
CA VAL D 56 110.67 -16.58 29.05
C VAL D 56 109.67 -16.99 30.12
N ILE D 57 109.08 -16.00 30.79
CA ILE D 57 108.03 -16.25 31.76
C ILE D 57 106.77 -15.46 31.40
N THR D 58 105.63 -15.90 31.93
CA THR D 58 104.35 -15.22 31.70
C THR D 58 104.26 -13.94 32.54
N LYS D 59 103.30 -13.09 32.20
CA LYS D 59 103.08 -11.85 32.92
C LYS D 59 102.61 -12.10 34.36
N ASP D 60 101.83 -13.15 34.54
CA ASP D 60 101.33 -13.54 35.86
C ASP D 60 102.45 -14.14 36.73
N GLU D 61 103.38 -14.84 36.08
CA GLU D 61 104.54 -15.39 36.77
C GLU D 61 105.48 -14.29 37.25
N ALA D 62 105.66 -13.25 36.44
CA ALA D 62 106.45 -12.09 36.83
C ALA D 62 105.80 -11.35 37.99
N GLU D 63 104.47 -11.36 38.01
CA GLU D 63 103.71 -10.79 39.13
C GLU D 63 103.97 -11.55 40.42
N LYS D 64 104.10 -12.87 40.33
CA LYS D 64 104.40 -13.70 41.49
C LYS D 64 105.85 -13.52 41.96
N LEU D 65 106.77 -13.38 41.00
CA LEU D 65 108.17 -13.05 41.33
C LEU D 65 108.25 -11.69 42.03
N PHE D 66 107.41 -10.77 41.58
CA PHE D 66 107.32 -9.46 42.21
C PHE D 66 106.75 -9.54 43.62
N ASN D 67 105.69 -10.33 43.80
CA ASN D 67 105.07 -10.51 45.10
C ASN D 67 106.02 -11.14 46.12
N GLN D 68 106.94 -11.99 45.62
CA GLN D 68 107.99 -12.53 46.46
C GLN D 68 108.97 -11.44 46.90
N ASP D 69 109.30 -10.54 45.99
CA ASP D 69 110.14 -9.39 46.33
C ASP D 69 109.44 -8.44 47.31
N VAL D 70 108.13 -8.26 47.15
CA VAL D 70 107.31 -7.44 48.04
C VAL D 70 107.36 -8.05 49.45
N ASP D 71 107.13 -9.36 49.52
CA ASP D 71 107.17 -10.07 50.79
C ASP D 71 108.56 -10.01 51.45
N ALA D 72 109.60 -10.22 50.63
CA ALA D 72 110.98 -10.21 51.10
C ALA D 72 111.44 -8.81 51.54
N ALA D 73 111.02 -7.80 50.79
CA ALA D 73 111.38 -6.42 51.08
C ALA D 73 110.70 -5.91 52.34
N VAL D 74 109.42 -6.25 52.50
CA VAL D 74 108.67 -5.87 53.70
C VAL D 74 109.30 -6.49 54.95
N ARG D 75 109.77 -7.73 54.83
CA ARG D 75 110.49 -8.36 55.93
C ARG D 75 111.79 -7.62 56.24
N GLY D 76 112.50 -7.23 55.18
CA GLY D 76 113.73 -6.45 55.33
C GLY D 76 113.53 -5.07 55.95
N ILE D 77 112.40 -4.46 55.63
CA ILE D 77 112.02 -3.18 56.22
C ILE D 77 111.77 -3.33 57.73
N LEU D 78 111.02 -4.36 58.10
CA LEU D 78 110.71 -4.60 59.50
C LEU D 78 111.93 -5.06 60.31
N ARG D 79 112.90 -5.68 59.65
CA ARG D 79 114.14 -6.06 60.32
C ARG D 79 115.02 -4.88 60.71
N ASN D 80 115.19 -3.95 59.76
CA ASN D 80 116.01 -2.76 59.98
C ASN D 80 115.40 -1.79 61.00
N ALA D 81 116.23 -1.32 61.92
CA ALA D 81 115.77 -0.46 63.00
C ALA D 81 115.44 0.96 62.54
N LYS D 82 116.04 1.38 61.42
CA LYS D 82 115.79 2.71 60.87
C LYS D 82 114.57 2.77 59.97
N LEU D 83 114.31 1.68 59.25
CA LEU D 83 113.21 1.61 58.29
C LEU D 83 111.87 1.21 58.88
N LYS D 84 111.90 0.42 59.95
CA LYS D 84 110.68 -0.09 60.58
C LYS D 84 109.77 1.02 61.16
N PRO D 85 110.34 1.97 61.94
CA PRO D 85 109.48 3.02 62.52
C PRO D 85 108.86 3.94 61.45
N VAL D 86 109.57 4.13 60.35
CA VAL D 86 109.07 4.96 59.26
C VAL D 86 107.95 4.25 58.52
N TYR D 87 108.13 2.94 58.29
CA TYR D 87 107.12 2.12 57.63
C TYR D 87 105.84 2.04 58.44
N ASP D 88 105.98 1.92 59.76
CA ASP D 88 104.82 1.87 60.66
C ASP D 88 104.08 3.20 60.73
N SER D 89 104.84 4.29 60.68
CA SER D 89 104.25 5.63 60.77
C SER D 89 103.47 6.04 59.52
N LEU D 90 104.04 5.75 58.35
CA LEU D 90 103.43 6.16 57.08
C LEU D 90 102.21 5.31 56.71
N ASP D 91 101.36 5.86 55.85
CA ASP D 91 100.17 5.17 55.37
C ASP D 91 100.50 4.23 54.21
N ALA D 92 99.51 3.45 53.78
CA ALA D 92 99.69 2.44 52.74
C ALA D 92 100.28 2.96 51.42
N VAL D 93 99.93 4.20 51.06
CA VAL D 93 100.40 4.80 49.81
C VAL D 93 101.89 5.16 49.90
N ARG D 94 102.25 5.87 50.97
CA ARG D 94 103.64 6.25 51.20
C ARG D 94 104.53 5.06 51.57
N ARG D 95 103.91 4.00 52.09
CA ARG D 95 104.61 2.74 52.32
C ARG D 95 105.02 2.11 50.99
N ALA D 96 104.11 2.14 50.01
CA ALA D 96 104.42 1.63 48.68
C ALA D 96 105.51 2.45 47.99
N ALA D 97 105.52 3.76 48.26
CA ALA D 97 106.57 4.64 47.74
C ALA D 97 107.95 4.32 48.34
N LEU D 98 107.95 4.00 49.63
CA LEU D 98 109.18 3.59 50.31
C LEU D 98 109.68 2.25 49.76
N ILE D 99 108.76 1.32 49.51
CA ILE D 99 109.11 0.03 48.95
C ILE D 99 109.72 0.18 47.56
N ASN D 100 109.24 1.15 46.78
CA ASN D 100 109.83 1.45 45.46
C ASN D 100 111.32 1.81 45.58
N MET D 101 111.62 2.62 46.59
CA MET D 101 113.02 2.98 46.86
C MET D 101 113.85 1.77 47.33
N VAL D 102 113.24 0.94 48.18
CA VAL D 102 113.89 -0.26 48.70
C VAL D 102 114.09 -1.34 47.61
N PHE D 103 113.22 -1.34 46.60
CA PHE D 103 113.30 -2.29 45.50
C PHE D 103 114.53 -2.08 44.63
N GLN D 104 114.68 -0.85 44.13
CA GLN D 104 115.79 -0.59 43.19
C GLN D 104 117.15 -0.49 43.91
N MET D 105 117.25 0.45 44.84
CA MET D 105 118.50 0.72 45.55
C MET D 105 118.86 -0.36 46.57
N GLY D 106 117.86 -1.08 47.06
CA GLY D 106 118.06 -2.08 48.09
C GLY D 106 117.92 -1.49 49.48
N GLU D 107 118.03 -2.36 50.49
CA GLU D 107 118.02 -1.92 51.87
C GLU D 107 119.22 -1.04 52.18
N THR D 108 120.36 -1.36 51.56
CA THR D 108 121.60 -0.61 51.76
C THR D 108 121.43 0.87 51.39
N GLY D 109 120.90 1.10 50.18
CA GLY D 109 120.69 2.43 49.69
C GLY D 109 119.71 3.24 50.51
N VAL D 110 118.57 2.63 50.84
CA VAL D 110 117.54 3.34 51.60
C VAL D 110 117.94 3.55 53.07
N ALA D 111 118.74 2.64 53.61
CA ALA D 111 119.22 2.72 54.99
C ALA D 111 120.10 3.96 55.21
N GLY D 112 120.75 4.41 54.14
CA GLY D 112 121.59 5.60 54.19
C GLY D 112 120.82 6.90 54.41
N PHE D 113 119.51 6.88 54.19
CA PHE D 113 118.71 8.10 54.29
C PHE D 113 118.35 8.45 55.73
N THR D 114 119.10 9.40 56.28
CA THR D 114 118.94 9.84 57.66
C THR D 114 117.95 11.01 57.78
N ASN D 115 118.27 12.10 57.10
CA ASN D 115 117.48 13.34 57.19
C ASN D 115 116.06 13.19 56.65
N SER D 116 115.94 12.52 55.52
CA SER D 116 114.65 12.33 54.87
C SER D 116 113.72 11.46 55.70
N LEU D 117 114.24 10.33 56.19
CA LEU D 117 113.45 9.41 57.02
C LEU D 117 113.04 10.03 58.36
N ARG D 118 113.85 10.95 58.87
CA ARG D 118 113.50 11.68 60.08
C ARG D 118 112.32 12.62 59.81
N MET D 119 112.43 13.40 58.74
CA MET D 119 111.37 14.33 58.37
C MET D 119 110.08 13.64 57.93
N LEU D 120 110.22 12.47 57.29
CA LEU D 120 109.07 11.65 56.91
C LEU D 120 108.36 11.08 58.13
N GLN D 121 109.14 10.69 59.13
CA GLN D 121 108.58 10.21 60.39
C GLN D 121 107.89 11.33 61.18
N GLN D 122 108.41 12.55 61.03
CA GLN D 122 107.85 13.72 61.72
C GLN D 122 106.75 14.44 60.91
N LYS D 123 106.26 13.79 59.86
CA LYS D 123 105.19 14.32 59.01
C LYS D 123 105.57 15.64 58.33
N ARG D 124 106.83 15.75 57.91
CA ARG D 124 107.30 16.89 57.14
C ARG D 124 107.56 16.43 55.70
N TRP D 125 106.64 16.76 54.80
CA TRP D 125 106.65 16.22 53.44
C TRP D 125 107.50 17.03 52.45
N ASP D 126 107.41 18.36 52.54
CA ASP D 126 108.05 19.24 51.57
C ASP D 126 109.57 19.15 51.59
N GLU D 127 110.16 19.38 52.76
CA GLU D 127 111.61 19.36 52.93
C GLU D 127 112.21 17.97 52.73
N ALA D 128 111.41 16.93 52.95
CA ALA D 128 111.81 15.56 52.65
C ALA D 128 112.01 15.38 51.15
N ALA D 129 111.07 15.91 50.36
CA ALA D 129 111.15 15.86 48.91
C ALA D 129 112.33 16.68 48.39
N VAL D 130 112.62 17.81 49.06
CA VAL D 130 113.78 18.63 48.72
C VAL D 130 115.08 17.87 48.95
N ASN D 131 115.16 17.16 50.07
CA ASN D 131 116.33 16.33 50.38
C ASN D 131 116.48 15.12 49.46
N LEU D 132 115.36 14.50 49.11
CA LEU D 132 115.36 13.36 48.19
C LEU D 132 115.72 13.78 46.77
N ALA D 133 115.30 14.98 46.37
CA ALA D 133 115.59 15.50 45.04
C ALA D 133 117.07 15.89 44.85
N LYS D 134 117.74 16.23 45.94
CA LYS D 134 119.15 16.62 45.92
C LYS D 134 120.11 15.44 46.08
N SER D 135 119.58 14.22 46.06
CA SER D 135 120.38 13.02 46.27
C SER D 135 120.87 12.40 44.96
N ARG D 136 121.68 11.35 45.08
CA ARG D 136 122.14 10.58 43.93
C ARG D 136 121.02 9.86 43.21
N TRP D 137 119.98 9.49 43.96
CA TRP D 137 118.84 8.75 43.41
C TRP D 137 118.07 9.56 42.37
N TYR D 138 117.84 10.84 42.64
CA TYR D 138 117.18 11.71 41.68
C TYR D 138 118.04 11.96 40.45
N ASN D 139 119.36 12.06 40.67
CA ASN D 139 120.31 12.23 39.57
C ASN D 139 120.36 10.95 38.69
N GLN D 140 120.31 9.78 39.33
CA GLN D 140 120.35 8.49 38.63
C GLN D 140 119.16 8.31 37.71
N THR D 141 117.96 8.37 38.29
CA THR D 141 116.72 8.17 37.54
C THR D 141 115.67 9.22 37.91
N PRO D 142 115.79 10.44 37.36
CA PRO D 142 114.81 11.51 37.63
C PRO D 142 113.43 11.23 37.05
N ASN D 143 113.33 10.38 36.03
CA ASN D 143 112.02 9.98 35.51
C ASN D 143 111.24 9.20 36.58
N ARG D 144 111.91 8.18 37.11
CA ARG D 144 111.33 7.33 38.14
C ARG D 144 111.23 8.08 39.48
N ALA D 145 112.30 8.79 39.83
CA ALA D 145 112.37 9.48 41.11
C ALA D 145 111.36 10.63 41.23
N LYS D 146 111.22 11.43 40.18
CA LYS D 146 110.29 12.56 40.20
C LYS D 146 108.86 12.09 40.47
N ARG D 147 108.51 10.93 39.91
CA ARG D 147 107.17 10.36 40.18
C ARG D 147 107.01 9.93 41.65
N VAL D 148 108.07 9.31 42.20
CA VAL D 148 108.01 8.85 43.60
C VAL D 148 108.07 10.01 44.61
N ILE D 149 108.90 11.01 44.31
CA ILE D 149 109.05 12.18 45.16
C ILE D 149 107.73 12.97 45.29
N THR D 150 107.04 13.12 44.16
CA THR D 150 105.74 13.79 44.17
C THR D 150 104.70 13.00 44.97
N THR D 151 104.81 11.66 44.91
CA THR D 151 103.91 10.80 45.68
C THR D 151 104.08 11.00 47.19
N PHE D 152 105.32 11.14 47.65
CA PHE D 152 105.58 11.41 49.07
C PHE D 152 104.99 12.73 49.54
N ARG D 153 105.04 13.75 48.67
CA ARG D 153 104.49 15.06 49.03
C ARG D 153 102.96 15.06 49.10
N THR D 154 102.32 14.59 48.02
CA THR D 154 100.87 14.63 47.91
C THR D 154 100.18 13.59 48.79
N GLY D 155 100.68 12.36 48.76
CA GLY D 155 100.04 11.26 49.46
C GLY D 155 98.90 10.67 48.65
N THR D 156 98.97 10.88 47.34
CA THR D 156 97.97 10.39 46.40
C THR D 156 98.66 9.76 45.19
N TRP D 157 97.88 9.13 44.32
CA TRP D 157 98.38 8.52 43.10
C TRP D 157 98.41 9.45 41.90
N ASP D 158 98.32 10.75 42.13
CA ASP D 158 98.21 11.70 41.02
C ASP D 158 99.38 11.59 40.06
N ALA D 159 100.59 11.35 40.58
CA ALA D 159 101.70 11.14 39.67
C ALA D 159 101.60 9.80 38.94
N TYR D 160 101.15 8.75 39.65
CA TYR D 160 101.03 7.45 39.01
C TYR D 160 99.70 7.05 38.38
N MET D 161 98.77 8.00 38.25
CA MET D 161 97.48 7.70 37.62
C MET D 161 97.86 7.76 36.18
N CYS D 162 97.49 6.71 35.47
CA CYS D 162 97.97 6.50 34.12
C CYS D 162 97.68 7.56 33.08
N GLY D 163 96.44 7.83 32.68
CA GLY D 163 96.39 8.79 31.61
C GLY D 163 96.22 10.25 31.98
N THR D 164 95.86 11.07 31.01
CA THR D 164 95.66 12.49 31.24
C THR D 164 94.20 12.83 31.06
N GLU D 165 93.57 13.14 32.17
CA GLU D 165 92.15 13.44 32.15
C GLU D 165 91.85 14.84 31.61
N GLY D 166 90.60 15.04 31.19
CA GLY D 166 90.20 16.33 30.68
C GLY D 166 88.71 16.50 30.88
N PRO D 167 88.18 17.69 30.54
CA PRO D 167 86.76 17.97 30.72
C PRO D 167 85.83 17.21 29.78
N ASN D 168 86.20 17.17 28.51
CA ASN D 168 85.40 16.51 27.50
C ASN D 168 86.13 15.38 26.77
N PHE D 169 87.27 14.93 27.32
CA PHE D 169 88.08 13.91 26.66
C PHE D 169 89.04 13.17 27.58
N TYR D 170 89.61 12.08 27.08
CA TYR D 170 90.62 11.31 27.78
C TYR D 170 91.66 10.80 26.81
N VAL D 171 92.89 11.33 26.90
CA VAL D 171 94.00 10.90 26.08
C VAL D 171 94.79 9.81 26.80
N PRO D 172 95.01 8.66 26.14
CA PRO D 172 95.80 7.60 26.78
C PRO D 172 97.30 7.80 26.60
N PHE D 173 97.84 8.85 27.23
CA PHE D 173 99.25 9.16 27.15
C PHE D 173 99.65 10.09 28.31
N SER D 174 100.87 9.93 28.82
CA SER D 174 101.32 10.70 29.97
C SER D 174 101.70 12.13 29.57
N ASN D 175 101.22 13.10 30.35
CA ASN D 175 101.56 14.51 30.15
C ASN D 175 102.66 15.00 31.11
N ALA D 176 103.41 14.06 31.68
CA ALA D 176 104.51 14.39 32.58
C ALA D 176 105.65 15.08 31.84
N THR D 177 105.91 14.65 30.62
CA THR D 177 106.91 15.29 29.76
C THR D 177 106.49 16.70 29.34
N GLY D 178 105.18 16.90 29.21
CA GLY D 178 104.62 18.18 28.83
C GLY D 178 104.43 18.37 27.32
N VAL D 179 103.82 17.37 26.70
CA VAL D 179 103.54 17.40 25.26
C VAL D 179 102.04 17.35 24.90
N VAL D 180 101.19 17.03 25.88
CA VAL D 180 99.76 16.82 25.65
C VAL D 180 98.95 18.09 25.50
N ARG D 181 98.16 18.16 24.43
CA ARG D 181 97.22 19.27 24.23
C ARG D 181 95.83 18.71 23.87
N SER D 182 94.82 19.58 23.87
CA SER D 182 93.43 19.18 23.65
C SER D 182 93.19 18.57 22.27
N PRO D 183 92.47 17.44 22.21
CA PRO D 183 92.08 16.85 20.93
C PRO D 183 91.12 17.72 20.12
N PHE D 184 90.41 18.62 20.77
CA PHE D 184 89.49 19.54 20.09
C PHE D 184 90.18 20.82 19.59
N GLU D 185 91.48 20.93 19.81
CA GLU D 185 92.24 22.13 19.44
C GLU D 185 93.48 21.81 18.59
N TYR D 186 94.41 21.06 19.18
CA TYR D 186 95.73 20.79 18.57
C TYR D 186 95.85 19.36 18.06
N PRO D 187 96.83 19.12 17.15
CA PRO D 187 97.07 17.77 16.64
C PRO D 187 97.47 16.76 17.71
N GLN D 188 97.27 15.48 17.40
CA GLN D 188 97.54 14.36 18.30
C GLN D 188 98.64 13.43 17.79
N TYR D 189 99.65 13.98 17.12
CA TYR D 189 100.72 13.18 16.53
C TYR D 189 101.70 12.57 17.56
N TYR D 190 101.62 13.02 18.81
CA TYR D 190 102.44 12.44 19.88
C TYR D 190 101.96 11.06 20.32
N LEU D 191 100.68 10.76 20.10
CA LEU D 191 100.11 9.46 20.46
C LEU D 191 100.74 8.32 19.65
N ALA D 192 100.68 8.44 18.33
CA ALA D 192 101.22 7.44 17.43
C ALA D 192 101.87 8.10 16.21
N GLU D 193 102.50 7.28 15.37
CA GLU D 193 103.20 7.79 14.18
C GLU D 193 102.23 8.48 13.22
N PRO D 194 102.68 9.56 12.56
CA PRO D 194 101.84 10.29 11.61
C PRO D 194 101.27 9.44 10.44
N TRP D 195 102.04 8.43 10.02
CA TRP D 195 101.59 7.57 8.93
C TRP D 195 100.40 6.69 9.32
N GLN D 196 100.24 6.43 10.62
CA GLN D 196 99.07 5.67 11.10
C GLN D 196 97.78 6.47 11.04
N PHE D 197 97.90 7.80 11.04
CA PHE D 197 96.75 8.68 10.81
C PHE D 197 96.36 8.65 9.34
N SER D 198 97.36 8.57 8.47
CA SER D 198 97.09 8.38 7.04
C SER D 198 96.48 7.00 6.76
N MET D 199 96.89 6.00 7.54
CA MET D 199 96.30 4.67 7.49
C MET D 199 94.82 4.71 7.87
N LEU D 200 94.50 5.47 8.90
CA LEU D 200 93.10 5.64 9.32
C LEU D 200 92.28 6.35 8.26
N ALA D 201 92.89 7.34 7.60
CA ALA D 201 92.23 8.03 6.49
C ALA D 201 91.99 7.09 5.30
N ALA D 202 92.97 6.25 5.01
CA ALA D 202 92.86 5.26 3.94
C ALA D 202 91.83 4.17 4.27
N TYR D 203 91.75 3.83 5.56
CA TYR D 203 90.81 2.82 6.04
C TYR D 203 89.37 3.31 5.98
N MET D 204 89.15 4.54 6.45
CA MET D 204 87.81 5.12 6.42
C MET D 204 87.34 5.40 4.99
N PHE D 205 88.29 5.71 4.11
CA PHE D 205 87.99 5.84 2.69
C PHE D 205 87.50 4.52 2.11
N LEU D 206 88.16 3.43 2.49
CA LEU D 206 87.77 2.09 2.03
C LEU D 206 86.37 1.71 2.50
N LEU D 207 86.03 2.10 3.73
CA LEU D 207 84.70 1.81 4.28
C LEU D 207 83.58 2.60 3.59
N ILE D 208 83.89 3.82 3.16
CA ILE D 208 82.89 4.63 2.45
C ILE D 208 82.65 4.11 1.03
N VAL D 209 83.73 3.72 0.35
CA VAL D 209 83.65 3.21 -1.01
C VAL D 209 82.92 1.86 -1.08
N LEU D 210 83.12 1.01 -0.07
CA LEU D 210 82.44 -0.28 -0.02
C LEU D 210 81.06 -0.19 0.64
N GLY D 211 80.98 0.57 1.72
CA GLY D 211 79.79 0.65 2.54
C GLY D 211 78.59 1.36 1.94
N PHE D 212 78.84 2.54 1.37
CA PHE D 212 77.72 3.34 0.85
C PHE D 212 76.98 2.70 -0.33
N PRO D 213 77.71 2.23 -1.36
CA PRO D 213 77.01 1.63 -2.51
C PRO D 213 76.20 0.38 -2.16
N ILE D 214 76.78 -0.53 -1.37
CA ILE D 214 76.11 -1.78 -1.02
C ILE D 214 74.76 -1.55 -0.33
N ASN D 215 74.76 -0.69 0.69
CA ASN D 215 73.55 -0.42 1.46
C ASN D 215 72.54 0.48 0.73
N PHE D 216 73.06 1.44 -0.03
CA PHE D 216 72.21 2.31 -0.84
C PHE D 216 71.56 1.52 -1.98
N LEU D 217 72.31 0.63 -2.60
CA LEU D 217 71.79 -0.23 -3.66
C LEU D 217 70.71 -1.17 -3.11
N THR D 218 70.92 -1.69 -1.90
CA THR D 218 69.91 -2.53 -1.25
C THR D 218 68.55 -1.81 -1.21
N LEU D 219 68.58 -0.56 -0.78
CA LEU D 219 67.34 0.23 -0.72
C LEU D 219 66.82 0.64 -2.11
N TYR D 220 67.74 1.04 -2.99
CA TYR D 220 67.41 1.46 -4.35
C TYR D 220 66.72 0.34 -5.14
N VAL D 221 67.30 -0.85 -5.06
CA VAL D 221 66.77 -2.04 -5.71
C VAL D 221 65.40 -2.39 -5.14
N THR D 222 65.22 -2.21 -3.83
CA THR D 222 63.94 -2.49 -3.19
C THR D 222 62.82 -1.55 -3.66
N VAL D 223 63.15 -0.28 -3.90
CA VAL D 223 62.18 0.68 -4.41
C VAL D 223 61.70 0.31 -5.81
N GLN D 224 62.62 -0.22 -6.62
CA GLN D 224 62.26 -0.61 -8.00
C GLN D 224 61.39 -1.87 -8.04
N HIS D 225 61.93 -2.98 -7.52
CA HIS D 225 61.25 -4.28 -7.60
C HIS D 225 60.17 -4.44 -6.54
N LYS D 226 58.99 -4.90 -6.97
CA LYS D 226 57.87 -5.21 -6.08
C LYS D 226 58.12 -6.49 -5.28
N LYS D 227 58.92 -7.39 -5.84
CA LYS D 227 59.09 -8.72 -5.27
C LYS D 227 59.67 -8.70 -3.86
N LEU D 228 60.60 -7.78 -3.63
CA LEU D 228 61.36 -7.71 -2.39
C LEU D 228 60.59 -7.19 -1.19
N ARG D 229 59.68 -6.24 -1.41
CA ARG D 229 59.01 -5.60 -0.28
C ARG D 229 58.03 -6.55 0.40
N THR D 230 58.54 -7.24 1.42
CA THR D 230 57.76 -8.17 2.24
C THR D 230 58.21 -8.09 3.70
N PRO D 231 57.28 -8.26 4.66
CA PRO D 231 57.52 -8.11 6.12
C PRO D 231 58.87 -8.69 6.65
N LEU D 232 59.25 -9.86 6.14
CA LEU D 232 60.52 -10.48 6.56
C LEU D 232 61.75 -9.67 6.07
N ASN D 233 61.60 -9.09 4.88
CA ASN D 233 62.66 -8.24 4.36
C ASN D 233 62.67 -6.85 4.99
N TYR D 234 61.59 -6.47 5.67
CA TYR D 234 61.52 -5.19 6.38
C TYR D 234 62.63 -5.05 7.38
N ILE D 235 62.87 -6.13 8.13
CA ILE D 235 63.99 -6.06 9.10
C ILE D 235 65.37 -6.04 8.39
N LEU D 236 65.46 -6.74 7.25
CA LEU D 236 66.72 -6.64 6.47
C LEU D 236 66.96 -5.25 5.84
N LEU D 237 65.87 -4.56 5.52
CA LEU D 237 65.93 -3.19 5.03
C LEU D 237 66.35 -2.22 6.14
N ASN D 238 65.90 -2.49 7.36
CA ASN D 238 66.32 -1.70 8.52
C ASN D 238 67.82 -1.82 8.77
N LEU D 239 68.37 -3.00 8.50
CA LEU D 239 69.82 -3.21 8.61
C LEU D 239 70.59 -2.37 7.60
N ALA D 240 70.04 -2.24 6.40
CA ALA D 240 70.67 -1.39 5.37
C ALA D 240 70.67 0.10 5.77
N VAL D 241 69.57 0.54 6.37
CA VAL D 241 69.47 1.92 6.85
C VAL D 241 70.46 2.19 8.01
N ALA D 242 70.60 1.19 8.88
CA ALA D 242 71.51 1.30 10.03
C ALA D 242 72.97 1.47 9.60
N ASP D 243 73.37 0.68 8.60
CA ASP D 243 74.73 0.75 8.10
C ASP D 243 75.01 2.07 7.35
N LEU D 244 73.98 2.63 6.72
CA LEU D 244 74.12 3.93 6.06
C LEU D 244 74.39 5.07 7.05
N PHE D 245 73.77 4.97 8.24
CA PHE D 245 74.06 5.93 9.31
C PHE D 245 75.49 5.84 9.82
N MET D 246 76.05 4.63 9.83
CA MET D 246 77.46 4.47 10.22
C MET D 246 78.41 5.10 9.20
N VAL D 247 78.01 5.09 7.93
CA VAL D 247 78.83 5.70 6.87
C VAL D 247 78.74 7.22 6.90
N LEU D 248 77.54 7.76 6.74
CA LEU D 248 77.34 9.20 6.65
C LEU D 248 77.62 9.91 7.99
N GLY D 249 77.10 9.35 9.07
CA GLY D 249 77.30 9.94 10.38
C GLY D 249 78.67 9.67 10.97
N GLY D 250 79.16 8.44 10.80
CA GLY D 250 80.40 8.02 11.43
C GLY D 250 81.70 8.15 10.66
N PHE D 251 81.80 7.41 9.55
CA PHE D 251 83.08 7.24 8.85
C PHE D 251 83.54 8.48 8.10
N THR D 252 82.62 9.22 7.49
CA THR D 252 82.97 10.43 6.75
C THR D 252 83.51 11.53 7.67
N SER D 253 82.95 11.62 8.87
CA SER D 253 83.44 12.55 9.88
C SER D 253 84.80 12.11 10.44
N THR D 254 84.94 10.79 10.66
CA THR D 254 86.20 10.22 11.12
C THR D 254 87.31 10.38 10.07
N LEU D 255 86.92 10.34 8.79
CA LEU D 255 87.85 10.54 7.69
C LEU D 255 88.41 11.96 7.68
N TYR D 256 87.51 12.94 7.86
CA TYR D 256 87.91 14.34 7.86
C TYR D 256 88.87 14.67 9.02
N THR D 257 88.58 14.08 10.18
CA THR D 257 89.40 14.31 11.36
C THR D 257 90.74 13.57 11.31
N SER D 258 90.73 12.37 10.73
CA SER D 258 91.94 11.57 10.59
C SER D 258 92.97 12.22 9.66
N LEU D 259 92.46 12.95 8.66
CA LEU D 259 93.34 13.69 7.75
C LEU D 259 94.07 14.80 8.49
N HIS D 260 93.33 15.56 9.30
CA HIS D 260 93.97 16.62 10.09
C HIS D 260 94.80 16.09 11.28
N GLY D 261 94.33 15.00 11.88
CA GLY D 261 95.02 14.38 13.01
C GLY D 261 94.43 14.69 14.37
N TYR D 262 93.30 15.39 14.38
CA TYR D 262 92.59 15.71 15.62
C TYR D 262 91.13 16.02 15.33
N PHE D 263 90.28 15.95 16.36
CA PHE D 263 88.86 16.20 16.16
C PHE D 263 88.59 17.70 16.04
N VAL D 264 88.25 18.13 14.83
CA VAL D 264 88.06 19.55 14.52
C VAL D 264 86.69 20.09 14.94
N PHE D 265 85.68 19.22 15.00
CA PHE D 265 84.29 19.66 15.17
C PHE D 265 83.92 20.05 16.59
N GLY D 266 84.76 19.70 17.57
CA GLY D 266 84.53 20.04 18.96
C GLY D 266 83.61 19.07 19.69
N PRO D 267 83.32 19.35 20.96
CA PRO D 267 82.44 18.50 21.79
C PRO D 267 81.06 18.25 21.19
N THR D 268 80.48 19.27 20.56
CA THR D 268 79.16 19.15 19.93
C THR D 268 79.18 18.14 18.77
N GLY D 269 80.19 18.25 17.93
CA GLY D 269 80.36 17.34 16.81
C GLY D 269 80.71 15.93 17.25
N CYS D 270 81.42 15.81 18.37
CA CYS D 270 81.79 14.51 18.92
C CYS D 270 80.59 13.77 19.49
N ASN D 271 79.68 14.53 20.11
CA ASN D 271 78.43 13.98 20.61
C ASN D 271 77.55 13.47 19.49
N LEU D 272 77.43 14.24 18.42
CA LEU D 272 76.57 13.84 17.29
C LEU D 272 77.16 12.68 16.47
N GLN D 273 78.48 12.69 16.29
CA GLN D 273 79.14 11.60 15.57
C GLN D 273 79.06 10.30 16.36
N GLY D 274 79.37 10.36 17.65
CA GLY D 274 79.29 9.20 18.51
C GLY D 274 77.87 8.67 18.67
N PHE D 275 76.90 9.58 18.58
CA PHE D 275 75.49 9.21 18.65
C PHE D 275 75.07 8.41 17.42
N PHE D 276 75.41 8.91 16.24
CA PHE D 276 75.06 8.20 14.99
C PHE D 276 75.84 6.89 14.83
N ALA D 277 77.10 6.90 15.26
CA ALA D 277 77.94 5.69 15.18
C ALA D 277 77.38 4.58 16.07
N THR D 278 76.95 4.95 17.27
CA THR D 278 76.32 4.00 18.18
C THR D 278 74.95 3.56 17.67
N LEU D 279 74.14 4.52 17.25
CA LEU D 279 72.80 4.24 16.73
C LEU D 279 72.83 3.30 15.54
N GLY D 280 73.76 3.55 14.62
CA GLY D 280 73.93 2.71 13.44
C GLY D 280 74.38 1.30 13.79
N GLY D 281 75.28 1.19 14.75
CA GLY D 281 75.75 -0.11 15.20
C GLY D 281 74.70 -0.90 15.98
N GLU D 282 73.94 -0.20 16.81
CA GLU D 282 72.95 -0.84 17.67
C GLU D 282 71.69 -1.26 16.92
N ILE D 283 71.24 -0.41 15.99
CA ILE D 283 70.11 -0.77 15.12
C ILE D 283 70.50 -1.98 14.28
N ALA D 284 71.75 -2.00 13.80
CA ALA D 284 72.25 -3.16 13.05
C ALA D 284 72.26 -4.44 13.91
N LEU D 285 72.67 -4.30 15.16
CA LEU D 285 72.72 -5.43 16.10
C LEU D 285 71.32 -6.01 16.37
N TRP D 286 70.42 -5.15 16.84
CA TRP D 286 69.07 -5.60 17.18
C TRP D 286 68.24 -6.01 15.96
N SER D 287 68.64 -5.53 14.78
CA SER D 287 68.04 -6.01 13.53
C SER D 287 68.34 -7.47 13.32
N LEU D 288 69.58 -7.88 13.62
CA LEU D 288 69.97 -9.28 13.49
C LEU D 288 69.32 -10.17 14.56
N VAL D 289 69.05 -9.58 15.73
CA VAL D 289 68.33 -10.29 16.79
C VAL D 289 66.88 -10.57 16.35
N VAL D 290 66.21 -9.54 15.86
CA VAL D 290 64.85 -9.66 15.35
C VAL D 290 64.79 -10.62 14.16
N LEU D 291 65.79 -10.54 13.29
CA LEU D 291 65.89 -11.44 12.14
C LEU D 291 66.02 -12.90 12.57
N ALA D 292 66.79 -13.15 13.61
CA ALA D 292 66.94 -14.49 14.16
C ALA D 292 65.64 -15.01 14.78
N ILE D 293 64.95 -14.12 15.50
CA ILE D 293 63.67 -14.47 16.12
C ILE D 293 62.62 -14.77 15.05
N GLU D 294 62.53 -13.89 14.06
CA GLU D 294 61.61 -14.04 12.94
C GLU D 294 61.85 -15.35 12.21
N ARG D 295 63.09 -15.60 11.79
CA ARG D 295 63.40 -16.81 11.02
C ARG D 295 63.14 -18.11 11.80
N TYR D 296 63.30 -18.05 13.13
CA TYR D 296 63.00 -19.22 13.97
C TYR D 296 61.49 -19.47 14.04
N VAL D 297 60.74 -18.42 14.37
CA VAL D 297 59.30 -18.54 14.56
C VAL D 297 58.55 -18.81 13.25
N VAL D 298 58.92 -18.12 12.19
CA VAL D 298 58.24 -18.25 10.90
C VAL D 298 58.47 -19.62 10.28
N VAL D 299 59.71 -20.12 10.33
CA VAL D 299 59.98 -21.42 9.70
C VAL D 299 59.45 -22.59 10.53
N CYS D 300 59.84 -22.65 11.81
CA CYS D 300 59.46 -23.79 12.65
C CYS D 300 57.95 -23.89 12.87
N LYS D 301 57.31 -22.74 13.06
CA LYS D 301 55.86 -22.69 13.22
C LYS D 301 55.28 -22.09 11.94
N PRO D 302 54.64 -22.94 11.12
CA PRO D 302 54.12 -22.45 9.83
C PRO D 302 52.90 -21.54 9.95
N MET D 303 52.15 -21.67 11.04
CA MET D 303 50.98 -20.83 11.27
C MET D 303 51.34 -19.36 11.50
N SER D 304 52.52 -19.12 12.05
CA SER D 304 52.94 -17.76 12.37
C SER D 304 53.26 -16.95 11.12
N ASN D 305 53.44 -17.66 9.99
CA ASN D 305 53.66 -16.95 8.73
C ASN D 305 52.46 -16.06 8.38
N PHE D 306 51.25 -16.59 8.63
CA PHE D 306 50.04 -15.80 8.43
C PHE D 306 50.01 -14.62 9.41
N ARG D 307 50.38 -14.90 10.66
CA ARG D 307 50.37 -13.90 11.73
C ARG D 307 51.24 -12.72 11.30
N PHE D 308 52.40 -13.04 10.71
CA PHE D 308 53.39 -12.02 10.38
C PHE D 308 53.13 -11.24 9.13
N GLY D 309 52.34 -10.19 9.37
CA GLY D 309 52.04 -9.17 8.40
C GLY D 309 52.99 -8.00 8.50
N GLU D 310 52.61 -6.88 7.90
CA GLU D 310 53.43 -5.67 7.92
C GLU D 310 53.51 -5.00 9.30
N ASN D 311 52.40 -5.02 10.05
CA ASN D 311 52.32 -4.37 11.36
C ASN D 311 53.28 -4.99 12.38
N HIS D 312 53.45 -6.30 12.30
CA HIS D 312 54.39 -7.01 13.15
C HIS D 312 55.84 -6.71 12.75
N ALA D 313 56.08 -6.55 11.46
CA ALA D 313 57.40 -6.19 10.95
C ALA D 313 57.76 -4.77 11.39
N ILE D 314 56.77 -3.88 11.39
CA ILE D 314 56.93 -2.52 11.89
C ILE D 314 57.25 -2.56 13.37
N MET D 315 56.61 -3.46 14.12
CA MET D 315 56.91 -3.64 15.53
C MET D 315 58.34 -4.11 15.78
N GLY D 316 58.84 -4.98 14.90
CA GLY D 316 60.21 -5.44 14.97
C GLY D 316 61.23 -4.34 14.71
N VAL D 317 60.96 -3.54 13.69
CA VAL D 317 61.83 -2.40 13.37
C VAL D 317 61.73 -1.29 14.43
N ALA D 318 60.54 -1.15 15.01
CA ALA D 318 60.31 -0.20 16.09
C ALA D 318 61.09 -0.61 17.33
N PHE D 319 60.95 -1.87 17.71
CA PHE D 319 61.69 -2.43 18.84
C PHE D 319 63.20 -2.27 18.67
N THR D 320 63.66 -2.46 17.43
CA THR D 320 65.07 -2.27 17.10
C THR D 320 65.52 -0.83 17.37
N TRP D 321 64.70 0.12 16.92
CA TRP D 321 64.99 1.54 17.11
C TRP D 321 64.89 1.99 18.58
N VAL D 322 63.96 1.41 19.31
CA VAL D 322 63.77 1.72 20.72
C VAL D 322 64.94 1.23 21.57
N MET D 323 65.36 -0.02 21.35
CA MET D 323 66.52 -0.57 22.07
C MET D 323 67.82 0.18 21.73
N ALA D 324 67.91 0.61 20.48
CA ALA D 324 69.07 1.39 20.03
C ALA D 324 69.11 2.75 20.72
N LEU D 325 67.98 3.46 20.69
CA LEU D 325 67.87 4.76 21.35
C LEU D 325 67.93 4.66 22.87
N ALA D 326 67.54 3.51 23.41
CA ALA D 326 67.62 3.28 24.85
C ALA D 326 69.04 3.32 25.33
N CYS D 327 69.97 2.86 24.48
CA CYS D 327 71.39 2.94 24.86
C CYS D 327 72.19 4.08 24.20
N ALA D 328 71.70 4.61 23.09
CA ALA D 328 72.41 5.65 22.36
C ALA D 328 72.16 7.05 22.92
N ALA D 329 70.94 7.28 23.39
CA ALA D 329 70.56 8.60 23.90
C ALA D 329 71.15 9.00 25.26
N PRO D 330 71.17 8.08 26.26
CA PRO D 330 71.66 8.47 27.59
C PRO D 330 73.08 9.06 27.67
N PRO D 331 74.05 8.55 26.87
CA PRO D 331 75.36 9.19 26.85
C PRO D 331 75.34 10.69 26.57
N LEU D 332 74.41 11.15 25.73
CA LEU D 332 74.27 12.58 25.45
C LEU D 332 73.75 13.35 26.66
N ALA D 333 72.74 12.79 27.31
CA ALA D 333 71.98 13.43 28.39
C ALA D 333 72.35 12.98 29.81
N GLY D 334 73.63 12.70 30.03
CA GLY D 334 74.20 12.46 31.35
C GLY D 334 74.69 11.06 31.66
N TRP D 335 73.89 10.02 31.44
CA TRP D 335 74.32 8.66 31.79
C TRP D 335 75.37 8.20 30.77
N SER D 336 76.62 8.17 31.23
CA SER D 336 77.84 8.01 30.42
C SER D 336 78.10 9.21 29.51
N ARG D 337 79.07 9.08 28.60
CA ARG D 337 79.44 10.19 27.73
C ARG D 337 80.11 9.73 26.43
N TYR D 338 79.97 10.54 25.39
CA TYR D 338 80.68 10.33 24.11
C TYR D 338 81.97 11.14 24.10
N ILE D 339 83.10 10.44 23.97
CA ILE D 339 84.41 11.11 23.91
C ILE D 339 85.27 10.52 22.79
N PRO D 340 86.32 11.24 22.36
CA PRO D 340 87.24 10.68 21.36
C PRO D 340 87.99 9.46 21.91
N GLU D 341 87.91 8.34 21.18
CA GLU D 341 88.51 7.08 21.63
C GLU D 341 89.75 6.72 20.82
N GLY D 342 90.70 6.03 21.46
CA GLY D 342 91.89 5.59 20.78
C GLY D 342 92.84 6.72 20.41
N LEU D 343 92.89 7.02 19.13
CA LEU D 343 93.74 8.08 18.59
C LEU D 343 93.11 9.48 18.72
N GLN D 344 91.96 9.55 19.38
CA GLN D 344 91.22 10.80 19.59
C GLN D 344 90.73 11.40 18.27
N CYS D 345 90.37 10.54 17.33
CA CYS D 345 89.80 10.93 16.04
C CYS D 345 88.35 10.49 15.96
N SER D 346 88.14 9.18 16.14
CA SER D 346 86.80 8.63 16.15
C SER D 346 86.21 8.80 17.55
N CYS D 347 84.96 9.25 17.62
CA CYS D 347 84.26 9.41 18.88
C CYS D 347 83.40 8.18 19.19
N GLY D 348 83.44 7.73 20.44
CA GLY D 348 82.67 6.58 20.86
C GLY D 348 82.30 6.64 22.33
N ILE D 349 81.71 5.55 22.82
CA ILE D 349 81.27 5.47 24.21
C ILE D 349 82.47 5.33 25.15
N ASP D 350 82.39 5.97 26.32
CA ASP D 350 83.47 5.88 27.29
C ASP D 350 83.27 4.64 28.16
N TYR D 351 84.04 3.60 27.86
CA TYR D 351 84.00 2.33 28.60
C TYR D 351 85.31 2.02 29.33
N TYR D 352 86.21 2.99 29.39
CA TYR D 352 87.54 2.80 29.98
C TYR D 352 87.76 3.72 31.18
N THR D 353 87.50 5.01 31.01
CA THR D 353 87.65 5.98 32.09
C THR D 353 86.48 5.88 33.08
N LEU D 354 86.79 5.60 34.34
CA LEU D 354 85.77 5.53 35.38
C LEU D 354 85.49 6.92 35.93
N LYS D 355 84.40 7.52 35.44
CA LYS D 355 83.97 8.85 35.89
C LYS D 355 82.62 8.76 36.60
N PRO D 356 82.63 8.86 37.95
CA PRO D 356 81.37 8.74 38.71
C PRO D 356 80.39 9.91 38.58
N GLU D 357 80.80 11.00 37.94
CA GLU D 357 79.87 12.10 37.66
C GLU D 357 78.81 11.71 36.63
N VAL D 358 79.24 11.01 35.59
CA VAL D 358 78.34 10.55 34.53
C VAL D 358 77.94 9.07 34.67
N ASN D 359 78.52 8.39 35.66
CA ASN D 359 78.18 6.99 35.95
C ASN D 359 78.53 6.04 34.81
N ASN D 360 79.82 5.90 34.54
CA ASN D 360 80.30 5.01 33.48
C ASN D 360 80.21 3.57 33.95
N GLU D 361 80.32 3.37 35.26
CA GLU D 361 80.25 2.04 35.83
C GLU D 361 78.89 1.35 35.55
N SER D 362 77.81 2.02 35.95
CA SER D 362 76.46 1.48 35.77
C SER D 362 76.07 1.34 34.31
N PHE D 363 76.54 2.26 33.48
CA PHE D 363 76.22 2.22 32.05
C PHE D 363 76.92 1.09 31.33
N VAL D 364 78.22 0.93 31.58
CA VAL D 364 78.98 -0.14 30.94
C VAL D 364 78.49 -1.53 31.36
N ILE D 365 78.10 -1.68 32.62
CA ILE D 365 77.52 -2.95 33.07
C ILE D 365 76.18 -3.18 32.39
N TYR D 366 75.31 -2.18 32.45
CA TYR D 366 74.01 -2.22 31.78
C TYR D 366 74.10 -2.56 30.30
N MET D 367 74.95 -1.84 29.60
CA MET D 367 75.19 -2.04 28.17
C MET D 367 75.75 -3.42 27.90
N PHE D 368 76.87 -3.75 28.54
CA PHE D 368 77.53 -5.04 28.34
C PHE D 368 76.60 -6.21 28.59
N VAL D 369 75.98 -6.24 29.76
CA VAL D 369 75.14 -7.36 30.16
C VAL D 369 73.94 -7.49 29.23
N VAL D 370 73.20 -6.40 29.02
CA VAL D 370 72.00 -6.45 28.18
C VAL D 370 72.36 -6.65 26.71
N HIS D 371 73.12 -5.73 26.15
CA HIS D 371 73.39 -5.69 24.71
C HIS D 371 74.28 -6.80 24.19
N PHE D 372 74.98 -7.51 25.08
CA PHE D 372 75.82 -8.62 24.66
C PHE D 372 75.05 -9.92 24.88
N THR D 373 74.56 -10.15 26.09
CA THR D 373 73.91 -11.43 26.40
C THR D 373 72.60 -11.64 25.64
N ILE D 374 71.79 -10.59 25.50
CA ILE D 374 70.48 -10.79 24.89
C ILE D 374 70.61 -11.19 23.41
N PRO D 375 71.39 -10.43 22.60
CA PRO D 375 71.68 -10.99 21.28
C PRO D 375 72.38 -12.35 21.29
N MET D 376 73.43 -12.50 22.10
CA MET D 376 74.17 -13.76 22.17
C MET D 376 73.28 -14.96 22.49
N ILE D 377 72.51 -14.84 23.56
CA ILE D 377 71.60 -15.90 23.99
C ILE D 377 70.46 -16.15 23.00
N ILE D 378 69.78 -15.08 22.58
CA ILE D 378 68.64 -15.21 21.67
C ILE D 378 69.08 -15.73 20.30
N ILE D 379 70.15 -15.16 19.74
CA ILE D 379 70.61 -15.55 18.40
C ILE D 379 71.13 -16.99 18.38
N PHE D 380 71.93 -17.37 19.38
CA PHE D 380 72.42 -18.76 19.46
C PHE D 380 71.27 -19.74 19.74
N PHE D 381 70.29 -19.31 20.52
CA PHE D 381 69.10 -20.11 20.77
C PHE D 381 68.21 -20.21 19.53
N CYS D 382 68.04 -19.09 18.82
CA CYS D 382 67.22 -19.04 17.63
C CYS D 382 67.77 -19.92 16.52
N TYR D 383 68.98 -19.60 16.05
CA TYR D 383 69.60 -20.37 14.98
C TYR D 383 70.01 -21.77 15.43
N GLY D 384 70.25 -21.93 16.73
CA GLY D 384 70.55 -23.23 17.29
C GLY D 384 69.36 -24.16 17.24
N GLN D 385 68.20 -23.66 17.68
CA GLN D 385 66.96 -24.42 17.61
C GLN D 385 66.48 -24.56 16.16
N LEU D 386 66.83 -23.60 15.31
CA LEU D 386 66.47 -23.65 13.90
C LEU D 386 67.18 -24.82 13.22
N VAL D 387 68.50 -24.89 13.37
CA VAL D 387 69.30 -25.98 12.81
C VAL D 387 68.93 -27.30 13.46
N PHE D 388 68.67 -27.27 14.77
CA PHE D 388 68.21 -28.45 15.51
C PHE D 388 66.93 -29.03 14.91
N THR D 389 65.98 -28.14 14.63
CA THR D 389 64.70 -28.51 14.03
C THR D 389 64.87 -29.04 12.62
N VAL D 390 65.69 -28.37 11.82
CA VAL D 390 65.90 -28.76 10.43
C VAL D 390 66.69 -30.07 10.31
N LYS D 391 67.71 -30.27 11.14
CA LYS D 391 68.49 -31.51 11.13
C LYS D 391 67.66 -32.72 11.56
N GLU D 392 66.82 -32.52 12.58
CA GLU D 392 65.92 -33.58 13.02
C GLU D 392 64.83 -33.87 11.97
N ALA D 393 64.38 -32.81 11.31
CA ALA D 393 63.39 -32.91 10.24
C ALA D 393 63.98 -33.57 8.99
N ALA D 394 65.23 -33.25 8.68
CA ALA D 394 65.93 -33.82 7.53
C ALA D 394 66.15 -35.31 7.73
N ALA D 395 66.45 -35.70 8.97
CA ALA D 395 66.61 -37.11 9.31
C ALA D 395 65.27 -37.86 9.27
N GLN D 396 64.17 -37.14 9.48
CA GLN D 396 62.85 -37.76 9.43
C GLN D 396 62.50 -38.30 8.04
N GLN D 397 62.83 -37.54 7.00
CA GLN D 397 62.67 -38.02 5.63
C GLN D 397 63.96 -37.79 4.84
N GLN D 398 64.82 -38.80 4.83
CA GLN D 398 66.08 -38.75 4.10
C GLN D 398 65.87 -39.09 2.63
N GLU D 399 64.73 -39.68 2.31
CA GLU D 399 64.37 -40.01 0.92
C GLU D 399 64.35 -38.78 0.02
N SER D 400 63.88 -37.65 0.55
CA SER D 400 63.84 -36.41 -0.21
C SER D 400 65.22 -35.76 -0.24
N ALA D 401 65.85 -35.77 -1.41
CA ALA D 401 67.19 -35.20 -1.59
C ALA D 401 67.18 -33.68 -1.57
N THR D 402 66.02 -33.10 -1.89
CA THR D 402 65.87 -31.65 -1.93
C THR D 402 66.03 -31.04 -0.53
N THR D 403 65.49 -31.73 0.47
CA THR D 403 65.60 -31.31 1.86
C THR D 403 67.03 -31.40 2.38
N GLN D 404 67.79 -32.38 1.87
CA GLN D 404 69.17 -32.57 2.28
C GLN D 404 70.08 -31.46 1.80
N LYS D 405 69.86 -31.02 0.55
CA LYS D 405 70.60 -29.88 0.00
C LYS D 405 70.25 -28.59 0.76
N ALA D 406 68.98 -28.45 1.12
CA ALA D 406 68.55 -27.30 1.91
C ALA D 406 69.23 -27.29 3.28
N GLU D 407 69.09 -28.39 4.01
CA GLU D 407 69.68 -28.54 5.34
C GLU D 407 71.18 -28.25 5.37
N LYS D 408 71.88 -28.68 4.32
CA LYS D 408 73.32 -28.43 4.21
C LYS D 408 73.60 -26.92 4.02
N GLU D 409 72.87 -26.29 3.09
CA GLU D 409 73.07 -24.85 2.81
C GLU D 409 72.74 -23.96 4.03
N VAL D 410 71.74 -24.37 4.80
CA VAL D 410 71.35 -23.65 6.02
C VAL D 410 72.45 -23.73 7.06
N THR D 411 72.87 -24.95 7.38
CA THR D 411 73.90 -25.16 8.39
C THR D 411 75.19 -24.40 8.06
N ARG D 412 75.50 -24.34 6.76
CA ARG D 412 76.67 -23.58 6.29
C ARG D 412 76.50 -22.08 6.56
N MET D 413 75.29 -21.58 6.30
CA MET D 413 75.00 -20.17 6.54
C MET D 413 74.97 -19.81 8.02
N VAL D 414 74.37 -20.68 8.84
CA VAL D 414 74.26 -20.46 10.29
C VAL D 414 75.64 -20.41 10.96
N ILE D 415 76.55 -21.27 10.50
CA ILE D 415 77.93 -21.23 10.99
C ILE D 415 78.59 -19.88 10.63
N ILE D 416 78.32 -19.41 9.41
CA ILE D 416 78.85 -18.11 8.98
C ILE D 416 78.19 -16.93 9.72
N TYR D 417 76.91 -17.05 10.03
CA TYR D 417 76.20 -16.02 10.81
C TYR D 417 76.81 -15.85 12.20
N VAL D 418 77.15 -16.98 12.82
CA VAL D 418 77.78 -16.96 14.14
C VAL D 418 79.19 -16.37 14.09
N ILE D 419 79.98 -16.80 13.11
CA ILE D 419 81.34 -16.30 12.94
C ILE D 419 81.37 -14.79 12.71
N ALA D 420 80.43 -14.30 11.90
CA ALA D 420 80.33 -12.87 11.61
C ALA D 420 79.93 -12.06 12.86
N PHE D 421 79.02 -12.62 13.64
CA PHE D 421 78.57 -11.96 14.87
C PHE D 421 79.67 -11.87 15.93
N LEU D 422 80.38 -12.97 16.13
CA LEU D 422 81.45 -13.02 17.13
C LEU D 422 82.60 -12.11 16.75
N ILE D 423 83.07 -12.24 15.50
CA ILE D 423 84.16 -11.39 15.01
C ILE D 423 83.82 -9.90 15.17
N CYS D 424 82.54 -9.56 15.00
CA CYS D 424 82.12 -8.17 15.16
C CYS D 424 82.21 -7.65 16.60
N TRP D 425 81.44 -8.26 17.51
CA TRP D 425 81.26 -7.68 18.84
C TRP D 425 82.13 -8.22 19.98
N VAL D 426 82.75 -9.38 19.79
CA VAL D 426 83.62 -9.94 20.84
C VAL D 426 84.84 -9.05 21.15
N PRO D 427 85.49 -8.48 20.12
CA PRO D 427 86.63 -7.58 20.40
C PRO D 427 86.32 -6.41 21.35
N TYR D 428 85.18 -5.74 21.14
CA TYR D 428 84.77 -4.64 22.01
C TYR D 428 84.46 -5.12 23.42
N ALA D 429 83.71 -6.20 23.53
CA ALA D 429 83.29 -6.74 24.82
C ALA D 429 84.45 -7.31 25.63
N SER D 430 85.36 -8.00 24.94
CA SER D 430 86.52 -8.61 25.59
C SER D 430 87.49 -7.54 26.10
N VAL D 431 87.76 -6.53 25.27
CA VAL D 431 88.64 -5.44 25.67
C VAL D 431 88.01 -4.61 26.79
N ALA D 432 86.72 -4.30 26.67
CA ALA D 432 86.00 -3.56 27.72
C ALA D 432 85.98 -4.31 29.05
N PHE D 433 85.83 -5.64 28.96
CA PHE D 433 85.85 -6.50 30.14
C PHE D 433 87.24 -6.54 30.77
N TYR D 434 88.26 -6.67 29.92
CA TYR D 434 89.65 -6.74 30.40
C TYR D 434 90.10 -5.41 31.01
N ILE D 435 89.62 -4.30 30.44
CA ILE D 435 89.89 -2.97 30.97
C ILE D 435 89.22 -2.78 32.32
N PHE D 436 88.00 -3.30 32.47
CA PHE D 436 87.26 -3.18 33.73
C PHE D 436 87.89 -3.99 34.85
N THR D 437 88.33 -5.22 34.54
CA THR D 437 88.96 -6.08 35.53
C THR D 437 90.35 -5.57 35.90
N HIS D 438 91.13 -5.16 34.90
CA HIS D 438 92.43 -4.55 35.17
C HIS D 438 92.37 -3.04 34.91
N GLN D 439 91.95 -2.30 35.92
CA GLN D 439 91.81 -0.84 35.84
C GLN D 439 93.10 -0.08 36.15
N GLY D 440 93.93 -0.64 37.03
CA GLY D 440 95.16 -0.02 37.45
C GLY D 440 96.22 0.09 36.37
N SER D 441 96.13 -0.81 35.39
CA SER D 441 97.03 -0.90 34.25
C SER D 441 96.79 0.19 33.21
N CYS D 442 97.81 0.41 32.37
CA CYS D 442 97.72 1.37 31.28
C CYS D 442 97.36 0.70 29.95
N PHE D 443 96.64 1.43 29.11
CA PHE D 443 96.24 0.92 27.79
C PHE D 443 96.50 1.97 26.71
N GLY D 444 97.19 1.58 25.65
CA GLY D 444 97.55 2.51 24.58
C GLY D 444 96.40 2.82 23.63
N PRO D 445 96.63 3.76 22.70
CA PRO D 445 95.59 4.17 21.73
C PRO D 445 95.31 3.12 20.63
N ILE D 446 96.36 2.42 20.21
CA ILE D 446 96.23 1.40 19.15
C ILE D 446 95.50 0.16 19.67
N PHE D 447 95.63 -0.08 20.98
CA PHE D 447 94.94 -1.18 21.63
C PHE D 447 93.42 -1.00 21.56
N MET D 448 92.98 0.24 21.73
CA MET D 448 91.56 0.58 21.64
C MET D 448 91.06 0.59 20.20
N THR D 449 91.99 0.75 19.26
CA THR D 449 91.64 0.75 17.83
C THR D 449 91.30 -0.64 17.28
N ILE D 450 91.85 -1.69 17.89
CA ILE D 450 91.62 -3.06 17.35
C ILE D 450 90.12 -3.50 17.34
N PRO D 451 89.39 -3.26 18.45
CA PRO D 451 87.94 -3.50 18.40
C PRO D 451 87.21 -2.62 17.40
N ALA D 452 87.65 -1.37 17.26
CA ALA D 452 87.03 -0.43 16.32
C ALA D 452 87.19 -0.88 14.86
N PHE D 453 88.30 -1.57 14.58
CA PHE D 453 88.55 -2.14 13.26
C PHE D 453 87.50 -3.19 12.92
N PHE D 454 87.33 -4.17 13.82
CA PHE D 454 86.40 -5.27 13.53
C PHE D 454 84.91 -4.86 13.54
N ALA D 455 84.54 -3.95 14.44
CA ALA D 455 83.16 -3.49 14.56
C ALA D 455 82.71 -2.65 13.34
N LYS D 456 83.60 -1.75 12.91
CA LYS D 456 83.28 -0.92 11.75
C LYS D 456 83.41 -1.74 10.42
N SER D 457 84.22 -2.79 10.49
CA SER D 457 84.29 -3.73 9.37
C SER D 457 82.97 -4.49 9.21
N ALA D 458 82.29 -4.75 10.34
CA ALA D 458 80.98 -5.39 10.32
C ALA D 458 79.96 -4.58 9.54
N ALA D 459 80.12 -3.25 9.55
CA ALA D 459 79.28 -2.41 8.68
C ALA D 459 79.41 -2.80 7.21
N ILE D 460 80.59 -3.31 6.84
CA ILE D 460 80.75 -3.83 5.46
C ILE D 460 80.29 -5.29 5.29
N TYR D 461 80.87 -6.21 6.07
CA TYR D 461 80.65 -7.64 5.82
C TYR D 461 79.32 -8.23 6.33
N ASN D 462 78.53 -7.47 7.09
CA ASN D 462 77.18 -7.92 7.43
C ASN D 462 76.23 -7.82 6.22
N PRO D 463 76.23 -6.68 5.49
CA PRO D 463 75.51 -6.64 4.21
C PRO D 463 75.90 -7.75 3.22
N VAL D 464 77.16 -8.18 3.26
CA VAL D 464 77.63 -9.27 2.39
C VAL D 464 76.93 -10.58 2.73
N ILE D 465 76.89 -10.93 4.01
CA ILE D 465 76.35 -12.21 4.44
C ILE D 465 74.82 -12.22 4.51
N TYR D 466 74.22 -11.15 5.02
CA TYR D 466 72.78 -11.08 5.21
C TYR D 466 71.98 -10.59 3.99
N ILE D 467 72.61 -9.78 3.14
CA ILE D 467 71.93 -9.24 1.96
C ILE D 467 72.49 -9.82 0.66
N MET D 468 73.80 -9.67 0.43
CA MET D 468 74.41 -10.11 -0.82
C MET D 468 74.39 -11.63 -0.99
N MET D 469 74.62 -12.37 0.09
CA MET D 469 74.56 -13.84 0.04
C MET D 469 73.13 -14.39 0.05
N ASN D 470 72.16 -13.54 0.36
CA ASN D 470 70.75 -13.90 0.27
C ASN D 470 70.36 -14.16 -1.20
N LYS D 471 69.67 -15.27 -1.48
CA LYS D 471 69.44 -15.73 -2.86
C LYS D 471 68.60 -14.76 -3.70
N GLN D 472 67.61 -14.14 -3.07
CA GLN D 472 66.72 -13.21 -3.75
C GLN D 472 67.41 -11.90 -4.06
N PHE D 473 67.97 -11.27 -3.02
CA PHE D 473 68.67 -10.01 -3.18
C PHE D 473 69.86 -10.13 -4.13
N ARG D 474 70.50 -11.30 -4.16
CA ARG D 474 71.60 -11.54 -5.08
C ARG D 474 71.12 -11.52 -6.53
N ASN D 475 70.00 -12.20 -6.78
CA ASN D 475 69.44 -12.23 -8.15
C ASN D 475 68.76 -10.90 -8.57
N CYS D 476 68.21 -10.19 -7.60
CA CYS D 476 67.58 -8.89 -7.84
C CYS D 476 68.62 -7.81 -8.13
N MET D 477 69.69 -7.81 -7.35
CA MET D 477 70.80 -6.89 -7.57
C MET D 477 71.53 -7.20 -8.87
N LEU D 478 71.58 -8.48 -9.25
CA LEU D 478 72.14 -8.88 -10.54
C LEU D 478 71.41 -8.19 -11.69
N THR D 479 70.08 -8.09 -11.56
CA THR D 479 69.27 -7.39 -12.57
C THR D 479 69.58 -5.89 -12.62
N THR D 480 69.71 -5.27 -11.45
CA THR D 480 69.93 -3.82 -11.36
C THR D 480 71.35 -3.39 -11.73
N ILE D 481 72.34 -4.15 -11.27
CA ILE D 481 73.75 -3.87 -11.54
C ILE D 481 74.06 -3.96 -13.04
N CYS D 482 73.40 -4.89 -13.72
CA CYS D 482 73.59 -5.12 -15.16
C CYS D 482 72.59 -4.36 -16.04
N CYS D 483 71.99 -3.31 -15.48
CA CYS D 483 71.10 -2.40 -16.22
C CYS D 483 69.84 -3.08 -16.78
N GLY D 484 69.11 -3.75 -15.89
CA GLY D 484 67.82 -4.33 -16.21
C GLY D 484 67.82 -5.78 -16.71
N LYS D 485 68.97 -6.23 -17.21
CA LYS D 485 69.08 -7.58 -17.75
C LYS D 485 69.87 -8.48 -16.81
N ASN D 486 69.88 -9.78 -17.08
CA ASN D 486 70.56 -10.78 -16.26
C ASN D 486 70.02 -10.81 -14.83
N VAL D 526 35.07 -36.04 -18.56
CA VAL D 526 35.86 -36.17 -19.78
C VAL D 526 37.35 -36.07 -19.47
N ILE D 527 38.17 -36.69 -20.30
CA ILE D 527 39.63 -36.65 -20.15
C ILE D 527 40.14 -35.30 -20.62
N PHE D 528 41.16 -34.77 -19.94
CA PHE D 528 41.72 -33.48 -20.31
C PHE D 528 43.25 -33.48 -20.23
N LYS D 529 43.85 -32.43 -20.79
CA LYS D 529 45.29 -32.36 -20.95
C LYS D 529 45.84 -30.98 -20.62
N LYS D 530 47.18 -30.87 -20.66
CA LYS D 530 47.84 -29.58 -20.64
C LYS D 530 49.11 -29.65 -21.48
N VAL D 531 49.27 -28.66 -22.36
CA VAL D 531 50.43 -28.60 -23.26
C VAL D 531 51.51 -27.73 -22.62
N SER D 532 52.77 -28.06 -22.89
CA SER D 532 53.88 -27.28 -22.38
C SER D 532 54.00 -25.95 -23.12
N ARG D 533 54.91 -25.09 -22.67
CA ARG D 533 55.10 -23.78 -23.28
C ARG D 533 55.80 -23.91 -24.63
N ASP D 534 56.84 -24.74 -24.67
CA ASP D 534 57.54 -25.04 -25.92
C ASP D 534 56.71 -25.95 -26.84
N LYS D 535 55.72 -26.61 -26.26
CA LYS D 535 54.79 -27.49 -26.98
C LYS D 535 55.49 -28.74 -27.52
N SER D 536 56.32 -29.32 -26.67
CA SER D 536 57.03 -30.56 -26.97
C SER D 536 56.39 -31.71 -26.21
N VAL D 537 56.32 -31.56 -24.89
CA VAL D 537 55.67 -32.54 -24.03
C VAL D 537 54.23 -32.09 -23.75
N THR D 538 53.31 -33.05 -23.74
CA THR D 538 51.89 -32.77 -23.46
C THR D 538 51.34 -33.83 -22.51
N ILE D 539 51.02 -33.43 -21.28
CA ILE D 539 50.52 -34.38 -20.29
C ILE D 539 49.01 -34.58 -20.41
N TYR D 540 48.56 -35.79 -20.10
CA TYR D 540 47.15 -36.15 -20.10
C TYR D 540 46.77 -36.80 -18.78
N LEU D 541 45.60 -36.43 -18.25
CA LEU D 541 45.08 -37.04 -17.03
C LEU D 541 43.55 -37.18 -17.10
N GLY D 542 43.04 -38.26 -16.53
CA GLY D 542 41.63 -38.56 -16.54
C GLY D 542 40.79 -37.66 -15.65
N LYS D 543 41.36 -37.27 -14.51
CA LYS D 543 40.64 -36.42 -13.56
C LYS D 543 41.59 -35.68 -12.61
N ARG D 544 41.11 -34.58 -12.04
CA ARG D 544 41.86 -33.82 -11.03
C ARG D 544 41.64 -34.41 -9.64
N ASP D 545 40.36 -34.60 -9.29
CA ASP D 545 40.01 -35.10 -7.97
C ASP D 545 40.25 -36.60 -7.88
N TYR D 546 41.33 -36.98 -7.20
CA TYR D 546 41.64 -38.36 -6.90
C TYR D 546 41.22 -38.58 -5.50
N VAL D 547 40.53 -39.74 -5.29
CA VAL D 547 39.87 -40.17 -4.05
C VAL D 547 40.86 -40.85 -3.12
N ASP D 548 40.66 -40.64 -1.81
CA ASP D 548 41.46 -41.27 -0.78
C ASP D 548 40.58 -42.14 0.10
N HIS D 549 40.61 -43.44 -0.12
CA HIS D 549 39.98 -44.40 0.78
C HIS D 549 40.95 -44.68 1.93
N VAL D 550 40.42 -45.05 3.09
CA VAL D 550 41.23 -45.19 4.29
C VAL D 550 42.31 -46.27 4.14
N SER D 551 41.96 -47.39 3.52
CA SER D 551 42.88 -48.50 3.33
C SER D 551 43.88 -48.21 2.20
N GLN D 552 43.34 -47.99 1.00
CA GLN D 552 44.15 -47.77 -0.19
C GLN D 552 43.76 -46.49 -0.90
N VAL D 553 44.76 -45.78 -1.43
CA VAL D 553 44.53 -44.52 -2.13
C VAL D 553 44.36 -44.78 -3.63
N GLU D 554 43.44 -44.05 -4.26
CA GLU D 554 43.20 -44.19 -5.69
C GLU D 554 44.35 -43.53 -6.46
N PRO D 555 45.07 -44.33 -7.28
CA PRO D 555 46.30 -43.84 -7.92
C PRO D 555 46.06 -42.91 -9.11
N VAL D 556 47.09 -42.16 -9.47
CA VAL D 556 47.07 -41.28 -10.62
C VAL D 556 47.32 -42.11 -11.88
N ASP D 557 46.52 -41.85 -12.91
CA ASP D 557 46.63 -42.57 -14.16
C ASP D 557 46.54 -41.62 -15.36
N GLY D 558 47.41 -41.85 -16.34
CA GLY D 558 47.40 -40.99 -17.52
C GLY D 558 48.52 -41.28 -18.49
N VAL D 559 48.67 -40.41 -19.49
CA VAL D 559 49.72 -40.59 -20.51
C VAL D 559 50.44 -39.29 -20.83
N VAL D 560 51.53 -39.38 -21.58
CA VAL D 560 52.29 -38.20 -22.01
C VAL D 560 52.69 -38.31 -23.49
N LEU D 561 52.20 -37.35 -24.28
CA LEU D 561 52.56 -37.25 -25.69
C LEU D 561 53.88 -36.51 -25.84
N VAL D 562 54.75 -37.03 -26.71
CA VAL D 562 56.09 -36.47 -26.88
C VAL D 562 56.41 -36.26 -28.36
N ASP D 563 57.13 -35.19 -28.67
CA ASP D 563 57.60 -34.91 -30.02
C ASP D 563 58.98 -35.54 -30.23
N PRO D 564 59.11 -36.45 -31.21
CA PRO D 564 60.39 -37.11 -31.46
C PRO D 564 61.51 -36.16 -31.89
N GLU D 565 61.18 -35.16 -32.71
CA GLU D 565 62.17 -34.24 -33.25
C GLU D 565 62.75 -33.32 -32.17
N LEU D 566 61.87 -32.74 -31.37
CA LEU D 566 62.29 -31.86 -30.28
C LEU D 566 62.98 -32.63 -29.17
N VAL D 567 62.34 -33.71 -28.71
CA VAL D 567 62.95 -34.54 -27.68
C VAL D 567 63.76 -35.64 -28.36
N LYS D 568 65.04 -35.33 -28.59
CA LYS D 568 65.97 -36.27 -29.19
C LYS D 568 67.27 -36.29 -28.39
N GLY D 569 67.63 -37.45 -27.87
CA GLY D 569 68.77 -37.56 -26.98
C GLY D 569 68.50 -36.93 -25.62
N LYS D 570 67.26 -37.03 -25.18
CA LYS D 570 66.83 -36.47 -23.90
C LYS D 570 66.06 -37.51 -23.08
N LYS D 571 65.85 -37.19 -21.81
CA LYS D 571 65.14 -38.07 -20.89
C LYS D 571 63.89 -37.36 -20.37
N VAL D 572 62.73 -37.89 -20.75
CA VAL D 572 61.45 -37.38 -20.25
C VAL D 572 61.06 -38.14 -19.00
N TYR D 573 60.69 -37.37 -17.97
CA TYR D 573 60.26 -37.94 -16.69
C TYR D 573 58.82 -37.49 -16.41
N VAL D 574 57.93 -38.44 -16.05
CA VAL D 574 56.63 -38.00 -15.46
C VAL D 574 56.81 -38.06 -13.97
N THR D 575 56.35 -36.98 -13.29
CA THR D 575 56.59 -36.78 -11.88
C THR D 575 55.41 -36.51 -11.01
N LEU D 576 55.34 -37.30 -9.93
CA LEU D 576 54.26 -36.85 -8.94
C LEU D 576 54.88 -36.01 -7.82
N THR D 577 54.19 -34.93 -7.37
CA THR D 577 54.72 -34.06 -6.32
C THR D 577 53.71 -33.74 -5.25
N CYS D 578 54.00 -34.25 -4.04
CA CYS D 578 53.08 -33.61 -2.96
C CYS D 578 53.82 -32.52 -2.22
N ALA D 579 53.26 -31.30 -2.09
CA ALA D 579 53.99 -30.20 -1.45
C ALA D 579 53.18 -29.42 -0.39
N PHE D 580 53.86 -29.12 0.72
CA PHE D 580 53.34 -28.20 1.73
C PHE D 580 53.87 -26.80 1.38
N ARG D 581 52.96 -25.85 1.16
CA ARG D 581 53.36 -24.49 0.82
C ARG D 581 53.06 -23.53 1.96
N TYR D 582 54.02 -22.67 2.29
CA TYR D 582 53.82 -21.60 3.26
C TYR D 582 54.60 -20.34 2.86
N GLY D 583 53.92 -19.20 2.91
CA GLY D 583 54.53 -17.92 2.57
C GLY D 583 54.63 -17.64 1.09
N GLN D 584 55.29 -16.53 0.74
CA GLN D 584 55.49 -16.21 -0.66
C GLN D 584 56.49 -17.18 -1.27
N GLU D 585 56.32 -17.46 -2.55
CA GLU D 585 57.10 -18.48 -3.26
C GLU D 585 58.56 -18.05 -3.45
N ASP D 586 58.78 -16.76 -3.67
CA ASP D 586 60.14 -16.25 -3.93
C ASP D 586 60.95 -15.98 -2.64
N ILE D 587 60.28 -15.49 -1.60
CA ILE D 587 60.94 -15.04 -0.36
C ILE D 587 61.45 -16.21 0.51
N ASP D 588 60.68 -17.29 0.56
CA ASP D 588 61.01 -18.43 1.41
C ASP D 588 62.17 -19.20 0.80
N VAL D 589 62.25 -19.29 -0.52
CA VAL D 589 63.36 -19.99 -1.16
C VAL D 589 64.71 -19.30 -0.86
N MET D 590 64.68 -17.97 -0.79
CA MET D 590 65.89 -17.18 -0.59
C MET D 590 66.45 -17.03 0.82
N GLY D 591 65.55 -16.86 1.79
CA GLY D 591 65.98 -16.55 3.15
C GLY D 591 67.01 -17.46 3.78
N LEU D 592 66.68 -18.74 3.89
CA LEU D 592 67.58 -19.71 4.49
C LEU D 592 67.35 -21.09 3.88
N THR D 593 66.13 -21.58 4.05
CA THR D 593 65.66 -22.83 3.46
C THR D 593 64.23 -22.67 2.97
N PHE D 594 63.83 -23.53 2.04
CA PHE D 594 62.58 -23.34 1.32
C PHE D 594 61.48 -24.23 1.87
N ARG D 595 60.27 -24.07 1.32
CA ARG D 595 59.09 -24.84 1.72
C ARG D 595 59.35 -26.35 1.70
N ARG D 596 58.69 -27.06 2.60
CA ARG D 596 58.91 -28.49 2.74
C ARG D 596 57.96 -29.29 1.86
N ASP D 597 58.52 -30.25 1.14
CA ASP D 597 57.73 -31.18 0.35
C ASP D 597 57.43 -32.42 1.21
N LEU D 598 56.15 -32.73 1.40
CA LEU D 598 55.73 -33.86 2.22
C LEU D 598 56.09 -35.20 1.57
N TYR D 599 55.80 -35.28 0.27
CA TYR D 599 56.19 -36.43 -0.52
C TYR D 599 56.42 -35.96 -1.96
N PHE D 600 57.48 -36.42 -2.55
CA PHE D 600 57.78 -36.21 -3.98
C PHE D 600 58.14 -37.54 -4.57
N SER D 601 57.74 -37.88 -5.79
CA SER D 601 58.11 -39.12 -6.47
C SER D 601 58.12 -38.81 -7.97
N ARG D 602 59.27 -38.93 -8.56
CA ARG D 602 59.51 -38.75 -10.00
C ARG D 602 59.59 -40.11 -10.65
N VAL D 603 59.20 -40.33 -11.91
CA VAL D 603 59.33 -41.62 -12.63
C VAL D 603 59.66 -41.31 -14.08
N GLN D 604 60.42 -42.17 -14.68
CA GLN D 604 60.87 -42.06 -16.09
C GLN D 604 59.75 -42.46 -17.04
N VAL D 605 59.84 -42.08 -18.31
CA VAL D 605 58.85 -42.51 -19.32
C VAL D 605 59.54 -42.81 -20.66
N TYR D 606 60.18 -41.78 -21.22
CA TYR D 606 60.84 -41.91 -22.54
C TYR D 606 62.30 -41.54 -22.35
N PRO D 607 63.22 -42.48 -22.57
CA PRO D 607 62.92 -43.88 -22.89
C PRO D 607 62.49 -44.68 -21.67
N PRO D 608 61.67 -45.73 -21.88
CA PRO D 608 61.12 -46.50 -20.76
C PRO D 608 62.08 -47.52 -20.19
N VAL D 609 61.89 -47.88 -18.92
CA VAL D 609 62.64 -48.99 -18.38
C VAL D 609 62.03 -50.33 -18.74
N GLY D 610 62.36 -50.83 -19.93
CA GLY D 610 61.70 -52.05 -20.34
C GLY D 610 60.42 -51.53 -20.95
N ALA D 611 59.40 -52.31 -20.64
CA ALA D 611 58.01 -52.00 -20.98
C ALA D 611 57.05 -51.97 -19.73
N MET D 612 55.82 -51.46 -19.91
CA MET D 612 54.80 -51.45 -18.85
C MET D 612 54.16 -52.82 -18.63
N SER D 613 53.78 -53.13 -17.38
CA SER D 613 53.20 -54.44 -17.16
C SER D 613 51.76 -54.64 -17.64
N VAL D 614 50.82 -53.91 -17.01
CA VAL D 614 49.39 -53.91 -17.38
C VAL D 614 48.78 -52.50 -17.43
N LEU D 615 47.96 -52.20 -18.43
CA LEU D 615 47.34 -50.89 -18.59
C LEU D 615 45.88 -50.82 -18.10
N THR D 616 45.43 -49.65 -17.67
CA THR D 616 44.04 -49.41 -17.28
C THR D 616 43.17 -49.16 -18.52
N GLN D 617 41.85 -49.05 -18.34
CA GLN D 617 40.94 -48.73 -19.44
C GLN D 617 41.18 -47.32 -20.00
N LEU D 618 41.65 -46.43 -19.13
CA LEU D 618 41.98 -45.06 -19.51
C LEU D 618 43.19 -44.99 -20.45
N GLN D 619 44.25 -45.71 -20.09
CA GLN D 619 45.49 -45.70 -20.86
C GLN D 619 45.32 -46.36 -22.23
N GLU D 620 44.52 -47.42 -22.29
CA GLU D 620 44.22 -48.09 -23.56
C GLU D 620 43.41 -47.18 -24.48
N SER D 621 42.43 -46.48 -23.90
CA SER D 621 41.61 -45.56 -24.68
C SER D 621 42.44 -44.40 -25.25
N LEU D 622 43.33 -43.84 -24.42
CA LEU D 622 44.18 -42.73 -24.83
C LEU D 622 45.23 -43.13 -25.88
N LEU D 623 45.80 -44.33 -25.72
CA LEU D 623 46.75 -44.84 -26.69
C LEU D 623 46.13 -45.02 -28.06
N LYS D 624 44.89 -45.49 -28.09
CA LYS D 624 44.17 -45.69 -29.35
C LYS D 624 43.72 -44.36 -29.97
N LYS D 625 43.30 -43.42 -29.13
CA LYS D 625 42.90 -42.09 -29.60
C LYS D 625 44.10 -41.32 -30.14
N LEU D 626 45.13 -41.20 -29.31
CA LEU D 626 46.35 -40.47 -29.68
C LEU D 626 47.23 -41.28 -30.63
N GLY D 627 48.31 -40.67 -31.09
CA GLY D 627 49.22 -41.30 -32.04
C GLY D 627 50.16 -42.32 -31.43
N ASP D 628 51.30 -42.53 -32.08
CA ASP D 628 52.26 -43.57 -31.69
C ASP D 628 53.18 -43.15 -30.55
N ASN D 629 53.43 -41.85 -30.43
CA ASN D 629 54.40 -41.29 -29.48
C ASN D 629 53.82 -41.00 -28.10
N THR D 630 52.87 -41.82 -27.69
CA THR D 630 52.21 -41.66 -26.40
C THR D 630 52.69 -42.72 -25.41
N TYR D 631 53.06 -42.30 -24.20
CA TYR D 631 53.59 -43.25 -23.22
C TYR D 631 52.83 -43.09 -21.90
N PRO D 632 52.36 -44.21 -21.32
CA PRO D 632 51.57 -44.18 -20.09
C PRO D 632 52.40 -44.08 -18.81
N PHE D 633 51.73 -43.72 -17.72
CA PHE D 633 52.36 -43.71 -16.40
C PHE D 633 51.31 -43.97 -15.32
N LEU D 634 51.79 -44.58 -14.23
CA LEU D 634 50.95 -44.90 -13.08
C LEU D 634 51.65 -44.51 -11.78
N LEU D 635 51.18 -43.42 -11.18
CA LEU D 635 51.78 -42.90 -9.95
C LEU D 635 50.87 -43.15 -8.76
N THR D 636 51.40 -43.83 -7.75
CA THR D 636 50.62 -44.24 -6.58
C THR D 636 50.93 -43.39 -5.35
N PHE D 637 49.95 -43.23 -4.49
CA PHE D 637 50.12 -42.55 -3.20
C PHE D 637 50.35 -43.57 -2.09
N PRO D 638 51.27 -43.28 -1.16
CA PRO D 638 51.40 -44.14 0.03
C PRO D 638 50.31 -43.85 1.07
N ASP D 639 50.31 -44.60 2.17
CA ASP D 639 49.25 -44.52 3.16
C ASP D 639 49.46 -43.48 4.27
N TYR D 640 50.60 -42.79 4.25
CA TYR D 640 50.95 -41.85 5.32
C TYR D 640 50.84 -40.37 4.93
N LEU D 641 50.15 -40.07 3.82
CA LEU D 641 49.99 -38.69 3.36
C LEU D 641 48.68 -38.06 3.84
N PRO D 642 48.64 -36.71 3.92
CA PRO D 642 47.42 -35.99 4.28
C PRO D 642 46.52 -35.72 3.07
N CYS D 643 45.46 -34.94 3.28
CA CYS D 643 44.56 -34.55 2.19
C CYS D 643 44.92 -33.15 1.65
N SER D 644 44.26 -32.76 0.57
CA SER D 644 44.46 -31.43 0.00
C SER D 644 43.69 -30.41 0.82
N VAL D 645 44.42 -29.61 1.59
CA VAL D 645 43.83 -28.64 2.52
C VAL D 645 44.55 -27.30 2.40
N MET D 646 43.78 -26.22 2.32
CA MET D 646 44.34 -24.87 2.35
C MET D 646 43.76 -24.08 3.51
N LEU D 647 44.35 -22.94 3.81
CA LEU D 647 43.88 -22.07 4.89
C LEU D 647 43.37 -20.74 4.32
N GLN D 648 42.25 -20.26 4.85
CA GLN D 648 41.58 -19.07 4.32
C GLN D 648 42.28 -17.79 4.73
N PRO D 649 42.63 -16.94 3.75
CA PRO D 649 43.17 -15.60 4.03
C PRO D 649 42.06 -14.55 4.19
N ALA D 650 42.39 -13.44 4.82
CA ALA D 650 41.49 -12.30 4.93
C ALA D 650 41.46 -11.56 3.59
N PRO D 651 40.43 -10.71 3.36
CA PRO D 651 40.39 -9.96 2.11
C PRO D 651 41.53 -8.95 1.96
N GLN D 652 41.93 -8.31 3.07
CA GLN D 652 43.05 -7.38 3.05
C GLN D 652 44.40 -8.09 2.87
N ASP D 653 44.48 -9.35 3.25
CA ASP D 653 45.71 -10.12 3.05
C ASP D 653 45.82 -10.50 1.58
N VAL D 654 46.50 -9.63 0.82
CA VAL D 654 46.62 -9.80 -0.63
C VAL D 654 47.71 -10.82 -1.01
N GLY D 655 48.82 -10.78 -0.28
CA GLY D 655 49.99 -11.58 -0.56
C GLY D 655 50.36 -12.57 0.53
N LYS D 656 49.37 -13.27 1.08
CA LYS D 656 49.64 -14.27 2.11
C LYS D 656 48.86 -15.54 1.79
N SER D 657 49.58 -16.67 1.75
CA SER D 657 48.98 -17.95 1.42
C SER D 657 49.73 -19.13 2.05
N CYS D 658 48.97 -20.09 2.56
CA CYS D 658 49.52 -21.32 3.11
C CYS D 658 48.55 -22.47 2.92
N GLY D 659 49.03 -23.59 2.40
CA GLY D 659 48.19 -24.74 2.15
C GLY D 659 48.90 -25.90 1.49
N VAL D 660 48.36 -27.10 1.68
CA VAL D 660 48.90 -28.32 1.08
C VAL D 660 48.22 -28.56 -0.26
N ASP D 661 49.00 -29.04 -1.24
CA ASP D 661 48.43 -29.35 -2.56
C ASP D 661 49.27 -30.37 -3.31
N PHE D 662 48.60 -31.17 -4.17
CA PHE D 662 49.31 -32.17 -4.95
C PHE D 662 49.53 -31.67 -6.36
N GLU D 663 50.67 -32.01 -6.95
CA GLU D 663 51.06 -31.52 -8.27
C GLU D 663 51.67 -32.62 -9.14
N VAL D 664 51.00 -32.94 -10.25
CA VAL D 664 51.55 -33.84 -11.26
C VAL D 664 52.29 -33.02 -12.31
N LYS D 665 53.57 -33.30 -12.50
CA LYS D 665 54.39 -32.53 -13.43
C LYS D 665 55.19 -33.45 -14.36
N ALA D 666 55.33 -33.04 -15.62
CA ALA D 666 56.11 -33.79 -16.60
C ALA D 666 57.08 -32.86 -17.32
N PHE D 667 58.29 -33.33 -17.57
CA PHE D 667 59.32 -32.48 -18.19
C PHE D 667 60.37 -33.28 -18.95
N ALA D 668 61.13 -32.59 -19.81
CA ALA D 668 62.23 -33.19 -20.54
C ALA D 668 63.56 -32.60 -20.06
N SER D 669 64.63 -33.41 -20.11
CA SER D 669 65.94 -32.95 -19.64
C SER D 669 67.09 -33.79 -20.19
N ASP D 670 68.29 -33.22 -20.20
CA ASP D 670 69.48 -33.94 -20.62
C ASP D 670 70.10 -34.75 -19.46
N ILE D 671 69.76 -34.34 -18.24
CA ILE D 671 70.43 -34.81 -17.02
C ILE D 671 69.77 -36.07 -16.42
N THR D 672 70.54 -36.84 -15.64
CA THR D 672 70.05 -38.06 -15.00
C THR D 672 68.96 -37.75 -13.95
N ASP D 673 68.44 -38.80 -13.31
CA ASP D 673 67.28 -38.70 -12.40
C ASP D 673 67.35 -37.69 -11.20
N PRO D 674 68.47 -37.64 -10.44
CA PRO D 674 68.52 -36.86 -9.19
C PRO D 674 68.61 -35.33 -9.35
N GLU D 675 68.56 -34.83 -10.59
CA GLU D 675 68.70 -33.40 -10.90
C GLU D 675 67.37 -32.62 -10.80
N GLU D 676 66.63 -32.84 -9.71
CA GLU D 676 65.29 -32.29 -9.59
C GLU D 676 65.14 -30.86 -9.05
N ASP D 677 65.92 -30.47 -8.04
CA ASP D 677 65.66 -29.21 -7.34
C ASP D 677 65.41 -28.01 -8.23
N LYS D 678 66.21 -27.83 -9.28
CA LYS D 678 65.99 -26.79 -10.26
C LYS D 678 65.51 -27.39 -11.59
N ILE D 679 64.67 -26.67 -12.33
CA ILE D 679 64.10 -27.19 -13.59
C ILE D 679 64.09 -26.11 -14.69
N PRO D 680 64.30 -26.54 -15.95
CA PRO D 680 64.09 -25.67 -17.11
C PRO D 680 62.61 -25.35 -17.29
N LYS D 681 62.28 -24.07 -17.40
CA LYS D 681 60.90 -23.59 -17.42
C LYS D 681 60.11 -23.95 -18.67
N LYS D 682 60.76 -23.92 -19.83
CA LYS D 682 60.06 -24.07 -21.10
C LYS D 682 59.50 -25.49 -21.32
N SER D 683 60.29 -26.52 -21.02
CA SER D 683 59.89 -27.89 -21.32
C SER D 683 58.89 -28.48 -20.32
N SER D 684 58.93 -28.00 -19.09
CA SER D 684 58.08 -28.55 -18.03
C SER D 684 56.62 -28.12 -18.14
N VAL D 685 55.72 -29.01 -17.74
CA VAL D 685 54.29 -28.71 -17.69
C VAL D 685 53.68 -29.36 -16.44
N ARG D 686 52.89 -28.59 -15.70
CA ARG D 686 52.36 -29.03 -14.40
C ARG D 686 50.84 -28.90 -14.31
N LEU D 687 50.22 -29.88 -13.67
CA LEU D 687 48.77 -29.91 -13.49
C LEU D 687 48.44 -30.44 -12.09
N LEU D 688 47.81 -29.61 -11.26
CA LEU D 688 47.55 -29.98 -9.87
C LEU D 688 46.36 -30.93 -9.70
N ILE D 689 46.38 -31.71 -8.60
CA ILE D 689 45.34 -32.71 -8.30
C ILE D 689 44.98 -32.74 -6.77
N ARG D 690 43.99 -33.58 -6.33
CA ARG D 690 43.63 -33.51 -4.95
C ARG D 690 43.56 -34.90 -4.41
N LYS D 691 43.92 -35.06 -3.14
CA LYS D 691 43.72 -36.33 -2.47
C LYS D 691 42.56 -36.13 -1.49
N VAL D 692 41.34 -36.23 -2.02
CA VAL D 692 40.12 -35.94 -1.27
C VAL D 692 39.60 -37.18 -0.57
N GLN D 693 39.04 -37.00 0.62
CA GLN D 693 38.44 -38.09 1.38
C GLN D 693 36.93 -37.96 1.46
N HIS D 694 36.22 -38.95 0.91
CA HIS D 694 34.77 -39.05 1.06
C HIS D 694 34.41 -39.75 2.36
N ALA D 695 33.19 -39.52 2.84
CA ALA D 695 32.72 -40.15 4.06
C ALA D 695 32.50 -41.65 3.84
N PRO D 696 32.93 -42.49 4.80
CA PRO D 696 32.79 -43.94 4.67
C PRO D 696 31.34 -44.40 4.80
N PRO D 697 31.02 -45.60 4.27
CA PRO D 697 29.66 -46.13 4.35
C PRO D 697 29.20 -46.41 5.77
N GLU D 698 30.10 -46.92 6.61
CA GLU D 698 29.78 -47.19 8.00
C GLU D 698 29.87 -45.90 8.82
N MET D 699 28.74 -45.52 9.41
CA MET D 699 28.70 -44.40 10.34
C MET D 699 29.16 -44.89 11.71
N GLY D 700 29.90 -44.05 12.43
CA GLY D 700 30.38 -44.41 13.74
C GLY D 700 29.29 -44.47 14.79
N PRO D 701 29.67 -44.75 16.06
CA PRO D 701 28.66 -44.83 17.12
C PRO D 701 28.07 -43.46 17.43
N GLN D 702 26.80 -43.43 17.80
CA GLN D 702 26.11 -42.18 18.11
C GLN D 702 26.82 -41.45 19.25
N PRO D 703 27.39 -40.26 18.96
CA PRO D 703 28.13 -39.56 20.01
C PRO D 703 27.27 -39.18 21.20
N SER D 704 27.71 -39.53 22.40
CA SER D 704 27.00 -39.16 23.61
C SER D 704 27.99 -38.92 24.76
N ALA D 705 28.45 -37.68 24.88
CA ALA D 705 29.39 -37.29 25.93
C ALA D 705 28.65 -37.02 27.23
N GLU D 706 29.36 -37.18 28.35
CA GLU D 706 28.78 -36.91 29.67
C GLU D 706 29.87 -36.47 30.65
N ALA D 707 29.54 -35.48 31.48
CA ALA D 707 30.49 -34.96 32.46
C ALA D 707 29.76 -34.26 33.61
N SER D 708 30.31 -34.40 34.82
CA SER D 708 29.76 -33.76 36.01
C SER D 708 30.73 -32.72 36.56
N TRP D 709 30.22 -31.83 37.40
CA TRP D 709 31.07 -30.79 37.97
C TRP D 709 30.74 -30.47 39.44
N GLN D 710 31.72 -29.91 40.13
CA GLN D 710 31.58 -29.44 41.50
C GLN D 710 32.14 -28.02 41.61
N PHE D 711 31.97 -27.40 42.78
CA PHE D 711 32.44 -26.03 42.99
C PHE D 711 33.16 -25.87 44.34
N PHE D 712 33.84 -24.73 44.52
CA PHE D 712 34.70 -24.51 45.68
C PHE D 712 33.95 -24.47 47.02
N MET D 713 32.76 -23.87 47.04
CA MET D 713 31.95 -23.82 48.26
C MET D 713 30.90 -24.93 48.25
N SER D 714 30.02 -24.90 47.26
CA SER D 714 28.96 -25.91 47.14
C SER D 714 29.53 -27.21 46.58
N ASP D 715 29.34 -28.30 47.33
CA ASP D 715 29.85 -29.61 46.93
C ASP D 715 28.81 -30.46 46.19
N LYS D 716 27.68 -29.86 45.84
CA LYS D 716 26.63 -30.55 45.09
C LYS D 716 27.06 -30.84 43.66
N PRO D 717 26.56 -31.95 43.07
CA PRO D 717 26.91 -32.30 41.70
C PRO D 717 26.09 -31.58 40.63
N LEU D 718 26.72 -31.29 39.50
CA LEU D 718 26.00 -30.71 38.36
C LEU D 718 26.22 -31.62 37.16
N ASN D 719 25.26 -32.53 36.92
CA ASN D 719 25.43 -33.52 35.86
C ASN D 719 24.99 -32.98 34.51
N LEU D 720 25.89 -33.06 33.52
CA LEU D 720 25.59 -32.65 32.15
C LEU D 720 25.82 -33.81 31.19
N SER D 721 24.91 -33.98 30.23
CA SER D 721 25.05 -35.04 29.23
C SER D 721 24.67 -34.52 27.85
N VAL D 722 25.60 -34.66 26.90
CA VAL D 722 25.40 -34.21 25.53
C VAL D 722 25.15 -35.42 24.63
N SER D 723 24.40 -35.22 23.55
CA SER D 723 24.15 -36.28 22.59
C SER D 723 23.84 -35.74 21.19
N LEU D 724 24.37 -36.40 20.17
CA LEU D 724 24.16 -35.97 18.79
C LEU D 724 23.35 -37.01 18.02
N SER D 725 22.94 -36.64 16.80
CA SER D 725 22.16 -37.52 15.93
C SER D 725 23.07 -38.52 15.22
N LYS D 726 24.16 -38.01 14.65
CA LYS D 726 25.08 -38.82 13.87
C LYS D 726 26.53 -38.66 14.35
N GLU D 727 27.36 -39.65 14.02
CA GLU D 727 28.81 -39.54 14.22
C GLU D 727 29.43 -38.76 13.06
N ILE D 728 29.00 -39.11 11.85
CA ILE D 728 29.43 -38.41 10.64
C ILE D 728 28.30 -37.51 10.12
N TYR D 729 28.50 -36.21 10.23
CA TYR D 729 27.65 -35.22 9.57
C TYR D 729 28.33 -34.90 8.30
N PHE D 730 27.51 -34.42 7.31
CA PHE D 730 27.91 -33.98 5.97
C PHE D 730 27.84 -32.46 5.85
N HIS D 731 28.38 -31.93 4.74
CA HIS D 731 28.43 -30.49 4.51
C HIS D 731 27.06 -29.92 4.18
N GLY D 732 26.68 -28.86 4.89
CA GLY D 732 25.37 -28.23 4.71
C GLY D 732 24.24 -28.95 5.42
N GLU D 733 24.59 -29.83 6.35
CA GLU D 733 23.62 -30.60 7.12
C GLU D 733 23.36 -29.93 8.46
N PRO D 734 22.11 -29.96 8.95
CA PRO D 734 21.84 -29.46 10.31
C PRO D 734 22.45 -30.36 11.38
N ILE D 735 22.95 -29.75 12.46
CA ILE D 735 23.57 -30.51 13.54
C ILE D 735 22.82 -30.29 14.85
N PRO D 736 21.82 -31.15 15.13
CA PRO D 736 21.05 -31.02 16.37
C PRO D 736 21.81 -31.53 17.59
N VAL D 737 22.14 -30.62 18.51
CA VAL D 737 22.87 -30.97 19.72
C VAL D 737 21.87 -31.05 20.87
N THR D 738 21.45 -32.27 21.20
CA THR D 738 20.47 -32.46 22.25
C THR D 738 21.17 -32.43 23.60
N VAL D 739 21.29 -31.24 24.16
CA VAL D 739 21.88 -31.05 25.47
C VAL D 739 20.86 -31.39 26.56
N THR D 740 21.32 -32.10 27.59
CA THR D 740 20.49 -32.43 28.74
C THR D 740 21.23 -32.10 30.02
N VAL D 741 20.69 -31.12 30.76
CA VAL D 741 21.35 -30.64 31.97
C VAL D 741 20.44 -30.84 33.18
N THR D 742 20.93 -31.62 34.15
CA THR D 742 20.19 -31.86 35.38
C THR D 742 20.89 -31.17 36.55
N ASN D 743 20.29 -30.05 36.99
CA ASN D 743 20.90 -29.22 38.03
C ASN D 743 20.47 -29.61 39.44
N ASN D 744 21.45 -30.01 40.24
CA ASN D 744 21.26 -30.29 41.67
C ASN D 744 22.04 -29.34 42.58
N THR D 745 22.63 -28.30 42.00
CA THR D 745 23.45 -27.37 42.78
C THR D 745 22.66 -26.14 43.21
N ASP D 746 23.25 -25.35 44.11
CA ASP D 746 22.64 -24.14 44.63
C ASP D 746 22.70 -23.00 43.62
N LYS D 747 23.73 -23.00 42.79
CA LYS D 747 23.96 -21.93 41.83
C LYS D 747 22.97 -21.95 40.67
N VAL D 748 22.76 -20.79 40.07
CA VAL D 748 21.98 -20.65 38.84
C VAL D 748 22.96 -20.53 37.69
N VAL D 749 22.56 -21.07 36.59
CA VAL D 749 23.23 -21.06 35.27
C VAL D 749 22.77 -19.82 34.54
N LYS D 750 23.67 -19.07 33.93
CA LYS D 750 23.27 -17.87 33.19
C LYS D 750 22.69 -18.21 31.83
N LYS D 751 23.45 -18.98 31.06
CA LYS D 751 23.04 -19.37 29.71
C LYS D 751 23.73 -20.63 29.22
N ILE D 752 23.21 -21.19 28.12
CA ILE D 752 23.81 -22.40 27.54
C ILE D 752 24.21 -22.13 26.10
N LYS D 753 25.53 -22.14 25.85
CA LYS D 753 26.06 -21.85 24.51
C LYS D 753 26.69 -23.08 23.88
N VAL D 754 26.31 -23.37 22.64
CA VAL D 754 26.88 -24.46 21.87
C VAL D 754 27.73 -23.88 20.75
N SER D 755 28.81 -24.57 20.40
CA SER D 755 29.71 -24.08 19.35
C SER D 755 30.35 -25.22 18.56
N VAL D 756 30.25 -25.16 17.23
CA VAL D 756 30.94 -26.13 16.39
C VAL D 756 32.33 -25.58 16.16
N GLU D 757 33.26 -26.09 16.98
CA GLU D 757 34.63 -25.60 16.93
C GLU D 757 35.55 -26.51 16.17
N GLN D 758 36.29 -25.89 15.22
CA GLN D 758 37.28 -26.77 14.50
C GLN D 758 38.74 -26.69 15.01
N ILE D 759 39.38 -27.76 15.49
CA ILE D 759 40.80 -27.60 15.88
C ILE D 759 41.62 -27.73 14.61
N ALA D 760 42.27 -26.58 14.24
CA ALA D 760 43.14 -26.82 13.02
C ALA D 760 44.49 -27.29 13.52
N ASN D 761 44.72 -28.63 13.40
CA ASN D 761 45.97 -29.29 13.84
C ASN D 761 46.99 -29.26 12.75
N VAL D 762 47.88 -28.26 12.93
CA VAL D 762 48.93 -28.17 11.83
C VAL D 762 50.18 -28.92 12.23
N VAL D 763 50.72 -29.78 11.32
CA VAL D 763 51.96 -30.52 11.57
C VAL D 763 52.92 -30.32 10.41
N LEU D 764 54.11 -29.81 10.71
CA LEU D 764 55.15 -29.63 9.70
C LEU D 764 56.50 -30.01 10.30
N TYR D 765 56.92 -29.24 11.31
CA TYR D 765 58.13 -29.51 12.07
C TYR D 765 57.75 -30.13 13.43
N SER D 766 56.79 -29.50 14.10
CA SER D 766 56.26 -30.00 15.37
C SER D 766 54.74 -30.01 15.38
N SER D 767 54.15 -30.81 16.27
CA SER D 767 52.70 -30.90 16.40
C SER D 767 52.16 -29.65 17.10
N ASP D 768 51.40 -28.85 16.36
CA ASP D 768 50.83 -27.62 16.88
C ASP D 768 49.35 -27.55 16.54
N TYR D 769 48.53 -27.71 17.54
CA TYR D 769 47.05 -27.57 17.45
C TYR D 769 46.68 -26.12 17.36
N TYR D 770 45.62 -25.76 16.65
CA TYR D 770 45.10 -24.41 16.63
C TYR D 770 43.59 -24.52 16.50
N VAL D 771 42.94 -24.24 17.58
CA VAL D 771 41.45 -24.30 17.75
C VAL D 771 40.82 -23.05 17.22
N LYS D 772 39.62 -23.09 16.62
CA LYS D 772 38.83 -21.92 16.23
C LYS D 772 37.34 -22.32 16.18
N PRO D 773 36.41 -21.41 16.54
CA PRO D 773 34.98 -21.69 16.39
C PRO D 773 34.55 -21.58 14.93
N VAL D 774 33.53 -22.27 14.45
CA VAL D 774 33.02 -22.09 13.09
C VAL D 774 31.60 -21.55 13.21
N ALA D 775 30.74 -22.35 13.84
CA ALA D 775 29.35 -21.93 14.06
C ALA D 775 29.05 -21.93 15.55
N SER D 776 28.18 -21.03 15.99
CA SER D 776 27.86 -20.93 17.42
C SER D 776 26.44 -20.39 17.66
N GLU D 777 25.69 -21.09 18.51
CA GLU D 777 24.35 -20.65 18.90
C GLU D 777 24.17 -20.81 20.41
N GLU D 778 23.47 -19.87 21.03
CA GLU D 778 23.28 -19.87 22.48
C GLU D 778 21.84 -19.52 22.87
N THR D 779 21.32 -20.24 23.86
CA THR D 779 19.97 -20.00 24.35
C THR D 779 19.98 -19.13 25.61
N GLN D 780 18.91 -18.35 25.77
CA GLN D 780 18.77 -17.41 26.88
C GLN D 780 18.12 -18.03 28.10
N GLU D 781 17.67 -19.28 27.98
CA GLU D 781 17.00 -19.97 29.08
C GLU D 781 17.95 -20.22 30.25
N LYS D 782 17.39 -20.30 31.45
CA LYS D 782 18.19 -20.50 32.67
C LYS D 782 17.67 -21.70 33.46
N VAL D 783 18.60 -22.51 33.95
CA VAL D 783 18.27 -23.70 34.73
C VAL D 783 18.31 -23.38 36.22
N GLN D 784 17.18 -23.59 36.91
CA GLN D 784 17.06 -23.29 38.32
C GLN D 784 17.66 -24.40 39.18
N PRO D 785 17.88 -24.13 40.49
CA PRO D 785 18.32 -25.18 41.42
C PRO D 785 17.28 -26.29 41.56
N ASN D 786 17.75 -27.54 41.63
CA ASN D 786 16.89 -28.71 41.73
C ASN D 786 15.90 -28.81 40.57
N SER D 787 16.35 -28.39 39.38
CA SER D 787 15.50 -28.39 38.19
C SER D 787 16.29 -28.90 36.99
N THR D 788 15.63 -29.69 36.16
CA THR D 788 16.26 -30.30 34.98
C THR D 788 15.76 -29.64 33.71
N LEU D 789 16.55 -29.74 32.65
CA LEU D 789 16.19 -29.16 31.36
C LEU D 789 16.72 -30.02 30.21
N THR D 790 15.89 -30.18 29.17
CA THR D 790 16.27 -30.92 27.98
C THR D 790 15.96 -30.08 26.75
N LYS D 791 17.02 -29.56 26.13
CA LYS D 791 16.87 -28.71 24.94
C LYS D 791 17.71 -29.27 23.80
N THR D 792 17.30 -29.02 22.56
CA THR D 792 18.08 -29.46 21.41
C THR D 792 18.31 -28.30 20.44
N LEU D 793 19.54 -27.79 20.43
CA LEU D 793 19.90 -26.65 19.58
C LEU D 793 20.52 -27.10 18.27
N VAL D 794 20.08 -26.52 17.16
CA VAL D 794 20.62 -26.86 15.85
C VAL D 794 21.69 -25.86 15.45
N LEU D 795 22.77 -26.37 14.85
CA LEU D 795 23.85 -25.52 14.35
C LEU D 795 24.18 -25.85 12.89
N VAL D 796 24.44 -24.81 12.11
CA VAL D 796 24.68 -24.96 10.67
C VAL D 796 26.04 -24.37 10.28
N PRO D 797 27.11 -25.20 10.33
CA PRO D 797 28.43 -24.70 9.93
C PRO D 797 28.55 -24.51 8.43
N LEU D 798 28.79 -23.27 8.00
CA LEU D 798 28.92 -22.94 6.58
C LEU D 798 30.10 -22.02 6.32
N LEU D 799 30.59 -22.05 5.09
CA LEU D 799 31.72 -21.21 4.69
C LEU D 799 31.29 -19.75 4.50
N ALA D 800 30.10 -19.56 3.94
CA ALA D 800 29.58 -18.22 3.65
C ALA D 800 29.51 -17.32 4.88
N ASN D 801 29.05 -17.89 5.99
CA ASN D 801 28.97 -17.14 7.24
C ASN D 801 30.34 -16.89 7.88
N ASN D 802 31.28 -17.78 7.58
CA ASN D 802 32.65 -17.70 8.11
C ASN D 802 33.65 -17.03 7.17
N ARG D 803 33.16 -16.29 6.18
CA ARG D 803 34.04 -15.57 5.27
C ARG D 803 34.73 -14.40 5.96
N GLU D 804 35.82 -13.92 5.34
CA GLU D 804 36.61 -12.80 5.83
C GLU D 804 37.21 -13.09 7.22
N ARG D 805 37.80 -14.28 7.36
CA ARG D 805 38.43 -14.70 8.61
C ARG D 805 39.76 -15.40 8.36
N ARG D 806 40.77 -15.08 9.18
CA ARG D 806 42.10 -15.67 9.07
C ARG D 806 42.15 -16.99 9.84
N GLY D 807 42.78 -18.00 9.24
CA GLY D 807 43.05 -19.27 9.92
C GLY D 807 42.03 -20.37 9.75
N ILE D 808 40.96 -20.11 9.00
CA ILE D 808 39.93 -21.11 8.76
C ILE D 808 40.40 -22.08 7.68
N ALA D 809 40.49 -23.36 8.03
CA ALA D 809 40.93 -24.38 7.08
C ALA D 809 39.81 -24.74 6.10
N LEU D 810 40.15 -24.78 4.82
CA LEU D 810 39.21 -25.11 3.75
C LEU D 810 39.73 -26.30 2.94
N ASP D 811 38.84 -26.95 2.19
CA ASP D 811 39.24 -27.96 1.23
C ASP D 811 40.01 -27.30 0.09
N GLY D 812 41.03 -27.99 -0.41
CA GLY D 812 41.92 -27.42 -1.41
C GLY D 812 41.24 -27.01 -2.69
N LYS D 813 41.39 -25.74 -3.05
CA LYS D 813 40.82 -25.20 -4.29
C LYS D 813 41.61 -25.65 -5.51
N ILE D 814 40.93 -25.81 -6.63
CA ILE D 814 41.58 -26.21 -7.88
C ILE D 814 42.26 -25.02 -8.53
N LYS D 815 41.45 -24.01 -8.91
CA LYS D 815 42.00 -22.81 -9.50
C LYS D 815 41.14 -21.59 -9.14
N HIS D 816 41.36 -21.06 -7.94
CA HIS D 816 40.70 -19.86 -7.44
C HIS D 816 39.16 -19.95 -7.44
N GLU D 817 38.60 -21.16 -7.47
CA GLU D 817 37.15 -21.32 -7.50
C GLU D 817 36.59 -21.43 -6.08
N ASP D 818 35.26 -21.40 -5.97
CA ASP D 818 34.59 -21.50 -4.68
C ASP D 818 34.65 -22.92 -4.14
N THR D 819 34.88 -23.04 -2.84
CA THR D 819 35.01 -24.34 -2.18
C THR D 819 34.14 -24.38 -0.92
N ASN D 820 34.38 -25.36 -0.06
CA ASN D 820 33.66 -25.51 1.19
C ASN D 820 34.61 -25.69 2.37
N LEU D 821 34.06 -25.79 3.58
CA LEU D 821 34.86 -25.97 4.78
C LEU D 821 35.65 -27.27 4.73
N ALA D 822 36.83 -27.27 5.35
CA ALA D 822 37.74 -28.42 5.28
C ALA D 822 37.10 -29.69 5.79
N SER D 823 37.41 -30.80 5.12
CA SER D 823 36.89 -32.11 5.50
C SER D 823 37.65 -32.69 6.69
N SER D 824 36.99 -33.51 7.48
CA SER D 824 37.61 -34.15 8.62
C SER D 824 38.60 -35.22 8.16
N THR D 825 39.87 -35.04 8.50
CA THR D 825 40.92 -35.94 8.05
C THR D 825 40.88 -37.28 8.77
N ILE D 826 41.10 -38.35 8.02
CA ILE D 826 41.12 -39.70 8.58
C ILE D 826 42.52 -40.30 8.42
N ILE D 827 43.01 -40.94 9.47
CA ILE D 827 44.33 -41.57 9.46
C ILE D 827 44.18 -43.09 9.58
N LYS D 828 45.02 -43.82 8.86
CA LYS D 828 44.99 -45.28 8.87
C LYS D 828 45.50 -45.83 10.20
N GLU D 829 44.93 -46.94 10.64
CA GLU D 829 45.20 -47.50 11.97
C GLU D 829 46.57 -48.15 12.09
N GLY D 830 47.32 -47.72 13.11
CA GLY D 830 48.59 -48.35 13.46
C GLY D 830 49.67 -48.28 12.39
N ILE D 831 49.78 -47.14 11.72
CA ILE D 831 50.82 -46.96 10.71
C ILE D 831 52.19 -46.68 11.34
N ASP D 832 53.24 -46.86 10.53
CA ASP D 832 54.61 -46.71 10.99
C ASP D 832 55.02 -45.25 11.10
N ARG D 833 54.97 -44.54 9.98
CA ARG D 833 55.45 -43.16 9.90
C ARG D 833 54.42 -42.15 10.41
N THR D 834 54.91 -41.02 10.91
CA THR D 834 54.04 -39.93 11.37
C THR D 834 53.43 -39.19 10.19
N VAL D 835 52.20 -38.72 10.38
CA VAL D 835 51.47 -38.02 9.32
C VAL D 835 51.69 -36.50 9.40
N MET D 836 52.48 -35.99 8.48
CA MET D 836 52.72 -34.55 8.34
C MET D 836 51.62 -33.90 7.53
N GLY D 837 51.49 -32.58 7.66
CA GLY D 837 50.50 -31.79 6.94
C GLY D 837 49.44 -31.20 7.84
N ILE D 838 48.45 -30.55 7.21
CA ILE D 838 47.37 -29.91 7.96
C ILE D 838 46.25 -30.92 8.18
N LEU D 839 46.13 -31.37 9.43
CA LEU D 839 45.09 -32.30 9.84
C LEU D 839 43.94 -31.52 10.46
N VAL D 840 42.72 -31.99 10.21
CA VAL D 840 41.52 -31.28 10.65
C VAL D 840 40.61 -32.19 11.45
N SER D 841 39.94 -31.62 12.46
CA SER D 841 38.94 -32.40 13.19
C SER D 841 37.90 -31.47 13.82
N TYR D 842 36.61 -31.88 13.79
CA TYR D 842 35.57 -31.00 14.32
C TYR D 842 35.03 -31.55 15.62
N HIS D 843 34.52 -30.65 16.46
CA HIS D 843 33.87 -31.08 17.70
C HIS D 843 32.82 -30.09 18.19
N ILE D 844 31.74 -30.62 18.73
CA ILE D 844 30.68 -29.81 19.32
C ILE D 844 31.06 -29.48 20.75
N LYS D 845 31.28 -28.20 21.04
CA LYS D 845 31.66 -27.75 22.37
C LYS D 845 30.55 -26.95 23.02
N VAL D 846 29.85 -27.59 23.97
CA VAL D 846 28.84 -26.89 24.75
C VAL D 846 29.52 -26.27 25.98
N LYS D 847 29.15 -25.03 26.29
CA LYS D 847 29.67 -24.33 27.45
C LYS D 847 28.52 -23.69 28.24
N LEU D 848 28.55 -23.90 29.55
CA LEU D 848 27.55 -23.37 30.45
C LEU D 848 28.10 -22.15 31.18
N THR D 849 27.53 -20.98 30.87
CA THR D 849 27.83 -19.80 31.64
C THR D 849 27.00 -19.92 32.91
N VAL D 850 27.69 -20.18 34.02
CA VAL D 850 27.01 -20.41 35.29
C VAL D 850 27.04 -19.17 36.14
N SER D 851 25.84 -18.64 36.48
CA SER D 851 25.92 -17.47 37.37
C SER D 851 26.16 -17.92 38.80
N GLY D 852 27.43 -17.78 39.26
CA GLY D 852 27.95 -18.13 40.58
C GLY D 852 27.90 -17.02 41.62
N PHE D 853 28.80 -17.06 42.60
CA PHE D 853 28.81 -16.07 43.68
C PHE D 853 29.37 -14.73 43.19
N LEU D 857 28.26 -12.29 41.25
CA LEU D 857 28.41 -11.37 40.14
C LEU D 857 29.35 -11.95 39.09
N THR D 858 30.50 -12.44 39.55
CA THR D 858 31.47 -13.11 38.68
C THR D 858 30.87 -14.45 38.22
N SER D 859 31.14 -14.83 36.98
CA SER D 859 30.57 -16.04 36.39
C SER D 859 31.60 -17.10 35.99
N SER D 860 31.37 -18.32 36.46
CA SER D 860 32.24 -19.46 36.15
C SER D 860 31.75 -20.15 34.87
N GLU D 861 32.65 -20.37 33.91
CA GLU D 861 32.27 -20.99 32.64
C GLU D 861 32.78 -22.42 32.47
N VAL D 862 31.93 -23.40 32.79
CA VAL D 862 32.26 -24.81 32.58
C VAL D 862 31.89 -25.25 31.17
N ALA D 863 32.63 -26.21 30.60
CA ALA D 863 32.38 -26.65 29.23
C ALA D 863 32.91 -28.06 28.96
N THR D 864 32.27 -28.74 28.01
CA THR D 864 32.70 -30.07 27.59
C THR D 864 32.61 -30.21 26.06
N GLU D 865 33.38 -31.15 25.52
CA GLU D 865 33.47 -31.35 24.08
C GLU D 865 33.05 -32.76 23.65
N VAL D 866 32.59 -32.89 22.40
CA VAL D 866 32.36 -34.20 21.80
C VAL D 866 32.74 -34.15 20.32
N PRO D 867 33.53 -35.12 19.84
CA PRO D 867 33.99 -35.06 18.44
C PRO D 867 32.96 -35.55 17.41
N PHE D 868 33.07 -35.03 16.17
CA PHE D 868 32.25 -35.50 15.04
C PHE D 868 32.94 -35.22 13.66
N ARG D 869 32.31 -35.65 12.52
CA ARG D 869 33.03 -35.55 11.29
C ARG D 869 32.19 -34.77 10.33
N LEU D 870 32.86 -33.96 9.52
CA LEU D 870 32.22 -33.21 8.46
C LEU D 870 32.91 -33.58 7.15
N MET D 871 32.21 -34.33 6.30
CA MET D 871 32.79 -34.82 5.04
C MET D 871 31.77 -34.86 3.92
N HIS D 872 32.25 -35.01 2.69
CA HIS D 872 31.38 -35.11 1.52
C HIS D 872 30.74 -36.48 1.40
N PRO D 873 29.57 -36.57 0.76
CA PRO D 873 28.91 -37.85 0.53
C PRO D 873 29.48 -38.63 -0.66
N GLN D 874 29.21 -39.93 -0.69
CA GLN D 874 29.68 -40.79 -1.76
C GLN D 874 28.81 -40.58 -3.01
N PRO D 875 29.42 -40.14 -4.12
CA PRO D 875 28.65 -39.90 -5.35
C PRO D 875 28.36 -41.20 -6.11
#